data_1TNB
#
_entry.id   1TNB
#
_cell.length_a   271.130
_cell.length_b   266.720
_cell.length_c   185.141
_cell.angle_alpha   90.00
_cell.angle_beta   131.68
_cell.angle_gamma   90.00
#
_symmetry.space_group_name_H-M   'C 1 2 1'
#
loop_
_entity.id
_entity.type
_entity.pdbx_description
1 polymer 'geranylgeranyltransferase type I alpha subunit'
2 polymer 'Geranylgeranyl transferase type I beta subunit'
3 polymer 'Fusion protein'
4 non-polymer 'ZINC ION'
5 non-polymer 2-[METHYL-(5-GERANYL-4-METHYL-PENT-3-ENYL)-AMINO]-ETHYL-DIPHOSPHATE
6 non-polymer 'CHLORIDE ION'
7 non-polymer '2-(N-MORPHOLINO)-ETHANESULFONIC ACID'
8 water water
#
loop_
_entity_poly.entity_id
_entity_poly.type
_entity_poly.pdbx_seq_one_letter_code
_entity_poly.pdbx_strand_id
1 'polypeptide(L)'
;MAATEGVGESAPGGEPGQPEQPPPPPPPPPAQQPQEEEMAAEAGEAAASPMDDGFLSLDSPTYVLYRDRAEWADIDPVPQ
NDGPSPVVQIIYSEKFRDVYDYFRAVLQRDERSERAFKLTRDAIELNAANYTVWHFRRVLLRSLQKDLQEEMNYIIAIIE
EQPKNYQVWHHRRVLVEWLKDPSQELEFIADILNQDAKNYHAWQHRQWVIQEFRLWDNELQYVDQLLKEDVRNNSVWNQR
HFVISNTTGYSDRAVLEREVQYTLEMIKLVPHNESAWNYLKGILQDRGLSRYPNLLNQLLDLQPSHSSPYLIAFLVDIYE
DMLENQCDNKEDILNKALELCEILAKEKDTIRKEYWRYIGRSLQSKHSRESDIPASV
;
A,C,E,G,I,K
2 'polypeptide(L)'
;MAATEDDRLAGSGEGERLDFLRDRHVRFFQRCLQVLPERYSSLETSRLTIAFFALSGLDMLDSLDVVNKDDIIEWIYSLQ
VLPTEDRSNLDRCGFRGSSYLGIPFNPSKNPGTAHPYDSGHIAMTYTGLSCLIILGDDLSRVDKEACLAGLRALQLEDGS
FCAVPEGSENDMRFVYCASCICYMLNNWSGMDMKKAISYIRRSMSYDNGLAQGAGLESHGGSTFCGIASLCLMGKLEEVF
SEKELNRIKRWCIMRQQNGYHGRPNKPVDTCYSFWVGATLKLLKIFQYTNFEKNRNYILSTQDRLVGGFAKWPDSHPDAL
HAYFGICGLSLMEESGICKVHPALNVSTRTSERLRDLHQSWKTKDSKQCSDNVHISS
;
B,D,F,H,J,L
3 'polypeptide(L)' KKSKTKCVIF M,N,O,P,Q,R
#
# COMPACT_ATOMS: atom_id res chain seq x y z
N PHE A 55 -28.42 -22.45 -12.61
CA PHE A 55 -28.97 -22.66 -11.23
C PHE A 55 -28.22 -21.90 -10.13
N LEU A 56 -27.18 -22.53 -9.57
CA LEU A 56 -26.39 -21.93 -8.48
C LEU A 56 -25.55 -20.76 -8.94
N SER A 57 -25.99 -19.56 -8.59
CA SER A 57 -25.32 -18.33 -8.97
C SER A 57 -23.90 -18.21 -8.41
N LEU A 58 -23.03 -17.52 -9.14
CA LEU A 58 -21.64 -17.34 -8.72
C LEU A 58 -21.50 -16.45 -7.48
N ASP A 59 -22.52 -15.64 -7.21
CA ASP A 59 -22.45 -14.78 -6.05
C ASP A 59 -23.43 -15.22 -4.94
N SER A 60 -24.00 -16.41 -5.10
CA SER A 60 -24.92 -16.95 -4.09
C SER A 60 -24.17 -17.29 -2.81
N PRO A 61 -24.76 -16.98 -1.64
CA PRO A 61 -24.10 -17.28 -0.37
C PRO A 61 -23.78 -18.77 -0.24
N THR A 62 -24.58 -19.60 -0.89
CA THR A 62 -24.36 -21.04 -0.84
C THR A 62 -23.59 -21.58 -2.05
N TYR A 63 -22.92 -20.70 -2.78
CA TYR A 63 -22.15 -21.14 -3.94
C TYR A 63 -21.05 -22.10 -3.49
N VAL A 64 -20.78 -23.12 -4.29
CA VAL A 64 -19.74 -24.08 -3.94
C VAL A 64 -18.77 -24.28 -5.09
N LEU A 65 -17.48 -24.32 -4.79
CA LEU A 65 -16.49 -24.54 -5.84
C LEU A 65 -16.76 -25.87 -6.50
N TYR A 66 -16.49 -25.96 -7.81
CA TYR A 66 -16.70 -27.20 -8.54
C TYR A 66 -15.82 -28.30 -7.97
N ARG A 67 -14.69 -27.92 -7.37
CA ARG A 67 -13.78 -28.91 -6.79
C ARG A 67 -14.46 -29.57 -5.60
N ASP A 68 -15.48 -28.92 -5.05
CA ASP A 68 -16.20 -29.45 -3.90
C ASP A 68 -17.59 -29.95 -4.25
N ARG A 69 -17.88 -30.12 -5.54
CA ARG A 69 -19.21 -30.60 -5.91
C ARG A 69 -19.19 -32.09 -6.24
N ALA A 70 -20.08 -32.83 -5.60
CA ALA A 70 -20.18 -34.26 -5.81
C ALA A 70 -20.33 -34.62 -7.30
N GLU A 71 -21.29 -33.97 -7.96
CA GLU A 71 -21.55 -34.21 -9.38
C GLU A 71 -20.28 -34.11 -10.23
N TRP A 72 -19.27 -33.42 -9.73
CA TRP A 72 -18.03 -33.26 -10.48
C TRP A 72 -16.83 -34.02 -9.97
N ALA A 73 -17.05 -34.90 -9.00
CA ALA A 73 -15.98 -35.69 -8.41
C ALA A 73 -15.17 -36.52 -9.39
N ASP A 74 -15.83 -37.05 -10.42
CA ASP A 74 -15.19 -37.90 -11.41
C ASP A 74 -14.29 -37.16 -12.38
N ILE A 75 -14.44 -35.84 -12.47
CA ILE A 75 -13.63 -35.07 -13.42
C ILE A 75 -12.39 -34.45 -12.80
N ASP A 76 -11.25 -34.62 -13.47
CA ASP A 76 -10.01 -34.04 -12.97
C ASP A 76 -9.83 -32.68 -13.62
N PRO A 77 -9.78 -31.61 -12.81
CA PRO A 77 -9.60 -30.28 -13.38
C PRO A 77 -8.30 -30.16 -14.17
N VAL A 78 -8.36 -29.41 -15.26
CA VAL A 78 -7.18 -29.20 -16.09
C VAL A 78 -6.72 -27.76 -15.92
N PRO A 79 -5.51 -27.56 -15.38
CA PRO A 79 -4.99 -26.22 -15.16
C PRO A 79 -4.35 -25.60 -16.40
N GLN A 80 -4.22 -24.28 -16.37
CA GLN A 80 -3.63 -23.54 -17.45
C GLN A 80 -2.18 -23.29 -17.05
N ASN A 81 -1.26 -23.36 -18.00
CA ASN A 81 0.14 -23.11 -17.65
C ASN A 81 0.87 -22.36 -18.76
N ASP A 82 1.44 -21.21 -18.40
CA ASP A 82 2.17 -20.37 -19.34
C ASP A 82 3.67 -20.60 -19.27
N GLY A 83 4.07 -21.81 -18.89
CA GLY A 83 5.49 -22.10 -18.82
C GLY A 83 6.28 -21.36 -17.76
N PRO A 84 7.62 -21.48 -17.80
CA PRO A 84 8.61 -20.88 -16.91
C PRO A 84 8.47 -19.39 -16.65
N SER A 85 8.35 -18.62 -17.73
CA SER A 85 8.24 -17.18 -17.62
C SER A 85 7.01 -16.64 -18.32
N PRO A 86 5.88 -16.61 -17.62
CA PRO A 86 4.61 -16.13 -18.19
C PRO A 86 4.62 -14.66 -18.61
N VAL A 87 4.06 -14.41 -19.79
CA VAL A 87 3.97 -13.05 -20.32
C VAL A 87 2.53 -12.57 -20.26
N VAL A 88 2.34 -11.30 -19.92
CA VAL A 88 1.01 -10.72 -19.82
C VAL A 88 0.07 -11.68 -19.11
N GLN A 89 0.48 -12.11 -17.92
CA GLN A 89 -0.32 -13.04 -17.14
C GLN A 89 -1.37 -12.34 -16.30
N ILE A 90 -2.60 -12.83 -16.40
CA ILE A 90 -3.70 -12.25 -15.64
C ILE A 90 -3.88 -13.07 -14.36
N ILE A 91 -3.99 -12.39 -13.23
CA ILE A 91 -4.18 -13.12 -11.96
C ILE A 91 -5.65 -13.43 -11.75
N TYR A 92 -5.94 -14.68 -11.39
CA TYR A 92 -7.32 -15.10 -11.19
C TYR A 92 -7.65 -15.52 -9.76
N SER A 93 -8.90 -15.24 -9.36
CA SER A 93 -9.38 -15.59 -8.02
C SER A 93 -9.60 -17.09 -7.94
N GLU A 94 -9.82 -17.58 -6.73
CA GLU A 94 -10.06 -19.00 -6.53
C GLU A 94 -11.27 -19.43 -7.34
N LYS A 95 -12.36 -18.67 -7.22
CA LYS A 95 -13.58 -18.98 -7.94
C LYS A 95 -13.38 -19.03 -9.43
N PHE A 96 -12.76 -17.99 -9.97
CA PHE A 96 -12.49 -17.89 -11.39
C PHE A 96 -11.71 -19.09 -11.90
N ARG A 97 -10.53 -19.29 -11.33
CA ARG A 97 -9.69 -20.41 -11.74
C ARG A 97 -10.40 -21.75 -11.59
N ASP A 98 -11.27 -21.86 -10.59
CA ASP A 98 -11.99 -23.09 -10.35
C ASP A 98 -12.93 -23.39 -11.51
N VAL A 99 -13.79 -22.42 -11.85
CA VAL A 99 -14.72 -22.59 -12.97
C VAL A 99 -14.00 -22.99 -14.25
N TYR A 100 -12.94 -22.26 -14.57
CA TYR A 100 -12.22 -22.55 -15.80
C TYR A 100 -11.36 -23.79 -15.78
N ASP A 101 -10.91 -24.24 -14.61
CA ASP A 101 -10.10 -25.45 -14.55
C ASP A 101 -11.01 -26.62 -14.92
N TYR A 102 -12.29 -26.50 -14.57
CA TYR A 102 -13.25 -27.54 -14.91
C TYR A 102 -13.72 -27.40 -16.34
N PHE A 103 -13.82 -26.16 -16.82
CA PHE A 103 -14.23 -25.94 -18.20
C PHE A 103 -13.19 -26.63 -19.09
N ARG A 104 -11.92 -26.37 -18.84
CA ARG A 104 -10.85 -26.99 -19.63
C ARG A 104 -10.99 -28.50 -19.63
N ALA A 105 -11.34 -29.06 -18.47
CA ALA A 105 -11.51 -30.50 -18.33
C ALA A 105 -12.61 -31.01 -19.25
N VAL A 106 -13.80 -30.45 -19.09
CA VAL A 106 -14.94 -30.84 -19.90
C VAL A 106 -14.66 -30.63 -21.38
N LEU A 107 -14.12 -29.47 -21.71
CA LEU A 107 -13.80 -29.09 -23.09
C LEU A 107 -12.84 -30.11 -23.70
N GLN A 108 -11.77 -30.41 -22.97
CA GLN A 108 -10.76 -31.35 -23.43
C GLN A 108 -11.31 -32.72 -23.74
N ARG A 109 -12.39 -33.10 -23.07
CA ARG A 109 -12.99 -34.41 -23.27
C ARG A 109 -14.22 -34.31 -24.14
N ASP A 110 -14.47 -33.13 -24.68
CA ASP A 110 -15.64 -32.91 -25.53
C ASP A 110 -16.88 -33.57 -24.92
N GLU A 111 -17.05 -33.40 -23.62
CA GLU A 111 -18.18 -33.98 -22.92
C GLU A 111 -19.48 -33.22 -23.19
N ARG A 112 -20.36 -33.81 -24.00
CA ARG A 112 -21.62 -33.17 -24.33
C ARG A 112 -22.66 -33.42 -23.24
N SER A 113 -22.33 -33.08 -22.00
CA SER A 113 -23.23 -33.32 -20.88
C SER A 113 -24.09 -32.12 -20.52
N GLU A 114 -25.08 -32.37 -19.67
CA GLU A 114 -25.98 -31.34 -19.20
C GLU A 114 -25.26 -30.50 -18.15
N ARG A 115 -24.34 -31.13 -17.42
CA ARG A 115 -23.60 -30.40 -16.39
C ARG A 115 -22.61 -29.46 -17.08
N ALA A 116 -22.12 -29.86 -18.24
CA ALA A 116 -21.18 -29.04 -19.00
C ALA A 116 -21.92 -27.80 -19.46
N PHE A 117 -23.13 -27.99 -19.97
CA PHE A 117 -23.95 -26.88 -20.45
C PHE A 117 -24.11 -25.85 -19.33
N LYS A 118 -24.39 -26.32 -18.13
CA LYS A 118 -24.56 -25.41 -17.00
C LYS A 118 -23.25 -24.73 -16.64
N LEU A 119 -22.14 -25.45 -16.81
CA LEU A 119 -20.83 -24.89 -16.51
C LEU A 119 -20.52 -23.71 -17.41
N THR A 120 -20.92 -23.78 -18.68
CA THR A 120 -20.66 -22.68 -19.61
C THR A 120 -21.33 -21.40 -19.14
N ARG A 121 -22.49 -21.51 -18.50
CA ARG A 121 -23.18 -20.32 -18.03
C ARG A 121 -22.27 -19.55 -17.08
N ASP A 122 -21.57 -20.29 -16.22
CA ASP A 122 -20.66 -19.70 -15.24
C ASP A 122 -19.42 -19.15 -15.91
N ALA A 123 -18.89 -19.89 -16.89
CA ALA A 123 -17.70 -19.45 -17.60
C ALA A 123 -18.01 -18.16 -18.34
N ILE A 124 -19.20 -18.09 -18.91
CA ILE A 124 -19.61 -16.90 -19.65
C ILE A 124 -19.82 -15.73 -18.69
N GLU A 125 -20.31 -16.00 -17.50
CA GLU A 125 -20.51 -14.92 -16.55
C GLU A 125 -19.15 -14.35 -16.16
N LEU A 126 -18.17 -15.22 -16.00
CA LEU A 126 -16.83 -14.80 -15.64
C LEU A 126 -16.13 -14.06 -16.77
N ASN A 127 -16.40 -14.47 -18.01
CA ASN A 127 -15.79 -13.83 -19.17
C ASN A 127 -16.50 -14.11 -20.47
N ALA A 128 -17.46 -13.25 -20.83
CA ALA A 128 -18.23 -13.44 -22.05
C ALA A 128 -17.45 -13.21 -23.33
N ALA A 129 -16.17 -12.85 -23.20
CA ALA A 129 -15.37 -12.60 -24.38
C ALA A 129 -14.61 -13.86 -24.80
N ASN A 130 -14.78 -14.94 -24.03
CA ASN A 130 -14.11 -16.19 -24.37
C ASN A 130 -14.90 -16.88 -25.48
N TYR A 131 -14.48 -16.64 -26.72
CA TYR A 131 -15.16 -17.19 -27.88
C TYR A 131 -15.28 -18.72 -27.92
N THR A 132 -14.30 -19.41 -27.33
CA THR A 132 -14.34 -20.86 -27.30
C THR A 132 -15.50 -21.35 -26.44
N VAL A 133 -15.72 -20.72 -25.30
CA VAL A 133 -16.81 -21.09 -24.43
C VAL A 133 -18.11 -21.00 -25.19
N TRP A 134 -18.32 -19.91 -25.91
CA TRP A 134 -19.56 -19.75 -26.68
C TRP A 134 -19.73 -20.83 -27.76
N HIS A 135 -18.63 -21.18 -28.42
CA HIS A 135 -18.69 -22.20 -29.46
C HIS A 135 -19.16 -23.51 -28.83
N PHE A 136 -18.48 -23.93 -27.77
CA PHE A 136 -18.80 -25.16 -27.07
C PHE A 136 -20.25 -25.13 -26.59
N ARG A 137 -20.69 -23.97 -26.11
CA ARG A 137 -22.06 -23.85 -25.65
C ARG A 137 -23.01 -24.13 -26.81
N ARG A 138 -22.65 -23.66 -27.99
CA ARG A 138 -23.48 -23.88 -29.18
C ARG A 138 -23.46 -25.36 -29.54
N VAL A 139 -22.30 -26.01 -29.41
CA VAL A 139 -22.21 -27.43 -29.69
C VAL A 139 -23.20 -28.15 -28.76
N LEU A 140 -23.16 -27.81 -27.48
CA LEU A 140 -24.04 -28.41 -26.50
C LEU A 140 -25.50 -28.10 -26.80
N LEU A 141 -25.78 -26.85 -27.18
CA LEU A 141 -27.15 -26.46 -27.50
C LEU A 141 -27.75 -27.47 -28.47
N ARG A 142 -26.96 -27.87 -29.46
CA ARG A 142 -27.43 -28.85 -30.43
C ARG A 142 -27.47 -30.25 -29.84
N SER A 143 -26.34 -30.75 -29.35
CA SER A 143 -26.29 -32.09 -28.76
C SER A 143 -27.44 -32.34 -27.81
N LEU A 144 -27.60 -31.48 -26.82
CA LEU A 144 -28.66 -31.64 -25.85
C LEU A 144 -30.01 -31.16 -26.36
N GLN A 145 -30.07 -30.78 -27.63
CA GLN A 145 -31.31 -30.29 -28.22
C GLN A 145 -32.06 -29.35 -27.29
N LYS A 146 -31.38 -28.30 -26.83
CA LYS A 146 -31.96 -27.33 -25.91
C LYS A 146 -32.98 -26.43 -26.58
N ASP A 147 -33.88 -25.85 -25.79
CA ASP A 147 -34.90 -24.95 -26.31
C ASP A 147 -34.25 -23.65 -26.76
N LEU A 148 -34.15 -23.44 -28.07
CA LEU A 148 -33.54 -22.24 -28.59
C LEU A 148 -34.26 -20.96 -28.25
N GLN A 149 -35.59 -21.03 -28.09
CA GLN A 149 -36.33 -19.84 -27.75
C GLN A 149 -35.92 -19.37 -26.36
N GLU A 150 -35.47 -20.32 -25.54
CA GLU A 150 -35.02 -19.99 -24.20
C GLU A 150 -33.66 -19.32 -24.30
N GLU A 151 -32.80 -19.88 -25.14
CA GLU A 151 -31.47 -19.34 -25.35
C GLU A 151 -31.57 -17.91 -25.86
N MET A 152 -32.60 -17.62 -26.65
CA MET A 152 -32.79 -16.27 -27.16
C MET A 152 -32.96 -15.28 -26.01
N ASN A 153 -33.68 -15.70 -24.97
CA ASN A 153 -33.89 -14.82 -23.83
C ASN A 153 -32.56 -14.61 -23.15
N TYR A 154 -31.82 -15.70 -22.99
CA TYR A 154 -30.50 -15.65 -22.35
C TYR A 154 -29.60 -14.63 -23.02
N ILE A 155 -29.35 -14.82 -24.30
CA ILE A 155 -28.49 -13.92 -25.05
C ILE A 155 -29.03 -12.50 -25.05
N ILE A 156 -30.34 -12.34 -25.07
CA ILE A 156 -30.90 -11.00 -25.07
C ILE A 156 -30.46 -10.24 -23.82
N ALA A 157 -30.45 -10.93 -22.69
CA ALA A 157 -30.04 -10.31 -21.45
C ALA A 157 -28.54 -9.99 -21.50
N ILE A 158 -27.74 -10.99 -21.85
CA ILE A 158 -26.28 -10.84 -21.95
C ILE A 158 -25.87 -9.65 -22.81
N ILE A 159 -26.44 -9.54 -24.01
CA ILE A 159 -26.11 -8.45 -24.91
C ILE A 159 -26.45 -7.09 -24.30
N GLU A 160 -27.56 -7.01 -23.58
CA GLU A 160 -27.94 -5.74 -22.97
C GLU A 160 -26.87 -5.28 -21.99
N GLU A 161 -26.28 -6.24 -21.27
CA GLU A 161 -25.24 -5.95 -20.31
C GLU A 161 -23.90 -5.69 -20.98
N GLN A 162 -23.67 -6.31 -22.13
CA GLN A 162 -22.41 -6.14 -22.85
C GLN A 162 -22.63 -5.91 -24.33
N PRO A 163 -23.25 -4.79 -24.68
CA PRO A 163 -23.55 -4.41 -26.06
C PRO A 163 -22.38 -4.17 -27.02
N LYS A 164 -21.15 -4.20 -26.50
CA LYS A 164 -19.98 -3.97 -27.35
C LYS A 164 -19.10 -5.19 -27.45
N ASN A 165 -19.64 -6.34 -27.07
CA ASN A 165 -18.93 -7.62 -27.10
C ASN A 165 -19.20 -8.32 -28.45
N TYR A 166 -18.14 -8.67 -29.17
CA TYR A 166 -18.28 -9.32 -30.47
C TYR A 166 -18.92 -10.70 -30.39
N GLN A 167 -18.48 -11.52 -29.44
CA GLN A 167 -18.99 -12.88 -29.30
C GLN A 167 -20.50 -13.00 -29.06
N VAL A 168 -21.05 -12.10 -28.24
CA VAL A 168 -22.48 -12.17 -27.95
C VAL A 168 -23.34 -11.83 -29.17
N TRP A 169 -22.90 -10.91 -30.01
CA TRP A 169 -23.67 -10.58 -31.20
C TRP A 169 -23.59 -11.71 -32.21
N HIS A 170 -22.41 -12.32 -32.30
CA HIS A 170 -22.25 -13.43 -33.21
C HIS A 170 -23.17 -14.58 -32.77
N HIS A 171 -23.20 -14.85 -31.47
CA HIS A 171 -24.03 -15.91 -30.92
C HIS A 171 -25.50 -15.68 -31.28
N ARG A 172 -25.99 -14.46 -31.06
CA ARG A 172 -27.38 -14.17 -31.38
C ARG A 172 -27.68 -14.37 -32.85
N ARG A 173 -26.74 -14.00 -33.71
CA ARG A 173 -26.95 -14.17 -35.13
C ARG A 173 -27.06 -15.63 -35.52
N VAL A 174 -26.25 -16.49 -34.91
CA VAL A 174 -26.31 -17.92 -35.20
C VAL A 174 -27.67 -18.47 -34.79
N LEU A 175 -28.14 -18.06 -33.61
CA LEU A 175 -29.43 -18.51 -33.11
C LEU A 175 -30.56 -18.12 -34.06
N VAL A 176 -30.55 -16.86 -34.50
CA VAL A 176 -31.59 -16.41 -35.42
C VAL A 176 -31.55 -17.20 -36.72
N GLU A 177 -30.35 -17.57 -37.17
CA GLU A 177 -30.23 -18.36 -38.40
C GLU A 177 -30.86 -19.73 -38.14
N TRP A 178 -30.55 -20.30 -36.98
CA TRP A 178 -31.09 -21.61 -36.64
C TRP A 178 -32.61 -21.58 -36.62
N LEU A 179 -33.16 -20.64 -35.87
CA LEU A 179 -34.62 -20.54 -35.77
C LEU A 179 -35.29 -20.03 -37.03
N LYS A 180 -34.54 -19.34 -37.89
CA LYS A 180 -35.10 -18.76 -39.09
C LYS A 180 -36.26 -17.88 -38.63
N ASP A 181 -36.09 -17.30 -37.45
CA ASP A 181 -37.12 -16.44 -36.86
C ASP A 181 -36.57 -15.05 -36.55
N PRO A 182 -36.86 -14.05 -37.40
CA PRO A 182 -36.36 -12.71 -37.13
C PRO A 182 -37.39 -11.82 -36.44
N SER A 183 -38.51 -12.42 -36.07
CA SER A 183 -39.62 -11.71 -35.45
C SER A 183 -39.31 -10.71 -34.34
N GLN A 184 -38.33 -11.00 -33.48
CA GLN A 184 -38.04 -10.07 -32.38
C GLN A 184 -36.76 -9.25 -32.56
N GLU A 185 -36.10 -9.40 -33.70
CA GLU A 185 -34.86 -8.68 -33.97
C GLU A 185 -34.94 -7.16 -34.07
N LEU A 186 -35.75 -6.64 -34.97
CA LEU A 186 -35.83 -5.18 -35.13
C LEU A 186 -36.15 -4.42 -33.86
N GLU A 187 -37.00 -5.00 -33.02
CA GLU A 187 -37.36 -4.34 -31.76
C GLU A 187 -36.21 -4.40 -30.78
N PHE A 188 -35.56 -5.57 -30.70
CA PHE A 188 -34.42 -5.75 -29.80
C PHE A 188 -33.33 -4.73 -30.14
N ILE A 189 -32.96 -4.68 -31.40
CA ILE A 189 -31.92 -3.77 -31.85
C ILE A 189 -32.31 -2.33 -31.54
N ALA A 190 -33.58 -1.99 -31.73
CA ALA A 190 -34.03 -0.63 -31.45
C ALA A 190 -33.78 -0.28 -29.98
N ASP A 191 -33.94 -1.27 -29.10
CA ASP A 191 -33.71 -1.05 -27.68
C ASP A 191 -32.23 -0.83 -27.42
N ILE A 192 -31.38 -1.66 -28.01
CA ILE A 192 -29.95 -1.51 -27.82
C ILE A 192 -29.53 -0.16 -28.38
N LEU A 193 -30.07 0.21 -29.53
CA LEU A 193 -29.75 1.48 -30.16
C LEU A 193 -30.21 2.64 -29.27
N ASN A 194 -30.94 2.33 -28.21
CA ASN A 194 -31.40 3.38 -27.32
C ASN A 194 -30.35 3.77 -26.31
N GLN A 195 -29.49 2.83 -25.94
CA GLN A 195 -28.44 3.18 -25.00
C GLN A 195 -27.21 3.66 -25.78
N ASP A 196 -27.24 3.53 -27.09
CA ASP A 196 -26.15 3.97 -27.96
C ASP A 196 -26.60 3.90 -29.41
N ALA A 197 -27.13 5.02 -29.91
CA ALA A 197 -27.62 5.07 -31.28
C ALA A 197 -26.56 4.88 -32.37
N LYS A 198 -25.30 4.73 -31.98
CA LYS A 198 -24.24 4.57 -32.97
C LYS A 198 -23.46 3.26 -32.81
N ASN A 199 -23.95 2.40 -31.93
CA ASN A 199 -23.35 1.11 -31.66
C ASN A 199 -23.14 0.36 -32.98
N TYR A 200 -21.90 0.28 -33.45
CA TYR A 200 -21.63 -0.39 -34.72
C TYR A 200 -22.15 -1.83 -34.75
N HIS A 201 -22.02 -2.57 -33.65
CA HIS A 201 -22.49 -3.95 -33.59
C HIS A 201 -23.99 -4.05 -33.86
N ALA A 202 -24.75 -3.13 -33.26
CA ALA A 202 -26.20 -3.10 -33.41
C ALA A 202 -26.61 -2.84 -34.85
N TRP A 203 -26.02 -1.82 -35.48
CA TRP A 203 -26.34 -1.51 -36.86
C TRP A 203 -25.94 -2.66 -37.79
N GLN A 204 -24.83 -3.29 -37.49
CA GLN A 204 -24.35 -4.40 -38.31
C GLN A 204 -25.36 -5.53 -38.25
N HIS A 205 -25.80 -5.87 -37.04
CA HIS A 205 -26.77 -6.94 -36.86
C HIS A 205 -28.08 -6.57 -37.53
N ARG A 206 -28.46 -5.29 -37.42
CA ARG A 206 -29.72 -4.84 -38.01
C ARG A 206 -29.73 -4.98 -39.52
N GLN A 207 -28.63 -4.62 -40.16
CA GLN A 207 -28.57 -4.76 -41.61
C GLN A 207 -28.62 -6.22 -42.02
N TRP A 208 -28.00 -7.08 -41.22
CA TRP A 208 -27.99 -8.50 -41.54
C TRP A 208 -29.40 -9.06 -41.51
N VAL A 209 -30.13 -8.76 -40.44
CA VAL A 209 -31.50 -9.24 -40.30
C VAL A 209 -32.35 -8.76 -41.46
N ILE A 210 -32.40 -7.45 -41.64
CA ILE A 210 -33.18 -6.86 -42.71
C ILE A 210 -32.88 -7.47 -44.07
N GLN A 211 -31.60 -7.66 -44.37
CA GLN A 211 -31.21 -8.23 -45.65
C GLN A 211 -31.61 -9.70 -45.76
N GLU A 212 -31.20 -10.48 -44.77
CA GLU A 212 -31.46 -11.91 -44.73
C GLU A 212 -32.93 -12.33 -44.79
N PHE A 213 -33.81 -11.58 -44.13
CA PHE A 213 -35.21 -11.94 -44.11
C PHE A 213 -36.09 -10.94 -44.84
N ARG A 214 -35.45 -10.13 -45.68
CA ARG A 214 -36.11 -9.08 -46.47
C ARG A 214 -37.17 -8.32 -45.68
N LEU A 215 -36.72 -7.56 -44.70
CA LEU A 215 -37.62 -6.78 -43.86
C LEU A 215 -37.42 -5.29 -44.10
N TRP A 216 -37.56 -4.86 -45.35
CA TRP A 216 -37.37 -3.45 -45.69
C TRP A 216 -38.60 -2.56 -45.47
N ASP A 217 -39.78 -3.17 -45.52
CA ASP A 217 -41.04 -2.45 -45.36
C ASP A 217 -41.10 -1.25 -44.41
N ASN A 218 -40.49 -1.36 -43.23
CA ASN A 218 -40.57 -0.27 -42.27
C ASN A 218 -39.28 0.44 -41.91
N GLU A 219 -38.16 0.04 -42.50
CA GLU A 219 -36.91 0.66 -42.15
C GLU A 219 -36.82 2.12 -42.51
N LEU A 220 -37.21 2.49 -43.73
CA LEU A 220 -37.13 3.89 -44.13
C LEU A 220 -37.87 4.80 -43.15
N GLN A 221 -38.93 4.28 -42.54
CA GLN A 221 -39.70 5.04 -41.58
C GLN A 221 -38.92 5.15 -40.27
N TYR A 222 -38.31 4.05 -39.87
CA TYR A 222 -37.50 3.99 -38.66
C TYR A 222 -36.38 5.02 -38.78
N VAL A 223 -35.77 5.07 -39.96
CA VAL A 223 -34.70 6.01 -40.25
C VAL A 223 -35.20 7.45 -40.07
N ASP A 224 -36.33 7.76 -40.71
CA ASP A 224 -36.92 9.10 -40.62
C ASP A 224 -37.12 9.52 -39.19
N GLN A 225 -37.54 8.56 -38.36
CA GLN A 225 -37.78 8.85 -36.96
C GLN A 225 -36.49 9.11 -36.18
N LEU A 226 -35.47 8.28 -36.40
CA LEU A 226 -34.21 8.46 -35.72
C LEU A 226 -33.51 9.75 -36.15
N LEU A 227 -33.62 10.09 -37.44
CA LEU A 227 -32.99 11.30 -37.92
C LEU A 227 -33.61 12.52 -37.26
N LYS A 228 -34.84 12.39 -36.78
CA LYS A 228 -35.50 13.50 -36.12
C LYS A 228 -34.94 13.61 -34.70
N GLU A 229 -34.60 12.49 -34.11
CA GLU A 229 -34.05 12.47 -32.76
C GLU A 229 -32.63 13.05 -32.73
N ASP A 230 -31.90 12.91 -33.83
CA ASP A 230 -30.54 13.42 -33.95
C ASP A 230 -30.12 13.38 -35.41
N VAL A 231 -30.29 14.50 -36.09
CA VAL A 231 -29.95 14.60 -37.50
C VAL A 231 -28.44 14.45 -37.74
N ARG A 232 -27.65 14.43 -36.69
CA ARG A 232 -26.21 14.29 -36.85
C ARG A 232 -25.70 12.86 -36.74
N ASN A 233 -26.58 11.91 -36.50
CA ASN A 233 -26.17 10.52 -36.37
C ASN A 233 -25.79 9.91 -37.73
N ASN A 234 -24.49 9.87 -38.00
CA ASN A 234 -23.97 9.34 -39.24
C ASN A 234 -24.43 7.90 -39.53
N SER A 235 -24.68 7.13 -38.48
CA SER A 235 -25.13 5.75 -38.63
C SER A 235 -26.50 5.69 -39.30
N VAL A 236 -27.38 6.60 -38.91
CA VAL A 236 -28.73 6.63 -39.47
C VAL A 236 -28.73 7.06 -40.93
N TRP A 237 -27.88 8.03 -41.28
CA TRP A 237 -27.81 8.44 -42.67
C TRP A 237 -27.35 7.26 -43.52
N ASN A 238 -26.43 6.48 -42.98
CA ASN A 238 -25.93 5.32 -43.73
C ASN A 238 -27.07 4.34 -43.87
N GLN A 239 -27.83 4.15 -42.79
CA GLN A 239 -28.94 3.22 -42.82
C GLN A 239 -29.95 3.64 -43.88
N ARG A 240 -30.15 4.95 -44.01
CA ARG A 240 -31.10 5.45 -44.99
C ARG A 240 -30.65 5.05 -46.38
N HIS A 241 -29.39 5.27 -46.69
CA HIS A 241 -28.86 4.91 -47.99
C HIS A 241 -28.96 3.39 -48.23
N PHE A 242 -28.73 2.64 -47.16
CA PHE A 242 -28.81 1.18 -47.19
C PHE A 242 -30.19 0.74 -47.64
N VAL A 243 -31.23 1.26 -46.98
CA VAL A 243 -32.61 0.92 -47.33
C VAL A 243 -32.93 1.25 -48.76
N ILE A 244 -32.83 2.53 -49.11
CA ILE A 244 -33.16 2.97 -50.45
C ILE A 244 -32.41 2.23 -51.55
N SER A 245 -31.10 2.16 -51.47
CA SER A 245 -30.36 1.48 -52.53
C SER A 245 -30.69 -0.01 -52.64
N ASN A 246 -31.31 -0.56 -51.61
CA ASN A 246 -31.67 -1.97 -51.61
C ASN A 246 -33.14 -2.19 -51.92
N THR A 247 -33.86 -1.12 -52.22
CA THR A 247 -35.27 -1.25 -52.56
C THR A 247 -35.50 -0.59 -53.90
N THR A 248 -35.93 0.67 -53.88
CA THR A 248 -36.20 1.41 -55.10
C THR A 248 -34.95 1.75 -55.89
N GLY A 249 -33.86 2.04 -55.20
CA GLY A 249 -32.65 2.44 -55.89
C GLY A 249 -32.74 3.94 -56.09
N TYR A 250 -31.72 4.57 -56.63
CA TYR A 250 -31.75 6.02 -56.85
C TYR A 250 -31.95 6.42 -58.31
N SER A 251 -32.10 5.43 -59.18
CA SER A 251 -32.30 5.69 -60.60
C SER A 251 -33.65 6.31 -60.90
N ASP A 252 -34.63 6.05 -60.06
CA ASP A 252 -35.94 6.64 -60.27
C ASP A 252 -35.83 8.12 -59.94
N ARG A 253 -35.80 8.95 -60.98
CA ARG A 253 -35.67 10.39 -60.80
C ARG A 253 -36.65 10.94 -59.76
N ALA A 254 -37.75 10.23 -59.56
CA ALA A 254 -38.74 10.66 -58.59
C ALA A 254 -38.15 10.51 -57.20
N VAL A 255 -37.46 9.38 -56.98
CA VAL A 255 -36.84 9.08 -55.71
C VAL A 255 -35.64 10.00 -55.46
N LEU A 256 -34.76 10.10 -56.45
CA LEU A 256 -33.59 10.95 -56.33
C LEU A 256 -34.01 12.35 -55.89
N GLU A 257 -35.01 12.89 -56.58
CA GLU A 257 -35.53 14.22 -56.27
C GLU A 257 -36.04 14.27 -54.82
N ARG A 258 -36.80 13.26 -54.41
CA ARG A 258 -37.34 13.21 -53.05
C ARG A 258 -36.21 13.26 -52.03
N GLU A 259 -35.17 12.48 -52.31
CA GLU A 259 -34.01 12.41 -51.42
C GLU A 259 -33.20 13.70 -51.39
N VAL A 260 -32.85 14.23 -52.56
CA VAL A 260 -32.08 15.46 -52.60
C VAL A 260 -32.86 16.55 -51.87
N GLN A 261 -34.17 16.54 -52.03
CA GLN A 261 -35.01 17.54 -51.39
C GLN A 261 -35.00 17.33 -49.89
N TYR A 262 -35.16 16.08 -49.48
CA TYR A 262 -35.17 15.71 -48.07
C TYR A 262 -33.90 16.15 -47.35
N THR A 263 -32.78 15.91 -48.00
CA THR A 263 -31.49 16.26 -47.45
C THR A 263 -31.30 17.77 -47.35
N LEU A 264 -31.63 18.50 -48.41
CA LEU A 264 -31.50 19.95 -48.39
C LEU A 264 -32.33 20.50 -47.24
N GLU A 265 -33.45 19.85 -46.94
CA GLU A 265 -34.30 20.28 -45.84
C GLU A 265 -33.60 20.10 -44.51
N MET A 266 -32.94 18.97 -44.34
CA MET A 266 -32.22 18.66 -43.10
C MET A 266 -31.02 19.60 -42.98
N ILE A 267 -30.36 19.87 -44.09
CA ILE A 267 -29.22 20.76 -44.10
C ILE A 267 -29.66 22.15 -43.63
N LYS A 268 -30.84 22.60 -44.06
CA LYS A 268 -31.33 23.91 -43.65
C LYS A 268 -31.58 23.95 -42.14
N LEU A 269 -31.98 22.82 -41.56
CA LEU A 269 -32.23 22.77 -40.12
C LEU A 269 -30.94 22.80 -39.32
N VAL A 270 -29.91 22.15 -39.83
CA VAL A 270 -28.61 22.10 -39.16
C VAL A 270 -27.58 22.09 -40.28
N PRO A 271 -27.27 23.29 -40.82
CA PRO A 271 -26.31 23.50 -41.92
C PRO A 271 -24.93 22.89 -41.71
N HIS A 272 -24.51 22.80 -40.45
CA HIS A 272 -23.19 22.23 -40.16
C HIS A 272 -23.32 20.76 -39.75
N ASN A 273 -23.46 19.89 -40.74
CA ASN A 273 -23.63 18.46 -40.49
C ASN A 273 -23.01 17.67 -41.62
N GLU A 274 -21.77 17.24 -41.43
CA GLU A 274 -21.04 16.50 -42.45
C GLU A 274 -21.86 15.33 -43.03
N SER A 275 -22.55 14.62 -42.15
CA SER A 275 -23.36 13.47 -42.54
C SER A 275 -24.37 13.79 -43.63
N ALA A 276 -25.18 14.82 -43.40
CA ALA A 276 -26.17 15.23 -44.38
C ALA A 276 -25.50 15.59 -45.71
N TRP A 277 -24.42 16.37 -45.64
CA TRP A 277 -23.72 16.76 -46.86
C TRP A 277 -23.12 15.58 -47.59
N ASN A 278 -22.60 14.61 -46.84
CA ASN A 278 -21.99 13.43 -47.43
C ASN A 278 -23.03 12.59 -48.17
N TYR A 279 -24.24 12.52 -47.61
CA TYR A 279 -25.33 11.79 -48.25
C TYR A 279 -25.67 12.47 -49.56
N LEU A 280 -25.92 13.78 -49.49
CA LEU A 280 -26.26 14.57 -50.68
C LEU A 280 -25.23 14.34 -51.79
N LYS A 281 -23.97 14.58 -51.50
CA LYS A 281 -22.93 14.38 -52.51
C LYS A 281 -22.85 12.91 -52.91
N GLY A 282 -23.08 12.03 -51.96
CA GLY A 282 -23.00 10.60 -52.23
C GLY A 282 -23.95 10.10 -53.30
N ILE A 283 -25.21 10.47 -53.19
CA ILE A 283 -26.22 10.02 -54.14
C ILE A 283 -26.16 10.72 -55.50
N LEU A 284 -25.30 11.72 -55.63
CA LEU A 284 -25.18 12.47 -56.88
C LEU A 284 -23.81 12.42 -57.53
N GLN A 285 -22.76 12.20 -56.75
CA GLN A 285 -21.40 12.20 -57.28
C GLN A 285 -21.15 11.28 -58.46
N ASP A 286 -21.83 10.14 -58.50
CA ASP A 286 -21.61 9.23 -59.60
C ASP A 286 -22.39 9.54 -60.87
N ARG A 287 -23.50 10.25 -60.72
CA ARG A 287 -24.28 10.63 -61.89
C ARG A 287 -23.60 11.83 -62.52
N GLY A 288 -22.85 12.57 -61.70
CA GLY A 288 -22.16 13.76 -62.20
C GLY A 288 -22.72 15.03 -61.56
N LEU A 289 -22.01 15.56 -60.57
CA LEU A 289 -22.46 16.78 -59.89
C LEU A 289 -22.76 17.95 -60.82
N SER A 290 -22.00 18.06 -61.91
CA SER A 290 -22.20 19.16 -62.85
C SER A 290 -23.46 19.00 -63.71
N ARG A 291 -23.99 17.78 -63.77
CA ARG A 291 -25.19 17.52 -64.56
C ARG A 291 -26.46 18.01 -63.86
N TYR A 292 -26.30 18.79 -62.81
CA TYR A 292 -27.45 19.31 -62.06
C TYR A 292 -27.38 20.83 -61.88
N PRO A 293 -27.55 21.58 -62.97
CA PRO A 293 -27.51 23.04 -62.96
C PRO A 293 -28.28 23.76 -61.87
N ASN A 294 -29.48 23.30 -61.53
CA ASN A 294 -30.23 23.98 -60.49
C ASN A 294 -29.65 23.82 -59.09
N LEU A 295 -28.86 22.76 -58.89
CA LEU A 295 -28.24 22.49 -57.60
C LEU A 295 -27.18 23.54 -57.30
N LEU A 296 -26.31 23.78 -58.28
CA LEU A 296 -25.26 24.76 -58.11
C LEU A 296 -25.79 26.10 -57.62
N ASN A 297 -26.86 26.57 -58.25
CA ASN A 297 -27.44 27.85 -57.87
C ASN A 297 -28.17 27.82 -56.54
N GLN A 298 -28.86 26.72 -56.26
CA GLN A 298 -29.58 26.61 -54.99
C GLN A 298 -28.60 26.63 -53.84
N LEU A 299 -27.41 26.09 -54.07
CA LEU A 299 -26.38 26.06 -53.04
C LEU A 299 -25.78 27.45 -52.87
N LEU A 300 -25.42 28.08 -53.98
CA LEU A 300 -24.87 29.43 -53.95
C LEU A 300 -25.79 30.38 -53.19
N ASP A 301 -27.09 30.09 -53.22
CA ASP A 301 -28.10 30.91 -52.54
C ASP A 301 -28.06 30.69 -51.04
N LEU A 302 -27.73 29.48 -50.63
CA LEU A 302 -27.66 29.15 -49.21
C LEU A 302 -26.44 29.82 -48.58
N GLN A 303 -25.33 29.81 -49.32
CA GLN A 303 -24.07 30.38 -48.88
C GLN A 303 -24.19 31.55 -47.90
N PRO A 304 -25.02 32.55 -48.23
CA PRO A 304 -25.20 33.69 -47.34
C PRO A 304 -25.62 33.33 -45.90
N SER A 305 -26.74 32.63 -45.78
CA SER A 305 -27.26 32.25 -44.46
C SER A 305 -26.83 30.90 -43.90
N HIS A 306 -26.84 29.86 -44.72
CA HIS A 306 -26.47 28.51 -44.26
C HIS A 306 -25.06 28.05 -44.67
N SER A 307 -24.08 28.95 -44.63
CA SER A 307 -22.72 28.59 -45.02
C SER A 307 -22.04 27.68 -44.00
N SER A 308 -21.10 26.86 -44.49
CA SER A 308 -20.33 25.94 -43.67
C SER A 308 -19.23 25.42 -44.58
N PRO A 309 -18.17 24.85 -44.00
CA PRO A 309 -17.09 24.34 -44.84
C PRO A 309 -17.58 23.22 -45.77
N TYR A 310 -18.64 22.54 -45.34
CA TYR A 310 -19.23 21.45 -46.11
C TYR A 310 -19.83 21.98 -47.42
N LEU A 311 -20.56 23.09 -47.33
CA LEU A 311 -21.15 23.69 -48.51
C LEU A 311 -20.03 24.12 -49.46
N ILE A 312 -19.10 24.93 -48.96
CA ILE A 312 -17.97 25.43 -49.75
C ILE A 312 -17.28 24.28 -50.48
N ALA A 313 -17.08 23.19 -49.74
CA ALA A 313 -16.42 22.02 -50.29
C ALA A 313 -17.24 21.43 -51.43
N PHE A 314 -18.56 21.35 -51.20
CA PHE A 314 -19.47 20.82 -52.21
C PHE A 314 -19.30 21.61 -53.50
N LEU A 315 -19.30 22.94 -53.37
CA LEU A 315 -19.13 23.84 -54.51
C LEU A 315 -17.83 23.56 -55.25
N VAL A 316 -16.75 23.43 -54.50
CA VAL A 316 -15.45 23.16 -55.10
C VAL A 316 -15.54 21.90 -55.94
N ASP A 317 -16.25 20.91 -55.40
CA ASP A 317 -16.41 19.63 -56.08
C ASP A 317 -17.25 19.75 -57.34
N ILE A 318 -18.28 20.59 -57.29
CA ILE A 318 -19.13 20.83 -58.45
C ILE A 318 -18.24 21.42 -59.55
N TYR A 319 -17.54 22.50 -59.20
CA TYR A 319 -16.65 23.16 -60.14
C TYR A 319 -15.64 22.20 -60.71
N GLU A 320 -15.14 21.28 -59.90
CA GLU A 320 -14.15 20.36 -60.44
C GLU A 320 -14.80 19.40 -61.41
N ASP A 321 -16.06 19.05 -61.18
CA ASP A 321 -16.73 18.13 -62.08
C ASP A 321 -16.87 18.81 -63.43
N MET A 322 -17.16 20.11 -63.40
CA MET A 322 -17.31 20.90 -64.62
C MET A 322 -16.00 20.89 -65.41
N LEU A 323 -14.91 21.28 -64.75
CA LEU A 323 -13.61 21.29 -65.41
C LEU A 323 -13.32 19.89 -65.95
N GLU A 324 -13.80 18.89 -65.23
CA GLU A 324 -13.60 17.50 -65.60
C GLU A 324 -14.31 17.20 -66.92
N ASN A 325 -15.44 17.85 -67.14
CA ASN A 325 -16.23 17.65 -68.34
C ASN A 325 -16.13 18.81 -69.33
N GLN A 326 -14.91 19.26 -69.58
CA GLN A 326 -14.63 20.38 -70.50
C GLN A 326 -15.79 21.37 -70.62
N CYS A 327 -16.16 22.00 -69.51
CA CYS A 327 -17.27 22.95 -69.50
C CYS A 327 -16.88 24.27 -70.17
N ASP A 328 -17.83 25.20 -70.20
CA ASP A 328 -17.63 26.52 -70.80
C ASP A 328 -16.98 27.41 -69.75
N ASN A 329 -15.94 28.14 -70.14
CA ASN A 329 -15.21 29.04 -69.25
C ASN A 329 -14.22 28.25 -68.41
N LYS A 330 -13.55 27.28 -69.03
CA LYS A 330 -12.58 26.46 -68.31
C LYS A 330 -11.78 27.32 -67.33
N GLU A 331 -11.03 28.29 -67.87
CA GLU A 331 -10.20 29.18 -67.05
C GLU A 331 -10.99 30.00 -66.01
N ASP A 332 -12.23 30.34 -66.32
CA ASP A 332 -13.03 31.11 -65.38
C ASP A 332 -13.48 30.26 -64.18
N ILE A 333 -13.98 29.07 -64.48
CA ILE A 333 -14.45 28.14 -63.45
C ILE A 333 -13.31 27.81 -62.48
N LEU A 334 -12.18 27.36 -63.02
CA LEU A 334 -11.01 27.02 -62.23
C LEU A 334 -10.70 28.10 -61.20
N ASN A 335 -10.98 29.35 -61.54
CA ASN A 335 -10.73 30.46 -60.63
C ASN A 335 -11.76 30.47 -59.52
N LYS A 336 -13.01 30.18 -59.86
CA LYS A 336 -14.06 30.16 -58.85
C LYS A 336 -13.71 29.07 -57.84
N ALA A 337 -13.16 27.97 -58.34
CA ALA A 337 -12.77 26.85 -57.50
C ALA A 337 -11.65 27.31 -56.58
N LEU A 338 -10.51 27.65 -57.19
CA LEU A 338 -9.34 28.11 -56.45
C LEU A 338 -9.73 29.15 -55.41
N GLU A 339 -10.60 30.09 -55.79
CA GLU A 339 -11.01 31.14 -54.86
C GLU A 339 -11.62 30.52 -53.62
N LEU A 340 -12.39 29.44 -53.81
CA LEU A 340 -13.03 28.75 -52.69
C LEU A 340 -12.03 27.93 -51.87
N CYS A 341 -11.16 27.20 -52.57
CA CYS A 341 -10.15 26.41 -51.89
C CYS A 341 -9.44 27.30 -50.88
N GLU A 342 -9.06 28.49 -51.32
CA GLU A 342 -8.37 29.43 -50.44
C GLU A 342 -9.28 29.91 -49.32
N ILE A 343 -10.55 30.13 -49.62
CA ILE A 343 -11.48 30.59 -48.60
C ILE A 343 -11.54 29.54 -47.49
N LEU A 344 -11.44 28.27 -47.90
CA LEU A 344 -11.46 27.16 -46.96
C LEU A 344 -10.19 27.19 -46.12
N ALA A 345 -9.04 27.15 -46.80
CA ALA A 345 -7.73 27.18 -46.15
C ALA A 345 -7.53 28.36 -45.19
N LYS A 346 -7.77 29.57 -45.69
CA LYS A 346 -7.58 30.78 -44.90
C LYS A 346 -8.62 31.07 -43.82
N GLU A 347 -9.89 30.72 -44.04
CA GLU A 347 -10.88 31.05 -43.02
C GLU A 347 -11.98 30.03 -42.69
N LYS A 348 -12.40 29.23 -43.66
CA LYS A 348 -13.49 28.28 -43.42
C LYS A 348 -13.17 26.92 -42.76
N ASP A 349 -12.08 26.29 -43.20
CA ASP A 349 -11.69 24.99 -42.66
C ASP A 349 -10.18 25.03 -42.44
N THR A 350 -9.74 26.01 -41.66
CA THR A 350 -8.32 26.22 -41.37
C THR A 350 -7.51 25.00 -40.96
N ILE A 351 -8.08 24.15 -40.13
CA ILE A 351 -7.35 22.96 -39.70
C ILE A 351 -6.87 22.12 -40.88
N ARG A 352 -7.53 22.27 -42.03
CA ARG A 352 -7.15 21.52 -43.23
C ARG A 352 -6.51 22.44 -44.26
N LYS A 353 -6.04 23.61 -43.78
CA LYS A 353 -5.38 24.61 -44.61
C LYS A 353 -4.41 24.02 -45.65
N GLU A 354 -3.44 23.24 -45.20
CA GLU A 354 -2.46 22.65 -46.11
C GLU A 354 -3.08 21.69 -47.11
N TYR A 355 -4.18 21.05 -46.72
CA TYR A 355 -4.87 20.11 -47.60
C TYR A 355 -5.53 20.87 -48.74
N TRP A 356 -6.36 21.84 -48.37
CA TRP A 356 -7.06 22.65 -49.36
C TRP A 356 -6.11 23.32 -50.33
N ARG A 357 -4.99 23.84 -49.82
CA ARG A 357 -4.01 24.49 -50.67
C ARG A 357 -3.48 23.44 -51.64
N TYR A 358 -3.32 22.22 -51.13
CA TYR A 358 -2.84 21.11 -51.93
C TYR A 358 -3.86 20.79 -53.01
N ILE A 359 -5.13 20.91 -52.66
CA ILE A 359 -6.22 20.65 -53.62
C ILE A 359 -6.16 21.72 -54.70
N GLY A 360 -6.02 22.98 -54.27
CA GLY A 360 -5.93 24.07 -55.21
C GLY A 360 -4.81 23.86 -56.22
N ARG A 361 -3.58 23.69 -55.72
CA ARG A 361 -2.44 23.47 -56.60
C ARG A 361 -2.71 22.34 -57.57
N SER A 362 -3.50 21.36 -57.14
CA SER A 362 -3.82 20.21 -57.97
C SER A 362 -4.77 20.59 -59.09
N LEU A 363 -5.71 21.47 -58.80
CA LEU A 363 -6.65 21.92 -59.81
C LEU A 363 -5.93 22.78 -60.86
N GLN A 364 -5.06 23.67 -60.41
CA GLN A 364 -4.32 24.53 -61.33
C GLN A 364 -3.46 23.75 -62.30
N SER A 365 -2.65 22.83 -61.78
CA SER A 365 -1.79 22.06 -62.65
C SER A 365 -2.53 21.03 -63.48
N LYS A 366 -3.85 20.94 -63.31
CA LYS A 366 -4.65 19.97 -64.07
C LYS A 366 -5.53 20.63 -65.12
N HIS A 367 -5.84 21.90 -64.95
CA HIS A 367 -6.69 22.61 -65.91
C HIS A 367 -6.12 24.00 -66.25
N SER A 368 -4.99 24.04 -66.96
CA SER A 368 -4.37 25.31 -67.33
C SER A 368 -3.66 25.26 -68.68
N LEU B 18 1.99 19.59 -23.87
CA LEU B 18 3.10 19.35 -22.92
C LEU B 18 4.24 18.52 -23.53
N ASP B 19 4.83 17.64 -22.73
CA ASP B 19 5.94 16.82 -23.20
C ASP B 19 5.64 15.34 -23.16
N PHE B 20 6.46 14.60 -23.89
CA PHE B 20 6.32 13.16 -23.98
C PHE B 20 7.13 12.50 -22.86
N LEU B 21 6.44 11.90 -21.90
CA LEU B 21 7.10 11.23 -20.77
C LEU B 21 7.58 9.84 -21.15
N ARG B 22 8.47 9.79 -22.14
CA ARG B 22 9.02 8.54 -22.64
C ARG B 22 9.37 7.42 -21.65
N ASP B 23 10.12 7.73 -20.60
CA ASP B 23 10.50 6.68 -19.65
C ASP B 23 9.29 6.12 -18.93
N ARG B 24 8.34 7.00 -18.62
CA ARG B 24 7.13 6.59 -17.94
C ARG B 24 6.40 5.53 -18.77
N HIS B 25 6.36 5.75 -20.08
CA HIS B 25 5.72 4.83 -21.01
C HIS B 25 6.48 3.52 -21.14
N VAL B 26 7.80 3.58 -21.01
CA VAL B 26 8.59 2.36 -21.10
C VAL B 26 8.25 1.48 -19.90
N ARG B 27 8.14 2.09 -18.74
CA ARG B 27 7.80 1.36 -17.53
C ARG B 27 6.42 0.74 -17.69
N PHE B 28 5.49 1.53 -18.22
CA PHE B 28 4.12 1.08 -18.46
C PHE B 28 4.11 -0.22 -19.26
N PHE B 29 4.73 -0.21 -20.44
CA PHE B 29 4.78 -1.42 -21.25
C PHE B 29 5.45 -2.58 -20.51
N GLN B 30 6.45 -2.27 -19.70
CA GLN B 30 7.15 -3.32 -18.94
C GLN B 30 6.19 -4.04 -18.02
N ARG B 31 5.39 -3.25 -17.29
CA ARG B 31 4.41 -3.78 -16.37
C ARG B 31 3.39 -4.65 -17.11
N CYS B 32 2.99 -4.21 -18.30
CA CYS B 32 2.04 -4.98 -19.11
C CYS B 32 2.56 -6.38 -19.37
N LEU B 33 3.86 -6.50 -19.67
CA LEU B 33 4.44 -7.81 -19.94
C LEU B 33 4.54 -8.68 -18.70
N GLN B 34 4.50 -8.05 -17.54
CA GLN B 34 4.61 -8.77 -16.28
C GLN B 34 3.33 -9.41 -15.77
N VAL B 35 2.47 -8.64 -15.12
CA VAL B 35 1.23 -9.18 -14.60
C VAL B 35 0.08 -8.22 -14.76
N LEU B 36 -1.13 -8.75 -14.91
CA LEU B 36 -2.32 -7.91 -15.05
C LEU B 36 -3.34 -8.26 -13.97
N PRO B 37 -4.17 -7.29 -13.56
CA PRO B 37 -5.22 -7.46 -12.53
C PRO B 37 -6.37 -8.29 -13.07
N GLU B 38 -6.97 -9.14 -12.24
CA GLU B 38 -8.06 -10.00 -12.71
C GLU B 38 -9.08 -9.18 -13.51
N ARG B 39 -9.00 -7.87 -13.36
CA ARG B 39 -9.87 -6.94 -14.04
C ARG B 39 -9.73 -7.03 -15.56
N TYR B 40 -8.62 -7.59 -16.02
CA TYR B 40 -8.36 -7.71 -17.46
C TYR B 40 -8.57 -9.13 -17.95
N SER B 41 -9.36 -9.88 -17.19
CA SER B 41 -9.65 -11.26 -17.51
C SER B 41 -10.30 -11.44 -18.87
N SER B 42 -10.98 -10.40 -19.34
CA SER B 42 -11.67 -10.47 -20.63
C SER B 42 -10.73 -10.35 -21.82
N LEU B 43 -9.44 -10.29 -21.55
CA LEU B 43 -8.45 -10.20 -22.61
C LEU B 43 -7.67 -11.50 -22.65
N GLU B 44 -8.02 -12.43 -21.76
CA GLU B 44 -7.35 -13.72 -21.67
C GLU B 44 -7.05 -14.36 -23.03
N THR B 45 -8.08 -14.50 -23.87
CA THR B 45 -7.90 -15.12 -25.18
C THR B 45 -7.25 -14.22 -26.24
N SER B 46 -6.86 -13.02 -25.83
CA SER B 46 -6.22 -12.06 -26.73
C SER B 46 -4.94 -11.56 -26.11
N ARG B 47 -4.42 -12.31 -25.14
CA ARG B 47 -3.21 -11.89 -24.46
C ARG B 47 -2.06 -11.63 -25.41
N LEU B 48 -1.98 -12.41 -26.48
CA LEU B 48 -0.89 -12.25 -27.44
C LEU B 48 -0.93 -10.87 -28.09
N THR B 49 -2.14 -10.32 -28.28
CA THR B 49 -2.23 -8.99 -28.88
C THR B 49 -1.82 -7.93 -27.86
N ILE B 50 -1.99 -8.25 -26.57
CA ILE B 50 -1.59 -7.29 -25.54
C ILE B 50 -0.07 -7.31 -25.49
N ALA B 51 0.51 -8.50 -25.66
CA ALA B 51 1.95 -8.66 -25.68
C ALA B 51 2.50 -7.85 -26.84
N PHE B 52 1.82 -7.92 -27.98
CA PHE B 52 2.23 -7.17 -29.17
C PHE B 52 2.26 -5.67 -28.88
N PHE B 53 1.18 -5.15 -28.31
CA PHE B 53 1.10 -3.73 -27.98
C PHE B 53 2.28 -3.30 -27.13
N ALA B 54 2.63 -4.14 -26.16
CA ALA B 54 3.71 -3.84 -25.25
C ALA B 54 5.08 -3.96 -25.91
N LEU B 55 5.31 -5.08 -26.59
CA LEU B 55 6.58 -5.31 -27.26
C LEU B 55 6.81 -4.31 -28.39
N SER B 56 5.86 -4.22 -29.32
CA SER B 56 5.99 -3.29 -30.43
C SER B 56 6.07 -1.89 -29.85
N GLY B 57 5.42 -1.69 -28.70
CA GLY B 57 5.47 -0.38 -28.06
C GLY B 57 6.88 -0.05 -27.58
N LEU B 58 7.54 -1.04 -26.97
CA LEU B 58 8.91 -0.86 -26.47
C LEU B 58 9.83 -0.68 -27.67
N ASP B 59 9.57 -1.46 -28.72
CA ASP B 59 10.34 -1.40 -29.95
C ASP B 59 10.29 0.04 -30.47
N MET B 60 9.08 0.57 -30.58
CA MET B 60 8.87 1.94 -31.06
C MET B 60 9.62 2.97 -30.21
N LEU B 61 9.82 2.66 -28.93
CA LEU B 61 10.53 3.57 -28.02
C LEU B 61 11.99 3.17 -27.89
N ASP B 62 12.36 2.15 -28.66
CA ASP B 62 13.72 1.62 -28.67
C ASP B 62 14.16 1.27 -27.24
N SER B 63 13.44 0.33 -26.64
CA SER B 63 13.71 -0.13 -25.27
C SER B 63 13.51 -1.62 -25.14
N LEU B 64 13.63 -2.36 -26.24
CA LEU B 64 13.44 -3.81 -26.19
C LEU B 64 14.46 -4.48 -25.29
N ASP B 65 15.47 -3.74 -24.89
CA ASP B 65 16.50 -4.28 -24.03
C ASP B 65 15.97 -4.61 -22.63
N VAL B 66 14.98 -3.85 -22.17
CA VAL B 66 14.42 -4.06 -20.83
C VAL B 66 13.65 -5.37 -20.63
N VAL B 67 13.66 -6.23 -21.64
CA VAL B 67 12.96 -7.50 -21.55
C VAL B 67 13.85 -8.64 -22.02
N ASN B 68 13.51 -9.85 -21.61
CA ASN B 68 14.29 -11.02 -22.01
C ASN B 68 13.73 -11.61 -23.30
N LYS B 69 14.26 -11.16 -24.44
CA LYS B 69 13.78 -11.63 -25.72
C LYS B 69 13.63 -13.15 -25.84
N ASP B 70 14.53 -13.90 -25.24
CA ASP B 70 14.47 -15.36 -25.33
C ASP B 70 13.30 -16.00 -24.61
N ASP B 71 13.01 -15.54 -23.39
CA ASP B 71 11.90 -16.09 -22.63
C ASP B 71 10.59 -15.85 -23.36
N ILE B 72 10.39 -14.60 -23.77
CA ILE B 72 9.18 -14.25 -24.48
C ILE B 72 9.02 -15.03 -25.78
N ILE B 73 10.12 -15.24 -26.50
CA ILE B 73 10.05 -15.99 -27.76
C ILE B 73 9.57 -17.42 -27.51
N GLU B 74 10.00 -18.01 -26.40
CA GLU B 74 9.60 -19.37 -26.06
C GLU B 74 8.11 -19.40 -25.73
N TRP B 75 7.67 -18.38 -25.01
CA TRP B 75 6.28 -18.27 -24.63
C TRP B 75 5.43 -18.19 -25.89
N ILE B 76 5.85 -17.34 -26.83
CA ILE B 76 5.12 -17.18 -28.07
C ILE B 76 5.04 -18.50 -28.81
N TYR B 77 6.16 -19.17 -28.97
CA TYR B 77 6.15 -20.44 -29.68
C TYR B 77 5.30 -21.51 -29.01
N SER B 78 5.07 -21.36 -27.71
CA SER B 78 4.25 -22.33 -26.97
C SER B 78 2.78 -22.12 -27.34
N LEU B 79 2.51 -21.04 -28.06
CA LEU B 79 1.15 -20.71 -28.48
C LEU B 79 0.85 -21.16 -29.92
N GLN B 80 1.83 -21.76 -30.59
CA GLN B 80 1.60 -22.21 -31.96
C GLN B 80 0.89 -23.54 -32.03
N VAL B 81 -0.18 -23.58 -32.82
CA VAL B 81 -0.93 -24.80 -33.01
C VAL B 81 -0.28 -25.53 -34.19
N LEU B 82 0.57 -26.49 -33.86
CA LEU B 82 1.31 -27.26 -34.87
C LEU B 82 0.50 -28.44 -35.39
N PRO B 83 0.78 -28.88 -36.62
CA PRO B 83 0.04 -30.01 -37.17
C PRO B 83 0.39 -31.27 -36.39
N THR B 84 -0.59 -32.12 -36.19
CA THR B 84 -0.37 -33.37 -35.47
C THR B 84 0.32 -34.39 -36.38
N GLU B 85 0.68 -35.54 -35.81
CA GLU B 85 1.35 -36.60 -36.56
C GLU B 85 0.65 -36.85 -37.89
N ASP B 86 -0.63 -37.19 -37.83
CA ASP B 86 -1.42 -37.48 -39.02
C ASP B 86 -1.75 -36.27 -39.88
N ARG B 87 -1.37 -35.08 -39.41
CA ARG B 87 -1.62 -33.83 -40.15
C ARG B 87 -3.08 -33.66 -40.53
N SER B 88 -3.98 -34.16 -39.69
CA SER B 88 -5.41 -34.06 -39.93
C SER B 88 -5.98 -32.72 -39.47
N ASN B 89 -5.15 -31.90 -38.84
CA ASN B 89 -5.57 -30.62 -38.31
C ASN B 89 -4.92 -29.42 -39.00
N LEU B 90 -4.52 -29.58 -40.25
CA LEU B 90 -3.88 -28.48 -40.95
C LEU B 90 -4.76 -27.24 -41.02
N ASP B 91 -6.04 -27.44 -41.29
CA ASP B 91 -6.98 -26.34 -41.40
C ASP B 91 -7.18 -25.55 -40.10
N ARG B 92 -6.53 -26.00 -39.04
CA ARG B 92 -6.68 -25.34 -37.76
C ARG B 92 -5.39 -24.81 -37.17
N CYS B 93 -4.32 -24.83 -37.95
CA CYS B 93 -3.04 -24.35 -37.46
C CYS B 93 -2.91 -22.84 -37.48
N GLY B 94 -2.00 -22.34 -36.65
CA GLY B 94 -1.76 -20.91 -36.54
C GLY B 94 -1.33 -20.70 -35.11
N PHE B 95 -1.73 -19.58 -34.49
CA PHE B 95 -1.38 -19.33 -33.09
C PHE B 95 -2.58 -19.10 -32.20
N ARG B 96 -2.42 -19.39 -30.90
CA ARG B 96 -3.47 -19.21 -29.91
C ARG B 96 -3.26 -17.85 -29.26
N GLY B 97 -4.32 -17.30 -28.68
CA GLY B 97 -4.20 -16.01 -28.03
C GLY B 97 -3.48 -16.15 -26.70
N SER B 98 -3.64 -17.34 -26.10
CA SER B 98 -3.02 -17.66 -24.83
C SER B 98 -3.15 -19.16 -24.58
N SER B 99 -2.75 -19.58 -23.38
CA SER B 99 -2.80 -20.98 -23.00
C SER B 99 -4.10 -21.38 -22.31
N TYR B 100 -5.13 -20.57 -22.46
CA TYR B 100 -6.41 -20.82 -21.81
C TYR B 100 -7.03 -22.21 -21.99
N LEU B 101 -6.65 -22.97 -23.02
CA LEU B 101 -7.24 -24.28 -23.20
C LEU B 101 -6.65 -25.35 -22.30
N GLY B 102 -5.50 -25.06 -21.71
CA GLY B 102 -4.89 -26.01 -20.82
C GLY B 102 -3.94 -27.00 -21.46
N ILE B 103 -3.49 -26.70 -22.67
CA ILE B 103 -2.57 -27.59 -23.35
C ILE B 103 -1.20 -27.41 -22.71
N PRO B 104 -0.52 -28.53 -22.39
CA PRO B 104 0.80 -28.50 -21.77
C PRO B 104 1.83 -27.67 -22.55
N PHE B 105 2.51 -26.79 -21.83
CA PHE B 105 3.52 -25.90 -22.41
C PHE B 105 4.47 -26.63 -23.34
N ASN B 106 4.56 -26.16 -24.57
CA ASN B 106 5.44 -26.78 -25.57
C ASN B 106 5.85 -25.74 -26.61
N PRO B 107 7.04 -25.13 -26.43
CA PRO B 107 7.57 -24.11 -27.33
C PRO B 107 7.89 -24.62 -28.73
N SER B 108 6.86 -25.14 -29.41
CA SER B 108 7.01 -25.66 -30.77
C SER B 108 8.22 -26.58 -30.86
N LYS B 109 8.37 -27.43 -29.85
CA LYS B 109 9.48 -28.38 -29.80
C LYS B 109 9.02 -29.75 -30.30
N ASN B 110 7.92 -30.25 -29.75
CA ASN B 110 7.40 -31.55 -30.14
C ASN B 110 6.22 -31.38 -31.09
N PRO B 111 5.73 -32.48 -31.69
CA PRO B 111 4.59 -32.41 -32.62
C PRO B 111 3.30 -32.04 -31.89
N GLY B 112 2.31 -31.61 -32.66
CA GLY B 112 1.05 -31.20 -32.08
C GLY B 112 0.28 -32.27 -31.33
N THR B 113 -0.25 -31.91 -30.16
CA THR B 113 -1.05 -32.83 -29.35
C THR B 113 -2.54 -32.57 -29.62
N ALA B 114 -3.21 -33.55 -30.23
CA ALA B 114 -4.63 -33.43 -30.57
C ALA B 114 -5.49 -32.87 -29.45
N HIS B 115 -6.53 -32.14 -29.84
CA HIS B 115 -7.48 -31.53 -28.91
C HIS B 115 -8.69 -31.11 -29.72
N PRO B 116 -9.88 -31.57 -29.34
CA PRO B 116 -11.13 -31.27 -30.02
C PRO B 116 -11.40 -29.79 -30.34
N TYR B 117 -10.90 -28.89 -29.50
CA TYR B 117 -11.19 -27.49 -29.71
C TYR B 117 -9.99 -26.55 -29.80
N ASP B 118 -8.80 -27.09 -30.01
CA ASP B 118 -7.62 -26.25 -30.10
C ASP B 118 -7.35 -25.85 -31.55
N SER B 119 -7.45 -24.55 -31.82
CA SER B 119 -7.22 -24.03 -33.16
C SER B 119 -6.61 -22.65 -33.04
N GLY B 120 -6.09 -22.12 -34.14
CA GLY B 120 -5.50 -20.81 -34.11
C GLY B 120 -6.54 -19.74 -34.28
N HIS B 121 -6.13 -18.49 -34.12
CA HIS B 121 -7.01 -17.34 -34.27
C HIS B 121 -6.25 -16.38 -35.16
N ILE B 122 -6.86 -16.04 -36.30
CA ILE B 122 -6.22 -15.17 -37.28
C ILE B 122 -5.50 -13.94 -36.71
N ALA B 123 -6.08 -13.28 -35.72
CA ALA B 123 -5.46 -12.10 -35.13
C ALA B 123 -4.27 -12.48 -34.26
N MET B 124 -4.30 -13.68 -33.72
CA MET B 124 -3.21 -14.16 -32.87
C MET B 124 -2.03 -14.67 -33.72
N THR B 125 -2.35 -15.25 -34.88
CA THR B 125 -1.31 -15.71 -35.77
C THR B 125 -0.57 -14.47 -36.28
N TYR B 126 -1.34 -13.42 -36.56
CA TYR B 126 -0.77 -12.17 -37.03
C TYR B 126 0.12 -11.55 -35.96
N THR B 127 -0.46 -11.22 -34.81
CA THR B 127 0.34 -10.62 -33.73
C THR B 127 1.46 -11.53 -33.25
N GLY B 128 1.24 -12.84 -33.34
CA GLY B 128 2.27 -13.78 -32.93
C GLY B 128 3.50 -13.63 -33.80
N LEU B 129 3.32 -13.79 -35.11
CA LEU B 129 4.42 -13.65 -36.06
C LEU B 129 5.06 -12.26 -35.90
N SER B 130 4.22 -11.25 -35.82
CA SER B 130 4.68 -9.90 -35.67
C SER B 130 5.60 -9.78 -34.44
N CYS B 131 5.18 -10.35 -33.31
CA CYS B 131 6.00 -10.30 -32.11
C CYS B 131 7.33 -11.00 -32.29
N LEU B 132 7.30 -12.20 -32.87
CA LEU B 132 8.52 -12.97 -33.11
C LEU B 132 9.53 -12.15 -33.91
N ILE B 133 9.06 -11.48 -34.97
CA ILE B 133 9.93 -10.66 -35.80
C ILE B 133 10.53 -9.51 -34.99
N ILE B 134 9.68 -8.85 -34.22
CA ILE B 134 10.10 -7.73 -33.38
C ILE B 134 11.17 -8.17 -32.38
N LEU B 135 11.03 -9.39 -31.88
CA LEU B 135 11.99 -9.92 -30.90
C LEU B 135 13.27 -10.46 -31.52
N GLY B 136 13.36 -10.41 -32.85
CA GLY B 136 14.54 -10.88 -33.54
C GLY B 136 14.55 -12.33 -33.99
N ASP B 137 13.52 -13.10 -33.62
CA ASP B 137 13.46 -14.49 -34.03
C ASP B 137 13.44 -14.56 -35.57
N ASP B 138 13.87 -15.68 -36.13
CA ASP B 138 13.90 -15.82 -37.59
C ASP B 138 12.76 -16.63 -38.17
N LEU B 139 11.76 -16.95 -37.35
CA LEU B 139 10.59 -17.71 -37.80
C LEU B 139 10.88 -19.12 -38.30
N SER B 140 12.04 -19.65 -37.96
CA SER B 140 12.40 -20.99 -38.39
C SER B 140 11.49 -22.04 -37.76
N ARG B 141 11.02 -21.79 -36.54
CA ARG B 141 10.14 -22.75 -35.87
C ARG B 141 8.68 -22.60 -36.22
N VAL B 142 8.38 -21.70 -37.15
CA VAL B 142 7.00 -21.48 -37.57
C VAL B 142 6.72 -22.44 -38.72
N ASP B 143 5.64 -23.20 -38.62
CA ASP B 143 5.29 -24.13 -39.70
C ASP B 143 4.57 -23.30 -40.75
N LYS B 144 5.34 -22.51 -41.48
CA LYS B 144 4.80 -21.63 -42.50
C LYS B 144 3.66 -22.25 -43.33
N GLU B 145 3.85 -23.46 -43.82
CA GLU B 145 2.82 -24.10 -44.63
C GLU B 145 1.54 -24.38 -43.85
N ALA B 146 1.69 -24.83 -42.62
CA ALA B 146 0.54 -25.13 -41.78
C ALA B 146 -0.24 -23.85 -41.54
N CYS B 147 0.46 -22.77 -41.24
CA CYS B 147 -0.19 -21.50 -41.00
C CYS B 147 -0.96 -21.04 -42.23
N LEU B 148 -0.31 -21.10 -43.39
CA LEU B 148 -0.94 -20.67 -44.64
C LEU B 148 -2.15 -21.55 -44.93
N ALA B 149 -2.05 -22.83 -44.58
CA ALA B 149 -3.15 -23.75 -44.78
C ALA B 149 -4.34 -23.29 -43.92
N GLY B 150 -4.04 -22.97 -42.67
CA GLY B 150 -5.06 -22.50 -41.75
C GLY B 150 -5.69 -21.21 -42.24
N LEU B 151 -4.84 -20.29 -42.71
CA LEU B 151 -5.35 -19.01 -43.21
C LEU B 151 -6.36 -19.23 -44.33
N ARG B 152 -5.98 -20.01 -45.34
CA ARG B 152 -6.86 -20.28 -46.47
C ARG B 152 -8.23 -20.74 -45.97
N ALA B 153 -8.21 -21.67 -45.02
CA ALA B 153 -9.45 -22.20 -44.46
C ALA B 153 -10.39 -21.15 -43.89
N LEU B 154 -9.84 -20.00 -43.52
CA LEU B 154 -10.65 -18.95 -42.92
C LEU B 154 -11.38 -18.02 -43.89
N GLN B 155 -10.93 -17.96 -45.14
CA GLN B 155 -11.55 -17.06 -46.11
C GLN B 155 -12.91 -17.54 -46.59
N LEU B 156 -13.86 -16.61 -46.67
CA LEU B 156 -15.23 -16.90 -47.10
C LEU B 156 -15.42 -16.68 -48.59
N GLU B 157 -16.59 -17.05 -49.10
CA GLU B 157 -16.89 -16.89 -50.51
C GLU B 157 -16.78 -15.43 -50.94
N ASP B 158 -17.18 -14.51 -50.06
CA ASP B 158 -17.13 -13.10 -50.42
C ASP B 158 -15.74 -12.47 -50.34
N GLY B 159 -14.73 -13.26 -50.01
CA GLY B 159 -13.39 -12.73 -49.91
C GLY B 159 -12.89 -12.35 -48.52
N SER B 160 -13.81 -12.09 -47.59
CA SER B 160 -13.41 -11.75 -46.23
C SER B 160 -12.96 -12.99 -45.45
N PHE B 161 -12.62 -12.80 -44.18
CA PHE B 161 -12.16 -13.91 -43.34
C PHE B 161 -12.86 -14.00 -41.99
N CYS B 162 -12.74 -15.16 -41.38
CA CYS B 162 -13.26 -15.43 -40.05
C CYS B 162 -12.00 -15.48 -39.19
N ALA B 163 -12.16 -15.42 -37.87
CA ALA B 163 -11.00 -15.46 -36.99
C ALA B 163 -10.57 -16.89 -36.67
N VAL B 164 -11.55 -17.79 -36.53
CA VAL B 164 -11.25 -19.18 -36.20
C VAL B 164 -12.01 -20.17 -37.07
N PRO B 165 -11.43 -21.36 -37.31
CA PRO B 165 -12.10 -22.36 -38.15
C PRO B 165 -13.46 -22.80 -37.61
N GLU B 166 -13.63 -22.76 -36.29
CA GLU B 166 -14.91 -23.17 -35.68
C GLU B 166 -16.03 -22.20 -36.04
N GLY B 167 -15.68 -21.03 -36.55
CA GLY B 167 -16.67 -20.05 -36.93
C GLY B 167 -16.62 -18.80 -36.09
N SER B 168 -16.99 -17.67 -36.69
CA SER B 168 -17.01 -16.38 -35.99
C SER B 168 -17.57 -15.36 -36.94
N GLU B 169 -17.64 -14.12 -36.50
CA GLU B 169 -18.14 -13.06 -37.36
C GLU B 169 -17.02 -12.83 -38.39
N ASN B 170 -17.33 -12.15 -39.48
CA ASN B 170 -16.32 -11.87 -40.50
C ASN B 170 -16.40 -10.41 -40.92
N ASP B 171 -15.25 -9.78 -41.09
CA ASP B 171 -15.19 -8.39 -41.51
C ASP B 171 -13.78 -7.94 -41.89
N MET B 172 -13.66 -6.66 -42.22
CA MET B 172 -12.39 -6.09 -42.65
C MET B 172 -11.23 -6.30 -41.66
N ARG B 173 -11.53 -6.39 -40.38
CA ARG B 173 -10.48 -6.59 -39.37
C ARG B 173 -9.63 -7.80 -39.74
N PHE B 174 -10.29 -8.90 -40.02
CA PHE B 174 -9.59 -10.14 -40.34
C PHE B 174 -8.97 -10.15 -41.72
N VAL B 175 -9.46 -9.30 -42.61
CA VAL B 175 -8.89 -9.22 -43.95
C VAL B 175 -7.48 -8.65 -43.79
N TYR B 176 -7.36 -7.67 -42.90
CA TYR B 176 -6.07 -7.04 -42.64
C TYR B 176 -5.12 -8.05 -41.99
N CYS B 177 -5.66 -8.85 -41.07
CA CYS B 177 -4.85 -9.85 -40.39
C CYS B 177 -4.29 -10.83 -41.41
N ALA B 178 -5.14 -11.28 -42.32
CA ALA B 178 -4.72 -12.24 -43.35
C ALA B 178 -3.62 -11.62 -44.18
N SER B 179 -3.82 -10.37 -44.58
CA SER B 179 -2.83 -9.66 -45.38
C SER B 179 -1.48 -9.61 -44.67
N CYS B 180 -1.48 -9.22 -43.40
CA CYS B 180 -0.25 -9.15 -42.63
C CYS B 180 0.44 -10.49 -42.55
N ILE B 181 -0.33 -11.55 -42.35
CA ILE B 181 0.25 -12.89 -42.26
C ILE B 181 0.94 -13.26 -43.56
N CYS B 182 0.24 -13.10 -44.68
CA CYS B 182 0.78 -13.41 -46.00
C CYS B 182 2.04 -12.60 -46.27
N TYR B 183 1.98 -11.32 -45.94
CA TYR B 183 3.10 -10.44 -46.15
C TYR B 183 4.32 -10.85 -45.35
N MET B 184 4.13 -11.13 -44.06
CA MET B 184 5.25 -11.50 -43.20
C MET B 184 5.84 -12.85 -43.57
N LEU B 185 5.00 -13.81 -43.94
CA LEU B 185 5.50 -15.11 -44.35
C LEU B 185 5.95 -14.99 -45.80
N ASN B 186 5.79 -13.80 -46.35
CA ASN B 186 6.17 -13.51 -47.72
C ASN B 186 5.65 -14.57 -48.68
N ASN B 187 4.38 -14.90 -48.53
CA ASN B 187 3.75 -15.91 -49.38
C ASN B 187 2.24 -15.64 -49.39
N TRP B 188 1.70 -15.24 -50.53
CA TRP B 188 0.28 -14.96 -50.59
C TRP B 188 -0.61 -16.13 -50.97
N SER B 189 -0.09 -17.34 -50.81
CA SER B 189 -0.89 -18.51 -51.13
C SER B 189 -1.89 -18.69 -49.99
N GLY B 190 -1.72 -17.89 -48.95
CA GLY B 190 -2.60 -17.96 -47.80
C GLY B 190 -3.99 -17.42 -48.05
N MET B 191 -4.19 -16.74 -49.18
CA MET B 191 -5.50 -16.18 -49.50
C MET B 191 -5.75 -16.10 -51.01
N ASP B 192 -7.01 -15.90 -51.35
CA ASP B 192 -7.44 -15.74 -52.74
C ASP B 192 -7.51 -14.23 -52.86
N MET B 193 -6.36 -13.63 -53.16
CA MET B 193 -6.25 -12.19 -53.28
C MET B 193 -7.29 -11.49 -54.14
N LYS B 194 -7.75 -12.17 -55.19
CA LYS B 194 -8.74 -11.57 -56.06
C LYS B 194 -10.04 -11.35 -55.29
N LYS B 195 -10.46 -12.37 -54.55
CA LYS B 195 -11.70 -12.27 -53.76
C LYS B 195 -11.56 -11.27 -52.61
N ALA B 196 -10.37 -11.24 -52.00
CA ALA B 196 -10.12 -10.31 -50.91
C ALA B 196 -10.28 -8.88 -51.41
N ILE B 197 -9.63 -8.58 -52.54
CA ILE B 197 -9.69 -7.26 -53.14
C ILE B 197 -11.12 -6.90 -53.48
N SER B 198 -11.88 -7.89 -53.93
CA SER B 198 -13.26 -7.67 -54.27
C SER B 198 -14.02 -7.19 -53.02
N TYR B 199 -13.78 -7.89 -51.92
CA TYR B 199 -14.43 -7.56 -50.66
C TYR B 199 -14.09 -6.13 -50.24
N ILE B 200 -12.81 -5.78 -50.34
CA ILE B 200 -12.35 -4.45 -49.97
C ILE B 200 -13.04 -3.38 -50.81
N ARG B 201 -13.14 -3.60 -52.11
CA ARG B 201 -13.81 -2.62 -52.97
C ARG B 201 -15.26 -2.45 -52.56
N ARG B 202 -15.96 -3.58 -52.46
CA ARG B 202 -17.37 -3.59 -52.13
C ARG B 202 -17.70 -2.92 -50.78
N SER B 203 -16.69 -2.71 -49.95
CA SER B 203 -16.92 -2.09 -48.65
C SER B 203 -16.93 -0.57 -48.71
N MET B 204 -16.53 0.00 -49.84
CA MET B 204 -16.51 1.45 -49.96
C MET B 204 -17.94 2.00 -49.90
N SER B 205 -18.13 3.02 -49.06
CA SER B 205 -19.44 3.63 -48.87
C SER B 205 -19.71 4.76 -49.83
N TYR B 206 -20.95 5.25 -49.82
CA TYR B 206 -21.36 6.35 -50.69
C TYR B 206 -20.61 7.61 -50.27
N ASP B 207 -20.18 7.68 -49.00
CA ASP B 207 -19.44 8.84 -48.52
C ASP B 207 -17.95 8.66 -48.79
N ASN B 208 -17.62 7.55 -49.44
CA ASN B 208 -16.25 7.23 -49.85
C ASN B 208 -15.26 6.67 -48.85
N GLY B 209 -15.70 6.41 -47.62
CA GLY B 209 -14.81 5.78 -46.66
C GLY B 209 -14.99 4.28 -46.84
N LEU B 210 -14.25 3.48 -46.09
CA LEU B 210 -14.41 2.03 -46.20
C LEU B 210 -15.10 1.53 -44.93
N ALA B 211 -16.07 0.63 -45.07
CA ALA B 211 -16.78 0.09 -43.93
C ALA B 211 -16.30 -1.32 -43.62
N GLN B 212 -16.83 -1.91 -42.55
CA GLN B 212 -16.44 -3.25 -42.16
C GLN B 212 -16.85 -4.27 -43.22
N GLY B 213 -17.89 -3.90 -43.97
CA GLY B 213 -18.41 -4.75 -45.03
C GLY B 213 -19.36 -3.93 -45.87
N ALA B 214 -19.73 -4.45 -47.03
CA ALA B 214 -20.64 -3.75 -47.93
C ALA B 214 -21.92 -3.26 -47.25
N GLY B 215 -22.29 -2.02 -47.55
CA GLY B 215 -23.51 -1.45 -46.99
C GLY B 215 -23.39 -0.84 -45.61
N LEU B 216 -22.39 -1.27 -44.85
CA LEU B 216 -22.19 -0.74 -43.51
C LEU B 216 -21.63 0.68 -43.53
N GLU B 217 -21.70 1.34 -42.38
CA GLU B 217 -21.19 2.70 -42.23
C GLU B 217 -19.67 2.70 -42.35
N SER B 218 -19.14 3.53 -43.24
CA SER B 218 -17.69 3.63 -43.42
C SER B 218 -17.10 3.99 -42.06
N HIS B 219 -15.89 3.49 -41.78
CA HIS B 219 -15.29 3.69 -40.47
C HIS B 219 -13.76 3.77 -40.54
N GLY B 220 -13.18 4.62 -39.69
CA GLY B 220 -11.73 4.77 -39.69
C GLY B 220 -10.94 3.48 -39.53
N GLY B 221 -11.45 2.57 -38.70
CA GLY B 221 -10.78 1.31 -38.48
C GLY B 221 -10.77 0.43 -39.70
N SER B 222 -11.94 0.25 -40.31
CA SER B 222 -12.05 -0.58 -41.51
C SER B 222 -11.33 0.07 -42.69
N THR B 223 -11.34 1.40 -42.76
CA THR B 223 -10.67 2.09 -43.85
C THR B 223 -9.17 1.80 -43.76
N PHE B 224 -8.62 1.88 -42.55
CA PHE B 224 -7.21 1.56 -42.39
C PHE B 224 -6.97 0.13 -42.83
N CYS B 225 -7.76 -0.80 -42.29
CA CYS B 225 -7.60 -2.21 -42.63
C CYS B 225 -7.65 -2.44 -44.13
N GLY B 226 -8.61 -1.80 -44.80
CA GLY B 226 -8.73 -1.97 -46.23
C GLY B 226 -7.55 -1.43 -47.02
N ILE B 227 -7.29 -0.13 -46.85
CA ILE B 227 -6.18 0.52 -47.53
C ILE B 227 -4.86 -0.16 -47.23
N ALA B 228 -4.58 -0.39 -45.96
CA ALA B 228 -3.32 -1.04 -45.55
C ALA B 228 -3.17 -2.41 -46.18
N SER B 229 -4.27 -3.16 -46.29
CA SER B 229 -4.21 -4.48 -46.91
C SER B 229 -3.81 -4.35 -48.36
N LEU B 230 -4.45 -3.43 -49.07
CA LEU B 230 -4.13 -3.22 -50.47
C LEU B 230 -2.65 -2.82 -50.62
N CYS B 231 -2.19 -1.92 -49.76
CA CYS B 231 -0.80 -1.51 -49.82
C CYS B 231 0.12 -2.69 -49.58
N LEU B 232 -0.23 -3.55 -48.63
CA LEU B 232 0.58 -4.71 -48.34
C LEU B 232 0.64 -5.65 -49.54
N MET B 233 -0.43 -5.69 -50.32
CA MET B 233 -0.50 -6.53 -51.52
C MET B 233 0.14 -5.78 -52.67
N GLY B 234 0.36 -4.48 -52.47
CA GLY B 234 0.94 -3.64 -53.50
C GLY B 234 -0.01 -3.47 -54.66
N LYS B 235 -1.28 -3.23 -54.36
CA LYS B 235 -2.28 -3.05 -55.40
C LYS B 235 -3.20 -1.88 -55.16
N LEU B 236 -2.76 -0.92 -54.35
CA LEU B 236 -3.60 0.24 -54.06
C LEU B 236 -4.03 0.93 -55.35
N GLU B 237 -3.03 1.40 -56.10
CA GLU B 237 -3.23 2.12 -57.37
C GLU B 237 -4.03 1.30 -58.39
N GLU B 238 -3.81 -0.01 -58.36
CA GLU B 238 -4.47 -0.92 -59.28
C GLU B 238 -5.93 -1.16 -58.94
N VAL B 239 -6.28 -1.09 -57.66
CA VAL B 239 -7.66 -1.34 -57.24
C VAL B 239 -8.56 -0.12 -57.26
N PHE B 240 -8.03 1.04 -56.88
CA PHE B 240 -8.81 2.26 -56.87
C PHE B 240 -8.30 3.27 -57.91
N SER B 241 -9.23 3.91 -58.60
CA SER B 241 -8.89 4.90 -59.60
C SER B 241 -8.37 6.14 -58.89
N GLU B 242 -7.76 7.04 -59.65
CA GLU B 242 -7.26 8.28 -59.07
C GLU B 242 -8.44 9.04 -58.47
N LYS B 243 -9.56 9.07 -59.19
CA LYS B 243 -10.74 9.78 -58.71
C LYS B 243 -11.18 9.15 -57.40
N GLU B 244 -11.18 7.82 -57.36
CA GLU B 244 -11.59 7.10 -56.17
C GLU B 244 -10.66 7.42 -54.99
N LEU B 245 -9.36 7.32 -55.24
CA LEU B 245 -8.39 7.62 -54.19
C LEU B 245 -8.55 9.03 -53.67
N ASN B 246 -8.90 9.97 -54.55
CA ASN B 246 -9.08 11.35 -54.10
C ASN B 246 -10.26 11.45 -53.14
N ARG B 247 -11.31 10.71 -53.45
CA ARG B 247 -12.50 10.71 -52.61
C ARG B 247 -12.20 10.08 -51.27
N ILE B 248 -11.45 8.99 -51.29
CA ILE B 248 -11.07 8.30 -50.06
C ILE B 248 -10.21 9.24 -49.21
N LYS B 249 -9.23 9.89 -49.83
CA LYS B 249 -8.37 10.84 -49.14
C LYS B 249 -9.21 11.91 -48.48
N ARG B 250 -10.17 12.46 -49.20
CA ARG B 250 -11.04 13.48 -48.66
C ARG B 250 -11.74 12.99 -47.40
N TRP B 251 -12.29 11.78 -47.47
CA TRP B 251 -13.02 11.21 -46.33
C TRP B 251 -12.12 11.08 -45.11
N CYS B 252 -10.89 10.61 -45.34
CA CYS B 252 -9.93 10.43 -44.27
C CYS B 252 -9.51 11.76 -43.65
N ILE B 253 -9.01 12.67 -44.49
CA ILE B 253 -8.56 13.97 -44.01
C ILE B 253 -9.66 14.71 -43.24
N MET B 254 -10.92 14.38 -43.53
CA MET B 254 -12.03 15.03 -42.85
C MET B 254 -12.23 14.51 -41.43
N ARG B 255 -11.50 13.46 -41.07
CA ARG B 255 -11.61 12.88 -39.74
C ARG B 255 -10.90 13.69 -38.66
N GLN B 256 -10.00 14.60 -39.05
CA GLN B 256 -9.29 15.38 -38.05
C GLN B 256 -10.12 16.53 -37.51
N GLN B 257 -10.30 16.53 -36.19
CA GLN B 257 -11.06 17.58 -35.52
C GLN B 257 -10.01 18.41 -34.76
N ASN B 258 -9.02 17.68 -34.25
CA ASN B 258 -7.87 18.20 -33.52
C ASN B 258 -7.10 16.89 -33.43
N GLY B 259 -7.73 15.91 -32.82
CA GLY B 259 -7.20 14.57 -32.76
C GLY B 259 -8.04 13.95 -33.87
N TYR B 260 -8.23 12.63 -33.88
CA TYR B 260 -9.04 12.05 -34.93
C TYR B 260 -10.18 11.19 -34.40
N HIS B 261 -11.31 11.21 -35.08
CA HIS B 261 -12.44 10.36 -34.69
C HIS B 261 -12.54 9.27 -35.75
N GLY B 262 -13.27 8.20 -35.45
CA GLY B 262 -13.40 7.09 -36.40
C GLY B 262 -14.55 7.21 -37.39
N ARG B 263 -15.50 8.10 -37.10
CA ARG B 263 -16.67 8.32 -37.96
C ARG B 263 -17.17 9.75 -37.85
N PRO B 264 -17.78 10.28 -38.92
CA PRO B 264 -18.29 11.64 -38.87
C PRO B 264 -19.19 11.81 -37.64
N ASN B 265 -19.15 12.99 -37.03
CA ASN B 265 -19.96 13.29 -35.87
C ASN B 265 -19.75 12.40 -34.64
N LYS B 266 -18.57 11.80 -34.53
CA LYS B 266 -18.23 10.99 -33.37
C LYS B 266 -17.05 11.68 -32.69
N PRO B 267 -16.97 11.58 -31.36
CA PRO B 267 -15.87 12.22 -30.62
C PRO B 267 -14.48 11.64 -30.98
N VAL B 268 -13.43 12.45 -30.86
CA VAL B 268 -12.10 11.95 -31.20
C VAL B 268 -11.66 10.91 -30.20
N ASP B 269 -10.74 10.07 -30.63
CA ASP B 269 -10.22 8.96 -29.83
C ASP B 269 -8.75 8.80 -30.22
N THR B 270 -7.87 8.84 -29.23
CA THR B 270 -6.44 8.72 -29.50
C THR B 270 -6.01 7.69 -30.52
N CYS B 271 -6.54 6.47 -30.42
CA CYS B 271 -6.10 5.42 -31.35
C CYS B 271 -6.31 5.74 -32.81
N TYR B 272 -7.24 6.65 -33.12
CA TYR B 272 -7.48 7.00 -34.51
C TYR B 272 -6.38 7.86 -35.11
N SER B 273 -5.52 8.38 -34.24
CA SER B 273 -4.39 9.17 -34.72
C SER B 273 -3.51 8.20 -35.48
N PHE B 274 -3.68 6.91 -35.23
CA PHE B 274 -2.92 5.93 -35.98
C PHE B 274 -3.79 5.36 -37.08
N TRP B 275 -4.95 4.83 -36.71
CA TRP B 275 -5.86 4.24 -37.68
C TRP B 275 -6.03 5.15 -38.92
N VAL B 276 -6.46 6.39 -38.68
CA VAL B 276 -6.65 7.34 -39.78
C VAL B 276 -5.31 7.93 -40.23
N GLY B 277 -4.49 8.32 -39.26
CA GLY B 277 -3.19 8.91 -39.57
C GLY B 277 -2.37 8.02 -40.49
N ALA B 278 -2.30 6.73 -40.16
CA ALA B 278 -1.54 5.80 -40.97
C ALA B 278 -2.15 5.69 -42.38
N THR B 279 -3.48 5.77 -42.47
CA THR B 279 -4.12 5.67 -43.78
C THR B 279 -3.72 6.89 -44.59
N LEU B 280 -3.80 8.07 -43.97
CA LEU B 280 -3.42 9.30 -44.63
C LEU B 280 -1.97 9.22 -45.09
N LYS B 281 -1.12 8.60 -44.26
CA LYS B 281 0.28 8.45 -44.60
C LYS B 281 0.43 7.55 -45.83
N LEU B 282 -0.29 6.43 -45.83
CA LEU B 282 -0.23 5.53 -46.97
C LEU B 282 -0.73 6.23 -48.24
N LEU B 283 -1.67 7.15 -48.08
CA LEU B 283 -2.22 7.88 -49.21
C LEU B 283 -1.38 9.13 -49.53
N LYS B 284 -0.20 9.20 -48.91
CA LYS B 284 0.72 10.31 -49.13
C LYS B 284 0.21 11.71 -48.87
N ILE B 285 -0.73 11.89 -47.96
CA ILE B 285 -1.22 13.24 -47.69
C ILE B 285 -1.29 13.55 -46.20
N PHE B 286 -0.68 12.70 -45.36
CA PHE B 286 -0.70 12.95 -43.92
C PHE B 286 0.04 14.25 -43.67
N GLN B 287 0.97 14.54 -44.57
CA GLN B 287 1.79 15.74 -44.51
C GLN B 287 0.96 17.02 -44.55
N TYR B 288 -0.26 16.93 -45.07
CA TYR B 288 -1.11 18.11 -45.18
C TYR B 288 -2.07 18.27 -44.01
N THR B 289 -1.94 17.41 -43.01
CA THR B 289 -2.80 17.48 -41.84
C THR B 289 -2.18 18.48 -40.87
N ASN B 290 -2.90 18.85 -39.83
CA ASN B 290 -2.38 19.78 -38.83
C ASN B 290 -1.69 18.93 -37.76
N PHE B 291 -0.36 19.02 -37.70
CA PHE B 291 0.39 18.23 -36.71
C PHE B 291 0.20 18.67 -35.27
N GLU B 292 0.32 19.97 -35.02
CA GLU B 292 0.23 20.49 -33.67
C GLU B 292 -1.03 20.10 -32.92
N LYS B 293 -2.19 20.33 -33.50
CA LYS B 293 -3.43 19.98 -32.82
C LYS B 293 -3.55 18.49 -32.54
N ASN B 294 -3.06 17.68 -33.47
CA ASN B 294 -3.10 16.24 -33.31
C ASN B 294 -2.19 15.85 -32.13
N ARG B 295 -0.94 16.29 -32.18
CA ARG B 295 0.04 16.00 -31.13
C ARG B 295 -0.48 16.47 -29.78
N ASN B 296 -1.04 17.67 -29.77
CA ASN B 296 -1.59 18.21 -28.53
C ASN B 296 -2.67 17.32 -27.97
N TYR B 297 -3.58 16.86 -28.82
CA TYR B 297 -4.66 15.99 -28.34
C TYR B 297 -4.09 14.69 -27.77
N ILE B 298 -3.25 14.01 -28.56
CA ILE B 298 -2.65 12.76 -28.12
C ILE B 298 -2.02 12.90 -26.75
N LEU B 299 -1.26 13.97 -26.56
CA LEU B 299 -0.62 14.19 -25.27
C LEU B 299 -1.62 14.46 -24.17
N SER B 300 -2.73 15.12 -24.49
CA SER B 300 -3.73 15.40 -23.47
C SER B 300 -4.31 14.12 -22.87
N THR B 301 -4.07 13.00 -23.54
CA THR B 301 -4.59 11.72 -23.06
C THR B 301 -3.50 10.88 -22.42
N GLN B 302 -2.34 11.49 -22.21
CA GLN B 302 -1.19 10.82 -21.62
C GLN B 302 -1.36 10.77 -20.10
N ASP B 303 -1.16 9.59 -19.50
CA ASP B 303 -1.28 9.48 -18.04
C ASP B 303 0.11 9.75 -17.47
N ARG B 304 0.30 10.98 -16.99
CA ARG B 304 1.60 11.40 -16.45
C ARG B 304 2.05 10.66 -15.20
N LEU B 305 1.11 9.96 -14.57
CA LEU B 305 1.41 9.22 -13.34
C LEU B 305 1.83 7.78 -13.61
N VAL B 306 0.93 6.99 -14.21
CA VAL B 306 1.22 5.59 -14.49
C VAL B 306 1.83 5.34 -15.87
N GLY B 307 1.67 6.31 -16.78
CA GLY B 307 2.20 6.15 -18.12
C GLY B 307 1.13 5.65 -19.08
N GLY B 308 1.48 5.53 -20.35
CA GLY B 308 0.51 5.07 -21.34
C GLY B 308 -0.45 6.18 -21.73
N PHE B 309 -1.38 5.88 -22.64
CA PHE B 309 -2.38 6.86 -23.09
C PHE B 309 -3.78 6.26 -23.01
N ALA B 310 -4.78 7.13 -22.95
CA ALA B 310 -6.17 6.70 -22.89
C ALA B 310 -6.84 7.19 -24.16
N LYS B 311 -8.07 6.74 -24.43
CA LYS B 311 -8.74 7.19 -25.64
C LYS B 311 -9.11 8.66 -25.51
N TRP B 312 -9.44 9.07 -24.29
CA TRP B 312 -9.82 10.47 -24.04
C TRP B 312 -9.03 11.01 -22.87
N PRO B 313 -8.91 12.35 -22.79
CA PRO B 313 -8.16 12.94 -21.67
C PRO B 313 -8.90 12.66 -20.37
N ASP B 314 -8.16 12.60 -19.26
CA ASP B 314 -8.75 12.31 -17.96
C ASP B 314 -9.56 11.03 -18.10
N SER B 315 -8.87 9.95 -18.47
CA SER B 315 -9.48 8.65 -18.65
C SER B 315 -8.37 7.63 -18.41
N HIS B 316 -8.71 6.42 -17.98
CA HIS B 316 -7.68 5.42 -17.70
C HIS B 316 -7.00 4.89 -18.94
N PRO B 317 -5.67 4.78 -18.89
CA PRO B 317 -4.87 4.28 -20.01
C PRO B 317 -4.90 2.77 -20.15
N ASP B 318 -4.53 2.27 -21.32
CA ASP B 318 -4.47 0.85 -21.58
C ASP B 318 -3.41 0.56 -22.63
N ALA B 319 -3.05 -0.71 -22.80
CA ALA B 319 -2.04 -1.09 -23.76
C ALA B 319 -2.35 -0.62 -25.17
N LEU B 320 -3.61 -0.79 -25.60
CA LEU B 320 -4.01 -0.41 -26.95
C LEU B 320 -3.79 1.07 -27.23
N HIS B 321 -4.33 1.93 -26.39
CA HIS B 321 -4.16 3.36 -26.63
C HIS B 321 -2.74 3.85 -26.34
N ALA B 322 -2.04 3.13 -25.46
CA ALA B 322 -0.67 3.50 -25.17
C ALA B 322 0.13 3.25 -26.46
N TYR B 323 -0.07 2.08 -27.05
CA TYR B 323 0.63 1.74 -28.28
C TYR B 323 0.23 2.64 -29.45
N PHE B 324 -1.07 2.75 -29.72
CA PHE B 324 -1.49 3.57 -30.85
C PHE B 324 -1.26 5.06 -30.65
N GLY B 325 -1.26 5.52 -29.41
CA GLY B 325 -0.99 6.94 -29.19
C GLY B 325 0.46 7.20 -29.57
N ILE B 326 1.33 6.27 -29.20
CA ILE B 326 2.74 6.39 -29.51
C ILE B 326 2.94 6.30 -31.02
N CYS B 327 2.29 5.35 -31.67
CA CYS B 327 2.42 5.23 -33.12
C CYS B 327 1.89 6.50 -33.81
N GLY B 328 0.86 7.10 -33.21
CA GLY B 328 0.31 8.32 -33.77
C GLY B 328 1.34 9.43 -33.71
N LEU B 329 2.05 9.50 -32.59
CA LEU B 329 3.11 10.49 -32.40
C LEU B 329 4.21 10.19 -33.42
N SER B 330 4.51 8.91 -33.58
CA SER B 330 5.52 8.44 -34.50
C SER B 330 5.27 8.96 -35.91
N LEU B 331 4.03 8.85 -36.37
CA LEU B 331 3.67 9.33 -37.70
C LEU B 331 4.19 10.75 -37.95
N MET B 332 4.27 11.56 -36.90
CA MET B 332 4.76 12.94 -37.00
C MET B 332 6.22 13.10 -36.55
N GLU B 333 6.93 11.98 -36.48
CA GLU B 333 8.33 11.93 -36.08
C GLU B 333 8.68 12.58 -34.75
N GLU B 334 8.02 12.10 -33.70
CA GLU B 334 8.20 12.56 -32.33
C GLU B 334 9.67 12.37 -31.95
N SER B 335 10.22 13.31 -31.20
CA SER B 335 11.60 13.19 -30.78
C SER B 335 11.67 12.04 -29.79
N GLY B 336 12.35 10.96 -30.17
CA GLY B 336 12.47 9.82 -29.28
C GLY B 336 11.64 8.60 -29.65
N ILE B 337 10.99 8.61 -30.81
CA ILE B 337 10.17 7.48 -31.25
C ILE B 337 10.47 7.03 -32.67
N CYS B 338 10.74 5.73 -32.83
CA CYS B 338 11.04 5.19 -34.15
C CYS B 338 9.89 5.41 -35.14
N LYS B 339 10.22 5.47 -36.43
CA LYS B 339 9.20 5.64 -37.47
C LYS B 339 8.44 4.33 -37.60
N VAL B 340 7.12 4.41 -37.49
CA VAL B 340 6.30 3.21 -37.62
C VAL B 340 5.95 2.99 -39.09
N HIS B 341 5.98 1.73 -39.51
CA HIS B 341 5.64 1.36 -40.86
C HIS B 341 4.10 1.38 -40.87
N PRO B 342 3.49 2.42 -41.47
CA PRO B 342 2.04 2.60 -41.55
C PRO B 342 1.18 1.47 -42.09
N ALA B 343 1.75 0.54 -42.82
CA ALA B 343 0.91 -0.53 -43.35
C ALA B 343 1.10 -1.84 -42.62
N LEU B 344 2.31 -2.09 -42.12
CA LEU B 344 2.61 -3.33 -41.42
C LEU B 344 2.43 -3.28 -39.91
N ASN B 345 2.36 -2.06 -39.37
CA ASN B 345 2.17 -1.83 -37.95
C ASN B 345 3.29 -2.34 -37.06
N VAL B 346 4.52 -2.13 -37.52
CA VAL B 346 5.72 -2.49 -36.79
C VAL B 346 6.65 -1.31 -37.05
N SER B 347 7.73 -1.20 -36.30
CA SER B 347 8.65 -0.09 -36.53
C SER B 347 9.32 -0.32 -37.88
N THR B 348 9.72 0.76 -38.55
CA THR B 348 10.38 0.62 -39.84
C THR B 348 11.63 -0.25 -39.65
N ARG B 349 12.32 -0.04 -38.54
CA ARG B 349 13.49 -0.84 -38.21
C ARG B 349 13.15 -2.32 -38.32
N THR B 350 12.02 -2.72 -37.76
CA THR B 350 11.58 -4.10 -37.79
C THR B 350 11.12 -4.52 -39.18
N SER B 351 10.48 -3.61 -39.90
CA SER B 351 10.00 -3.93 -41.25
C SER B 351 11.20 -4.25 -42.12
N GLU B 352 12.31 -3.59 -41.80
CA GLU B 352 13.57 -3.78 -42.52
C GLU B 352 14.18 -5.12 -42.16
N ARG B 353 14.28 -5.42 -40.86
CA ARG B 353 14.84 -6.69 -40.44
C ARG B 353 14.06 -7.80 -41.13
N LEU B 354 12.79 -7.53 -41.42
CA LEU B 354 11.94 -8.50 -42.11
C LEU B 354 12.36 -8.61 -43.58
N ARG B 355 12.69 -7.48 -44.21
CA ARG B 355 13.13 -7.50 -45.60
C ARG B 355 14.35 -8.41 -45.70
N ASP B 356 15.29 -8.22 -44.77
CA ASP B 356 16.50 -9.04 -44.74
C ASP B 356 16.14 -10.49 -44.56
N LEU B 357 15.24 -10.75 -43.62
CA LEU B 357 14.80 -12.10 -43.32
C LEU B 357 14.28 -12.78 -44.59
N HIS B 358 13.43 -12.08 -45.34
CA HIS B 358 12.88 -12.62 -46.56
C HIS B 358 13.99 -12.94 -47.55
N GLN B 359 14.95 -12.02 -47.70
CA GLN B 359 16.07 -12.25 -48.62
C GLN B 359 16.74 -13.55 -48.24
N SER B 360 17.10 -13.67 -46.96
CA SER B 360 17.74 -14.88 -46.43
C SER B 360 17.10 -16.13 -47.01
N TRP B 361 15.79 -16.26 -46.78
CA TRP B 361 15.06 -17.43 -47.27
C TRP B 361 15.31 -17.67 -48.76
N LYS B 362 15.18 -16.60 -49.56
CA LYS B 362 15.38 -16.68 -51.01
C LYS B 362 16.83 -17.03 -51.37
N THR B 363 17.16 -18.32 -51.26
CA THR B 363 18.49 -18.82 -51.59
C THR B 363 18.39 -20.33 -51.90
N PHE C 55 40.95 -10.90 60.00
CA PHE C 55 41.86 -11.97 60.50
C PHE C 55 41.25 -13.37 60.42
N LEU C 56 40.59 -13.80 61.51
CA LEU C 56 39.98 -15.13 61.56
C LEU C 56 38.72 -15.25 60.69
N SER C 57 38.84 -15.93 59.56
CA SER C 57 37.72 -16.11 58.63
C SER C 57 36.58 -16.97 59.18
N LEU C 58 35.39 -16.83 58.58
CA LEU C 58 34.21 -17.58 59.02
C LEU C 58 34.21 -19.07 58.66
N ASP C 59 35.18 -19.47 57.85
CA ASP C 59 35.30 -20.86 57.41
C ASP C 59 36.59 -21.50 57.93
N SER C 60 37.44 -20.68 58.53
CA SER C 60 38.69 -21.15 59.09
C SER C 60 38.44 -22.30 60.05
N PRO C 61 39.29 -23.33 59.99
CA PRO C 61 39.11 -24.48 60.88
C PRO C 61 39.13 -24.01 62.34
N THR C 62 39.94 -22.99 62.60
CA THR C 62 40.09 -22.42 63.95
C THR C 62 39.14 -21.28 64.31
N TYR C 63 38.06 -21.13 63.57
CA TYR C 63 37.10 -20.08 63.85
C TYR C 63 36.40 -20.32 65.17
N VAL C 64 36.24 -19.26 65.94
CA VAL C 64 35.60 -19.37 67.25
C VAL C 64 34.41 -18.42 67.33
N LEU C 65 33.32 -18.90 67.93
CA LEU C 65 32.15 -18.07 68.08
C LEU C 65 32.54 -16.89 68.96
N TYR C 66 31.91 -15.74 68.74
CA TYR C 66 32.19 -14.55 69.52
C TYR C 66 31.84 -14.77 70.98
N ARG C 67 30.91 -15.67 71.22
CA ARG C 67 30.47 -15.99 72.57
C ARG C 67 31.63 -16.66 73.34
N ASP C 68 32.56 -17.25 72.60
CA ASP C 68 33.71 -17.94 73.19
C ASP C 68 35.01 -17.18 73.01
N ARG C 69 34.91 -15.88 72.76
CA ARG C 69 36.11 -15.07 72.57
C ARG C 69 36.30 -14.20 73.80
N ALA C 70 37.50 -14.29 74.38
CA ALA C 70 37.84 -13.52 75.57
C ALA C 70 37.71 -12.03 75.34
N GLU C 71 38.15 -11.55 74.19
CA GLU C 71 38.08 -10.12 73.85
C GLU C 71 36.66 -9.60 73.87
N TRP C 72 35.68 -10.50 73.84
CA TRP C 72 34.28 -10.10 73.83
C TRP C 72 33.50 -10.51 75.06
N ALA C 73 34.20 -10.95 76.09
CA ALA C 73 33.56 -11.39 77.32
C ALA C 73 32.79 -10.29 78.07
N ASP C 74 33.20 -9.04 77.89
CA ASP C 74 32.57 -7.91 78.57
C ASP C 74 31.26 -7.47 77.94
N ILE C 75 31.04 -7.88 76.70
CA ILE C 75 29.82 -7.52 75.97
C ILE C 75 28.72 -8.57 76.05
N ASP C 76 27.51 -8.12 76.34
CA ASP C 76 26.36 -9.01 76.40
C ASP C 76 25.67 -9.00 75.04
N PRO C 77 25.64 -10.16 74.36
CA PRO C 77 24.99 -10.22 73.05
C PRO C 77 23.51 -9.83 73.13
N VAL C 78 23.04 -9.15 72.08
CA VAL C 78 21.65 -8.72 72.00
C VAL C 78 20.93 -9.54 70.93
N PRO C 79 19.89 -10.27 71.33
CA PRO C 79 19.14 -11.09 70.39
C PRO C 79 18.06 -10.33 69.64
N GLN C 80 17.69 -10.88 68.49
CA GLN C 80 16.63 -10.30 67.67
C GLN C 80 15.37 -11.03 68.11
N ASN C 81 14.24 -10.35 68.15
CA ASN C 81 12.99 -11.01 68.52
C ASN C 81 11.77 -10.43 67.83
N ASP C 82 11.09 -11.29 67.07
CA ASP C 82 9.92 -10.89 66.32
C ASP C 82 8.61 -11.12 67.08
N GLY C 83 8.68 -11.07 68.41
CA GLY C 83 7.46 -11.28 69.18
C GLY C 83 6.87 -12.68 69.14
N PRO C 84 5.67 -12.86 69.71
CA PRO C 84 4.94 -14.13 69.77
C PRO C 84 4.71 -14.88 68.46
N SER C 85 4.34 -14.14 67.41
CA SER C 85 4.06 -14.78 66.13
C SER C 85 4.87 -14.16 65.01
N PRO C 86 6.11 -14.60 64.85
CA PRO C 86 6.99 -14.07 63.80
C PRO C 86 6.51 -14.32 62.35
N VAL C 87 6.67 -13.29 61.52
CA VAL C 87 6.28 -13.35 60.11
C VAL C 87 7.51 -13.33 59.20
N VAL C 88 7.48 -14.13 58.14
CA VAL C 88 8.60 -14.20 57.21
C VAL C 88 9.92 -14.30 57.99
N GLN C 89 9.94 -15.22 58.95
CA GLN C 89 11.09 -15.45 59.80
C GLN C 89 12.15 -16.37 59.16
N ILE C 90 13.37 -15.85 59.05
CA ILE C 90 14.47 -16.59 58.46
C ILE C 90 15.20 -17.39 59.55
N ILE C 91 15.49 -18.66 59.30
CA ILE C 91 16.19 -19.46 60.30
C ILE C 91 17.69 -19.26 60.14
N TYR C 92 18.37 -19.03 61.27
CA TYR C 92 19.81 -18.79 61.25
C TYR C 92 20.63 -19.85 62.00
N SER C 93 21.83 -20.12 61.47
CA SER C 93 22.72 -21.08 62.07
C SER C 93 23.29 -20.50 63.36
N GLU C 94 23.99 -21.34 64.13
CA GLU C 94 24.60 -20.90 65.37
C GLU C 94 25.61 -19.78 65.07
N LYS C 95 26.48 -20.01 64.08
CA LYS C 95 27.49 -19.03 63.70
C LYS C 95 26.86 -17.70 63.32
N PHE C 96 25.90 -17.75 62.42
CA PHE C 96 25.20 -16.55 61.93
C PHE C 96 24.61 -15.76 63.09
N ARG C 97 23.72 -16.40 63.83
CA ARG C 97 23.08 -15.73 64.95
C ARG C 97 24.12 -15.19 65.94
N ASP C 98 25.24 -15.88 66.08
CA ASP C 98 26.28 -15.45 66.99
C ASP C 98 26.88 -14.12 66.56
N VAL C 99 27.34 -14.07 65.31
CA VAL C 99 27.93 -12.85 64.79
C VAL C 99 26.99 -11.66 64.93
N TYR C 100 25.73 -11.85 64.55
CA TYR C 100 24.77 -10.76 64.63
C TYR C 100 24.29 -10.41 66.02
N ASP C 101 24.30 -11.36 66.94
CA ASP C 101 23.87 -11.05 68.30
C ASP C 101 24.88 -10.08 68.89
N TYR C 102 26.14 -10.21 68.48
CA TYR C 102 27.18 -9.33 68.97
C TYR C 102 27.18 -8.03 68.20
N PHE C 103 26.84 -8.09 66.91
CA PHE C 103 26.76 -6.87 66.13
C PHE C 103 25.70 -5.97 66.77
N ARG C 104 24.52 -6.53 67.09
CA ARG C 104 23.45 -5.75 67.71
C ARG C 104 23.95 -5.10 68.99
N ALA C 105 24.71 -5.86 69.77
CA ALA C 105 25.27 -5.36 71.02
C ALA C 105 26.15 -4.15 70.78
N VAL C 106 27.16 -4.31 69.95
CA VAL C 106 28.08 -3.22 69.64
C VAL C 106 27.35 -2.02 69.04
N LEU C 107 26.45 -2.30 68.10
CA LEU C 107 25.67 -1.28 67.42
C LEU C 107 24.83 -0.48 68.41
N GLN C 108 24.15 -1.19 69.28
CA GLN C 108 23.30 -0.58 70.29
C GLN C 108 24.06 0.35 71.21
N ARG C 109 25.34 0.09 71.42
CA ARG C 109 26.17 0.90 72.30
C ARG C 109 27.02 1.88 71.52
N ASP C 110 26.82 1.92 70.22
CA ASP C 110 27.59 2.80 69.35
C ASP C 110 29.08 2.74 69.72
N GLU C 111 29.57 1.53 69.96
CA GLU C 111 30.97 1.34 70.31
C GLU C 111 31.91 1.52 69.12
N ARG C 112 32.62 2.64 69.08
CA ARG C 112 33.55 2.91 67.98
C ARG C 112 34.89 2.21 68.20
N SER C 113 34.86 0.91 68.47
CA SER C 113 36.08 0.15 68.73
C SER C 113 36.70 -0.51 67.51
N GLU C 114 37.90 -1.02 67.70
CA GLU C 114 38.62 -1.70 66.64
C GLU C 114 38.06 -3.10 66.50
N ARG C 115 37.57 -3.65 67.60
CA ARG C 115 37.02 -4.99 67.56
C ARG C 115 35.69 -4.96 66.82
N ALA C 116 34.98 -3.84 66.95
CA ALA C 116 33.69 -3.66 66.28
C ALA C 116 33.97 -3.63 64.78
N PHE C 117 34.97 -2.86 64.38
CA PHE C 117 35.32 -2.76 62.98
C PHE C 117 35.54 -4.14 62.38
N LYS C 118 36.25 -5.00 63.12
CA LYS C 118 36.53 -6.35 62.66
C LYS C 118 35.26 -7.18 62.61
N LEU C 119 34.37 -6.93 63.56
CA LEU C 119 33.11 -7.65 63.61
C LEU C 119 32.29 -7.39 62.36
N THR C 120 32.33 -6.15 61.86
CA THR C 120 31.55 -5.82 60.67
C THR C 120 31.97 -6.64 59.47
N ARG C 121 33.26 -6.95 59.38
CA ARG C 121 33.74 -7.74 58.26
C ARG C 121 33.01 -9.09 58.20
N ASP C 122 32.77 -9.68 59.37
CA ASP C 122 32.09 -10.95 59.46
C ASP C 122 30.61 -10.80 59.19
N ALA C 123 30.02 -9.72 59.69
CA ALA C 123 28.60 -9.46 59.49
C ALA C 123 28.37 -9.28 57.99
N ILE C 124 29.29 -8.58 57.33
CA ILE C 124 29.17 -8.34 55.91
C ILE C 124 29.33 -9.64 55.14
N GLU C 125 30.22 -10.52 55.59
CA GLU C 125 30.41 -11.76 54.87
C GLU C 125 29.14 -12.59 54.96
N LEU C 126 28.46 -12.52 56.11
CA LEU C 126 27.24 -13.27 56.31
C LEU C 126 26.06 -12.69 55.53
N ASN C 127 26.08 -11.38 55.32
CA ASN C 127 24.99 -10.72 54.61
C ASN C 127 25.36 -9.30 54.18
N ALA C 128 25.96 -9.17 53.00
CA ALA C 128 26.37 -7.87 52.49
C ALA C 128 25.22 -6.95 52.12
N ALA C 129 23.99 -7.43 52.29
CA ALA C 129 22.83 -6.63 51.93
C ALA C 129 22.30 -5.86 53.14
N ASN C 130 22.92 -6.06 54.29
CA ASN C 130 22.50 -5.36 55.48
C ASN C 130 23.10 -3.96 55.46
N TYR C 131 22.31 -3.01 54.96
CA TYR C 131 22.74 -1.61 54.84
C TYR C 131 23.17 -0.95 56.14
N THR C 132 22.61 -1.37 57.26
CA THR C 132 22.98 -0.79 58.54
C THR C 132 24.43 -1.14 58.87
N VAL C 133 24.80 -2.40 58.64
CA VAL C 133 26.16 -2.84 58.91
C VAL C 133 27.15 -1.95 58.14
N TRP C 134 26.88 -1.72 56.86
CA TRP C 134 27.76 -0.88 56.05
C TRP C 134 27.84 0.55 56.56
N HIS C 135 26.73 1.08 57.04
CA HIS C 135 26.74 2.45 57.56
C HIS C 135 27.65 2.53 58.78
N PHE C 136 27.43 1.60 59.71
CA PHE C 136 28.23 1.55 60.93
C PHE C 136 29.70 1.37 60.58
N ARG C 137 29.97 0.52 59.58
CA ARG C 137 31.35 0.30 59.19
C ARG C 137 31.94 1.64 58.73
N ARG C 138 31.14 2.43 58.01
CA ARG C 138 31.62 3.72 57.54
C ARG C 138 31.85 4.66 58.72
N VAL C 139 30.99 4.59 59.72
CA VAL C 139 31.15 5.41 60.91
C VAL C 139 32.51 5.05 61.52
N LEU C 140 32.77 3.75 61.69
CA LEU C 140 34.03 3.29 62.25
C LEU C 140 35.21 3.68 61.37
N LEU C 141 35.05 3.57 60.05
CA LEU C 141 36.13 3.94 59.15
C LEU C 141 36.65 5.34 59.49
N ARG C 142 35.74 6.24 59.83
CA ARG C 142 36.10 7.61 60.18
C ARG C 142 36.65 7.68 61.60
N SER C 143 35.87 7.22 62.58
CA SER C 143 36.30 7.23 63.97
C SER C 143 37.71 6.69 64.13
N LEU C 144 37.94 5.47 63.65
CA LEU C 144 39.25 4.85 63.77
C LEU C 144 40.25 5.34 62.72
N GLN C 145 39.85 6.32 61.93
CA GLN C 145 40.70 6.88 60.89
C GLN C 145 41.46 5.80 60.12
N LYS C 146 40.72 4.81 59.60
CA LYS C 146 41.31 3.70 58.87
C LYS C 146 41.81 4.13 57.51
N ASP C 147 42.73 3.34 56.94
CA ASP C 147 43.28 3.64 55.64
C ASP C 147 42.24 3.38 54.57
N LEU C 148 41.74 4.44 53.95
CA LEU C 148 40.72 4.30 52.93
C LEU C 148 41.19 3.58 51.69
N GLN C 149 42.46 3.72 51.34
CA GLN C 149 42.97 3.05 50.15
C GLN C 149 42.89 1.55 50.35
N GLU C 150 42.94 1.13 51.61
CA GLU C 150 42.86 -0.28 51.98
C GLU C 150 41.40 -0.71 51.80
N GLU C 151 40.46 0.11 52.29
CA GLU C 151 39.03 -0.17 52.18
C GLU C 151 38.65 -0.30 50.70
N MET C 152 39.27 0.50 49.84
CA MET C 152 38.99 0.43 48.41
C MET C 152 39.25 -0.97 47.88
N ASN C 153 40.32 -1.61 48.34
CA ASN C 153 40.63 -2.94 47.89
C ASN C 153 39.56 -3.89 48.38
N TYR C 154 39.19 -3.72 49.64
CA TYR C 154 38.15 -4.54 50.25
C TYR C 154 36.88 -4.51 49.43
N ILE C 155 36.34 -3.31 49.23
CA ILE C 155 35.10 -3.17 48.50
C ILE C 155 35.25 -3.66 47.06
N ILE C 156 36.42 -3.47 46.47
CA ILE C 156 36.62 -3.93 45.10
C ILE C 156 36.40 -5.45 45.00
N ALA C 157 36.87 -6.18 46.01
CA ALA C 157 36.71 -7.61 46.02
C ALA C 157 35.24 -7.96 46.22
N ILE C 158 34.63 -7.35 47.23
CA ILE C 158 33.22 -7.59 47.55
C ILE C 158 32.30 -7.39 46.35
N ILE C 159 32.45 -6.25 45.68
CA ILE C 159 31.62 -5.96 44.52
C ILE C 159 31.78 -7.01 43.43
N GLU C 160 33.00 -7.49 43.20
CA GLU C 160 33.23 -8.50 42.18
C GLU C 160 32.41 -9.75 42.48
N GLU C 161 32.31 -10.08 43.76
CA GLU C 161 31.56 -11.25 44.19
C GLU C 161 30.06 -11.01 44.16
N GLN C 162 29.64 -9.77 44.39
CA GLN C 162 28.22 -9.42 44.41
C GLN C 162 27.94 -8.14 43.63
N PRO C 163 28.15 -8.18 42.32
CA PRO C 163 27.95 -7.03 41.43
C PRO C 163 26.53 -6.49 41.29
N LYS C 164 25.55 -7.15 41.89
CA LYS C 164 24.16 -6.68 41.77
C LYS C 164 23.60 -6.25 43.12
N ASN C 165 24.50 -5.99 44.07
CA ASN C 165 24.15 -5.58 45.42
C ASN C 165 24.16 -4.05 45.50
N TYR C 166 23.05 -3.45 45.92
CA TYR C 166 22.96 -1.99 46.02
C TYR C 166 23.89 -1.38 47.05
N GLN C 167 23.95 -1.98 48.23
CA GLN C 167 24.80 -1.45 49.29
C GLN C 167 26.28 -1.35 48.96
N VAL C 168 26.83 -2.37 48.30
CA VAL C 168 28.25 -2.35 47.96
C VAL C 168 28.63 -1.24 46.98
N TRP C 169 27.75 -0.95 46.03
CA TRP C 169 28.05 0.11 45.08
C TRP C 169 27.96 1.46 45.76
N HIS C 170 27.00 1.58 46.68
CA HIS C 170 26.84 2.83 47.40
C HIS C 170 28.10 3.07 48.23
N HIS C 171 28.54 2.02 48.93
CA HIS C 171 29.73 2.12 49.75
C HIS C 171 30.93 2.59 48.92
N ARG C 172 31.16 1.97 47.77
CA ARG C 172 32.28 2.37 46.95
C ARG C 172 32.18 3.82 46.53
N ARG C 173 30.95 4.28 46.26
CA ARG C 173 30.77 5.66 45.83
C ARG C 173 31.13 6.65 46.94
N VAL C 174 30.76 6.30 48.17
CA VAL C 174 31.08 7.17 49.30
C VAL C 174 32.60 7.26 49.46
N LEU C 175 33.27 6.13 49.34
CA LEU C 175 34.73 6.08 49.48
C LEU C 175 35.38 6.97 48.45
N VAL C 176 34.95 6.85 47.20
CA VAL C 176 35.54 7.67 46.14
C VAL C 176 35.30 9.15 46.41
N GLU C 177 34.16 9.49 47.00
CA GLU C 177 33.88 10.88 47.31
C GLU C 177 34.85 11.34 48.39
N TRP C 178 35.05 10.50 49.40
CA TRP C 178 35.96 10.81 50.47
C TRP C 178 37.37 11.03 49.96
N LEU C 179 37.88 10.10 49.18
CA LEU C 179 39.23 10.21 48.65
C LEU C 179 39.36 11.22 47.55
N LYS C 180 38.26 11.60 46.93
CA LYS C 180 38.30 12.54 45.81
C LYS C 180 39.29 11.96 44.79
N ASP C 181 39.37 10.63 44.74
CA ASP C 181 40.27 9.93 43.84
C ASP C 181 39.51 8.99 42.90
N PRO C 182 39.31 9.40 41.65
CA PRO C 182 38.59 8.52 40.71
C PRO C 182 39.53 7.72 39.83
N SER C 183 40.82 7.83 40.10
CA SER C 183 41.85 7.18 39.31
C SER C 183 41.67 5.71 38.91
N GLN C 184 41.07 4.90 39.77
CA GLN C 184 40.90 3.49 39.42
C GLN C 184 39.48 3.09 39.06
N GLU C 185 38.57 4.06 39.02
CA GLU C 185 37.16 3.79 38.72
C GLU C 185 36.84 3.26 37.33
N LEU C 186 37.20 4.00 36.29
CA LEU C 186 36.88 3.57 34.93
C LEU C 186 37.35 2.16 34.59
N GLU C 187 38.53 1.77 35.08
CA GLU C 187 39.07 0.45 34.79
C GLU C 187 38.30 -0.61 35.56
N PHE C 188 38.00 -0.33 36.83
CA PHE C 188 37.26 -1.26 37.68
C PHE C 188 35.91 -1.56 37.06
N ILE C 189 35.18 -0.51 36.72
CA ILE C 189 33.87 -0.65 36.10
C ILE C 189 33.96 -1.47 34.82
N ALA C 190 34.98 -1.19 34.01
CA ALA C 190 35.16 -1.95 32.77
C ALA C 190 35.29 -3.45 33.07
N ASP C 191 35.93 -3.79 34.18
CA ASP C 191 36.09 -5.19 34.54
C ASP C 191 34.75 -5.78 34.92
N ILE C 192 33.98 -5.07 35.73
CA ILE C 192 32.67 -5.54 36.14
C ILE C 192 31.79 -5.67 34.90
N LEU C 193 31.87 -4.68 34.02
CA LEU C 193 31.08 -4.71 32.81
C LEU C 193 31.50 -5.88 31.92
N ASN C 194 32.54 -6.58 32.32
CA ASN C 194 32.97 -7.72 31.53
C ASN C 194 32.21 -8.97 31.89
N GLN C 195 31.75 -9.07 33.12
CA GLN C 195 30.99 -10.25 33.48
C GLN C 195 29.49 -9.98 33.22
N ASP C 196 29.18 -8.74 32.84
CA ASP C 196 27.80 -8.33 32.52
C ASP C 196 27.81 -6.93 31.94
N ALA C 197 27.89 -6.84 30.61
CA ALA C 197 27.93 -5.56 29.95
C ALA C 197 26.68 -4.71 30.10
N LYS C 198 25.68 -5.22 30.80
CA LYS C 198 24.44 -4.46 30.97
C LYS C 198 24.07 -4.20 32.44
N ASN C 199 24.99 -4.54 33.33
CA ASN C 199 24.79 -4.35 34.76
C ASN C 199 24.41 -2.89 35.02
N TYR C 200 23.15 -2.66 35.37
CA TYR C 200 22.69 -1.29 35.60
C TYR C 200 23.53 -0.57 36.65
N HIS C 201 23.88 -1.27 37.73
CA HIS C 201 24.67 -0.68 38.81
C HIS C 201 26.01 -0.13 38.30
N ALA C 202 26.67 -0.90 37.45
CA ALA C 202 27.96 -0.52 36.90
C ALA C 202 27.85 0.73 36.05
N TRP C 203 26.89 0.76 35.14
CA TRP C 203 26.71 1.92 34.29
C TRP C 203 26.34 3.15 35.11
N GLN C 204 25.56 2.94 36.16
CA GLN C 204 25.15 4.06 37.00
C GLN C 204 26.39 4.66 37.67
N HIS C 205 27.20 3.79 38.25
CA HIS C 205 28.41 4.23 38.92
C HIS C 205 29.33 4.90 37.91
N ARG C 206 29.41 4.34 36.71
CA ARG C 206 30.29 4.90 35.70
C ARG C 206 29.88 6.32 35.33
N GLN C 207 28.58 6.56 35.15
CA GLN C 207 28.15 7.90 34.80
C GLN C 207 28.42 8.86 35.94
N TRP C 208 28.26 8.40 37.17
CA TRP C 208 28.51 9.26 38.31
C TRP C 208 29.97 9.72 38.33
N VAL C 209 30.89 8.76 38.20
CA VAL C 209 32.31 9.09 38.22
C VAL C 209 32.65 10.07 37.12
N ILE C 210 32.32 9.70 35.88
CA ILE C 210 32.60 10.56 34.74
C ILE C 210 32.07 11.97 34.90
N GLN C 211 30.85 12.10 35.42
CA GLN C 211 30.27 13.42 35.61
C GLN C 211 30.94 14.19 36.73
N GLU C 212 31.05 13.54 37.88
CA GLU C 212 31.64 14.13 39.08
C GLU C 212 33.08 14.60 38.93
N PHE C 213 33.89 13.84 38.20
CA PHE C 213 35.30 14.22 38.04
C PHE C 213 35.64 14.61 36.62
N ARG C 214 34.62 14.96 35.85
CA ARG C 214 34.79 15.38 34.45
C ARG C 214 35.80 14.52 33.69
N LEU C 215 35.48 13.25 33.50
CA LEU C 215 36.36 12.32 32.81
C LEU C 215 35.76 11.90 31.48
N TRP C 216 35.43 12.87 30.63
CA TRP C 216 34.82 12.55 29.35
C TRP C 216 35.81 12.18 28.24
N ASP C 217 37.03 12.69 28.35
CA ASP C 217 38.08 12.48 27.36
C ASP C 217 38.13 11.15 26.62
N ASN C 218 37.93 10.04 27.32
CA ASN C 218 38.02 8.74 26.65
C ASN C 218 36.77 7.91 26.58
N GLU C 219 35.65 8.41 27.08
CA GLU C 219 34.44 7.60 27.05
C GLU C 219 33.88 7.32 25.66
N LEU C 220 33.83 8.32 24.80
CA LEU C 220 33.30 8.10 23.47
C LEU C 220 34.03 6.98 22.76
N GLN C 221 35.32 6.83 23.06
CA GLN C 221 36.12 5.78 22.45
C GLN C 221 35.75 4.43 23.08
N TYR C 222 35.58 4.43 24.40
CA TYR C 222 35.21 3.21 25.12
C TYR C 222 33.90 2.71 24.55
N VAL C 223 32.98 3.65 24.30
CA VAL C 223 31.68 3.33 23.74
C VAL C 223 31.86 2.67 22.38
N ASP C 224 32.63 3.31 21.50
CA ASP C 224 32.89 2.78 20.16
C ASP C 224 33.39 1.36 20.19
N GLN C 225 34.23 1.08 21.18
CA GLN C 225 34.81 -0.25 21.34
C GLN C 225 33.79 -1.28 21.80
N LEU C 226 32.95 -0.91 22.77
CA LEU C 226 31.92 -1.83 23.27
C LEU C 226 30.83 -2.07 22.25
N LEU C 227 30.50 -1.05 21.46
CA LEU C 227 29.49 -1.23 20.44
C LEU C 227 29.97 -2.22 19.38
N LYS C 228 31.28 -2.37 19.25
CA LYS C 228 31.81 -3.32 18.29
C LYS C 228 31.68 -4.73 18.85
N GLU C 229 31.79 -4.84 20.17
CA GLU C 229 31.69 -6.15 20.81
C GLU C 229 30.24 -6.66 20.76
N ASP C 230 29.29 -5.73 20.76
CA ASP C 230 27.88 -6.08 20.73
C ASP C 230 27.05 -4.85 20.41
N VAL C 231 26.76 -4.66 19.13
CA VAL C 231 26.00 -3.51 18.68
C VAL C 231 24.58 -3.48 19.23
N ARG C 232 24.16 -4.56 19.89
CA ARG C 232 22.81 -4.61 20.43
C ARG C 232 22.71 -4.22 21.91
N ASN C 233 23.84 -3.88 22.53
CA ASN C 233 23.83 -3.49 23.94
C ASN C 233 23.23 -2.10 24.13
N ASN C 234 21.97 -2.07 24.52
CA ASN C 234 21.24 -0.82 24.72
C ASN C 234 21.92 0.11 25.73
N SER C 235 22.64 -0.46 26.70
CA SER C 235 23.32 0.33 27.70
C SER C 235 24.42 1.19 27.09
N VAL C 236 25.13 0.62 26.12
CA VAL C 236 26.22 1.33 25.45
C VAL C 236 25.70 2.45 24.56
N TRP C 237 24.56 2.23 23.91
CA TRP C 237 23.99 3.28 23.08
C TRP C 237 23.59 4.44 23.98
N ASN C 238 23.09 4.12 25.17
CA ASN C 238 22.70 5.17 26.09
C ASN C 238 23.94 5.92 26.52
N GLN C 239 25.00 5.17 26.83
CA GLN C 239 26.25 5.78 27.25
C GLN C 239 26.77 6.72 26.18
N ARG C 240 26.62 6.33 24.91
CA ARG C 240 27.08 7.16 23.83
C ARG C 240 26.37 8.51 23.88
N HIS C 241 25.05 8.47 23.99
CA HIS C 241 24.27 9.70 24.04
C HIS C 241 24.64 10.54 25.26
N PHE C 242 24.93 9.85 26.37
CA PHE C 242 25.34 10.48 27.61
C PHE C 242 26.60 11.30 27.37
N VAL C 243 27.63 10.67 26.80
CA VAL C 243 28.88 11.36 26.52
C VAL C 243 28.68 12.58 25.61
N ILE C 244 28.16 12.35 24.42
CA ILE C 244 27.97 13.43 23.48
C ILE C 244 27.14 14.60 23.99
N SER C 245 25.98 14.32 24.53
CA SER C 245 25.14 15.41 25.02
C SER C 245 25.77 16.17 26.19
N ASN C 246 26.77 15.57 26.82
CA ASN C 246 27.44 16.22 27.95
C ASN C 246 28.76 16.87 27.54
N THR C 247 29.10 16.80 26.26
CA THR C 247 30.33 17.41 25.78
C THR C 247 30.01 18.39 24.65
N THR C 248 30.10 17.92 23.42
CA THR C 248 29.84 18.77 22.27
C THR C 248 28.36 19.12 22.10
N GLY C 249 27.47 18.19 22.46
CA GLY C 249 26.06 18.44 22.28
C GLY C 249 25.73 18.01 20.86
N TYR C 250 24.47 18.06 20.46
CA TYR C 250 24.11 17.67 19.11
C TYR C 250 23.77 18.83 18.20
N SER C 251 23.92 20.05 18.72
CA SER C 251 23.62 21.25 17.95
C SER C 251 24.64 21.50 16.84
N ASP C 252 25.86 21.03 17.03
CA ASP C 252 26.88 21.20 16.02
C ASP C 252 26.51 20.29 14.85
N ARG C 253 25.99 20.88 13.78
CA ARG C 253 25.58 20.10 12.62
C ARG C 253 26.65 19.12 12.15
N ALA C 254 27.89 19.41 12.49
CA ALA C 254 29.00 18.55 12.11
C ALA C 254 28.89 17.27 12.91
N VAL C 255 28.60 17.41 14.20
CA VAL C 255 28.45 16.27 15.11
C VAL C 255 27.19 15.46 14.80
N LEU C 256 26.06 16.16 14.64
CA LEU C 256 24.79 15.50 14.33
C LEU C 256 24.96 14.61 13.11
N GLU C 257 25.58 15.17 12.07
CA GLU C 257 25.81 14.43 10.84
C GLU C 257 26.68 13.21 11.11
N ARG C 258 27.76 13.41 11.85
CA ARG C 258 28.67 12.31 12.17
C ARG C 258 27.91 11.17 12.85
N GLU C 259 27.04 11.55 13.79
CA GLU C 259 26.26 10.58 14.55
C GLU C 259 25.18 9.90 13.72
N VAL C 260 24.42 10.66 12.94
CA VAL C 260 23.39 10.07 12.11
C VAL C 260 24.05 9.07 11.16
N GLN C 261 25.22 9.46 10.65
CA GLN C 261 25.96 8.64 9.73
C GLN C 261 26.43 7.36 10.42
N TYR C 262 27.01 7.54 11.60
CA TYR C 262 27.52 6.44 12.40
C TYR C 262 26.46 5.40 12.67
N THR C 263 25.27 5.87 13.03
CA THR C 263 24.15 4.99 13.34
C THR C 263 23.67 4.25 12.11
N LEU C 264 23.48 4.97 11.00
CA LEU C 264 23.03 4.33 9.76
C LEU C 264 24.00 3.22 9.39
N GLU C 265 25.28 3.43 9.70
CA GLU C 265 26.29 2.42 9.41
C GLU C 265 26.04 1.17 10.26
N MET C 266 25.76 1.38 11.54
CA MET C 266 25.50 0.29 12.46
C MET C 266 24.21 -0.43 12.06
N ILE C 267 23.20 0.34 11.67
CA ILE C 267 21.93 -0.22 11.26
C ILE C 267 22.15 -1.14 10.04
N LYS C 268 23.02 -0.73 9.13
CA LYS C 268 23.29 -1.56 7.95
C LYS C 268 23.95 -2.88 8.35
N LEU C 269 24.75 -2.87 9.40
CA LEU C 269 25.41 -4.09 9.84
C LEU C 269 24.45 -5.05 10.51
N VAL C 270 23.52 -4.49 11.29
CA VAL C 270 22.50 -5.29 11.98
C VAL C 270 21.23 -4.48 11.94
N PRO C 271 20.50 -4.55 10.82
CA PRO C 271 19.23 -3.83 10.59
C PRO C 271 18.14 -4.01 11.63
N HIS C 272 18.13 -5.16 12.30
CA HIS C 272 17.14 -5.43 13.33
C HIS C 272 17.72 -5.18 14.71
N ASN C 273 17.80 -3.90 15.08
CA ASN C 273 18.36 -3.50 16.36
C ASN C 273 17.64 -2.25 16.87
N GLU C 274 16.68 -2.47 17.75
CA GLU C 274 15.88 -1.38 18.30
C GLU C 274 16.75 -0.25 18.87
N SER C 275 17.82 -0.64 19.56
CA SER C 275 18.72 0.33 20.17
C SER C 275 19.25 1.35 19.19
N ALA C 276 19.81 0.86 18.07
CA ALA C 276 20.36 1.73 17.05
C ALA C 276 19.27 2.66 16.51
N TRP C 277 18.11 2.10 16.21
CA TRP C 277 17.02 2.90 15.69
C TRP C 277 16.53 3.94 16.69
N ASN C 278 16.49 3.57 17.97
CA ASN C 278 16.04 4.50 18.99
C ASN C 278 16.97 5.69 19.13
N TYR C 279 18.27 5.42 19.00
CA TYR C 279 19.29 6.47 19.07
C TYR C 279 19.07 7.42 17.89
N LEU C 280 19.00 6.86 16.69
CA LEU C 280 18.78 7.65 15.49
C LEU C 280 17.57 8.57 15.65
N LYS C 281 16.42 8.01 15.98
CA LYS C 281 15.22 8.81 16.15
C LYS C 281 15.38 9.76 17.33
N GLY C 282 16.08 9.30 18.37
CA GLY C 282 16.26 10.11 19.55
C GLY C 282 16.92 11.44 19.29
N ILE C 283 18.06 11.41 18.60
CA ILE C 283 18.81 12.63 18.34
C ILE C 283 18.19 13.54 17.28
N LEU C 284 17.12 13.08 16.64
CA LEU C 284 16.46 13.87 15.60
C LEU C 284 15.02 14.25 15.88
N GLN C 285 14.33 13.45 16.67
CA GLN C 285 12.91 13.70 16.96
C GLN C 285 12.54 15.10 17.43
N ASP C 286 13.42 15.71 18.21
CA ASP C 286 13.10 17.04 18.71
C ASP C 286 13.42 18.17 17.75
N ARG C 287 14.32 17.93 16.81
CA ARG C 287 14.62 18.97 15.83
C ARG C 287 13.53 18.90 14.75
N GLY C 288 12.88 17.75 14.64
CA GLY C 288 11.82 17.59 13.66
C GLY C 288 12.20 16.61 12.57
N LEU C 289 11.74 15.37 12.67
CA LEU C 289 12.06 14.34 11.68
C LEU C 289 11.79 14.74 10.24
N SER C 290 10.74 15.53 10.01
CA SER C 290 10.41 15.94 8.66
C SER C 290 11.35 17.00 8.07
N ARG C 291 12.18 17.62 8.90
CA ARG C 291 13.10 18.64 8.40
C ARG C 291 14.37 18.07 7.78
N TYR C 292 14.39 16.76 7.54
CA TYR C 292 15.56 16.10 6.96
C TYR C 292 15.23 15.29 5.70
N PRO C 293 14.88 15.99 4.61
CA PRO C 293 14.53 15.37 3.32
C PRO C 293 15.42 14.23 2.85
N ASN C 294 16.74 14.40 2.95
CA ASN C 294 17.65 13.35 2.52
C ASN C 294 17.49 12.07 3.32
N LEU C 295 17.15 12.20 4.60
CA LEU C 295 16.99 11.03 5.44
C LEU C 295 15.83 10.18 4.95
N LEU C 296 14.68 10.82 4.71
CA LEU C 296 13.51 10.09 4.25
C LEU C 296 13.85 9.24 3.02
N ASN C 297 14.54 9.85 2.05
CA ASN C 297 14.91 9.13 0.84
C ASN C 297 15.83 7.97 1.13
N GLN C 298 16.90 8.26 1.86
CA GLN C 298 17.88 7.24 2.20
C GLN C 298 17.28 6.03 2.90
N LEU C 299 16.24 6.25 3.70
CA LEU C 299 15.60 5.16 4.41
C LEU C 299 14.72 4.40 3.43
N LEU C 300 13.92 5.12 2.66
CA LEU C 300 13.05 4.48 1.68
C LEU C 300 13.85 3.52 0.81
N ASP C 301 15.10 3.89 0.53
CA ASP C 301 15.99 3.07 -0.28
C ASP C 301 16.47 1.82 0.45
N LEU C 302 16.60 1.92 1.77
CA LEU C 302 17.03 0.78 2.55
C LEU C 302 15.91 -0.26 2.62
N GLN C 303 14.67 0.23 2.62
CA GLN C 303 13.49 -0.63 2.72
C GLN C 303 13.61 -1.98 2.02
N PRO C 304 13.92 -1.98 0.72
CA PRO C 304 14.05 -3.26 0.00
C PRO C 304 14.95 -4.28 0.70
N SER C 305 16.19 -3.90 0.96
CA SER C 305 17.17 -4.80 1.59
C SER C 305 17.25 -4.84 3.12
N HIS C 306 17.31 -3.68 3.75
CA HIS C 306 17.42 -3.62 5.21
C HIS C 306 16.11 -3.28 5.94
N SER C 307 15.00 -3.88 5.50
CA SER C 307 13.71 -3.64 6.13
C SER C 307 13.57 -4.33 7.49
N SER C 308 12.84 -3.68 8.38
CA SER C 308 12.59 -4.16 9.73
C SER C 308 11.43 -3.34 10.25
N PRO C 309 10.78 -3.80 11.32
CA PRO C 309 9.66 -3.01 11.83
C PRO C 309 10.14 -1.64 12.32
N TYR C 310 11.39 -1.58 12.78
CA TYR C 310 11.97 -0.35 13.28
C TYR C 310 12.04 0.72 12.19
N LEU C 311 12.40 0.28 10.98
CA LEU C 311 12.49 1.19 9.85
C LEU C 311 11.10 1.70 9.48
N ILE C 312 10.17 0.77 9.31
CA ILE C 312 8.79 1.12 8.94
C ILE C 312 8.21 2.13 9.92
N ALA C 313 8.46 1.89 11.20
CA ALA C 313 7.97 2.76 12.27
C ALA C 313 8.56 4.16 12.07
N PHE C 314 9.87 4.22 11.86
CA PHE C 314 10.56 5.48 11.65
C PHE C 314 9.86 6.27 10.55
N LEU C 315 9.59 5.59 9.44
CA LEU C 315 8.91 6.22 8.31
C LEU C 315 7.56 6.80 8.76
N VAL C 316 6.77 5.98 9.47
CA VAL C 316 5.48 6.44 9.96
C VAL C 316 5.68 7.72 10.75
N ASP C 317 6.69 7.72 11.62
CA ASP C 317 6.96 8.89 12.44
C ASP C 317 7.30 10.11 11.59
N ILE C 318 8.12 9.90 10.56
CA ILE C 318 8.49 11.01 9.67
C ILE C 318 7.22 11.58 9.06
N TYR C 319 6.38 10.70 8.52
CA TYR C 319 5.14 11.14 7.91
C TYR C 319 4.28 11.89 8.90
N GLU C 320 4.25 11.43 10.14
CA GLU C 320 3.43 12.13 11.12
C GLU C 320 3.96 13.51 11.42
N ASP C 321 5.28 13.66 11.41
CA ASP C 321 5.87 14.96 11.67
C ASP C 321 5.48 15.89 10.52
N MET C 322 5.39 15.34 9.31
CA MET C 322 5.00 16.14 8.16
C MET C 322 3.57 16.64 8.38
N LEU C 323 2.65 15.72 8.63
CA LEU C 323 1.27 16.08 8.86
C LEU C 323 1.17 17.12 9.98
N GLU C 324 2.05 16.99 10.95
CA GLU C 324 2.07 17.89 12.09
C GLU C 324 2.44 19.31 11.66
N ASN C 325 3.27 19.41 10.64
CA ASN C 325 3.73 20.70 10.15
C ASN C 325 3.06 21.12 8.84
N GLN C 326 1.75 20.94 8.77
CA GLN C 326 0.95 21.29 7.59
C GLN C 326 1.74 21.20 6.28
N CYS C 327 2.13 19.98 5.93
CA CYS C 327 2.89 19.75 4.71
C CYS C 327 2.00 19.79 3.47
N ASP C 328 2.63 19.68 2.31
CA ASP C 328 1.91 19.67 1.03
C ASP C 328 1.47 18.24 0.77
N ASN C 329 0.21 18.06 0.39
CA ASN C 329 -0.36 16.73 0.11
C ASN C 329 -0.81 16.06 1.40
N LYS C 330 -1.30 16.87 2.33
CA LYS C 330 -1.78 16.38 3.62
C LYS C 330 -2.41 15.00 3.45
N GLU C 331 -3.49 14.94 2.67
CA GLU C 331 -4.21 13.70 2.41
C GLU C 331 -3.34 12.60 1.83
N ASP C 332 -2.43 12.96 0.94
CA ASP C 332 -1.57 11.96 0.33
C ASP C 332 -0.60 11.34 1.33
N ILE C 333 0.01 12.17 2.16
CA ILE C 333 0.95 11.71 3.18
C ILE C 333 0.27 10.79 4.19
N LEU C 334 -0.88 11.23 4.71
CA LEU C 334 -1.62 10.44 5.67
C LEU C 334 -1.82 9.02 5.19
N ASN C 335 -2.08 8.84 3.91
CA ASN C 335 -2.29 7.51 3.37
C ASN C 335 -1.02 6.69 3.38
N LYS C 336 0.11 7.35 3.13
CA LYS C 336 1.40 6.65 3.12
C LYS C 336 1.63 6.12 4.52
N ALA C 337 1.23 6.91 5.51
CA ALA C 337 1.39 6.57 6.91
C ALA C 337 0.48 5.39 7.25
N LEU C 338 -0.81 5.55 6.97
CA LEU C 338 -1.80 4.51 7.25
C LEU C 338 -1.39 3.21 6.58
N GLU C 339 -0.93 3.31 5.35
CA GLU C 339 -0.47 2.13 4.62
C GLU C 339 0.60 1.37 5.39
N LEU C 340 1.54 2.10 5.97
CA LEU C 340 2.62 1.50 6.73
C LEU C 340 2.10 0.94 8.05
N CYS C 341 1.24 1.69 8.72
CA CYS C 341 0.69 1.21 9.99
C CYS C 341 0.09 -0.18 9.78
N GLU C 342 -0.68 -0.33 8.69
CA GLU C 342 -1.33 -1.60 8.39
C GLU C 342 -0.30 -2.68 8.04
N ILE C 343 0.77 -2.30 7.36
CA ILE C 343 1.81 -3.25 7.00
C ILE C 343 2.42 -3.81 8.28
N LEU C 344 2.59 -2.93 9.27
CA LEU C 344 3.15 -3.29 10.56
C LEU C 344 2.18 -4.22 11.28
N ALA C 345 0.91 -3.81 11.36
CA ALA C 345 -0.13 -4.61 12.00
C ALA C 345 -0.27 -5.98 11.36
N LYS C 346 -0.51 -5.98 10.06
CA LYS C 346 -0.74 -7.21 9.31
C LYS C 346 0.44 -8.15 9.11
N GLU C 347 1.65 -7.62 8.94
CA GLU C 347 2.79 -8.53 8.70
C GLU C 347 4.16 -8.26 9.31
N LYS C 348 4.53 -6.99 9.48
CA LYS C 348 5.86 -6.68 10.01
C LYS C 348 6.04 -6.65 11.53
N ASP C 349 5.01 -6.25 12.26
CA ASP C 349 5.09 -6.20 13.71
C ASP C 349 3.75 -6.64 14.29
N THR C 350 3.31 -7.82 13.86
CA THR C 350 2.03 -8.40 14.25
C THR C 350 1.67 -8.45 15.74
N ILE C 351 2.65 -8.66 16.62
CA ILE C 351 2.37 -8.72 18.05
C ILE C 351 1.76 -7.41 18.56
N ARG C 352 2.00 -6.32 17.84
CA ARG C 352 1.47 -5.02 18.22
C ARG C 352 0.39 -4.58 17.23
N LYS C 353 -0.22 -5.55 16.57
CA LYS C 353 -1.26 -5.27 15.58
C LYS C 353 -2.32 -4.31 16.06
N GLU C 354 -2.89 -4.58 17.24
CA GLU C 354 -3.94 -3.70 17.77
C GLU C 354 -3.38 -2.32 18.07
N TYR C 355 -2.09 -2.26 18.42
CA TYR C 355 -1.44 -0.99 18.74
C TYR C 355 -1.31 -0.15 17.48
N TRP C 356 -0.78 -0.77 16.43
CA TRP C 356 -0.60 -0.06 15.16
C TRP C 356 -1.93 0.37 14.55
N ARG C 357 -2.93 -0.51 14.63
CA ARG C 357 -4.26 -0.20 14.09
C ARG C 357 -4.79 1.01 14.84
N TYR C 358 -4.45 1.08 16.13
CA TYR C 358 -4.85 2.16 17.01
C TYR C 358 -4.13 3.45 16.60
N ILE C 359 -2.87 3.32 16.23
CA ILE C 359 -2.10 4.48 15.81
C ILE C 359 -2.68 5.00 14.50
N GLY C 360 -3.00 4.06 13.61
CA GLY C 360 -3.58 4.42 12.33
C GLY C 360 -4.85 5.23 12.53
N ARG C 361 -5.78 4.70 13.32
CA ARG C 361 -7.04 5.39 13.59
C ARG C 361 -6.76 6.77 14.16
N SER C 362 -5.72 6.87 14.97
CA SER C 362 -5.36 8.14 15.59
C SER C 362 -4.96 9.16 14.54
N LEU C 363 -4.15 8.73 13.58
CA LEU C 363 -3.70 9.61 12.51
C LEU C 363 -4.89 10.03 11.65
N GLN C 364 -5.77 9.07 11.39
CA GLN C 364 -6.99 9.29 10.62
C GLN C 364 -7.82 10.43 11.17
N SER C 365 -8.24 10.27 12.42
CA SER C 365 -9.07 11.25 13.07
C SER C 365 -8.37 12.55 13.45
N LYS C 366 -7.09 12.68 13.13
CA LYS C 366 -6.42 13.93 13.47
C LYS C 366 -6.05 14.73 12.23
N HIS C 367 -6.01 14.06 11.07
CA HIS C 367 -5.65 14.75 9.83
C HIS C 367 -6.58 14.36 8.67
N SER C 368 -7.81 14.86 8.67
CA SER C 368 -8.75 14.54 7.58
C SER C 368 -9.75 15.66 7.31
N LEU D 18 -0.77 -23.66 29.75
CA LEU D 18 -1.15 -24.47 30.95
C LEU D 18 -2.21 -23.75 31.79
N ASP D 19 -2.53 -24.31 32.95
CA ASP D 19 -3.54 -23.76 33.85
C ASP D 19 -2.97 -23.10 35.10
N PHE D 20 -3.70 -22.14 35.63
CA PHE D 20 -3.29 -21.40 36.82
C PHE D 20 -3.61 -22.18 38.09
N LEU D 21 -2.59 -22.76 38.72
CA LEU D 21 -2.73 -23.53 39.96
C LEU D 21 -2.97 -22.63 41.19
N ARG D 22 -4.10 -21.94 41.24
CA ARG D 22 -4.41 -21.04 42.35
C ARG D 22 -4.11 -21.56 43.76
N ASP D 23 -4.64 -22.72 44.10
CA ASP D 23 -4.42 -23.27 45.44
C ASP D 23 -2.94 -23.45 45.75
N ARG D 24 -2.20 -23.92 44.78
CA ARG D 24 -0.78 -24.15 44.93
C ARG D 24 -0.07 -22.84 45.30
N HIS D 25 -0.53 -21.73 44.74
CA HIS D 25 0.06 -20.44 45.01
C HIS D 25 -0.35 -19.93 46.38
N VAL D 26 -1.57 -20.25 46.80
CA VAL D 26 -2.00 -19.82 48.11
C VAL D 26 -1.07 -20.47 49.14
N ARG D 27 -0.80 -21.77 48.96
CA ARG D 27 0.09 -22.49 49.86
C ARG D 27 1.46 -21.83 49.87
N PHE D 28 1.96 -21.51 48.68
CA PHE D 28 3.27 -20.87 48.54
C PHE D 28 3.34 -19.61 49.39
N PHE D 29 2.36 -18.72 49.24
CA PHE D 29 2.35 -17.48 50.01
C PHE D 29 2.26 -17.75 51.49
N GLN D 30 1.49 -18.76 51.89
CA GLN D 30 1.35 -19.09 53.31
C GLN D 30 2.68 -19.50 53.91
N ARG D 31 3.43 -20.30 53.17
CA ARG D 31 4.72 -20.75 53.64
C ARG D 31 5.69 -19.59 53.79
N CYS D 32 5.59 -18.60 52.90
CA CYS D 32 6.46 -17.43 52.97
C CYS D 32 6.27 -16.68 54.27
N LEU D 33 5.03 -16.57 54.72
CA LEU D 33 4.74 -15.85 55.96
C LEU D 33 5.20 -16.63 57.18
N GLN D 34 5.51 -17.91 57.00
CA GLN D 34 5.92 -18.73 58.13
C GLN D 34 7.41 -18.72 58.40
N VAL D 35 8.16 -19.53 57.68
CA VAL D 35 9.60 -19.59 57.89
C VAL D 35 10.35 -19.67 56.57
N LEU D 36 11.51 -19.02 56.52
CA LEU D 36 12.36 -19.03 55.32
C LEU D 36 13.71 -19.65 55.67
N PRO D 37 14.32 -20.39 54.73
CA PRO D 37 15.63 -21.02 54.99
C PRO D 37 16.76 -19.98 55.01
N GLU D 38 17.75 -20.23 55.86
CA GLU D 38 18.87 -19.30 56.01
C GLU D 38 19.39 -18.75 54.70
N ARG D 39 19.06 -19.40 53.59
CA ARG D 39 19.53 -18.93 52.30
C ARG D 39 18.88 -17.62 51.86
N TYR D 40 17.88 -17.16 52.62
CA TYR D 40 17.23 -15.90 52.28
C TYR D 40 17.63 -14.80 53.25
N SER D 41 18.70 -15.05 54.00
CA SER D 41 19.22 -14.11 54.98
C SER D 41 19.52 -12.74 54.42
N SER D 42 19.75 -12.66 53.12
CA SER D 42 20.05 -11.38 52.50
C SER D 42 18.82 -10.50 52.35
N LEU D 43 17.67 -10.99 52.79
CA LEU D 43 16.43 -10.23 52.72
C LEU D 43 15.99 -9.82 54.12
N GLU D 44 16.80 -10.13 55.12
CA GLU D 44 16.49 -9.81 56.50
C GLU D 44 16.02 -8.38 56.69
N THR D 45 16.77 -7.40 56.16
CA THR D 45 16.38 -6.00 56.33
C THR D 45 15.32 -5.57 55.34
N SER D 46 14.67 -6.53 54.70
CA SER D 46 13.61 -6.23 53.73
C SER D 46 12.44 -7.20 53.94
N ARG D 47 12.45 -7.91 55.06
CA ARG D 47 11.41 -8.88 55.34
C ARG D 47 9.99 -8.34 55.19
N LEU D 48 9.79 -7.07 55.52
CA LEU D 48 8.46 -6.48 55.43
C LEU D 48 7.97 -6.45 53.98
N THR D 49 8.88 -6.30 53.02
CA THR D 49 8.48 -6.29 51.62
C THR D 49 8.14 -7.72 51.17
N ILE D 50 8.75 -8.72 51.81
CA ILE D 50 8.45 -10.11 51.48
C ILE D 50 7.07 -10.40 52.03
N ALA D 51 6.78 -9.85 53.20
CA ALA D 51 5.48 -10.01 53.83
C ALA D 51 4.44 -9.41 52.89
N PHE D 52 4.76 -8.25 52.33
CA PHE D 52 3.86 -7.56 51.39
C PHE D 52 3.55 -8.43 50.16
N PHE D 53 4.58 -9.02 49.56
CA PHE D 53 4.36 -9.86 48.39
C PHE D 53 3.40 -11.00 48.76
N ALA D 54 3.61 -11.61 49.93
CA ALA D 54 2.77 -12.72 50.37
C ALA D 54 1.36 -12.28 50.75
N LEU D 55 1.25 -11.22 51.53
CA LEU D 55 -0.05 -10.73 51.95
C LEU D 55 -0.85 -10.15 50.79
N SER D 56 -0.25 -9.24 50.02
CA SER D 56 -0.94 -8.65 48.86
C SER D 56 -1.22 -9.74 47.83
N GLY D 57 -0.36 -10.75 47.81
CA GLY D 57 -0.52 -11.86 46.90
C GLY D 57 -1.74 -12.68 47.29
N LEU D 58 -1.85 -12.99 48.59
CA LEU D 58 -3.00 -13.75 49.08
C LEU D 58 -4.26 -12.94 48.88
N ASP D 59 -4.14 -11.63 49.07
CA ASP D 59 -5.27 -10.72 48.89
C ASP D 59 -5.73 -10.83 47.43
N MET D 60 -4.78 -10.78 46.50
CA MET D 60 -5.08 -10.86 45.09
C MET D 60 -5.74 -12.19 44.71
N LEU D 61 -5.46 -13.23 45.50
CA LEU D 61 -6.04 -14.54 45.23
C LEU D 61 -7.26 -14.74 46.13
N ASP D 62 -7.58 -13.69 46.88
CA ASP D 62 -8.71 -13.70 47.79
C ASP D 62 -8.64 -14.88 48.77
N SER D 63 -7.55 -14.92 49.55
CA SER D 63 -7.31 -15.97 50.54
C SER D 63 -6.71 -15.40 51.82
N LEU D 64 -6.99 -14.14 52.12
CA LEU D 64 -6.45 -13.56 53.34
C LEU D 64 -6.97 -14.23 54.60
N ASP D 65 -7.98 -15.07 54.48
CA ASP D 65 -8.51 -15.73 55.67
C ASP D 65 -7.61 -16.85 56.17
N VAL D 66 -6.66 -17.30 55.34
CA VAL D 66 -5.77 -18.37 55.77
C VAL D 66 -4.66 -17.89 56.69
N VAL D 67 -4.73 -16.61 57.09
CA VAL D 67 -3.74 -16.04 58.00
C VAL D 67 -4.44 -15.28 59.13
N ASN D 68 -3.76 -15.13 60.27
CA ASN D 68 -4.33 -14.41 61.39
C ASN D 68 -4.00 -12.93 61.24
N LYS D 69 -4.92 -12.19 60.63
CA LYS D 69 -4.71 -10.78 60.41
C LYS D 69 -4.25 -10.05 61.66
N ASP D 70 -4.79 -10.43 62.81
CA ASP D 70 -4.43 -9.77 64.05
C ASP D 70 -2.96 -9.94 64.43
N ASP D 71 -2.46 -11.18 64.38
CA ASP D 71 -1.07 -11.45 64.72
C ASP D 71 -0.14 -10.65 63.83
N ILE D 72 -0.37 -10.75 62.52
CA ILE D 72 0.47 -10.05 61.56
C ILE D 72 0.41 -8.54 61.76
N ILE D 73 -0.76 -8.00 62.05
CA ILE D 73 -0.87 -6.56 62.26
C ILE D 73 -0.02 -6.10 63.45
N GLU D 74 0.05 -6.91 64.49
CA GLU D 74 0.85 -6.56 65.66
C GLU D 74 2.33 -6.61 65.31
N TRP D 75 2.69 -7.60 64.49
CA TRP D 75 4.07 -7.75 64.07
C TRP D 75 4.48 -6.52 63.28
N ILE D 76 3.61 -6.09 62.35
CA ILE D 76 3.90 -4.92 61.55
C ILE D 76 4.08 -3.69 62.41
N TYR D 77 3.15 -3.48 63.34
CA TYR D 77 3.25 -2.31 64.21
C TYR D 77 4.49 -2.33 65.09
N SER D 78 5.04 -3.51 65.33
CA SER D 78 6.25 -3.63 66.14
C SER D 78 7.46 -3.15 65.34
N LEU D 79 7.22 -2.88 64.05
CA LEU D 79 8.28 -2.41 63.17
C LEU D 79 8.27 -0.90 62.98
N GLN D 80 7.31 -0.22 63.62
CA GLN D 80 7.24 1.22 63.48
C GLN D 80 8.21 1.98 64.38
N VAL D 81 8.98 2.88 63.79
CA VAL D 81 9.91 3.68 64.54
C VAL D 81 9.13 4.90 65.01
N LEU D 82 8.65 4.86 66.24
CA LEU D 82 7.87 5.95 66.83
C LEU D 82 8.74 7.04 67.40
N PRO D 83 8.24 8.28 67.44
CA PRO D 83 9.05 9.35 68.00
C PRO D 83 9.24 9.14 69.50
N THR D 84 10.42 9.47 70.01
CA THR D 84 10.73 9.31 71.42
C THR D 84 10.08 10.43 72.24
N GLU D 85 10.17 10.33 73.57
CA GLU D 85 9.58 11.33 74.46
C GLU D 85 9.91 12.76 74.00
N ASP D 86 11.20 13.05 73.88
CA ASP D 86 11.65 14.38 73.47
C ASP D 86 11.40 14.70 72.00
N ARG D 87 10.93 13.70 71.23
CA ARG D 87 10.63 13.89 69.81
C ARG D 87 11.82 14.43 69.03
N SER D 88 13.01 14.03 69.44
CA SER D 88 14.25 14.46 68.79
C SER D 88 14.60 13.59 67.59
N ASN D 89 13.81 12.54 67.37
CA ASN D 89 14.06 11.61 66.27
C ASN D 89 12.98 11.62 65.20
N LEU D 90 12.26 12.73 65.06
CA LEU D 90 11.19 12.80 64.06
C LEU D 90 11.69 12.50 62.66
N ASP D 91 12.83 13.08 62.30
CA ASP D 91 13.41 12.88 60.99
C ASP D 91 13.78 11.44 60.70
N ARG D 92 13.59 10.55 61.67
CA ARG D 92 13.96 9.15 61.48
C ARG D 92 12.80 8.18 61.63
N CYS D 93 11.59 8.71 61.76
CA CYS D 93 10.43 7.85 61.92
C CYS D 93 9.94 7.22 60.63
N GLY D 94 9.21 6.12 60.78
CA GLY D 94 8.69 5.38 59.65
C GLY D 94 8.68 3.92 60.10
N PHE D 95 8.96 2.99 59.19
CA PHE D 95 8.98 1.57 59.57
C PHE D 95 10.31 0.90 59.25
N ARG D 96 10.60 -0.17 59.99
CA ARG D 96 11.82 -0.95 59.82
C ARG D 96 11.49 -2.12 58.92
N GLY D 97 12.50 -2.69 58.29
CA GLY D 97 12.29 -3.83 57.42
C GLY D 97 12.04 -5.07 58.25
N SER D 98 12.62 -5.09 59.44
CA SER D 98 12.48 -6.21 60.36
C SER D 98 13.01 -5.80 61.72
N SER D 99 13.14 -6.78 62.62
CA SER D 99 13.62 -6.54 63.97
C SER D 99 15.12 -6.77 64.11
N TYR D 100 15.84 -6.77 63.01
CA TYR D 100 17.28 -7.03 63.03
C TYR D 100 18.14 -6.18 63.98
N LEU D 101 17.66 -5.02 64.42
CA LEU D 101 18.47 -4.21 65.32
C LEU D 101 18.44 -4.68 66.75
N GLY D 102 17.47 -5.53 67.07
CA GLY D 102 17.38 -6.04 68.42
C GLY D 102 16.55 -5.21 69.37
N ILE D 103 15.72 -4.32 68.85
CA ILE D 103 14.88 -3.52 69.73
C ILE D 103 13.77 -4.40 70.26
N PRO D 104 13.50 -4.32 71.57
CA PRO D 104 12.44 -5.13 72.20
C PRO D 104 11.08 -4.97 71.55
N PHE D 105 10.44 -6.10 71.26
CA PHE D 105 9.12 -6.12 70.63
C PHE D 105 8.12 -5.16 71.27
N ASN D 106 7.59 -4.24 70.47
CA ASN D 106 6.63 -3.26 70.96
C ASN D 106 5.69 -2.84 69.83
N PRO D 107 4.50 -3.46 69.76
CA PRO D 107 3.50 -3.16 68.73
C PRO D 107 2.93 -1.76 68.80
N SER D 108 3.80 -0.77 68.67
CA SER D 108 3.42 0.64 68.71
C SER D 108 2.49 0.89 69.91
N LYS D 109 2.84 0.31 71.04
CA LYS D 109 2.05 0.47 72.26
C LYS D 109 2.65 1.56 73.16
N ASN D 110 3.96 1.46 73.40
CA ASN D 110 4.64 2.44 74.25
C ASN D 110 5.41 3.43 73.36
N PRO D 111 5.97 4.49 73.96
CA PRO D 111 6.72 5.49 73.20
C PRO D 111 8.04 4.92 72.67
N GLY D 112 8.63 5.62 71.72
CA GLY D 112 9.87 5.16 71.14
C GLY D 112 11.07 5.07 72.07
N THR D 113 11.80 3.96 71.97
CA THR D 113 12.99 3.74 72.79
C THR D 113 14.23 4.13 71.96
N ALA D 114 14.91 5.19 72.39
CA ALA D 114 16.09 5.70 71.70
C ALA D 114 17.08 4.61 71.30
N HIS D 115 17.77 4.85 70.18
CA HIS D 115 18.78 3.93 69.67
C HIS D 115 19.55 4.70 68.59
N PRO D 116 20.88 4.77 68.75
CA PRO D 116 21.76 5.48 67.82
C PRO D 116 21.58 5.19 66.33
N TYR D 117 21.14 3.98 65.98
CA TYR D 117 21.00 3.61 64.59
C TYR D 117 19.65 3.10 64.13
N ASP D 118 18.62 3.29 64.93
CA ASP D 118 17.29 2.83 64.56
C ASP D 118 16.52 3.93 63.81
N SER D 119 16.21 3.66 62.56
CA SER D 119 15.48 4.59 61.70
C SER D 119 14.61 3.82 60.75
N GLY D 120 13.69 4.51 60.08
CA GLY D 120 12.82 3.84 59.13
C GLY D 120 13.48 3.73 57.76
N HIS D 121 12.85 2.96 56.88
CA HIS D 121 13.36 2.78 55.53
C HIS D 121 12.16 3.06 54.62
N ILE D 122 12.31 4.03 53.74
CA ILE D 122 11.23 4.44 52.86
C ILE D 122 10.43 3.30 52.21
N ALA D 123 11.09 2.24 51.77
CA ALA D 123 10.39 1.12 51.15
C ALA D 123 9.64 0.30 52.17
N MET D 124 10.11 0.33 53.41
CA MET D 124 9.47 -0.44 54.48
C MET D 124 8.26 0.33 55.03
N THR D 125 8.36 1.65 55.03
CA THR D 125 7.25 2.47 55.50
C THR D 125 6.14 2.28 54.48
N TYR D 126 6.50 2.24 53.20
CA TYR D 126 5.53 2.04 52.14
C TYR D 126 4.87 0.67 52.27
N THR D 127 5.66 -0.40 52.19
CA THR D 127 5.11 -1.75 52.27
C THR D 127 4.42 -2.00 53.62
N GLY D 128 4.89 -1.33 54.66
CA GLY D 128 4.29 -1.50 55.97
C GLY D 128 2.86 -1.00 55.96
N LEU D 129 2.67 0.27 55.60
CA LEU D 129 1.35 0.88 55.51
C LEU D 129 0.48 0.06 54.56
N SER D 130 1.04 -0.29 53.41
CA SER D 130 0.33 -1.06 52.42
C SER D 130 -0.19 -2.36 53.06
N CYS D 131 0.66 -3.06 53.80
CA CYS D 131 0.25 -4.30 54.44
C CYS D 131 -0.87 -4.07 55.45
N LEU D 132 -0.73 -3.03 56.27
CA LEU D 132 -1.74 -2.73 57.26
C LEU D 132 -3.10 -2.55 56.63
N ILE D 133 -3.16 -1.78 55.54
CA ILE D 133 -4.41 -1.54 54.83
C ILE D 133 -4.99 -2.84 54.29
N ILE D 134 -4.13 -3.66 53.68
CA ILE D 134 -4.53 -4.94 53.13
C ILE D 134 -5.12 -5.84 54.22
N LEU D 135 -4.56 -5.76 55.43
CA LEU D 135 -5.02 -6.58 56.53
C LEU D 135 -6.26 -6.04 57.22
N GLY D 136 -6.73 -4.88 56.77
CA GLY D 136 -7.93 -4.30 57.36
C GLY D 136 -7.72 -3.29 58.46
N ASP D 137 -6.49 -3.11 58.92
CA ASP D 137 -6.23 -2.15 59.98
C ASP D 137 -6.64 -0.76 59.50
N ASP D 138 -6.90 0.15 60.44
CA ASP D 138 -7.33 1.50 60.10
C ASP D 138 -6.24 2.57 60.24
N LEU D 139 -5.00 2.13 60.42
CA LEU D 139 -3.87 3.04 60.55
C LEU D 139 -3.94 4.01 61.72
N SER D 140 -4.81 3.74 62.69
CA SER D 140 -4.94 4.63 63.85
C SER D 140 -3.66 4.66 64.70
N ARG D 141 -2.92 3.55 64.71
CA ARG D 141 -1.69 3.47 65.49
C ARG D 141 -0.46 3.96 64.74
N VAL D 142 -0.68 4.47 63.53
CA VAL D 142 0.41 5.01 62.73
C VAL D 142 0.57 6.48 63.08
N ASP D 143 1.78 6.89 63.44
CA ASP D 143 2.01 8.30 63.77
C ASP D 143 2.18 9.01 62.44
N LYS D 144 1.07 9.21 61.75
CA LYS D 144 1.08 9.85 60.44
C LYS D 144 2.02 11.04 60.34
N GLU D 145 1.98 11.94 61.30
CA GLU D 145 2.85 13.11 61.23
C GLU D 145 4.34 12.77 61.31
N ALA D 146 4.67 11.83 62.19
CA ALA D 146 6.05 11.40 62.34
C ALA D 146 6.54 10.78 61.04
N CYS D 147 5.71 9.95 60.41
CA CYS D 147 6.09 9.32 59.16
C CYS D 147 6.33 10.37 58.08
N LEU D 148 5.40 11.31 57.95
CA LEU D 148 5.53 12.37 56.95
C LEU D 148 6.78 13.20 57.21
N ALA D 149 7.10 13.40 58.48
CA ALA D 149 8.29 14.15 58.86
C ALA D 149 9.51 13.40 58.37
N GLY D 150 9.51 12.08 58.58
CA GLY D 150 10.61 11.24 58.15
C GLY D 150 10.73 11.26 56.64
N LEU D 151 9.60 11.18 55.94
CA LEU D 151 9.60 11.18 54.50
C LEU D 151 10.27 12.45 53.97
N ARG D 152 9.82 13.60 54.44
CA ARG D 152 10.39 14.87 53.99
C ARG D 152 11.91 14.87 54.10
N ALA D 153 12.40 14.36 55.24
CA ALA D 153 13.83 14.32 55.51
C ALA D 153 14.62 13.54 54.46
N LEU D 154 13.96 12.63 53.76
CA LEU D 154 14.64 11.81 52.76
C LEU D 154 14.79 12.43 51.37
N GLN D 155 13.97 13.42 51.04
CA GLN D 155 14.06 14.02 49.71
C GLN D 155 15.32 14.87 49.53
N LEU D 156 15.92 14.76 48.35
CA LEU D 156 17.13 15.50 48.03
C LEU D 156 16.80 16.76 47.24
N GLU D 157 17.82 17.60 47.02
CA GLU D 157 17.64 18.83 46.29
C GLU D 157 17.05 18.58 44.91
N ASP D 158 17.48 17.50 44.25
CA ASP D 158 16.99 17.22 42.90
C ASP D 158 15.59 16.63 42.82
N GLY D 159 14.95 16.48 43.98
CA GLY D 159 13.59 15.95 43.97
C GLY D 159 13.46 14.48 44.29
N SER D 160 14.52 13.69 44.08
CA SER D 160 14.44 12.26 44.38
C SER D 160 14.57 12.00 45.88
N PHE D 161 14.56 10.73 46.26
CA PHE D 161 14.64 10.36 47.68
C PHE D 161 15.70 9.30 47.98
N CYS D 162 16.06 9.22 49.26
CA CYS D 162 17.00 8.21 49.74
C CYS D 162 16.11 7.26 50.52
N ALA D 163 16.62 6.09 50.88
CA ALA D 163 15.79 5.14 51.61
C ALA D 163 15.83 5.34 53.12
N VAL D 164 16.99 5.81 53.61
CA VAL D 164 17.15 6.03 55.05
C VAL D 164 17.84 7.35 55.36
N PRO D 165 17.52 7.94 56.52
CA PRO D 165 18.15 9.20 56.88
C PRO D 165 19.66 9.13 57.00
N GLU D 166 20.19 7.96 57.37
CA GLU D 166 21.64 7.81 57.50
C GLU D 166 22.35 7.93 56.16
N GLY D 167 21.59 7.86 55.07
CA GLY D 167 22.19 7.95 53.74
C GLY D 167 22.10 6.66 52.94
N SER D 168 21.99 6.79 51.62
CA SER D 168 21.88 5.64 50.74
C SER D 168 21.88 6.18 49.34
N GLU D 169 21.78 5.28 48.36
CA GLU D 169 21.72 5.71 46.97
C GLU D 169 20.34 6.34 46.79
N ASN D 170 20.15 7.09 45.71
CA ASN D 170 18.85 7.71 45.47
C ASN D 170 18.45 7.51 44.02
N ASP D 171 17.18 7.20 43.79
CA ASP D 171 16.67 6.99 42.44
C ASP D 171 15.15 6.90 42.39
N MET D 172 14.61 6.66 41.20
CA MET D 172 13.17 6.58 40.99
C MET D 172 12.45 5.58 41.89
N ARG D 173 13.12 4.52 42.32
CA ARG D 173 12.49 3.51 43.19
C ARG D 173 11.89 4.18 44.41
N PHE D 174 12.70 5.00 45.06
CA PHE D 174 12.26 5.67 46.27
C PHE D 174 11.27 6.82 46.02
N VAL D 175 11.27 7.36 44.81
CA VAL D 175 10.33 8.42 44.46
C VAL D 175 8.93 7.78 44.48
N TYR D 176 8.84 6.56 43.97
CA TYR D 176 7.57 5.85 43.95
C TYR D 176 7.13 5.53 45.35
N CYS D 177 8.08 5.12 46.20
CA CYS D 177 7.79 4.79 47.59
C CYS D 177 7.21 6.01 48.30
N ALA D 178 7.84 7.16 48.09
CA ALA D 178 7.38 8.40 48.71
C ALA D 178 5.95 8.70 48.26
N SER D 179 5.72 8.58 46.96
CA SER D 179 4.40 8.83 46.39
C SER D 179 3.34 7.94 47.04
N CYS D 180 3.62 6.64 47.13
CA CYS D 180 2.67 5.70 47.74
C CYS D 180 2.39 6.07 49.19
N ILE D 181 3.42 6.46 49.91
CA ILE D 181 3.25 6.83 51.31
C ILE D 181 2.31 8.03 51.42
N CYS D 182 2.61 9.09 50.66
CA CYS D 182 1.79 10.29 50.67
C CYS D 182 0.34 9.97 50.29
N TYR D 183 0.19 9.16 49.26
CA TYR D 183 -1.13 8.78 48.79
C TYR D 183 -1.93 8.03 49.86
N MET D 184 -1.31 7.02 50.46
CA MET D 184 -2.00 6.23 51.46
C MET D 184 -2.33 7.02 52.72
N LEU D 185 -1.44 7.90 53.15
CA LEU D 185 -1.71 8.72 54.33
C LEU D 185 -2.56 9.89 53.86
N ASN D 186 -2.87 9.89 52.58
CA ASN D 186 -3.69 10.93 51.98
C ASN D 186 -3.23 12.32 52.41
N ASN D 187 -1.93 12.56 52.32
CA ASN D 187 -1.35 13.83 52.71
C ASN D 187 -0.03 14.00 51.96
N TRP D 188 0.04 14.98 51.06
CA TRP D 188 1.28 15.16 50.30
C TRP D 188 2.26 16.12 50.90
N SER D 189 2.14 16.39 52.20
CA SER D 189 3.07 17.29 52.85
C SER D 189 4.38 16.52 53.05
N GLY D 190 4.33 15.23 52.79
CA GLY D 190 5.49 14.39 52.94
C GLY D 190 6.57 14.62 51.90
N MET D 191 6.27 15.39 50.86
CA MET D 191 7.25 15.65 49.83
C MET D 191 7.04 16.99 49.15
N ASP D 192 8.06 17.45 48.45
CA ASP D 192 7.99 18.68 47.70
C ASP D 192 7.66 18.18 46.30
N MET D 193 6.37 18.02 46.05
CA MET D 193 5.88 17.52 44.77
C MET D 193 6.44 18.20 43.53
N LYS D 194 6.71 19.49 43.61
CA LYS D 194 7.25 20.20 42.46
C LYS D 194 8.61 19.64 42.08
N LYS D 195 9.47 19.44 43.08
CA LYS D 195 10.80 18.91 42.84
C LYS D 195 10.78 17.45 42.40
N ALA D 196 9.85 16.68 42.97
CA ALA D 196 9.71 15.27 42.61
C ALA D 196 9.36 15.17 41.13
N ILE D 197 8.35 15.93 40.71
CA ILE D 197 7.91 15.95 39.32
C ILE D 197 9.06 16.36 38.41
N SER D 198 9.88 17.30 38.88
CA SER D 198 11.02 17.74 38.11
C SER D 198 11.95 16.56 37.87
N TYR D 199 12.23 15.82 38.94
CA TYR D 199 13.10 14.67 38.86
C TYR D 199 12.54 13.65 37.86
N ILE D 200 11.25 13.38 37.95
CA ILE D 200 10.64 12.42 37.06
C ILE D 200 10.79 12.85 35.60
N ARG D 201 10.55 14.13 35.31
CA ARG D 201 10.69 14.60 33.92
C ARG D 201 12.11 14.43 33.45
N ARG D 202 13.05 14.92 34.23
CA ARG D 202 14.44 14.87 33.86
C ARG D 202 14.97 13.46 33.64
N SER D 203 14.21 12.45 34.07
CA SER D 203 14.66 11.07 33.90
C SER D 203 14.28 10.48 32.56
N MET D 204 13.48 11.21 31.79
CA MET D 204 13.07 10.72 30.48
C MET D 204 14.27 10.68 29.55
N SER D 205 14.46 9.54 28.89
CA SER D 205 15.57 9.33 27.97
C SER D 205 15.27 9.79 26.54
N TYR D 206 16.31 9.78 25.71
CA TYR D 206 16.17 10.17 24.31
C TYR D 206 15.29 9.15 23.59
N ASP D 207 15.24 7.92 24.12
CA ASP D 207 14.42 6.87 23.51
C ASP D 207 13.01 6.91 24.08
N ASN D 208 12.76 7.91 24.91
CA ASN D 208 11.45 8.17 25.51
C ASN D 208 10.98 7.36 26.71
N GLY D 209 11.81 6.44 27.18
CA GLY D 209 11.43 5.67 28.37
C GLY D 209 11.89 6.49 29.56
N LEU D 210 11.64 6.02 30.78
CA LEU D 210 12.08 6.76 31.95
C LEU D 210 13.20 5.97 32.61
N ALA D 211 14.27 6.65 33.02
CA ALA D 211 15.39 5.95 33.65
C ALA D 211 15.38 6.14 35.15
N GLN D 212 16.32 5.50 35.84
CA GLN D 212 16.42 5.64 37.29
C GLN D 212 16.73 7.07 37.68
N GLY D 213 17.35 7.80 36.75
CA GLY D 213 17.70 9.19 36.98
C GLY D 213 18.16 9.77 35.65
N ALA D 214 18.33 11.08 35.60
CA ALA D 214 18.75 11.75 34.37
C ALA D 214 20.00 11.15 33.73
N GLY D 215 19.97 11.00 32.41
CA GLY D 215 21.11 10.47 31.70
C GLY D 215 21.26 8.97 31.69
N LEU D 216 20.66 8.28 32.66
CA LEU D 216 20.76 6.83 32.72
C LEU D 216 19.88 6.17 31.65
N GLU D 217 20.11 4.87 31.44
CA GLU D 217 19.36 4.08 30.46
C GLU D 217 17.91 3.92 30.92
N SER D 218 16.95 4.27 30.06
CA SER D 218 15.54 4.14 30.40
C SER D 218 15.29 2.68 30.73
N HIS D 219 14.38 2.43 31.67
CA HIS D 219 14.15 1.08 32.15
C HIS D 219 12.69 0.85 32.57
N GLY D 220 12.19 -0.36 32.32
CA GLY D 220 10.83 -0.68 32.67
C GLY D 220 10.45 -0.42 34.12
N GLY D 221 11.38 -0.70 35.03
CA GLY D 221 11.12 -0.50 36.44
C GLY D 221 10.97 0.97 36.79
N SER D 222 11.92 1.78 36.34
CA SER D 222 11.88 3.21 36.63
C SER D 222 10.73 3.89 35.90
N THR D 223 10.39 3.38 34.72
CA THR D 223 9.29 3.96 33.96
C THR D 223 8.00 3.73 34.76
N PHE D 224 7.82 2.53 35.29
CA PHE D 224 6.63 2.27 36.08
C PHE D 224 6.64 3.23 37.28
N CYS D 225 7.74 3.25 38.01
CA CYS D 225 7.84 4.11 39.17
C CYS D 225 7.50 5.55 38.86
N GLY D 226 8.03 6.06 37.76
CA GLY D 226 7.76 7.44 37.39
C GLY D 226 6.31 7.70 37.00
N ILE D 227 5.81 6.94 36.03
CA ILE D 227 4.44 7.12 35.59
C ILE D 227 3.46 6.89 36.74
N ALA D 228 3.62 5.79 37.46
CA ALA D 228 2.73 5.49 38.58
C ALA D 228 2.73 6.61 39.63
N SER D 229 3.89 7.21 39.87
CA SER D 229 3.99 8.29 40.84
C SER D 229 3.15 9.46 40.38
N LEU D 230 3.31 9.83 39.12
CA LEU D 230 2.56 10.95 38.56
C LEU D 230 1.07 10.66 38.65
N CYS D 231 0.68 9.43 38.34
CA CYS D 231 -0.73 9.05 38.41
C CYS D 231 -1.25 9.16 39.85
N LEU D 232 -0.44 8.72 40.81
CA LEU D 232 -0.82 8.81 42.20
C LEU D 232 -0.99 10.27 42.62
N MET D 233 -0.19 11.17 42.03
CA MET D 233 -0.29 12.60 42.33
C MET D 233 -1.41 13.21 41.49
N GLY D 234 -1.87 12.45 40.50
CA GLY D 234 -2.92 12.92 39.62
C GLY D 234 -2.42 14.06 38.74
N LYS D 235 -1.20 13.91 38.21
CA LYS D 235 -0.61 14.95 37.37
C LYS D 235 0.02 14.42 36.09
N LEU D 236 -0.35 13.20 35.69
CA LEU D 236 0.23 12.63 34.47
C LEU D 236 0.08 13.56 33.29
N GLU D 237 -1.17 13.86 32.95
CA GLU D 237 -1.51 14.73 31.82
C GLU D 237 -0.92 16.14 31.94
N GLU D 238 -0.76 16.60 33.16
CA GLU D 238 -0.23 17.93 33.42
C GLU D 238 1.28 17.98 33.27
N VAL D 239 1.95 16.86 33.54
CA VAL D 239 3.41 16.82 33.44
C VAL D 239 3.94 16.48 32.06
N PHE D 240 3.26 15.58 31.35
CA PHE D 240 3.71 15.19 30.01
C PHE D 240 2.70 15.60 28.94
N SER D 241 3.21 16.13 27.82
CA SER D 241 2.36 16.56 26.73
C SER D 241 1.78 15.33 26.06
N GLU D 242 0.80 15.53 25.19
CA GLU D 242 0.20 14.42 24.48
C GLU D 242 1.28 13.78 23.62
N LYS D 243 2.11 14.60 22.97
CA LYS D 243 3.16 14.06 22.13
C LYS D 243 4.12 13.24 22.98
N GLU D 244 4.45 13.76 24.15
CA GLU D 244 5.35 13.06 25.05
C GLU D 244 4.76 11.73 25.49
N LEU D 245 3.50 11.75 25.92
CA LEU D 245 2.84 10.53 26.35
C LEU D 245 2.79 9.50 25.23
N ASN D 246 2.65 9.96 23.99
CA ASN D 246 2.60 9.03 22.86
C ASN D 246 3.94 8.33 22.73
N ARG D 247 5.01 9.10 22.87
CA ARG D 247 6.35 8.55 22.78
C ARG D 247 6.61 7.55 23.89
N ILE D 248 6.16 7.89 25.10
CA ILE D 248 6.34 7.01 26.25
C ILE D 248 5.56 5.72 26.00
N LYS D 249 4.33 5.86 25.52
CA LYS D 249 3.51 4.69 25.23
C LYS D 249 4.24 3.78 24.25
N ARG D 250 4.77 4.37 23.19
CA ARG D 250 5.49 3.61 22.18
C ARG D 250 6.63 2.83 22.80
N TRP D 251 7.41 3.49 23.66
CA TRP D 251 8.54 2.83 24.29
C TRP D 251 8.10 1.65 25.14
N CYS D 252 7.00 1.81 25.87
CA CYS D 252 6.48 0.76 26.71
C CYS D 252 5.93 -0.42 25.91
N ILE D 253 5.03 -0.13 24.98
CA ILE D 253 4.42 -1.17 24.16
C ILE D 253 5.48 -1.98 23.40
N MET D 254 6.65 -1.37 23.19
CA MET D 254 7.73 -2.06 22.46
C MET D 254 8.43 -3.09 23.35
N ARG D 255 8.11 -3.08 24.63
CA ARG D 255 8.73 -4.01 25.57
C ARG D 255 8.16 -5.43 25.47
N GLN D 256 7.02 -5.60 24.82
CA GLN D 256 6.47 -6.94 24.71
C GLN D 256 7.13 -7.76 23.61
N GLN D 257 7.67 -8.90 24.00
CA GLN D 257 8.33 -9.81 23.07
C GLN D 257 7.40 -10.99 22.95
N ASN D 258 6.81 -11.35 24.09
CA ASN D 258 5.85 -12.43 24.26
C ASN D 258 5.46 -12.09 25.69
N GLY D 259 6.47 -12.14 26.55
CA GLY D 259 6.32 -11.74 27.94
C GLY D 259 6.91 -10.35 27.81
N TYR D 260 7.38 -9.75 28.90
CA TYR D 260 7.97 -8.41 28.79
C TYR D 260 9.38 -8.34 29.35
N HIS D 261 10.23 -7.53 28.71
CA HIS D 261 11.59 -7.34 29.20
C HIS D 261 11.65 -5.92 29.77
N GLY D 262 12.69 -5.63 30.56
CA GLY D 262 12.80 -4.31 31.17
C GLY D 262 13.53 -3.27 30.36
N ARG D 263 14.26 -3.72 29.34
CA ARG D 263 15.03 -2.83 28.48
C ARG D 263 15.17 -3.43 27.10
N PRO D 264 15.31 -2.58 26.06
CA PRO D 264 15.47 -3.11 24.72
C PRO D 264 16.63 -4.11 24.68
N ASN D 265 16.48 -5.16 23.87
CA ASN D 265 17.51 -6.20 23.72
C ASN D 265 17.88 -6.96 24.99
N LYS D 266 16.97 -7.02 25.95
CA LYS D 266 17.19 -7.79 27.17
C LYS D 266 16.13 -8.88 27.18
N PRO D 267 16.46 -10.04 27.76
CA PRO D 267 15.49 -11.15 27.82
C PRO D 267 14.25 -10.83 28.68
N VAL D 268 13.11 -11.45 28.35
CA VAL D 268 11.90 -11.16 29.12
C VAL D 268 12.04 -11.72 30.53
N ASP D 269 11.26 -11.14 31.43
CA ASP D 269 11.28 -11.50 32.84
C ASP D 269 9.83 -11.33 33.33
N THR D 270 9.30 -12.38 33.95
CA THR D 270 7.93 -12.35 34.43
C THR D 270 7.49 -11.06 35.15
N CYS D 271 8.31 -10.57 36.08
CA CYS D 271 7.90 -9.39 36.83
C CYS D 271 7.58 -8.16 35.97
N TYR D 272 8.12 -8.11 34.76
CA TYR D 272 7.86 -6.97 33.89
C TYR D 272 6.46 -6.99 33.29
N SER D 273 5.78 -8.12 33.42
CA SER D 273 4.41 -8.23 32.95
C SER D 273 3.59 -7.29 33.83
N PHE D 274 4.13 -6.96 35.01
CA PHE D 274 3.46 -6.02 35.87
C PHE D 274 4.09 -4.65 35.69
N TRP D 275 5.40 -4.54 35.90
CA TRP D 275 6.10 -3.27 35.77
C TRP D 275 5.68 -2.52 34.50
N VAL D 276 5.85 -3.16 33.34
CA VAL D 276 5.47 -2.54 32.07
C VAL D 276 3.96 -2.62 31.84
N GLY D 277 3.38 -3.79 32.10
CA GLY D 277 1.95 -3.96 31.92
C GLY D 277 1.14 -2.93 32.67
N ALA D 278 1.46 -2.70 33.93
CA ALA D 278 0.76 -1.73 34.74
C ALA D 278 0.94 -0.32 34.17
N THR D 279 2.11 -0.03 33.61
CA THR D 279 2.35 1.29 33.05
C THR D 279 1.46 1.46 31.83
N LEU D 280 1.41 0.41 30.99
CA LEU D 280 0.59 0.44 29.79
C LEU D 280 -0.87 0.61 30.20
N LYS D 281 -1.25 -0.01 31.30
CA LYS D 281 -2.63 0.10 31.78
C LYS D 281 -2.87 1.55 32.19
N LEU D 282 -1.95 2.14 32.95
CA LEU D 282 -2.13 3.52 33.38
C LEU D 282 -2.19 4.44 32.16
N LEU D 283 -1.48 4.06 31.09
CA LEU D 283 -1.48 4.87 29.88
C LEU D 283 -2.66 4.51 28.96
N LYS D 284 -3.56 3.69 29.49
CA LYS D 284 -4.77 3.26 28.77
C LYS D 284 -4.57 2.57 27.44
N ILE D 285 -3.47 1.83 27.28
CA ILE D 285 -3.27 1.13 26.01
C ILE D 285 -2.85 -0.31 26.22
N PHE D 286 -2.92 -0.80 27.46
CA PHE D 286 -2.54 -2.19 27.72
C PHE D 286 -3.49 -3.08 26.92
N GLN D 287 -4.69 -2.55 26.69
CA GLN D 287 -5.74 -3.25 25.94
C GLN D 287 -5.28 -3.61 24.52
N TYR D 288 -4.30 -2.88 24.01
CA TYR D 288 -3.82 -3.11 22.66
C TYR D 288 -2.65 -4.08 22.59
N THR D 289 -2.25 -4.63 23.74
CA THR D 289 -1.14 -5.59 23.75
C THR D 289 -1.68 -6.97 23.42
N ASN D 290 -0.80 -7.93 23.21
CA ASN D 290 -1.22 -9.29 22.91
C ASN D 290 -1.34 -10.02 24.24
N PHE D 291 -2.57 -10.34 24.63
CA PHE D 291 -2.79 -11.03 25.90
C PHE D 291 -2.30 -12.48 25.96
N GLU D 292 -2.64 -13.25 24.95
CA GLU D 292 -2.28 -14.66 24.92
C GLU D 292 -0.80 -14.96 25.09
N LYS D 293 0.05 -14.30 24.32
CA LYS D 293 1.48 -14.54 24.43
C LYS D 293 2.03 -14.16 25.80
N ASN D 294 1.50 -13.08 26.36
CA ASN D 294 1.92 -12.63 27.67
C ASN D 294 1.53 -13.68 28.71
N ARG D 295 0.24 -14.03 28.74
CA ARG D 295 -0.25 -15.03 29.66
C ARG D 295 0.51 -16.34 29.52
N ASN D 296 0.75 -16.73 28.26
CA ASN D 296 1.46 -17.96 28.00
C ASN D 296 2.85 -17.94 28.62
N TYR D 297 3.54 -16.82 28.49
CA TYR D 297 4.88 -16.70 29.06
C TYR D 297 4.83 -16.76 30.57
N ILE D 298 3.96 -15.95 31.18
CA ILE D 298 3.86 -15.92 32.63
C ILE D 298 3.64 -17.31 33.17
N LEU D 299 2.74 -18.07 32.55
CA LEU D 299 2.48 -19.41 33.03
C LEU D 299 3.67 -20.34 32.84
N SER D 300 4.45 -20.11 31.79
CA SER D 300 5.60 -20.96 31.54
C SER D 300 6.62 -20.87 32.66
N THR D 301 6.47 -19.87 33.52
CA THR D 301 7.40 -19.68 34.64
C THR D 301 6.77 -20.09 35.96
N GLN D 302 5.59 -20.71 35.87
CA GLN D 302 4.87 -21.17 37.05
C GLN D 302 5.49 -22.46 37.57
N ASP D 303 5.73 -22.55 38.87
CA ASP D 303 6.29 -23.78 39.42
C ASP D 303 5.11 -24.65 39.82
N ARG D 304 4.78 -25.62 38.97
CA ARG D 304 3.64 -26.50 39.22
C ARG D 304 3.77 -27.39 40.46
N LEU D 305 4.98 -27.51 40.97
CA LEU D 305 5.24 -28.36 42.13
C LEU D 305 5.12 -27.61 43.47
N VAL D 306 5.96 -26.59 43.66
CA VAL D 306 5.96 -25.81 44.90
C VAL D 306 5.07 -24.55 44.84
N GLY D 307 4.72 -24.12 43.64
CA GLY D 307 3.88 -22.93 43.52
C GLY D 307 4.71 -21.70 43.26
N GLY D 308 4.04 -20.56 43.05
CA GLY D 308 4.75 -19.33 42.76
C GLY D 308 5.26 -19.29 41.33
N PHE D 309 5.93 -18.19 40.96
CA PHE D 309 6.48 -18.02 39.62
C PHE D 309 7.94 -17.58 39.72
N ALA D 310 8.70 -17.82 38.64
CA ALA D 310 10.11 -17.44 38.60
C ALA D 310 10.24 -16.41 37.50
N LYS D 311 11.40 -15.79 37.37
CA LYS D 311 11.56 -14.77 36.34
C LYS D 311 11.59 -15.42 34.97
N TRP D 312 12.15 -16.62 34.93
CA TRP D 312 12.25 -17.36 33.67
C TRP D 312 11.72 -18.77 33.84
N PRO D 313 11.33 -19.41 32.74
CA PRO D 313 10.81 -20.78 32.85
C PRO D 313 11.94 -21.70 33.29
N ASP D 314 11.58 -22.79 33.96
CA ASP D 314 12.59 -23.74 34.44
C ASP D 314 13.60 -22.94 35.25
N SER D 315 13.11 -22.30 36.31
CA SER D 315 13.93 -21.48 37.19
C SER D 315 13.21 -21.46 38.54
N HIS D 316 13.94 -21.29 39.63
CA HIS D 316 13.29 -21.31 40.95
C HIS D 316 12.42 -20.11 41.22
N PRO D 317 11.23 -20.34 41.77
CA PRO D 317 10.28 -19.26 42.09
C PRO D 317 10.65 -18.51 43.35
N ASP D 318 10.08 -17.33 43.51
CA ASP D 318 10.30 -16.51 44.71
C ASP D 318 9.09 -15.63 44.96
N ALA D 319 9.01 -15.03 46.14
CA ALA D 319 7.88 -14.19 46.49
C ALA D 319 7.65 -13.05 45.51
N LEU D 320 8.72 -12.40 45.08
CA LEU D 320 8.60 -11.26 44.15
C LEU D 320 7.96 -11.66 42.83
N HIS D 321 8.50 -12.66 42.15
CA HIS D 321 7.94 -13.08 40.88
C HIS D 321 6.60 -13.78 41.04
N ALA D 322 6.38 -14.39 42.20
CA ALA D 322 5.11 -15.05 42.43
C ALA D 322 4.05 -13.94 42.47
N TYR D 323 4.34 -12.89 43.23
CA TYR D 323 3.41 -11.78 43.35
C TYR D 323 3.22 -11.02 42.04
N PHE D 324 4.31 -10.61 41.40
CA PHE D 324 4.19 -9.87 40.16
C PHE D 324 3.66 -10.70 39.00
N GLY D 325 3.91 -12.00 39.02
CA GLY D 325 3.39 -12.83 37.96
C GLY D 325 1.88 -12.84 38.08
N ILE D 326 1.40 -12.95 39.31
CA ILE D 326 -0.03 -12.96 39.58
C ILE D 326 -0.66 -11.61 39.20
N CYS D 327 0.01 -10.52 39.55
CA CYS D 327 -0.50 -9.19 39.21
C CYS D 327 -0.49 -9.01 37.70
N GLY D 328 0.47 -9.65 37.04
CA GLY D 328 0.54 -9.55 35.59
C GLY D 328 -0.67 -10.22 34.99
N LEU D 329 -1.01 -11.39 35.53
CA LEU D 329 -2.18 -12.13 35.09
C LEU D 329 -3.43 -11.29 35.38
N SER D 330 -3.44 -10.66 36.53
CA SER D 330 -4.55 -9.83 36.95
C SER D 330 -4.83 -8.73 35.95
N LEU D 331 -3.77 -8.11 35.43
CA LEU D 331 -3.90 -7.03 34.47
C LEU D 331 -4.72 -7.40 33.24
N MET D 332 -4.65 -8.68 32.85
CA MET D 332 -5.39 -9.18 31.68
C MET D 332 -6.65 -9.87 32.16
N GLU D 333 -6.83 -9.91 33.48
CA GLU D 333 -7.97 -10.58 34.11
C GLU D 333 -7.84 -12.08 33.93
N GLU D 334 -7.65 -12.77 35.05
CA GLU D 334 -7.50 -14.22 35.06
C GLU D 334 -8.52 -14.68 36.08
N SER D 335 -9.28 -15.70 35.73
CA SER D 335 -10.30 -16.21 36.63
C SER D 335 -9.58 -16.70 37.87
N GLY D 336 -10.07 -16.26 39.04
CA GLY D 336 -9.46 -16.69 40.29
C GLY D 336 -8.57 -15.64 40.93
N ILE D 337 -8.29 -14.57 40.17
CA ILE D 337 -7.43 -13.48 40.61
C ILE D 337 -8.22 -12.19 40.64
N CYS D 338 -7.91 -11.32 41.58
CA CYS D 338 -8.61 -10.05 41.73
C CYS D 338 -7.96 -8.99 40.89
N LYS D 339 -8.72 -7.93 40.63
CA LYS D 339 -8.27 -6.79 39.84
C LYS D 339 -7.29 -5.95 40.66
N VAL D 340 -6.05 -5.87 40.18
CA VAL D 340 -5.03 -5.10 40.87
C VAL D 340 -5.06 -3.63 40.41
N HIS D 341 -4.90 -2.72 41.36
CA HIS D 341 -4.88 -1.29 41.09
C HIS D 341 -3.47 -0.99 40.54
N PRO D 342 -3.38 -0.53 39.29
CA PRO D 342 -2.13 -0.21 38.60
C PRO D 342 -1.10 0.70 39.27
N ALA D 343 -1.52 1.83 39.79
CA ALA D 343 -0.57 2.74 40.40
C ALA D 343 -0.26 2.49 41.88
N LEU D 344 -1.24 2.02 42.64
CA LEU D 344 -1.02 1.80 44.06
C LEU D 344 -0.43 0.43 44.39
N ASN D 345 -0.56 -0.50 43.46
CA ASN D 345 -0.01 -1.84 43.64
C ASN D 345 -0.66 -2.62 44.79
N VAL D 346 -1.99 -2.63 44.79
CA VAL D 346 -2.77 -3.36 45.78
C VAL D 346 -4.05 -3.73 45.06
N SER D 347 -4.75 -4.73 45.54
CA SER D 347 -6.01 -5.14 44.90
C SER D 347 -6.95 -3.93 44.93
N THR D 348 -7.91 -3.88 44.02
CA THR D 348 -8.86 -2.77 44.00
C THR D 348 -9.69 -2.79 45.27
N ARG D 349 -10.03 -4.00 45.72
CA ARG D 349 -10.81 -4.13 46.94
C ARG D 349 -10.13 -3.31 48.03
N THR D 350 -8.82 -3.51 48.17
CA THR D 350 -8.03 -2.79 49.15
C THR D 350 -7.97 -1.30 48.83
N SER D 351 -7.84 -0.93 47.56
CA SER D 351 -7.75 0.49 47.22
C SER D 351 -9.03 1.22 47.57
N GLU D 352 -10.14 0.48 47.64
CA GLU D 352 -11.42 1.06 47.99
C GLU D 352 -11.56 1.11 49.52
N ARG D 353 -11.04 0.08 50.19
CA ARG D 353 -11.05 0.03 51.64
C ARG D 353 -10.36 1.34 52.07
N LEU D 354 -9.27 1.66 51.38
CA LEU D 354 -8.48 2.86 51.64
C LEU D 354 -9.26 4.13 51.34
N ARG D 355 -10.03 4.09 50.26
CA ARG D 355 -10.86 5.23 49.86
C ARG D 355 -11.82 5.53 51.01
N ASP D 356 -12.35 4.46 51.59
CA ASP D 356 -13.26 4.58 52.71
C ASP D 356 -12.53 5.19 53.89
N LEU D 357 -11.37 4.63 54.22
CA LEU D 357 -10.56 5.13 55.32
C LEU D 357 -10.37 6.64 55.23
N HIS D 358 -10.03 7.11 54.04
CA HIS D 358 -9.82 8.54 53.83
C HIS D 358 -11.07 9.38 54.07
N GLN D 359 -12.23 8.86 53.70
CA GLN D 359 -13.48 9.59 53.90
C GLN D 359 -13.71 9.78 55.39
N SER D 360 -13.58 8.70 56.15
CA SER D 360 -13.80 8.77 57.59
C SER D 360 -12.81 9.70 58.29
N TRP D 361 -11.70 10.01 57.64
CA TRP D 361 -10.72 10.91 58.26
C TRP D 361 -11.14 12.35 58.00
N LYS D 362 -11.75 12.57 56.84
CA LYS D 362 -12.20 13.91 56.44
C LYS D 362 -13.26 14.43 57.40
N THR D 363 -13.96 13.51 58.08
CA THR D 363 -15.01 13.89 59.01
C THR D 363 -14.44 14.28 60.38
N PHE E 55 40.19 42.24 21.65
CA PHE E 55 40.95 42.85 20.51
C PHE E 55 41.18 44.36 20.62
N LEU E 56 40.19 45.15 20.21
CA LEU E 56 40.28 46.62 20.22
C LEU E 56 40.14 47.25 21.62
N SER E 57 41.28 47.61 22.22
CA SER E 57 41.32 48.20 23.55
C SER E 57 40.53 49.48 23.77
N LEU E 58 39.92 49.60 24.94
CA LEU E 58 39.11 50.76 25.27
C LEU E 58 39.91 52.05 25.32
N ASP E 59 41.22 51.91 25.44
CA ASP E 59 42.08 53.09 25.48
C ASP E 59 42.93 53.22 24.21
N SER E 60 42.73 52.30 23.26
CA SER E 60 43.45 52.37 21.99
C SER E 60 43.12 53.69 21.28
N PRO E 61 44.09 54.26 20.54
CA PRO E 61 43.88 55.51 19.81
C PRO E 61 42.78 55.35 18.78
N THR E 62 42.75 54.19 18.15
CA THR E 62 41.79 53.88 17.10
C THR E 62 40.46 53.29 17.60
N TYR E 63 40.24 53.33 18.91
CA TYR E 63 39.00 52.78 19.46
C TYR E 63 37.80 53.47 18.81
N VAL E 64 36.76 52.69 18.53
CA VAL E 64 35.54 53.21 17.93
C VAL E 64 34.29 52.81 18.71
N LEU E 65 33.44 53.78 19.01
CA LEU E 65 32.22 53.48 19.73
C LEU E 65 31.47 52.36 19.01
N TYR E 66 30.71 51.58 19.78
CA TYR E 66 29.96 50.47 19.21
C TYR E 66 28.91 50.98 18.23
N ARG E 67 28.37 52.16 18.48
CA ARG E 67 27.36 52.70 17.58
C ARG E 67 27.95 53.04 16.22
N ASP E 68 29.28 53.06 16.12
CA ASP E 68 29.92 53.38 14.85
C ASP E 68 30.65 52.18 14.27
N ARG E 69 30.34 51.01 14.82
CA ARG E 69 30.98 49.78 14.33
C ARG E 69 29.99 49.08 13.41
N ALA E 70 30.46 48.70 12.22
CA ALA E 70 29.62 48.02 11.25
C ALA E 70 29.03 46.73 11.84
N GLU E 71 29.90 45.89 12.40
CA GLU E 71 29.48 44.61 12.99
C GLU E 71 28.30 44.74 13.93
N TRP E 72 28.03 45.95 14.41
CA TRP E 72 26.92 46.18 15.34
C TRP E 72 25.80 47.03 14.77
N ALA E 73 25.82 47.24 13.45
CA ALA E 73 24.81 48.08 12.81
C ALA E 73 23.39 47.52 12.90
N ASP E 74 23.25 46.20 12.98
CA ASP E 74 21.95 45.55 13.05
C ASP E 74 21.27 45.68 14.41
N ILE E 75 22.09 45.81 15.46
CA ILE E 75 21.58 45.90 16.82
C ILE E 75 21.21 47.32 17.24
N ASP E 76 20.05 47.45 17.87
CA ASP E 76 19.61 48.76 18.37
C ASP E 76 19.95 48.83 19.85
N PRO E 77 20.85 49.75 20.22
CA PRO E 77 21.25 49.91 21.62
C PRO E 77 20.06 50.15 22.55
N VAL E 78 20.14 49.60 23.75
CA VAL E 78 19.08 49.76 24.74
C VAL E 78 19.59 50.67 25.83
N PRO E 79 18.92 51.81 26.03
CA PRO E 79 19.35 52.74 27.06
C PRO E 79 18.78 52.38 28.43
N GLN E 80 19.40 52.88 29.48
CA GLN E 80 18.95 52.64 30.82
C GLN E 80 18.12 53.88 31.15
N ASN E 81 17.13 53.75 32.02
CA ASN E 81 16.32 54.92 32.36
C ASN E 81 15.70 54.82 33.75
N ASP E 82 16.05 55.79 34.59
CA ASP E 82 15.54 55.83 35.95
C ASP E 82 14.31 56.71 36.09
N GLY E 83 13.56 56.86 35.01
CA GLY E 83 12.36 57.66 35.05
C GLY E 83 12.54 59.15 35.32
N PRO E 84 11.43 59.87 35.52
CA PRO E 84 11.37 61.31 35.78
C PRO E 84 12.31 61.89 36.82
N SER E 85 12.42 61.24 37.98
CA SER E 85 13.29 61.76 39.04
C SER E 85 14.28 60.70 39.53
N PRO E 86 15.43 60.57 38.85
CA PRO E 86 16.46 59.60 39.20
C PRO E 86 17.07 59.77 40.59
N VAL E 87 17.30 58.63 41.26
CA VAL E 87 17.89 58.63 42.59
C VAL E 87 19.25 57.96 42.52
N VAL E 88 20.21 58.53 43.26
CA VAL E 88 21.56 57.99 43.29
C VAL E 88 22.00 57.63 41.88
N GLN E 89 21.92 58.62 40.99
CA GLN E 89 22.29 58.43 39.60
C GLN E 89 23.78 58.67 39.32
N ILE E 90 24.42 57.71 38.68
CA ILE E 90 25.83 57.82 38.34
C ILE E 90 25.98 58.38 36.93
N ILE E 91 26.86 59.36 36.75
CA ILE E 91 27.06 59.93 35.41
C ILE E 91 28.08 59.11 34.64
N TYR E 92 27.75 58.79 33.39
CA TYR E 92 28.63 57.98 32.57
C TYR E 92 29.14 58.69 31.33
N SER E 93 30.39 58.36 30.96
CA SER E 93 31.02 58.94 29.78
C SER E 93 30.38 58.36 28.52
N GLU E 94 30.73 58.94 27.38
CA GLU E 94 30.20 58.46 26.11
C GLU E 94 30.60 56.99 25.92
N LYS E 95 31.88 56.71 26.11
CA LYS E 95 32.41 55.36 25.93
C LYS E 95 31.69 54.35 26.81
N PHE E 96 31.60 54.67 28.11
CA PHE E 96 30.95 53.80 29.09
C PHE E 96 29.52 53.49 28.69
N ARG E 97 28.71 54.54 28.56
CA ARG E 97 27.32 54.39 28.19
C ARG E 97 27.17 53.61 26.87
N ASP E 98 28.13 53.80 25.97
CA ASP E 98 28.09 53.12 24.69
C ASP E 98 28.22 51.61 24.87
N VAL E 99 29.29 51.18 25.55
CA VAL E 99 29.49 49.76 25.80
C VAL E 99 28.29 49.10 26.45
N TYR E 100 27.73 49.74 27.47
CA TYR E 100 26.60 49.17 28.17
C TYR E 100 25.27 49.27 27.44
N ASP E 101 25.10 50.26 26.57
CA ASP E 101 23.86 50.37 25.82
C ASP E 101 23.76 49.16 24.89
N TYR E 102 24.93 48.69 24.44
CA TYR E 102 24.96 47.54 23.55
C TYR E 102 24.91 46.26 24.36
N PHE E 103 25.46 46.28 25.57
CA PHE E 103 25.40 45.10 26.41
C PHE E 103 23.92 44.81 26.68
N ARG E 104 23.18 45.85 27.10
CA ARG E 104 21.76 45.71 27.38
C ARG E 104 21.04 45.11 26.18
N ALA E 105 21.39 45.57 24.99
CA ALA E 105 20.79 45.08 23.76
C ALA E 105 21.04 43.58 23.59
N VAL E 106 22.30 43.17 23.61
CA VAL E 106 22.65 41.76 23.45
C VAL E 106 22.03 40.89 24.54
N LEU E 107 22.12 41.37 25.78
CA LEU E 107 21.59 40.69 26.94
C LEU E 107 20.08 40.48 26.79
N GLN E 108 19.37 41.55 26.46
CA GLN E 108 17.94 41.51 26.29
C GLN E 108 17.48 40.48 25.26
N ARG E 109 18.35 40.20 24.28
CA ARG E 109 18.02 39.25 23.22
C ARG E 109 18.70 37.92 23.43
N ASP E 110 19.32 37.77 24.58
CA ASP E 110 20.01 36.54 24.92
C ASP E 110 20.81 36.02 23.72
N GLU E 111 21.50 36.93 23.04
CA GLU E 111 22.30 36.57 21.88
C GLU E 111 23.58 35.84 22.26
N ARG E 112 23.63 34.53 22.01
CA ARG E 112 24.81 33.76 22.35
C ARG E 112 25.86 33.86 21.24
N SER E 113 26.22 35.08 20.87
CA SER E 113 27.20 35.30 19.81
C SER E 113 28.64 35.46 20.27
N GLU E 114 29.55 35.43 19.31
CA GLU E 114 30.96 35.58 19.59
C GLU E 114 31.25 37.05 19.81
N ARG E 115 30.48 37.91 19.15
CA ARG E 115 30.68 39.34 19.31
C ARG E 115 30.21 39.75 20.70
N ALA E 116 29.21 39.04 21.21
CA ALA E 116 28.68 39.33 22.54
C ALA E 116 29.77 38.97 23.55
N PHE E 117 30.37 37.81 23.36
CA PHE E 117 31.42 37.37 24.25
C PHE E 117 32.51 38.43 24.37
N LYS E 118 32.90 39.00 23.23
CA LYS E 118 33.93 40.04 23.20
C LYS E 118 33.43 41.30 23.89
N LEU E 119 32.14 41.59 23.74
CA LEU E 119 31.57 42.78 24.37
C LEU E 119 31.67 42.68 25.89
N THR E 120 31.46 41.49 26.45
CA THR E 120 31.53 41.34 27.90
C THR E 120 32.90 41.72 28.45
N ARG E 121 33.95 41.48 27.67
CA ARG E 121 35.29 41.82 28.12
C ARG E 121 35.38 43.31 28.40
N ASP E 122 34.76 44.10 27.53
CA ASP E 122 34.75 45.55 27.68
C ASP E 122 33.86 46.01 28.84
N ALA E 123 32.71 45.34 28.98
CA ALA E 123 31.78 45.66 30.05
C ALA E 123 32.45 45.35 31.38
N ILE E 124 33.21 44.27 31.42
CA ILE E 124 33.91 43.89 32.64
C ILE E 124 35.03 44.87 32.94
N GLU E 125 35.70 45.36 31.90
CA GLU E 125 36.78 46.31 32.12
C GLU E 125 36.21 47.59 32.71
N LEU E 126 35.04 48.00 32.23
CA LEU E 126 34.39 49.20 32.71
C LEU E 126 33.85 49.03 34.14
N ASN E 127 33.41 47.83 34.48
CA ASN E 127 32.87 47.56 35.80
C ASN E 127 32.79 46.08 36.13
N ALA E 128 33.85 45.53 36.71
CA ALA E 128 33.89 44.12 37.05
C ALA E 128 32.98 43.73 38.21
N ALA E 129 32.25 44.71 38.76
CA ALA E 129 31.36 44.42 39.86
C ALA E 129 29.96 44.12 39.36
N ASN E 130 29.74 44.23 38.06
CA ASN E 130 28.42 43.94 37.51
C ASN E 130 28.26 42.43 37.39
N TYR E 131 27.62 41.85 38.40
CA TYR E 131 27.43 40.41 38.46
C TYR E 131 26.67 39.81 37.27
N THR E 132 25.76 40.57 36.68
CA THR E 132 24.99 40.08 35.54
C THR E 132 25.91 39.84 34.33
N VAL E 133 26.84 40.76 34.11
CA VAL E 133 27.77 40.63 33.00
C VAL E 133 28.55 39.34 33.16
N TRP E 134 29.04 39.05 34.35
CA TRP E 134 29.79 37.82 34.56
C TRP E 134 28.93 36.59 34.33
N HIS E 135 27.67 36.63 34.74
CA HIS E 135 26.79 35.49 34.53
C HIS E 135 26.65 35.21 33.04
N PHE E 136 26.29 36.25 32.29
CA PHE E 136 26.11 36.15 30.84
C PHE E 136 27.39 35.66 30.19
N ARG E 137 28.52 36.14 30.67
CA ARG E 137 29.78 35.70 30.10
C ARG E 137 29.94 34.20 30.31
N ARG E 138 29.49 33.71 31.46
CA ARG E 138 29.58 32.27 31.76
C ARG E 138 28.63 31.52 30.83
N VAL E 139 27.47 32.09 30.57
CA VAL E 139 26.51 31.47 29.68
C VAL E 139 27.19 31.30 28.33
N LEU E 140 27.80 32.38 27.85
CA LEU E 140 28.50 32.36 26.56
C LEU E 140 29.67 31.40 26.59
N LEU E 141 30.42 31.39 27.69
CA LEU E 141 31.54 30.47 27.78
C LEU E 141 31.09 29.07 27.40
N ARG E 142 29.90 28.69 27.87
CA ARG E 142 29.36 27.36 27.58
C ARG E 142 28.85 27.27 26.15
N SER E 143 27.91 28.14 25.80
CA SER E 143 27.34 28.15 24.46
C SER E 143 28.43 28.07 23.40
N LEU E 144 29.37 29.00 23.42
CA LEU E 144 30.45 29.02 22.44
C LEU E 144 31.54 28.02 22.74
N GLN E 145 31.35 27.19 23.75
CA GLN E 145 32.34 26.20 24.14
C GLN E 145 33.76 26.73 24.08
N LYS E 146 34.00 27.84 24.79
CA LYS E 146 35.31 28.48 24.83
C LYS E 146 36.32 27.67 25.65
N ASP E 147 37.60 27.92 25.39
CA ASP E 147 38.67 27.22 26.11
C ASP E 147 38.72 27.75 27.53
N LEU E 148 38.31 26.91 28.48
CA LEU E 148 38.29 27.32 29.88
C LEU E 148 39.68 27.59 30.44
N GLN E 149 40.68 26.88 29.94
CA GLN E 149 42.03 27.07 30.43
C GLN E 149 42.47 28.49 30.11
N GLU E 150 41.90 29.04 29.05
CA GLU E 150 42.18 30.38 28.59
C GLU E 150 41.51 31.35 29.56
N GLU E 151 40.24 31.07 29.87
CA GLU E 151 39.48 31.89 30.79
C GLU E 151 40.17 31.95 32.15
N MET E 152 40.82 30.85 32.55
CA MET E 152 41.52 30.82 33.82
C MET E 152 42.59 31.90 33.86
N ASN E 153 43.28 32.09 32.75
CA ASN E 153 44.33 33.10 32.70
C ASN E 153 43.69 34.47 32.82
N TYR E 154 42.60 34.65 32.11
CA TYR E 154 41.87 35.91 32.14
C TYR E 154 41.49 36.32 33.56
N ILE E 155 40.76 35.44 34.24
CA ILE E 155 40.31 35.72 35.60
C ILE E 155 41.49 35.87 36.55
N ILE E 156 42.56 35.13 36.31
CA ILE E 156 43.73 35.25 37.18
C ILE E 156 44.25 36.68 37.17
N ALA E 157 44.28 37.29 35.99
CA ALA E 157 44.77 38.66 35.84
C ALA E 157 43.79 39.62 36.52
N ILE E 158 42.51 39.48 36.20
CA ILE E 158 41.45 40.33 36.77
C ILE E 158 41.47 40.35 38.29
N ILE E 159 41.54 39.17 38.90
CA ILE E 159 41.56 39.06 40.35
C ILE E 159 42.77 39.78 40.96
N GLU E 160 43.93 39.66 40.31
CA GLU E 160 45.11 40.32 40.82
C GLU E 160 44.90 41.83 40.89
N GLU E 161 44.18 42.36 39.90
CA GLU E 161 43.90 43.79 39.84
C GLU E 161 42.81 44.19 40.82
N GLN E 162 41.87 43.29 41.08
CA GLN E 162 40.75 43.57 41.98
C GLN E 162 40.52 42.43 42.94
N PRO E 163 41.47 42.18 43.84
CA PRO E 163 41.40 41.10 44.83
C PRO E 163 40.31 41.19 45.89
N LYS E 164 39.57 42.29 45.93
CA LYS E 164 38.51 42.43 46.92
C LYS E 164 37.13 42.48 46.29
N ASN E 165 37.04 42.03 45.04
CA ASN E 165 35.80 42.00 44.27
C ASN E 165 35.14 40.62 44.42
N TYR E 166 33.90 40.60 44.89
CA TYR E 166 33.17 39.34 45.09
C TYR E 166 32.92 38.55 43.82
N GLN E 167 32.49 39.23 42.77
CA GLN E 167 32.18 38.57 41.50
C GLN E 167 33.34 37.82 40.87
N VAL E 168 34.54 38.39 40.92
CA VAL E 168 35.68 37.74 40.30
C VAL E 168 36.08 36.45 41.01
N TRP E 169 35.96 36.40 42.33
CA TRP E 169 36.31 35.19 43.07
C TRP E 169 35.25 34.11 42.81
N HIS E 170 34.00 34.53 42.69
CA HIS E 170 32.94 33.59 42.42
C HIS E 170 33.18 32.98 41.05
N HIS E 171 33.50 33.83 40.08
CA HIS E 171 33.75 33.37 38.72
C HIS E 171 34.86 32.33 38.70
N ARG E 172 35.97 32.62 39.36
CA ARG E 172 37.07 31.66 39.37
C ARG E 172 36.65 30.33 40.00
N ARG E 173 35.83 30.39 41.03
CA ARG E 173 35.40 29.16 41.67
C ARG E 173 34.53 28.32 40.74
N VAL E 174 33.67 28.97 39.96
CA VAL E 174 32.83 28.22 39.03
C VAL E 174 33.71 27.54 37.99
N LEU E 175 34.72 28.25 37.48
CA LEU E 175 35.62 27.70 36.48
C LEU E 175 36.35 26.47 37.01
N VAL E 176 36.87 26.58 38.23
CA VAL E 176 37.58 25.45 38.81
C VAL E 176 36.65 24.25 38.99
N GLU E 177 35.37 24.51 39.30
CA GLU E 177 34.41 23.41 39.46
C GLU E 177 34.21 22.76 38.09
N TRP E 178 34.08 23.59 37.06
CA TRP E 178 33.90 23.09 35.71
C TRP E 178 35.07 22.22 35.30
N LEU E 179 36.28 22.74 35.45
CA LEU E 179 37.48 22.01 35.05
C LEU E 179 37.82 20.87 36.00
N LYS E 180 37.30 20.91 37.22
CA LYS E 180 37.62 19.89 38.20
C LYS E 180 39.14 19.83 38.28
N ASP E 181 39.77 20.99 38.08
CA ASP E 181 41.22 21.10 38.11
C ASP E 181 41.68 22.13 39.15
N PRO E 182 42.15 21.66 40.31
CA PRO E 182 42.60 22.61 41.33
C PRO E 182 44.10 22.81 41.30
N SER E 183 44.75 22.22 40.31
CA SER E 183 46.21 22.27 40.19
C SER E 183 46.93 23.60 40.38
N GLN E 184 46.34 24.71 39.95
CA GLN E 184 47.03 25.98 40.12
C GLN E 184 46.45 26.90 41.22
N GLU E 185 45.46 26.39 41.95
CA GLU E 185 44.82 27.19 43.00
C GLU E 185 45.67 27.57 44.20
N LEU E 186 46.24 26.60 44.90
CA LEU E 186 47.04 26.93 46.09
C LEU E 186 48.15 27.94 45.84
N GLU E 187 48.78 27.87 44.67
CA GLU E 187 49.86 28.80 44.35
C GLU E 187 49.31 30.18 44.06
N PHE E 188 48.22 30.23 43.31
CA PHE E 188 47.59 31.50 42.96
C PHE E 188 47.18 32.25 44.22
N ILE E 189 46.48 31.56 45.11
CA ILE E 189 46.03 32.14 46.35
C ILE E 189 47.21 32.65 47.17
N ALA E 190 48.29 31.86 47.21
CA ALA E 190 49.48 32.26 47.94
C ALA E 190 50.01 33.60 47.40
N ASP E 191 49.90 33.80 46.09
CA ASP E 191 50.36 35.04 45.49
C ASP E 191 49.47 36.19 45.94
N ILE E 192 48.16 35.99 45.87
CA ILE E 192 47.23 37.03 46.29
C ILE E 192 47.46 37.33 47.77
N LEU E 193 47.64 36.27 48.56
CA LEU E 193 47.87 36.45 49.98
C LEU E 193 49.16 37.19 50.22
N ASN E 194 49.91 37.44 49.16
CA ASN E 194 51.16 38.17 49.34
C ASN E 194 50.93 39.66 49.35
N GLN E 195 49.92 40.13 48.64
CA GLN E 195 49.66 41.56 48.67
C GLN E 195 48.69 41.89 49.81
N ASP E 196 48.21 40.85 50.49
CA ASP E 196 47.32 41.01 51.63
C ASP E 196 47.09 39.67 52.30
N ALA E 197 47.91 39.36 53.30
CA ALA E 197 47.81 38.09 54.00
C ALA E 197 46.52 37.87 54.77
N LYS E 198 45.64 38.87 54.78
CA LYS E 198 44.38 38.73 55.52
C LYS E 198 43.13 38.86 54.63
N ASN E 199 43.35 38.90 53.33
CA ASN E 199 42.27 39.02 52.36
C ASN E 199 41.25 37.91 52.62
N TYR E 200 40.09 38.28 53.15
CA TYR E 200 39.07 37.28 53.47
C TYR E 200 38.67 36.45 52.24
N HIS E 201 38.54 37.09 51.08
CA HIS E 201 38.16 36.40 49.84
C HIS E 201 39.16 35.28 49.52
N ALA E 202 40.45 35.58 49.66
CA ALA E 202 41.52 34.62 49.38
C ALA E 202 41.45 33.42 50.30
N TRP E 203 41.33 33.66 51.59
CA TRP E 203 41.25 32.56 52.54
C TRP E 203 39.99 31.71 52.32
N GLN E 204 38.91 32.38 51.95
CA GLN E 204 37.66 31.68 51.73
C GLN E 204 37.84 30.73 50.55
N HIS E 205 38.40 31.25 49.46
CA HIS E 205 38.62 30.45 48.26
C HIS E 205 39.60 29.30 48.56
N ARG E 206 40.61 29.60 49.37
CA ARG E 206 41.59 28.59 49.71
C ARG E 206 40.95 27.42 50.47
N GLN E 207 40.11 27.72 51.46
CA GLN E 207 39.48 26.64 52.21
C GLN E 207 38.56 25.82 51.31
N TRP E 208 37.89 26.48 50.37
CA TRP E 208 37.00 25.77 49.45
C TRP E 208 37.78 24.77 48.62
N VAL E 209 38.86 25.23 47.99
CA VAL E 209 39.67 24.36 47.17
C VAL E 209 40.16 23.16 48.00
N ILE E 210 40.86 23.45 49.09
CA ILE E 210 41.38 22.40 49.94
C ILE E 210 40.33 21.37 50.34
N GLN E 211 39.16 21.84 50.73
CA GLN E 211 38.09 20.94 51.15
C GLN E 211 37.54 20.12 49.98
N GLU E 212 37.16 20.82 48.91
CA GLU E 212 36.59 20.22 47.72
C GLU E 212 37.46 19.18 47.02
N PHE E 213 38.77 19.40 46.95
CA PHE E 213 39.65 18.45 46.29
C PHE E 213 40.59 17.77 47.24
N ARG E 214 40.23 17.79 48.52
CA ARG E 214 41.03 17.19 49.59
C ARG E 214 42.55 17.37 49.43
N LEU E 215 42.98 18.62 49.54
CA LEU E 215 44.40 18.97 49.41
C LEU E 215 44.97 19.39 50.77
N TRP E 216 44.85 18.54 51.77
CA TRP E 216 45.36 18.89 53.10
C TRP E 216 46.85 18.65 53.31
N ASP E 217 47.40 17.71 52.55
CA ASP E 217 48.80 17.32 52.64
C ASP E 217 49.85 18.38 52.98
N ASN E 218 49.75 19.56 52.39
CA ASN E 218 50.76 20.59 52.64
C ASN E 218 50.30 21.85 53.35
N GLU E 219 49.02 21.95 53.68
CA GLU E 219 48.55 23.16 54.32
C GLU E 219 49.15 23.44 55.69
N LEU E 220 49.22 22.44 56.55
CA LEU E 220 49.77 22.67 57.88
C LEU E 220 51.18 23.26 57.81
N GLN E 221 51.90 22.90 56.76
CA GLN E 221 53.25 23.40 56.58
C GLN E 221 53.17 24.86 56.12
N TYR E 222 52.26 25.14 55.20
CA TYR E 222 52.06 26.49 54.68
C TYR E 222 51.75 27.42 55.84
N VAL E 223 50.89 26.94 56.73
CA VAL E 223 50.48 27.68 57.92
C VAL E 223 51.71 28.00 58.77
N ASP E 224 52.51 26.97 59.08
CA ASP E 224 53.73 27.15 59.88
C ASP E 224 54.62 28.21 59.31
N GLN E 225 54.71 28.24 57.98
CA GLN E 225 55.54 29.22 57.31
C GLN E 225 54.99 30.62 57.44
N LEU E 226 53.69 30.79 57.22
CA LEU E 226 53.07 32.11 57.32
C LEU E 226 53.08 32.64 58.74
N LEU E 227 52.92 31.75 59.71
CA LEU E 227 52.94 32.17 61.10
C LEU E 227 54.31 32.71 61.47
N LYS E 228 55.34 32.27 60.74
CA LYS E 228 56.69 32.76 61.01
C LYS E 228 56.83 34.16 60.44
N GLU E 229 56.15 34.42 59.34
CA GLU E 229 56.20 35.73 58.70
C GLU E 229 55.47 36.79 59.53
N ASP E 230 54.46 36.35 60.28
CA ASP E 230 53.66 37.25 61.11
C ASP E 230 52.79 36.43 62.05
N VAL E 231 53.31 36.21 63.25
CA VAL E 231 52.60 35.41 64.24
C VAL E 231 51.28 36.06 64.69
N ARG E 232 51.04 37.29 64.27
CA ARG E 232 49.81 37.98 64.66
C ARG E 232 48.68 37.88 63.64
N ASN E 233 48.91 37.20 62.51
CA ASN E 233 47.88 37.07 61.51
C ASN E 233 46.80 36.10 61.93
N ASN E 234 45.68 36.66 62.40
CA ASN E 234 44.55 35.89 62.89
C ASN E 234 44.02 34.92 61.83
N SER E 235 44.15 35.28 60.55
CA SER E 235 43.67 34.41 59.46
C SER E 235 44.44 33.10 59.41
N VAL E 236 45.74 33.18 59.65
CA VAL E 236 46.59 32.00 59.61
C VAL E 236 46.32 31.07 60.79
N TRP E 237 46.06 31.63 61.97
CA TRP E 237 45.75 30.79 63.12
C TRP E 237 44.45 30.05 62.85
N ASN E 238 43.51 30.71 62.19
CA ASN E 238 42.24 30.07 61.88
C ASN E 238 42.52 28.96 60.88
N GLN E 239 43.36 29.24 59.89
CA GLN E 239 43.68 28.24 58.89
C GLN E 239 44.30 27.01 59.56
N ARG E 240 45.12 27.24 60.57
CA ARG E 240 45.75 26.14 61.26
C ARG E 240 44.70 25.24 61.88
N HIS E 241 43.75 25.83 62.59
CA HIS E 241 42.69 25.06 63.22
C HIS E 241 41.84 24.35 62.17
N PHE E 242 41.65 25.01 61.03
CA PHE E 242 40.90 24.45 59.92
C PHE E 242 41.55 23.14 59.46
N VAL E 243 42.85 23.18 59.18
CA VAL E 243 43.59 22.01 58.74
C VAL E 243 43.51 20.88 59.74
N ILE E 244 43.98 21.12 60.94
CA ILE E 244 43.99 20.09 61.96
C ILE E 244 42.63 19.45 62.24
N SER E 245 41.62 20.27 62.51
CA SER E 245 40.31 19.70 62.80
C SER E 245 39.71 18.93 61.62
N ASN E 246 40.23 19.16 60.42
CA ASN E 246 39.71 18.46 59.26
C ASN E 246 40.59 17.27 58.87
N THR E 247 41.63 17.00 59.66
CA THR E 247 42.50 15.88 59.37
C THR E 247 42.58 14.98 60.59
N THR E 248 43.60 15.17 61.42
CA THR E 248 43.78 14.36 62.60
C THR E 248 42.75 14.63 63.68
N GLY E 249 42.32 15.88 63.79
CA GLY E 249 41.38 16.23 64.84
C GLY E 249 42.20 16.54 66.08
N TYR E 250 41.58 16.95 67.17
CA TYR E 250 42.35 17.26 68.38
C TYR E 250 42.18 16.22 69.48
N SER E 251 41.46 15.14 69.18
CA SER E 251 41.22 14.09 70.15
C SER E 251 42.48 13.28 70.44
N ASP E 252 43.37 13.21 69.47
CA ASP E 252 44.61 12.47 69.69
C ASP E 252 45.44 13.28 70.68
N ARG E 253 45.49 12.83 71.92
CA ARG E 253 46.26 13.51 72.96
C ARG E 253 47.65 13.91 72.49
N ALA E 254 48.19 13.16 71.53
CA ALA E 254 49.51 13.44 71.01
C ALA E 254 49.46 14.76 70.25
N VAL E 255 48.43 14.92 69.43
CA VAL E 255 48.26 16.12 68.64
C VAL E 255 47.93 17.33 69.52
N LEU E 256 46.99 17.15 70.46
CA LEU E 256 46.60 18.22 71.35
C LEU E 256 47.83 18.78 72.05
N GLU E 257 48.64 17.88 72.57
CA GLU E 257 49.86 18.26 73.27
C GLU E 257 50.80 19.03 72.35
N ARG E 258 50.99 18.51 71.14
CA ARG E 258 51.85 19.15 70.16
C ARG E 258 51.40 20.57 69.93
N GLU E 259 50.08 20.74 69.79
CA GLU E 259 49.48 22.04 69.53
C GLU E 259 49.57 23.00 70.70
N VAL E 260 49.19 22.53 71.88
CA VAL E 260 49.27 23.39 73.06
C VAL E 260 50.69 23.85 73.24
N GLN E 261 51.64 22.94 72.97
CA GLN E 261 53.05 23.25 73.11
C GLN E 261 53.46 24.29 72.08
N TYR E 262 53.05 24.06 70.85
CA TYR E 262 53.36 24.95 69.74
C TYR E 262 52.90 26.36 70.03
N THR E 263 51.68 26.47 70.56
CA THR E 263 51.10 27.77 70.85
C THR E 263 51.84 28.46 71.99
N LEU E 264 52.06 27.74 73.09
CA LEU E 264 52.78 28.33 74.22
C LEU E 264 54.12 28.86 73.73
N GLU E 265 54.70 28.20 72.74
CA GLU E 265 55.97 28.65 72.20
C GLU E 265 55.82 29.97 71.49
N MET E 266 54.75 30.10 70.70
CA MET E 266 54.49 31.33 69.96
C MET E 266 54.16 32.44 70.94
N ILE E 267 53.40 32.11 71.98
CA ILE E 267 53.03 33.09 72.98
C ILE E 267 54.29 33.65 73.64
N LYS E 268 55.28 32.80 73.89
CA LYS E 268 56.52 33.26 74.51
C LYS E 268 57.27 34.22 73.61
N LEU E 269 57.15 34.03 72.30
CA LEU E 269 57.84 34.92 71.37
C LEU E 269 57.17 36.27 71.29
N VAL E 270 55.85 36.28 71.37
CA VAL E 270 55.08 37.52 71.31
C VAL E 270 53.90 37.30 72.24
N PRO E 271 54.11 37.50 73.55
CA PRO E 271 53.11 37.33 74.60
C PRO E 271 51.81 38.11 74.41
N HIS E 272 51.89 39.24 73.72
CA HIS E 272 50.69 40.06 73.49
C HIS E 272 50.13 39.77 72.10
N ASN E 273 49.43 38.65 71.97
CA ASN E 273 48.84 38.25 70.70
C ASN E 273 47.53 37.52 70.93
N GLU E 274 46.42 38.24 70.81
CA GLU E 274 45.10 37.67 71.04
C GLU E 274 44.86 36.39 70.24
N SER E 275 45.31 36.38 69.00
CA SER E 275 45.14 35.23 68.12
C SER E 275 45.71 33.94 68.73
N ALA E 276 46.97 34.00 69.17
CA ALA E 276 47.60 32.84 69.77
C ALA E 276 46.82 32.39 71.02
N TRP E 277 46.44 33.34 71.86
CA TRP E 277 45.70 32.97 73.06
C TRP E 277 44.33 32.40 72.74
N ASN E 278 43.69 32.92 71.70
CA ASN E 278 42.36 32.44 71.32
C ASN E 278 42.43 30.99 70.83
N TYR E 279 43.49 30.66 70.10
CA TYR E 279 43.69 29.31 69.60
C TYR E 279 43.88 28.37 70.80
N LEU E 280 44.81 28.73 71.70
CA LEU E 280 45.05 27.94 72.89
C LEU E 280 43.77 27.64 73.64
N LYS E 281 43.02 28.69 73.99
CA LYS E 281 41.78 28.49 74.71
C LYS E 281 40.76 27.74 73.84
N GLY E 282 40.80 28.02 72.54
CA GLY E 282 39.87 27.38 71.64
C GLY E 282 39.94 25.87 71.65
N ILE E 283 41.14 25.33 71.50
CA ILE E 283 41.31 23.88 71.44
C ILE E 283 41.18 23.17 72.79
N LEU E 284 41.02 23.94 73.86
CA LEU E 284 40.89 23.36 75.19
C LEU E 284 39.58 23.65 75.92
N GLN E 285 38.95 24.79 75.61
CA GLN E 285 37.72 25.18 76.29
C GLN E 285 36.62 24.15 76.34
N ASP E 286 36.47 23.34 75.30
CA ASP E 286 35.40 22.37 75.30
C ASP E 286 35.73 21.08 76.03
N ARG E 287 37.01 20.80 76.21
CA ARG E 287 37.41 19.59 76.92
C ARG E 287 37.38 19.91 78.42
N GLY E 288 37.46 21.20 78.73
CA GLY E 288 37.42 21.62 80.11
C GLY E 288 38.75 22.19 80.59
N LEU E 289 38.88 23.52 80.56
CA LEU E 289 40.13 24.17 80.98
C LEU E 289 40.65 23.69 82.32
N SER E 290 39.74 23.38 83.25
CA SER E 290 40.15 22.93 84.57
C SER E 290 40.72 21.52 84.62
N ARG E 291 40.60 20.75 83.54
CA ARG E 291 41.13 19.39 83.52
C ARG E 291 42.62 19.32 83.14
N TYR E 292 43.30 20.46 83.15
CA TYR E 292 44.72 20.51 82.79
C TYR E 292 45.55 21.24 83.84
N PRO E 293 45.80 20.58 84.98
CA PRO E 293 46.58 21.12 86.11
C PRO E 293 47.92 21.75 85.79
N ASN E 294 48.70 21.13 84.90
CA ASN E 294 50.00 21.71 84.58
C ASN E 294 49.89 23.04 83.87
N LEU E 295 48.81 23.20 83.09
CA LEU E 295 48.62 24.45 82.34
C LEU E 295 48.44 25.63 83.29
N LEU E 296 47.62 25.45 84.31
CA LEU E 296 47.39 26.51 85.26
C LEU E 296 48.69 27.02 85.87
N ASN E 297 49.56 26.10 86.26
CA ASN E 297 50.82 26.47 86.88
C ASN E 297 51.79 27.04 85.87
N GLN E 298 51.88 26.44 84.69
CA GLN E 298 52.79 26.94 83.68
C GLN E 298 52.47 28.38 83.30
N LEU E 299 51.17 28.71 83.29
CA LEU E 299 50.73 30.06 82.94
C LEU E 299 51.05 31.01 84.07
N LEU E 300 50.76 30.60 85.31
CA LEU E 300 51.04 31.42 86.47
C LEU E 300 52.52 31.81 86.51
N ASP E 301 53.38 30.95 85.97
CA ASP E 301 54.81 31.22 85.95
C ASP E 301 55.20 32.21 84.88
N LEU E 302 54.44 32.24 83.80
CA LEU E 302 54.71 33.18 82.71
C LEU E 302 54.36 34.59 83.17
N GLN E 303 53.33 34.70 83.99
CA GLN E 303 52.85 35.98 84.48
C GLN E 303 53.94 37.00 84.78
N PRO E 304 54.96 36.61 85.55
CA PRO E 304 56.05 37.55 85.87
C PRO E 304 56.64 38.24 84.65
N SER E 305 57.08 37.44 83.68
CA SER E 305 57.71 37.98 82.48
C SER E 305 56.86 38.19 81.23
N HIS E 306 55.99 37.22 80.91
CA HIS E 306 55.14 37.34 79.72
C HIS E 306 53.69 37.72 80.02
N SER E 307 53.48 38.62 80.97
CA SER E 307 52.12 39.01 81.31
C SER E 307 51.45 39.81 80.20
N SER E 308 50.13 39.70 80.13
CA SER E 308 49.32 40.40 79.14
C SER E 308 47.87 40.22 79.56
N PRO E 309 46.97 41.08 79.06
CA PRO E 309 45.56 40.98 79.40
C PRO E 309 45.05 39.58 79.07
N TYR E 310 45.54 39.08 77.95
CA TYR E 310 45.18 37.76 77.42
C TYR E 310 45.46 36.63 78.40
N LEU E 311 46.62 36.70 79.05
CA LEU E 311 47.00 35.68 80.02
C LEU E 311 46.08 35.80 81.25
N ILE E 312 45.97 37.00 81.79
CA ILE E 312 45.14 37.21 82.97
C ILE E 312 43.74 36.66 82.71
N ALA E 313 43.19 36.99 81.54
CA ALA E 313 41.86 36.54 81.18
C ALA E 313 41.81 35.03 81.18
N PHE E 314 42.77 34.40 80.50
CA PHE E 314 42.84 32.94 80.43
C PHE E 314 42.73 32.36 81.84
N LEU E 315 43.51 32.93 82.76
CA LEU E 315 43.51 32.51 84.16
C LEU E 315 42.11 32.63 84.77
N VAL E 316 41.45 33.76 84.51
CA VAL E 316 40.10 33.96 85.04
C VAL E 316 39.22 32.82 84.53
N ASP E 317 39.35 32.52 83.24
CA ASP E 317 38.57 31.46 82.59
C ASP E 317 38.83 30.07 83.19
N ILE E 318 40.10 29.81 83.51
CA ILE E 318 40.49 28.54 84.13
C ILE E 318 39.79 28.46 85.48
N TYR E 319 39.92 29.52 86.27
CA TYR E 319 39.29 29.57 87.59
C TYR E 319 37.78 29.35 87.50
N GLU E 320 37.14 29.97 86.51
CA GLU E 320 35.72 29.81 86.40
C GLU E 320 35.33 28.39 86.05
N ASP E 321 36.12 27.73 85.20
CA ASP E 321 35.79 26.35 84.84
C ASP E 321 35.87 25.48 86.08
N MET E 322 36.76 25.84 87.00
CA MET E 322 36.88 25.09 88.25
C MET E 322 35.60 25.24 89.04
N LEU E 323 35.23 26.48 89.33
CA LEU E 323 34.01 26.77 90.07
C LEU E 323 32.83 26.05 89.42
N GLU E 324 32.87 25.95 88.09
CA GLU E 324 31.82 25.31 87.32
C GLU E 324 31.78 23.82 87.67
N ASN E 325 32.95 23.24 87.87
CA ASN E 325 33.05 21.82 88.18
C ASN E 325 33.23 21.56 89.67
N GLN E 326 32.48 22.28 90.49
CA GLN E 326 32.55 22.13 91.95
C GLN E 326 33.93 21.69 92.44
N CYS E 327 34.92 22.55 92.29
CA CYS E 327 36.28 22.26 92.71
C CYS E 327 36.43 22.42 94.22
N ASP E 328 37.63 22.13 94.72
CA ASP E 328 37.95 22.25 96.14
C ASP E 328 38.34 23.70 96.41
N ASN E 329 37.80 24.27 97.49
CA ASN E 329 38.06 25.65 97.87
C ASN E 329 37.24 26.61 97.02
N LYS E 330 36.00 26.23 96.73
CA LYS E 330 35.13 27.04 95.91
C LYS E 330 35.33 28.52 96.24
N GLU E 331 35.04 28.90 97.48
CA GLU E 331 35.17 30.30 97.88
C GLU E 331 36.58 30.86 97.73
N ASP E 332 37.58 29.99 97.83
CA ASP E 332 38.96 30.44 97.70
C ASP E 332 39.29 30.77 96.24
N ILE E 333 38.87 29.89 95.34
CA ILE E 333 39.10 30.08 93.91
C ILE E 333 38.40 31.35 93.43
N LEU E 334 37.12 31.46 93.75
CA LEU E 334 36.33 32.62 93.37
C LEU E 334 37.08 33.92 93.62
N ASN E 335 37.76 34.00 94.75
CA ASN E 335 38.51 35.19 95.10
C ASN E 335 39.69 35.40 94.19
N LYS E 336 40.37 34.33 93.83
CA LYS E 336 41.51 34.46 92.94
C LYS E 336 41.02 35.01 91.59
N ALA E 337 39.83 34.60 91.19
CA ALA E 337 39.24 35.05 89.93
C ALA E 337 38.91 36.53 90.04
N LEU E 338 38.08 36.85 91.03
CA LEU E 338 37.64 38.23 91.27
C LEU E 338 38.83 39.15 91.37
N GLU E 339 39.90 38.68 92.00
CA GLU E 339 41.07 39.52 92.15
C GLU E 339 41.68 39.84 90.79
N LEU E 340 41.62 38.85 89.89
CA LEU E 340 42.15 39.02 88.56
C LEU E 340 41.25 39.94 87.74
N CYS E 341 39.95 39.77 87.90
CA CYS E 341 38.98 40.61 87.19
C CYS E 341 39.30 42.06 87.48
N GLU E 342 39.49 42.36 88.77
CA GLU E 342 39.81 43.72 89.17
C GLU E 342 41.14 44.22 88.62
N ILE E 343 42.11 43.33 88.54
CA ILE E 343 43.41 43.69 88.00
C ILE E 343 43.24 44.09 86.54
N LEU E 344 42.32 43.40 85.88
CA LEU E 344 42.02 43.66 84.48
C LEU E 344 41.33 45.01 84.36
N ALA E 345 40.31 45.21 85.18
CA ALA E 345 39.54 46.46 85.17
C ALA E 345 40.38 47.67 85.54
N LYS E 346 41.08 47.58 86.66
CA LYS E 346 41.90 48.68 87.15
C LYS E 346 43.19 48.99 86.43
N GLU E 347 43.91 47.98 85.96
CA GLU E 347 45.18 48.27 85.29
C GLU E 347 45.57 47.55 84.00
N LYS E 348 45.20 46.29 83.85
CA LYS E 348 45.60 45.54 82.66
C LYS E 348 44.80 45.70 81.35
N ASP E 349 43.48 45.79 81.47
CA ASP E 349 42.62 45.93 80.30
C ASP E 349 41.57 46.99 80.61
N THR E 350 42.03 48.18 81.01
CA THR E 350 41.14 49.27 81.38
C THR E 350 40.01 49.62 80.44
N ILE E 351 40.23 49.54 79.14
CA ILE E 351 39.17 49.87 78.20
C ILE E 351 37.93 49.00 78.40
N ARG E 352 38.12 47.81 78.95
CA ARG E 352 37.00 46.90 79.22
C ARG E 352 36.69 46.86 80.72
N LYS E 353 37.12 47.92 81.41
CA LYS E 353 36.91 48.11 82.83
C LYS E 353 35.51 47.68 83.28
N GLU E 354 34.47 48.31 82.73
CA GLU E 354 33.09 47.99 83.10
C GLU E 354 32.70 46.55 82.79
N TYR E 355 33.27 45.98 81.74
CA TYR E 355 32.98 44.61 81.35
C TYR E 355 33.53 43.64 82.39
N TRP E 356 34.81 43.81 82.71
CA TRP E 356 35.43 42.94 83.69
C TRP E 356 34.74 43.06 85.05
N ARG E 357 34.31 44.28 85.40
CA ARG E 357 33.60 44.48 86.66
C ARG E 357 32.30 43.67 86.60
N TYR E 358 31.68 43.67 85.43
CA TYR E 358 30.44 42.95 85.22
C TYR E 358 30.69 41.44 85.34
N ILE E 359 31.80 40.99 84.76
CA ILE E 359 32.15 39.57 84.82
C ILE E 359 32.33 39.17 86.29
N GLY E 360 33.05 40.00 87.03
CA GLY E 360 33.28 39.73 88.44
C GLY E 360 31.96 39.59 89.19
N ARG E 361 31.08 40.58 89.05
CA ARG E 361 29.79 40.55 89.73
C ARG E 361 29.05 39.26 89.37
N SER E 362 29.22 38.82 88.12
CA SER E 362 28.57 37.60 87.66
C SER E 362 29.12 36.36 88.36
N LEU E 363 30.44 36.30 88.53
CA LEU E 363 31.06 35.17 89.22
C LEU E 363 30.65 35.17 90.68
N GLN E 364 30.59 36.35 91.28
CA GLN E 364 30.18 36.50 92.67
C GLN E 364 28.81 35.87 92.89
N SER E 365 27.81 36.46 92.27
CA SER E 365 26.44 35.99 92.42
C SER E 365 26.17 34.60 91.89
N LYS E 366 27.17 33.95 91.30
CA LYS E 366 26.95 32.61 90.76
C LYS E 366 27.59 31.54 91.64
N HIS E 367 28.58 31.94 92.44
CA HIS E 367 29.26 31.00 93.32
C HIS E 367 29.49 31.60 94.71
N SER E 368 28.46 31.64 95.55
CA SER E 368 28.60 32.19 96.91
C SER E 368 27.52 31.70 97.87
N LEU F 18 35.52 66.00 69.24
CA LEU F 18 34.88 67.36 69.25
C LEU F 18 33.34 67.26 69.20
N ASP F 19 32.78 67.87 68.15
CA ASP F 19 31.36 67.89 67.94
C ASP F 19 30.93 67.14 66.67
N PHE F 20 29.62 66.99 66.55
CA PHE F 20 28.99 66.28 65.45
C PHE F 20 28.41 67.29 64.45
N LEU F 21 29.00 67.37 63.26
CA LEU F 21 28.54 68.30 62.24
C LEU F 21 27.25 67.85 61.56
N ARG F 22 26.21 67.67 62.35
CA ARG F 22 24.89 67.22 61.87
C ARG F 22 24.41 67.74 60.51
N ASP F 23 24.36 69.05 60.33
CA ASP F 23 23.89 69.62 59.05
C ASP F 23 24.79 69.28 57.89
N ARG F 24 26.09 69.28 58.15
CA ARG F 24 27.07 68.95 57.12
C ARG F 24 26.75 67.56 56.57
N HIS F 25 26.38 66.65 57.48
CA HIS F 25 26.05 65.29 57.10
C HIS F 25 24.71 65.19 56.40
N VAL F 26 23.75 66.03 56.76
CA VAL F 26 22.45 66.00 56.08
C VAL F 26 22.69 66.32 54.61
N ARG F 27 23.48 67.36 54.34
CA ARG F 27 23.78 67.76 52.97
C ARG F 27 24.48 66.62 52.25
N PHE F 28 25.45 66.01 52.92
CA PHE F 28 26.20 64.90 52.33
C PHE F 28 25.26 63.82 51.82
N PHE F 29 24.28 63.42 52.63
CA PHE F 29 23.34 62.39 52.22
C PHE F 29 22.47 62.91 51.08
N GLN F 30 22.11 64.18 51.13
CA GLN F 30 21.29 64.76 50.06
C GLN F 30 21.98 64.62 48.73
N ARG F 31 23.26 64.96 48.71
CA ARG F 31 24.02 64.86 47.48
C ARG F 31 24.04 63.44 46.97
N CYS F 32 24.15 62.47 47.88
CA CYS F 32 24.18 61.07 47.48
C CYS F 32 22.94 60.69 46.69
N LEU F 33 21.78 61.16 47.13
CA LEU F 33 20.53 60.85 46.44
C LEU F 33 20.44 61.54 45.08
N GLN F 34 21.29 62.53 44.86
CA GLN F 34 21.26 63.28 43.62
C GLN F 34 22.10 62.67 42.51
N VAL F 35 23.38 62.99 42.47
CA VAL F 35 24.22 62.44 41.42
C VAL F 35 25.54 61.97 41.99
N LEU F 36 26.13 60.97 41.34
CA LEU F 36 27.42 60.41 41.74
C LEU F 36 28.37 60.45 40.54
N PRO F 37 29.67 60.67 40.81
CA PRO F 37 30.72 60.75 39.78
C PRO F 37 30.95 59.38 39.13
N GLU F 38 31.30 59.36 37.84
CA GLU F 38 31.50 58.08 37.15
C GLU F 38 32.47 57.20 37.94
N ARG F 39 33.12 57.79 38.95
CA ARG F 39 34.06 57.06 39.79
C ARG F 39 33.33 56.02 40.65
N TYR F 40 32.03 56.14 40.80
CA TYR F 40 31.25 55.21 41.62
C TYR F 40 30.48 54.22 40.77
N SER F 41 30.94 54.05 39.54
CA SER F 41 30.30 53.16 38.58
C SER F 41 30.22 51.71 39.07
N SER F 42 31.18 51.30 39.89
CA SER F 42 31.18 49.92 40.38
C SER F 42 30.07 49.64 41.37
N LEU F 43 29.22 50.65 41.61
CA LEU F 43 28.10 50.50 42.55
C LEU F 43 26.78 50.50 41.80
N GLU F 44 26.84 50.65 40.48
CA GLU F 44 25.65 50.66 39.65
C GLU F 44 24.62 49.59 40.06
N THR F 45 25.04 48.34 40.10
CA THR F 45 24.14 47.25 40.46
C THR F 45 23.79 47.16 41.95
N SER F 46 24.16 48.19 42.71
CA SER F 46 23.90 48.22 44.15
C SER F 46 23.41 49.60 44.54
N ARG F 47 22.95 50.37 43.56
CA ARG F 47 22.50 51.73 43.84
C ARG F 47 21.43 51.81 44.90
N LEU F 48 20.56 50.81 44.95
CA LEU F 48 19.49 50.80 45.94
C LEU F 48 20.03 50.76 47.36
N THR F 49 21.18 50.11 47.57
CA THR F 49 21.76 50.06 48.90
C THR F 49 22.37 51.41 49.24
N ILE F 50 22.82 52.13 48.21
CA ILE F 50 23.39 53.45 48.44
C ILE F 50 22.24 54.38 48.82
N ALA F 51 21.10 54.19 48.16
CA ALA F 51 19.90 54.98 48.45
C ALA F 51 19.52 54.74 49.90
N PHE F 52 19.61 53.47 50.32
CA PHE F 52 19.30 53.07 51.68
C PHE F 52 20.19 53.79 52.68
N PHE F 53 21.49 53.75 52.46
CA PHE F 53 22.43 54.41 53.34
C PHE F 53 22.07 55.89 53.52
N ALA F 54 21.70 56.52 52.42
CA ALA F 54 21.36 57.93 52.44
C ALA F 54 20.00 58.22 53.06
N LEU F 55 18.99 57.46 52.67
CA LEU F 55 17.64 57.61 53.20
C LEU F 55 17.56 57.24 54.69
N SER F 56 18.10 56.08 55.04
CA SER F 56 18.08 55.64 56.44
C SER F 56 18.97 56.59 57.24
N GLY F 57 20.01 57.11 56.58
CA GLY F 57 20.90 58.05 57.23
C GLY F 57 20.17 59.35 57.54
N LEU F 58 19.37 59.82 56.58
CA LEU F 58 18.61 61.05 56.78
C LEU F 58 17.56 60.83 57.85
N ASP F 59 16.91 59.67 57.79
CA ASP F 59 15.89 59.30 58.76
C ASP F 59 16.51 59.35 60.16
N MET F 60 17.68 58.72 60.30
CA MET F 60 18.40 58.67 61.56
C MET F 60 18.73 60.06 62.07
N LEU F 61 18.89 61.00 61.14
CA LEU F 61 19.20 62.38 61.48
C LEU F 61 17.93 63.22 61.54
N ASP F 62 16.81 62.55 61.33
CA ASP F 62 15.50 63.21 61.37
C ASP F 62 15.44 64.36 60.35
N SER F 63 15.80 64.08 59.10
CA SER F 63 15.79 65.09 58.04
C SER F 63 15.19 64.54 56.76
N LEU F 64 14.26 63.60 56.86
CA LEU F 64 13.65 63.05 55.66
C LEU F 64 12.86 64.09 54.87
N ASP F 65 12.56 65.22 55.50
CA ASP F 65 11.81 66.26 54.83
C ASP F 65 12.56 66.88 53.65
N VAL F 66 13.87 66.88 53.69
CA VAL F 66 14.66 67.46 52.62
C VAL F 66 14.59 66.69 51.29
N VAL F 67 13.78 65.64 51.23
CA VAL F 67 13.67 64.87 49.99
C VAL F 67 12.21 64.69 49.61
N ASN F 68 11.97 64.31 48.36
CA ASN F 68 10.62 64.09 47.92
C ASN F 68 10.31 62.62 48.08
N LYS F 69 9.66 62.27 49.19
CA LYS F 69 9.32 60.89 49.47
C LYS F 69 8.59 60.22 48.30
N ASP F 70 7.64 60.93 47.71
CA ASP F 70 6.87 60.38 46.62
C ASP F 70 7.68 60.00 45.39
N ASP F 71 8.57 60.89 44.96
CA ASP F 71 9.38 60.61 43.79
C ASP F 71 10.24 59.38 44.03
N ILE F 72 10.91 59.36 45.17
CA ILE F 72 11.79 58.25 45.51
C ILE F 72 11.03 56.93 45.61
N ILE F 73 9.84 56.97 46.19
CA ILE F 73 9.03 55.76 46.31
C ILE F 73 8.70 55.18 44.95
N GLU F 74 8.45 56.05 43.97
CA GLU F 74 8.12 55.58 42.63
C GLU F 74 9.34 54.95 42.00
N TRP F 75 10.50 55.56 42.24
CA TRP F 75 11.75 55.07 41.71
C TRP F 75 11.99 53.67 42.26
N ILE F 76 11.80 53.51 43.57
CA ILE F 76 12.00 52.22 44.22
C ILE F 76 11.08 51.17 43.61
N TYR F 77 9.80 51.48 43.48
CA TYR F 77 8.86 50.54 42.92
C TYR F 77 9.17 50.18 41.46
N SER F 78 9.89 51.05 40.77
CA SER F 78 10.23 50.76 39.38
C SER F 78 11.34 49.71 39.35
N LEU F 79 11.86 49.38 40.52
CA LEU F 79 12.92 48.39 40.65
C LEU F 79 12.41 47.02 41.03
N GLN F 80 11.09 46.88 41.21
CA GLN F 80 10.52 45.60 41.59
C GLN F 80 10.31 44.67 40.41
N VAL F 81 10.83 43.45 40.54
CA VAL F 81 10.68 42.44 39.51
C VAL F 81 9.36 41.74 39.82
N LEU F 82 8.30 42.15 39.14
CA LEU F 82 6.97 41.58 39.33
C LEU F 82 6.75 40.34 38.51
N PRO F 83 5.87 39.44 38.98
CA PRO F 83 5.62 38.22 38.20
C PRO F 83 4.92 38.58 36.88
N THR F 84 5.29 37.87 35.83
CA THR F 84 4.69 38.11 34.52
C THR F 84 3.29 37.49 34.46
N GLU F 85 2.59 37.72 33.34
CA GLU F 85 1.25 37.21 33.14
C GLU F 85 1.14 35.72 33.52
N ASP F 86 1.97 34.90 32.88
CA ASP F 86 1.97 33.46 33.11
C ASP F 86 2.55 33.04 34.47
N ARG F 87 3.10 34.02 35.21
CA ARG F 87 3.70 33.75 36.52
C ARG F 87 4.77 32.66 36.47
N SER F 88 5.49 32.60 35.36
CA SER F 88 6.55 31.61 35.17
C SER F 88 7.89 32.08 35.77
N ASN F 89 7.92 33.32 36.26
CA ASN F 89 9.13 33.91 36.81
C ASN F 89 9.05 34.17 38.32
N LEU F 90 8.18 33.46 39.04
CA LEU F 90 8.06 33.68 40.47
C LEU F 90 9.37 33.53 41.22
N ASP F 91 10.13 32.50 40.87
CA ASP F 91 11.40 32.23 41.53
C ASP F 91 12.44 33.31 41.30
N ARG F 92 12.08 34.33 40.53
CA ARG F 92 13.02 35.41 40.25
C ARG F 92 12.54 36.79 40.66
N CYS F 93 11.43 36.85 41.39
CA CYS F 93 10.90 38.12 41.82
C CYS F 93 11.62 38.68 43.04
N GLY F 94 11.51 40.00 43.20
CA GLY F 94 12.13 40.70 44.31
C GLY F 94 12.46 42.08 43.77
N PHE F 95 13.60 42.66 44.15
CA PHE F 95 13.97 43.97 43.63
C PHE F 95 15.33 43.99 42.96
N ARG F 96 15.52 44.95 42.06
CA ARG F 96 16.77 45.13 41.33
C ARG F 96 17.58 46.18 42.05
N GLY F 97 18.89 46.18 41.84
CA GLY F 97 19.73 47.16 42.48
C GLY F 97 19.57 48.51 41.79
N SER F 98 19.25 48.45 40.50
CA SER F 98 19.05 49.64 39.69
C SER F 98 18.41 49.26 38.37
N SER F 99 18.34 50.21 37.46
CA SER F 99 17.75 50.01 36.15
C SER F 99 18.77 49.61 35.09
N TYR F 100 19.93 49.15 35.52
CA TYR F 100 20.99 48.79 34.59
C TYR F 100 20.65 47.82 33.47
N LEU F 101 19.58 47.05 33.58
CA LEU F 101 19.25 46.10 32.51
C LEU F 101 18.53 46.77 31.34
N GLY F 102 18.03 47.97 31.54
CA GLY F 102 17.35 48.67 30.47
C GLY F 102 15.88 48.42 30.35
N ILE F 103 15.26 47.91 31.41
CA ILE F 103 13.84 47.66 31.37
C ILE F 103 13.12 49.00 31.51
N PRO F 104 12.12 49.25 30.66
CA PRO F 104 11.35 50.50 30.68
C PRO F 104 10.75 50.81 32.03
N PHE F 105 10.98 52.03 32.50
CA PHE F 105 10.47 52.50 33.79
C PHE F 105 9.01 52.13 34.04
N ASN F 106 8.75 51.43 35.13
CA ASN F 106 7.40 51.02 35.49
C ASN F 106 7.29 50.85 36.99
N PRO F 107 6.79 51.89 37.69
CA PRO F 107 6.63 51.88 39.14
C PRO F 107 5.62 50.86 39.65
N SER F 108 5.87 49.58 39.35
CA SER F 108 4.99 48.48 39.76
C SER F 108 3.54 48.82 39.45
N LYS F 109 3.31 49.38 38.26
CA LYS F 109 1.97 49.74 37.83
C LYS F 109 1.39 48.65 36.93
N ASN F 110 2.16 48.23 35.93
CA ASN F 110 1.70 47.19 35.01
C ASN F 110 2.34 45.86 35.36
N PRO F 111 1.91 44.76 34.70
CA PRO F 111 2.47 43.44 35.00
C PRO F 111 3.92 43.35 34.52
N GLY F 112 4.62 42.33 35.00
CA GLY F 112 6.01 42.15 34.63
C GLY F 112 6.28 41.87 33.16
N THR F 113 7.31 42.54 32.62
CA THR F 113 7.72 42.37 31.22
C THR F 113 8.87 41.37 31.17
N ALA F 114 8.63 40.21 30.57
CA ALA F 114 9.63 39.15 30.47
C ALA F 114 11.00 39.66 30.02
N HIS F 115 12.05 38.98 30.49
CA HIS F 115 13.42 39.33 30.14
C HIS F 115 14.29 38.18 30.61
N PRO F 116 15.04 37.57 29.69
CA PRO F 116 15.92 36.43 30.00
C PRO F 116 16.83 36.55 31.22
N TYR F 117 17.24 37.77 31.56
CA TYR F 117 18.15 37.93 32.68
C TYR F 117 17.72 38.88 33.79
N ASP F 118 16.45 39.27 33.82
CA ASP F 118 15.98 40.17 34.86
C ASP F 118 15.48 39.39 36.08
N SER F 119 16.15 39.58 37.21
CA SER F 119 15.78 38.91 38.45
C SER F 119 16.10 39.84 39.61
N GLY F 120 15.61 39.50 40.79
CA GLY F 120 15.89 40.32 41.95
C GLY F 120 17.22 39.93 42.58
N HIS F 121 17.65 40.73 43.56
CA HIS F 121 18.88 40.48 44.27
C HIS F 121 18.52 40.58 45.75
N ILE F 122 18.76 39.50 46.48
CA ILE F 122 18.40 39.46 47.89
C ILE F 122 18.72 40.72 48.71
N ALA F 123 19.89 41.33 48.49
CA ALA F 123 20.26 42.53 49.24
C ALA F 123 19.47 43.74 48.78
N MET F 124 19.01 43.71 47.54
CA MET F 124 18.24 44.81 46.98
C MET F 124 16.78 44.72 47.41
N THR F 125 16.28 43.50 47.54
CA THR F 125 14.92 43.29 47.98
C THR F 125 14.86 43.79 49.43
N TYR F 126 15.90 43.47 50.18
CA TYR F 126 16.00 43.88 51.57
C TYR F 126 16.04 45.40 51.69
N THR F 127 17.06 46.03 51.09
CA THR F 127 17.19 47.47 51.15
C THR F 127 16.01 48.17 50.49
N GLY F 128 15.41 47.54 49.49
CA GLY F 128 14.27 48.12 48.81
C GLY F 128 13.11 48.26 49.78
N LEU F 129 12.69 47.14 50.38
CA LEU F 129 11.59 47.15 51.34
C LEU F 129 11.91 48.10 52.48
N SER F 130 13.14 48.01 52.96
CA SER F 130 13.59 48.85 54.05
C SER F 130 13.39 50.33 53.69
N CYS F 131 13.80 50.72 52.49
CA CYS F 131 13.63 52.11 52.05
C CYS F 131 12.16 52.52 51.99
N LEU F 132 11.33 51.66 51.42
CA LEU F 132 9.91 51.95 51.30
C LEU F 132 9.30 52.24 52.68
N ILE F 133 9.64 51.42 53.67
CA ILE F 133 9.13 51.59 55.03
C ILE F 133 9.59 52.92 55.61
N ILE F 134 10.88 53.22 55.43
CA ILE F 134 11.46 54.45 55.92
C ILE F 134 10.77 55.66 55.30
N LEU F 135 10.39 55.55 54.02
CA LEU F 135 9.74 56.65 53.32
C LEU F 135 8.25 56.77 53.62
N GLY F 136 7.73 55.85 54.43
CA GLY F 136 6.32 55.90 54.80
C GLY F 136 5.36 55.09 53.98
N ASP F 137 5.85 54.49 52.90
CA ASP F 137 4.98 53.68 52.05
C ASP F 137 4.43 52.52 52.87
N ASP F 138 3.28 51.98 52.46
CA ASP F 138 2.67 50.87 53.19
C ASP F 138 2.88 49.50 52.56
N LEU F 139 3.78 49.41 51.59
CA LEU F 139 4.09 48.15 50.93
C LEU F 139 2.93 47.47 50.20
N SER F 140 1.86 48.20 49.95
CA SER F 140 0.71 47.63 49.27
C SER F 140 1.03 47.22 47.84
N ARG F 141 1.98 47.90 47.21
CA ARG F 141 2.35 47.58 45.83
C ARG F 141 3.45 46.51 45.73
N VAL F 142 3.81 45.94 46.88
CA VAL F 142 4.81 44.89 46.92
C VAL F 142 4.10 43.57 46.77
N ASP F 143 4.52 42.76 45.81
CA ASP F 143 3.91 41.44 45.63
C ASP F 143 4.55 40.53 46.66
N LYS F 144 4.13 40.71 47.91
CA LYS F 144 4.66 39.94 49.03
C LYS F 144 4.89 38.46 48.73
N GLU F 145 3.90 37.80 48.14
CA GLU F 145 4.05 36.38 47.84
C GLU F 145 5.14 36.10 46.82
N ALA F 146 5.22 36.94 45.79
CA ALA F 146 6.23 36.78 44.75
C ALA F 146 7.62 36.93 45.38
N CYS F 147 7.79 37.93 46.22
CA CYS F 147 9.07 38.15 46.87
C CYS F 147 9.44 36.94 47.71
N LEU F 148 8.50 36.46 48.54
CA LEU F 148 8.75 35.30 49.40
C LEU F 148 9.09 34.08 48.56
N ALA F 149 8.46 33.97 47.40
CA ALA F 149 8.71 32.87 46.50
C ALA F 149 10.17 32.96 46.02
N GLY F 150 10.57 34.17 45.65
CA GLY F 150 11.92 34.40 45.18
C GLY F 150 12.94 34.12 46.29
N LEU F 151 12.63 34.57 47.50
CA LEU F 151 13.52 34.35 48.62
C LEU F 151 13.78 32.85 48.83
N ARG F 152 12.71 32.06 48.90
CA ARG F 152 12.84 30.62 49.11
C ARG F 152 13.78 30.00 48.08
N ALA F 153 13.64 30.45 46.84
CA ALA F 153 14.45 29.94 45.76
C ALA F 153 15.94 30.15 45.96
N LEU F 154 16.30 31.16 46.76
CA LEU F 154 17.70 31.45 47.00
C LEU F 154 18.40 30.61 48.07
N GLN F 155 17.65 30.01 48.99
CA GLN F 155 18.26 29.24 50.07
C GLN F 155 18.85 27.92 49.59
N LEU F 156 20.04 27.60 50.10
CA LEU F 156 20.75 26.37 49.72
C LEU F 156 20.49 25.24 50.72
N GLU F 157 20.98 24.05 50.39
CA GLU F 157 20.79 22.90 51.28
C GLU F 157 21.35 23.15 52.68
N ASP F 158 22.48 23.86 52.75
CA ASP F 158 23.11 24.12 54.05
C ASP F 158 22.43 25.21 54.88
N GLY F 159 21.36 25.79 54.35
CA GLY F 159 20.67 26.82 55.10
C GLY F 159 20.99 28.25 54.71
N SER F 160 22.15 28.48 54.10
CA SER F 160 22.51 29.84 53.69
C SER F 160 21.78 30.25 52.41
N PHE F 161 22.06 31.46 51.93
CA PHE F 161 21.41 31.96 50.72
C PHE F 161 22.38 32.53 49.69
N CYS F 162 21.89 32.64 48.46
CA CYS F 162 22.63 33.23 47.36
C CYS F 162 21.95 34.58 47.18
N ALA F 163 22.55 35.46 46.39
CA ALA F 163 21.95 36.78 46.19
C ALA F 163 20.96 36.80 45.03
N VAL F 164 21.25 35.99 44.00
CA VAL F 164 20.40 35.94 42.82
C VAL F 164 20.13 34.50 42.36
N PRO F 165 18.96 34.27 41.75
CA PRO F 165 18.63 32.93 41.28
C PRO F 165 19.62 32.38 40.25
N GLU F 166 20.23 33.26 39.45
CA GLU F 166 21.20 32.84 38.43
C GLU F 166 22.44 32.21 39.07
N GLY F 167 22.63 32.46 40.37
CA GLY F 167 23.78 31.93 41.06
C GLY F 167 24.73 33.00 41.55
N SER F 168 25.43 32.72 42.65
CA SER F 168 26.38 33.66 43.23
C SER F 168 27.03 32.97 44.40
N GLU F 169 27.92 33.68 45.09
CA GLU F 169 28.56 33.11 46.25
C GLU F 169 27.48 33.09 47.33
N ASN F 170 27.69 32.33 48.40
CA ASN F 170 26.72 32.27 49.48
C ASN F 170 27.40 32.40 50.83
N ASP F 171 26.83 33.18 51.73
CA ASP F 171 27.40 33.37 53.06
C ASP F 171 26.45 34.08 54.01
N MET F 172 26.93 34.33 55.23
CA MET F 172 26.12 34.97 56.26
C MET F 172 25.48 36.31 55.86
N ARG F 173 26.10 37.04 54.94
CA ARG F 173 25.55 38.33 54.51
C ARG F 173 24.11 38.18 54.03
N PHE F 174 23.91 37.20 53.16
CA PHE F 174 22.60 36.94 52.58
C PHE F 174 21.62 36.29 53.54
N VAL F 175 22.15 35.63 54.58
CA VAL F 175 21.30 35.01 55.58
C VAL F 175 20.59 36.15 56.32
N TYR F 176 21.34 37.21 56.60
CA TYR F 176 20.79 38.36 57.28
C TYR F 176 19.76 39.06 56.39
N CYS F 177 20.07 39.17 55.11
CA CYS F 177 19.15 39.80 54.16
C CYS F 177 17.82 39.05 54.15
N ALA F 178 17.89 37.72 54.09
CA ALA F 178 16.69 36.90 54.07
C ALA F 178 15.89 37.14 55.35
N SER F 179 16.59 37.17 56.48
CA SER F 179 15.93 37.39 57.76
C SER F 179 15.20 38.72 57.77
N CYS F 180 15.86 39.78 57.32
CA CYS F 180 15.24 41.10 57.28
C CYS F 180 14.00 41.11 56.39
N ILE F 181 14.09 40.45 55.25
CA ILE F 181 12.95 40.39 54.34
C ILE F 181 11.76 39.73 55.00
N CYS F 182 11.99 38.54 55.56
CA CYS F 182 10.93 37.79 56.25
C CYS F 182 10.33 38.62 57.36
N TYR F 183 11.19 39.24 58.15
CA TYR F 183 10.74 40.06 59.26
C TYR F 183 9.87 41.24 58.82
N MET F 184 10.32 41.97 57.81
CA MET F 184 9.57 43.13 57.32
C MET F 184 8.26 42.73 56.67
N LEU F 185 8.26 41.65 55.90
CA LEU F 185 7.02 41.20 55.29
C LEU F 185 6.23 40.45 56.35
N ASN F 186 6.79 40.36 57.54
CA ASN F 186 6.15 39.68 58.66
C ASN F 186 5.61 38.30 58.26
N ASN F 187 6.45 37.53 57.55
CA ASN F 187 6.08 36.21 57.08
C ASN F 187 7.37 35.41 56.88
N TRP F 188 7.60 34.39 57.70
CA TRP F 188 8.81 33.60 57.57
C TRP F 188 8.70 32.40 56.65
N SER F 189 7.72 32.42 55.76
CA SER F 189 7.58 31.33 54.82
C SER F 189 8.64 31.50 53.75
N GLY F 190 9.32 32.64 53.82
CA GLY F 190 10.37 32.94 52.85
C GLY F 190 11.61 32.10 53.02
N MET F 191 11.74 31.42 54.15
CA MET F 191 12.92 30.59 54.41
C MET F 191 12.63 29.38 55.25
N ASP F 192 13.58 28.45 55.24
CA ASP F 192 13.49 27.25 56.06
C ASP F 192 14.34 27.63 57.27
N MET F 193 13.68 28.27 58.23
CA MET F 193 14.34 28.74 59.43
C MET F 193 15.20 27.70 60.15
N LYS F 194 14.79 26.45 60.12
CA LYS F 194 15.55 25.42 60.81
C LYS F 194 16.93 25.31 60.16
N LYS F 195 16.96 25.26 58.83
CA LYS F 195 18.24 25.15 58.12
C LYS F 195 19.09 26.41 58.27
N ALA F 196 18.44 27.57 58.27
CA ALA F 196 19.15 28.83 58.41
C ALA F 196 19.85 28.83 59.76
N ILE F 197 19.11 28.49 60.81
CA ILE F 197 19.66 28.45 62.16
C ILE F 197 20.83 27.47 62.24
N SER F 198 20.70 26.37 61.51
CA SER F 198 21.77 25.39 61.49
C SER F 198 23.04 26.03 60.93
N TYR F 199 22.88 26.74 59.82
CA TYR F 199 23.99 27.40 59.17
C TYR F 199 24.66 28.40 60.11
N ILE F 200 23.85 29.19 60.80
CA ILE F 200 24.36 30.18 61.74
C ILE F 200 25.15 29.53 62.86
N ARG F 201 24.66 28.42 63.40
CA ARG F 201 25.39 27.73 64.47
C ARG F 201 26.72 27.22 63.96
N ARG F 202 26.69 26.51 62.84
CA ARG F 202 27.89 25.94 62.26
C ARG F 202 28.95 26.95 61.90
N SER F 203 28.59 28.22 61.88
CA SER F 203 29.55 29.25 61.52
C SER F 203 30.37 29.73 62.72
N MET F 204 29.99 29.29 63.92
CA MET F 204 30.72 29.70 65.11
C MET F 204 32.12 29.10 65.10
N SER F 205 33.12 29.94 65.36
CA SER F 205 34.52 29.53 65.35
C SER F 205 35.01 29.03 66.71
N TYR F 206 36.22 28.50 66.72
CA TYR F 206 36.83 27.99 67.95
C TYR F 206 37.09 29.16 68.88
N ASP F 207 37.23 30.36 68.32
CA ASP F 207 37.48 31.55 69.13
C ASP F 207 36.16 32.17 69.57
N ASN F 208 35.07 31.51 69.21
CA ASN F 208 33.72 31.91 69.58
C ASN F 208 33.00 33.04 68.83
N GLY F 209 33.63 33.59 67.80
CA GLY F 209 32.98 34.63 67.01
C GLY F 209 32.23 33.87 65.91
N LEU F 210 31.51 34.58 65.05
CA LEU F 210 30.80 33.90 63.97
C LEU F 210 31.49 34.24 62.67
N ALA F 211 31.67 33.25 61.80
CA ALA F 211 32.33 33.49 60.51
C ALA F 211 31.33 33.55 59.37
N GLN F 212 31.79 33.87 58.18
CA GLN F 212 30.91 33.93 57.02
C GLN F 212 30.30 32.55 56.74
N GLY F 213 30.99 31.52 57.18
CA GLY F 213 30.53 30.16 56.98
C GLY F 213 31.40 29.25 57.82
N ALA F 214 31.00 27.99 57.96
CA ALA F 214 31.75 27.04 58.77
C ALA F 214 33.23 26.94 58.41
N GLY F 215 34.08 26.93 59.43
CA GLY F 215 35.51 26.81 59.21
C GLY F 215 36.25 28.09 58.91
N LEU F 216 35.54 29.10 58.44
CA LEU F 216 36.17 30.37 58.11
C LEU F 216 36.50 31.16 59.37
N GLU F 217 37.32 32.20 59.21
CA GLU F 217 37.73 33.07 60.30
C GLU F 217 36.54 33.89 60.80
N SER F 218 36.27 33.83 62.11
CA SER F 218 35.16 34.58 62.69
C SER F 218 35.39 36.05 62.34
N HIS F 219 34.30 36.78 62.12
CA HIS F 219 34.41 38.17 61.69
C HIS F 219 33.26 39.04 62.22
N GLY F 220 33.57 40.29 62.53
CA GLY F 220 32.57 41.20 63.06
C GLY F 220 31.33 41.35 62.19
N GLY F 221 31.51 41.35 60.89
CA GLY F 221 30.39 41.49 59.96
C GLY F 221 29.47 40.29 60.00
N SER F 222 30.05 39.10 59.89
CA SER F 222 29.26 37.88 59.91
C SER F 222 28.66 37.63 61.29
N THR F 223 29.37 38.04 62.35
CA THR F 223 28.84 37.88 63.71
C THR F 223 27.57 38.72 63.86
N PHE F 224 27.62 39.96 63.35
CA PHE F 224 26.43 40.81 63.42
C PHE F 224 25.32 40.13 62.63
N CYS F 225 25.60 39.77 61.38
CA CYS F 225 24.59 39.12 60.54
C CYS F 225 23.96 37.91 61.22
N GLY F 226 24.79 37.04 61.81
CA GLY F 226 24.29 35.86 62.49
C GLY F 226 23.44 36.17 63.72
N ILE F 227 24.00 36.91 64.67
CA ILE F 227 23.25 37.27 65.87
C ILE F 227 21.99 38.06 65.56
N ALA F 228 22.10 39.07 64.70
CA ALA F 228 20.95 39.89 64.32
C ALA F 228 19.86 39.04 63.67
N SER F 229 20.26 38.06 62.86
CA SER F 229 19.27 37.19 62.23
C SER F 229 18.52 36.41 63.28
N LEU F 230 19.25 35.80 64.22
CA LEU F 230 18.61 35.04 65.27
C LEU F 230 17.67 35.94 66.07
N CYS F 231 18.11 37.15 66.38
CA CYS F 231 17.26 38.08 67.12
C CYS F 231 16.00 38.42 66.34
N LEU F 232 16.14 38.59 65.03
CA LEU F 232 14.98 38.91 64.20
C LEU F 232 14.00 37.74 64.20
N MET F 233 14.51 36.52 64.32
CA MET F 233 13.67 35.32 64.36
C MET F 233 13.19 35.09 65.79
N GLY F 234 13.78 35.84 66.72
CA GLY F 234 13.44 35.70 68.13
C GLY F 234 13.85 34.35 68.66
N LYS F 235 15.05 33.89 68.30
CA LYS F 235 15.52 32.58 68.74
C LYS F 235 16.94 32.62 69.29
N LEU F 236 17.44 33.79 69.64
CA LEU F 236 18.81 33.90 70.14
C LEU F 236 19.05 32.95 71.31
N GLU F 237 18.29 33.15 72.39
CA GLU F 237 18.40 32.35 73.60
C GLU F 237 18.15 30.85 73.35
N GLU F 238 17.30 30.56 72.37
CA GLU F 238 16.98 29.19 72.05
C GLU F 238 18.08 28.47 71.26
N VAL F 239 18.83 29.23 70.47
CA VAL F 239 19.90 28.66 69.65
C VAL F 239 21.25 28.53 70.34
N PHE F 240 21.60 29.50 71.17
CA PHE F 240 22.88 29.46 71.87
C PHE F 240 22.67 29.34 73.39
N SER F 241 23.48 28.50 74.02
CA SER F 241 23.39 28.32 75.45
C SER F 241 23.90 29.56 76.15
N GLU F 242 23.69 29.64 77.45
CA GLU F 242 24.18 30.79 78.19
C GLU F 242 25.69 30.80 78.11
N LYS F 243 26.31 29.62 78.20
CA LYS F 243 27.77 29.56 78.15
C LYS F 243 28.25 30.01 76.79
N GLU F 244 27.53 29.59 75.76
CA GLU F 244 27.88 29.98 74.40
C GLU F 244 27.76 31.49 74.22
N LEU F 245 26.64 32.05 74.67
CA LEU F 245 26.41 33.48 74.56
C LEU F 245 27.49 34.26 75.30
N ASN F 246 27.96 33.73 76.43
CA ASN F 246 29.01 34.42 77.19
C ASN F 246 30.28 34.47 76.38
N ARG F 247 30.58 33.36 75.70
CA ARG F 247 31.78 33.29 74.88
C ARG F 247 31.66 34.23 73.71
N ILE F 248 30.49 34.27 73.09
CA ILE F 248 30.28 35.16 71.96
C ILE F 248 30.45 36.61 72.44
N LYS F 249 29.83 36.95 73.57
CA LYS F 249 29.94 38.29 74.14
C LYS F 249 31.42 38.67 74.32
N ARG F 250 32.18 37.75 74.90
CA ARG F 250 33.61 37.98 75.12
C ARG F 250 34.32 38.31 73.82
N TRP F 251 34.05 37.53 72.77
CA TRP F 251 34.71 37.75 71.49
C TRP F 251 34.39 39.12 70.92
N CYS F 252 33.12 39.54 71.08
CA CYS F 252 32.68 40.82 70.57
C CYS F 252 33.27 41.98 71.34
N ILE F 253 33.13 41.95 72.65
CA ILE F 253 33.65 43.02 73.51
C ILE F 253 35.17 43.17 73.33
N MET F 254 35.83 42.11 72.89
CA MET F 254 37.27 42.17 72.69
C MET F 254 37.65 42.92 71.40
N ARG F 255 36.64 43.28 70.60
CA ARG F 255 36.87 43.99 69.35
C ARG F 255 37.13 45.47 69.55
N GLN F 256 36.82 46.00 70.74
CA GLN F 256 37.07 47.41 70.95
C GLN F 256 38.54 47.70 71.28
N GLN F 257 39.14 48.59 70.49
CA GLN F 257 40.52 48.98 70.68
C GLN F 257 40.46 50.43 71.16
N ASN F 258 39.54 51.16 70.56
CA ASN F 258 39.21 52.55 70.85
C ASN F 258 37.94 52.63 70.04
N GLY F 259 38.09 52.39 68.73
CA GLY F 259 36.96 52.31 67.82
C GLY F 259 36.85 50.78 67.77
N TYR F 260 36.27 50.22 66.71
CA TYR F 260 36.18 48.75 66.65
C TYR F 260 36.79 48.17 65.37
N HIS F 261 37.41 46.99 65.48
CA HIS F 261 37.95 46.34 64.28
C HIS F 261 37.06 45.12 64.00
N GLY F 262 37.12 44.58 62.80
CA GLY F 262 36.30 43.43 62.48
C GLY F 262 36.87 42.07 62.83
N ARG F 263 38.18 42.01 63.07
CA ARG F 263 38.87 40.77 63.42
C ARG F 263 40.06 41.04 64.31
N PRO F 264 40.43 40.08 65.17
CA PRO F 264 41.58 40.29 66.04
C PRO F 264 42.80 40.70 65.21
N ASN F 265 43.63 41.58 65.77
CA ASN F 265 44.82 42.06 65.11
C ASN F 265 44.63 42.78 63.78
N LYS F 266 43.44 43.35 63.58
CA LYS F 266 43.17 44.13 62.37
C LYS F 266 42.90 45.55 62.84
N PRO F 267 43.24 46.55 62.02
CA PRO F 267 43.01 47.95 62.40
C PRO F 267 41.52 48.30 62.55
N VAL F 268 41.20 49.26 63.40
CA VAL F 268 39.81 49.64 63.58
C VAL F 268 39.26 50.28 62.31
N ASP F 269 37.94 50.24 62.18
CA ASP F 269 37.24 50.75 61.01
C ASP F 269 35.90 51.29 61.52
N THR F 270 35.61 52.54 61.24
CA THR F 270 34.37 53.15 61.69
C THR F 270 33.10 52.29 61.59
N CYS F 271 32.88 51.64 60.45
CA CYS F 271 31.65 50.86 60.31
C CYS F 271 31.46 49.77 61.35
N TYR F 272 32.55 49.32 61.95
CA TYR F 272 32.42 48.27 62.96
C TYR F 272 31.84 48.78 64.27
N SER F 273 31.78 50.10 64.42
CA SER F 273 31.18 50.69 65.61
C SER F 273 29.71 50.32 65.56
N PHE F 274 29.23 49.97 64.36
CA PHE F 274 27.86 49.52 64.26
C PHE F 274 27.82 48.00 64.22
N TRP F 275 28.53 47.40 63.27
CA TRP F 275 28.55 45.95 63.15
C TRP F 275 28.73 45.28 64.50
N VAL F 276 29.82 45.60 65.20
CA VAL F 276 30.08 45.00 66.50
C VAL F 276 29.24 45.66 67.59
N GLY F 277 29.17 46.99 67.56
CA GLY F 277 28.39 47.71 68.55
C GLY F 277 26.96 47.24 68.64
N ALA F 278 26.31 47.07 67.50
CA ALA F 278 24.94 46.60 67.44
C ALA F 278 24.83 45.17 67.98
N THR F 279 25.86 44.35 67.74
CA THR F 279 25.83 42.98 68.24
C THR F 279 25.91 43.03 69.75
N LEU F 280 26.80 43.86 70.27
CA LEU F 280 26.96 44.00 71.70
C LEU F 280 25.67 44.51 72.32
N LYS F 281 24.97 45.39 71.60
CA LYS F 281 23.72 45.93 72.09
C LYS F 281 22.67 44.80 72.13
N LEU F 282 22.61 44.00 71.07
CA LEU F 282 21.65 42.89 71.06
C LEU F 282 21.97 41.90 72.19
N LEU F 283 23.24 41.77 72.54
CA LEU F 283 23.66 40.87 73.59
C LEU F 283 23.57 41.54 74.96
N LYS F 284 22.99 42.72 74.99
CA LYS F 284 22.79 43.50 76.20
C LYS F 284 24.03 43.84 77.02
N ILE F 285 25.16 44.05 76.37
CA ILE F 285 26.36 44.40 77.11
C ILE F 285 27.11 45.56 76.48
N PHE F 286 26.50 46.22 75.49
CA PHE F 286 27.15 47.34 74.85
C PHE F 286 27.39 48.41 75.93
N GLN F 287 26.51 48.41 76.92
CA GLN F 287 26.57 49.33 78.04
C GLN F 287 27.87 49.24 78.82
N TYR F 288 28.55 48.12 78.70
CA TYR F 288 29.81 47.92 79.42
C TYR F 288 31.05 48.27 78.60
N THR F 289 30.85 48.79 77.39
CA THR F 289 31.98 49.18 76.55
C THR F 289 32.39 50.58 76.96
N ASN F 290 33.50 51.06 76.39
CA ASN F 290 33.97 52.41 76.68
C ASN F 290 33.37 53.32 75.61
N PHE F 291 32.43 54.17 76.01
CA PHE F 291 31.76 55.07 75.06
C PHE F 291 32.65 56.17 74.50
N GLU F 292 33.35 56.87 75.39
CA GLU F 292 34.17 57.99 74.95
C GLU F 292 35.21 57.68 73.89
N LYS F 293 35.99 56.62 74.08
CA LYS F 293 37.00 56.28 73.09
C LYS F 293 36.38 55.91 71.75
N ASN F 294 35.22 55.24 71.81
CA ASN F 294 34.52 54.84 70.60
C ASN F 294 34.03 56.09 69.87
N ARG F 295 33.33 56.96 70.59
CA ARG F 295 32.81 58.20 70.02
C ARG F 295 33.94 59.05 69.46
N ASN F 296 35.03 59.13 70.21
CA ASN F 296 36.16 59.92 69.77
C ASN F 296 36.74 59.40 68.46
N TYR F 297 36.84 58.07 68.34
CA TYR F 297 37.37 57.51 67.10
C TYR F 297 36.43 57.81 65.94
N ILE F 298 35.15 57.50 66.12
CA ILE F 298 34.16 57.75 65.05
C ILE F 298 34.27 59.19 64.55
N LEU F 299 34.33 60.14 65.48
CA LEU F 299 34.42 61.52 65.09
C LEU F 299 35.73 61.84 64.37
N SER F 300 36.81 61.17 64.74
CA SER F 300 38.09 61.43 64.09
C SER F 300 38.05 61.09 62.61
N THR F 301 37.02 60.36 62.18
CA THR F 301 36.89 59.98 60.78
C THR F 301 35.83 60.82 60.07
N GLN F 302 35.37 61.85 60.76
CA GLN F 302 34.34 62.74 60.21
C GLN F 302 34.99 63.72 59.25
N ASP F 303 34.40 63.89 58.06
CA ASP F 303 34.96 64.85 57.10
C ASP F 303 34.26 66.18 57.37
N ARG F 304 34.95 67.07 58.08
CA ARG F 304 34.39 68.36 58.46
C ARG F 304 34.13 69.30 57.28
N LEU F 305 34.65 68.96 56.12
CA LEU F 305 34.46 69.78 54.94
C LEU F 305 33.25 69.35 54.10
N VAL F 306 33.28 68.12 53.60
CA VAL F 306 32.20 67.61 52.76
C VAL F 306 31.12 66.86 53.53
N GLY F 307 31.43 66.43 54.74
CA GLY F 307 30.47 65.69 55.54
C GLY F 307 30.67 64.19 55.42
N GLY F 308 29.88 63.42 56.14
CA GLY F 308 30.01 61.97 56.10
C GLY F 308 31.20 61.50 56.92
N PHE F 309 31.42 60.19 56.95
CA PHE F 309 32.54 59.61 57.69
C PHE F 309 33.31 58.64 56.80
N ALA F 310 34.57 58.39 57.14
CA ALA F 310 35.40 57.47 56.39
C ALA F 310 35.74 56.30 57.31
N LYS F 311 36.34 55.24 56.78
CA LYS F 311 36.65 54.11 57.63
C LYS F 311 37.78 54.49 58.58
N TRP F 312 38.69 55.32 58.10
CA TRP F 312 39.82 55.75 58.92
C TRP F 312 39.92 57.26 58.88
N PRO F 313 40.60 57.86 59.88
CA PRO F 313 40.75 59.31 59.91
C PRO F 313 41.62 59.74 58.74
N ASP F 314 41.42 60.96 58.25
CA ASP F 314 42.19 61.46 57.11
C ASP F 314 42.03 60.45 55.99
N SER F 315 40.79 60.23 55.58
CA SER F 315 40.47 59.29 54.54
C SER F 315 39.17 59.77 53.91
N HIS F 316 38.93 59.48 52.64
CA HIS F 316 37.72 59.96 52.00
C HIS F 316 36.47 59.27 52.50
N PRO F 317 35.42 60.05 52.77
CA PRO F 317 34.15 59.52 53.26
C PRO F 317 33.29 58.90 52.16
N ASP F 318 32.33 58.07 52.55
CA ASP F 318 31.41 57.45 51.61
C ASP F 318 30.08 57.20 52.31
N ALA F 319 29.06 56.86 51.52
CA ALA F 319 27.73 56.62 52.07
C ALA F 319 27.71 55.56 53.16
N LEU F 320 28.42 54.45 52.93
CA LEU F 320 28.44 53.35 53.88
C LEU F 320 28.98 53.78 55.25
N HIS F 321 30.17 54.36 55.28
CA HIS F 321 30.73 54.78 56.55
C HIS F 321 30.02 55.98 57.14
N ALA F 322 29.42 56.80 56.30
CA ALA F 322 28.68 57.94 56.80
C ALA F 322 27.49 57.38 57.57
N TYR F 323 26.79 56.42 56.96
CA TYR F 323 25.64 55.83 57.60
C TYR F 323 25.99 55.03 58.85
N PHE F 324 26.94 54.12 58.73
CA PHE F 324 27.32 53.31 59.89
C PHE F 324 28.02 54.10 60.99
N GLY F 325 28.72 55.17 60.63
CA GLY F 325 29.37 55.98 61.65
C GLY F 325 28.26 56.63 62.48
N ILE F 326 27.23 57.10 61.78
CA ILE F 326 26.09 57.74 62.44
C ILE F 326 25.34 56.72 63.30
N CYS F 327 25.12 55.52 62.80
CA CYS F 327 24.44 54.50 63.58
C CYS F 327 25.29 54.12 64.80
N GLY F 328 26.61 54.15 64.63
CA GLY F 328 27.50 53.82 65.72
C GLY F 328 27.33 54.85 66.83
N LEU F 329 27.25 56.12 66.43
CA LEU F 329 27.05 57.21 67.38
C LEU F 329 25.68 57.04 68.06
N SER F 330 24.70 56.63 67.27
CA SER F 330 23.33 56.40 67.72
C SER F 330 23.28 55.41 68.88
N LEU F 331 24.01 54.30 68.75
CA LEU F 331 24.06 53.27 69.79
C LEU F 331 24.34 53.87 71.17
N MET F 332 25.08 54.97 71.22
CA MET F 332 25.41 55.63 72.49
C MET F 332 24.52 56.85 72.74
N GLU F 333 23.42 56.92 71.99
CA GLU F 333 22.43 57.98 72.08
C GLU F 333 22.94 59.42 71.93
N GLU F 334 23.62 59.63 70.79
CA GLU F 334 24.19 60.91 70.38
C GLU F 334 23.10 61.97 70.36
N SER F 335 23.40 63.15 70.88
CA SER F 335 22.41 64.22 70.88
C SER F 335 22.10 64.62 69.45
N GLY F 336 20.89 64.35 68.99
CA GLY F 336 20.53 64.72 67.64
C GLY F 336 20.42 63.57 66.64
N ILE F 337 20.62 62.34 67.10
CA ILE F 337 20.49 61.21 66.20
C ILE F 337 19.47 60.24 66.78
N CYS F 338 18.55 59.77 65.94
CA CYS F 338 17.56 58.82 66.39
C CYS F 338 18.26 57.56 66.82
N LYS F 339 17.60 56.77 67.64
CA LYS F 339 18.16 55.52 68.13
C LYS F 339 17.91 54.43 67.10
N VAL F 340 18.99 53.86 66.57
CA VAL F 340 18.88 52.82 65.57
C VAL F 340 18.42 51.51 66.19
N HIS F 341 17.64 50.74 65.43
CA HIS F 341 17.18 49.45 65.89
C HIS F 341 18.37 48.53 65.51
N PRO F 342 19.05 47.96 66.51
CA PRO F 342 20.20 47.07 66.34
C PRO F 342 20.09 45.80 65.52
N ALA F 343 18.89 45.29 65.30
CA ALA F 343 18.77 44.07 64.52
C ALA F 343 18.18 44.37 63.15
N LEU F 344 17.23 45.29 63.11
CA LEU F 344 16.57 45.64 61.87
C LEU F 344 17.31 46.68 61.03
N ASN F 345 18.23 47.40 61.65
CA ASN F 345 19.03 48.41 60.95
C ASN F 345 18.24 49.56 60.33
N VAL F 346 17.38 50.17 61.14
CA VAL F 346 16.55 51.31 60.75
C VAL F 346 16.26 52.07 62.04
N SER F 347 15.91 53.36 61.97
CA SER F 347 15.61 54.10 63.20
C SER F 347 14.51 53.33 63.93
N THR F 348 14.55 53.29 65.26
CA THR F 348 13.52 52.54 65.97
C THR F 348 12.15 53.14 65.69
N ARG F 349 12.08 54.45 65.45
CA ARG F 349 10.80 55.05 65.14
C ARG F 349 10.24 54.39 63.87
N THR F 350 11.13 54.09 62.93
CA THR F 350 10.71 53.44 61.69
C THR F 350 10.31 51.99 61.97
N SER F 351 10.94 51.37 62.96
CA SER F 351 10.60 49.98 63.28
C SER F 351 9.21 49.94 63.90
N GLU F 352 8.85 51.03 64.60
CA GLU F 352 7.54 51.17 65.23
C GLU F 352 6.53 51.35 64.11
N ARG F 353 6.83 52.27 63.20
CA ARG F 353 5.99 52.54 62.05
C ARG F 353 5.70 51.19 61.38
N LEU F 354 6.73 50.35 61.30
CA LEU F 354 6.60 49.01 60.72
C LEU F 354 5.72 48.10 61.57
N ARG F 355 5.84 48.21 62.89
CA ARG F 355 5.03 47.38 63.77
C ARG F 355 3.56 47.66 63.50
N ASP F 356 3.23 48.95 63.35
CA ASP F 356 1.85 49.36 63.07
C ASP F 356 1.38 48.83 61.73
N LEU F 357 2.25 48.91 60.74
CA LEU F 357 1.91 48.40 59.42
C LEU F 357 1.50 46.93 59.51
N HIS F 358 2.18 46.18 60.36
CA HIS F 358 1.87 44.76 60.55
C HIS F 358 0.55 44.58 61.28
N GLN F 359 0.34 45.38 62.32
CA GLN F 359 -0.88 45.32 63.10
C GLN F 359 -2.09 45.63 62.23
N SER F 360 -1.90 46.47 61.22
CA SER F 360 -3.00 46.83 60.34
C SER F 360 -3.33 45.66 59.40
N TRP F 361 -2.30 45.03 58.85
CA TRP F 361 -2.53 43.90 57.96
C TRP F 361 -3.32 42.84 58.72
N LYS F 362 -2.95 42.62 59.98
CA LYS F 362 -3.63 41.62 60.81
C LYS F 362 -5.08 42.03 61.07
N THR F 363 -5.97 41.62 60.17
CA THR F 363 -7.39 41.94 60.28
C THR F 363 -8.27 40.74 59.89
N PHE G 55 -48.48 -10.95 -74.35
CA PHE G 55 -49.65 -10.47 -75.14
C PHE G 55 -49.96 -11.39 -76.34
N LEU G 56 -49.29 -11.13 -77.46
CA LEU G 56 -49.50 -11.88 -78.69
C LEU G 56 -48.88 -13.27 -78.65
N SER G 57 -49.73 -14.28 -78.48
CA SER G 57 -49.28 -15.68 -78.41
C SER G 57 -48.71 -16.24 -79.70
N LEU G 58 -47.86 -17.26 -79.59
CA LEU G 58 -47.22 -17.87 -80.75
C LEU G 58 -48.11 -18.68 -81.69
N ASP G 59 -49.35 -18.92 -81.28
CA ASP G 59 -50.28 -19.66 -82.10
C ASP G 59 -51.45 -18.76 -82.47
N SER G 60 -51.43 -17.52 -81.96
CA SER G 60 -52.50 -16.57 -82.25
C SER G 60 -52.65 -16.37 -83.74
N PRO G 61 -53.88 -16.30 -84.22
CA PRO G 61 -54.09 -16.11 -85.65
C PRO G 61 -53.38 -14.82 -86.09
N THR G 62 -53.37 -13.83 -85.20
CA THR G 62 -52.76 -12.55 -85.52
C THR G 62 -51.29 -12.43 -85.07
N TYR G 63 -50.61 -13.56 -84.92
CA TYR G 63 -49.17 -13.57 -84.59
C TYR G 63 -48.34 -13.01 -85.76
N VAL G 64 -47.37 -12.17 -85.42
CA VAL G 64 -46.54 -11.58 -86.45
C VAL G 64 -45.07 -11.83 -86.11
N LEU G 65 -44.30 -12.28 -87.09
CA LEU G 65 -42.88 -12.50 -86.87
C LEU G 65 -42.23 -11.22 -86.37
N TYR G 66 -41.17 -11.35 -85.58
CA TYR G 66 -40.49 -10.19 -85.06
C TYR G 66 -39.86 -9.32 -86.13
N ARG G 67 -39.54 -9.92 -87.28
CA ARG G 67 -38.93 -9.13 -88.35
C ARG G 67 -39.95 -8.26 -89.06
N ASP G 68 -41.23 -8.47 -88.77
CA ASP G 68 -42.30 -7.68 -89.35
C ASP G 68 -42.94 -6.80 -88.29
N ARG G 69 -42.23 -6.57 -87.19
CA ARG G 69 -42.78 -5.75 -86.12
C ARG G 69 -42.05 -4.41 -86.05
N ALA G 70 -42.83 -3.32 -86.13
CA ALA G 70 -42.27 -1.98 -86.08
C ALA G 70 -41.40 -1.79 -84.85
N GLU G 71 -41.91 -2.22 -83.69
CA GLU G 71 -41.18 -2.08 -82.42
C GLU G 71 -39.78 -2.67 -82.46
N TRP G 72 -39.54 -3.55 -83.42
CA TRP G 72 -38.24 -4.20 -83.52
C TRP G 72 -37.46 -3.81 -84.76
N ALA G 73 -37.91 -2.76 -85.44
CA ALA G 73 -37.27 -2.30 -86.66
C ALA G 73 -35.80 -1.90 -86.51
N ASP G 74 -35.45 -1.30 -85.37
CA ASP G 74 -34.10 -0.85 -85.10
C ASP G 74 -33.11 -1.95 -84.74
N ILE G 75 -33.62 -3.12 -84.37
CA ILE G 75 -32.75 -4.23 -83.99
C ILE G 75 -32.41 -5.14 -85.16
N ASP G 76 -31.14 -5.49 -85.28
CA ASP G 76 -30.67 -6.38 -86.33
C ASP G 76 -30.61 -7.80 -85.78
N PRO G 77 -31.42 -8.72 -86.34
CA PRO G 77 -31.41 -10.09 -85.85
C PRO G 77 -30.03 -10.73 -85.96
N VAL G 78 -29.68 -11.55 -84.97
CA VAL G 78 -28.39 -12.23 -84.97
C VAL G 78 -28.67 -13.71 -85.17
N PRO G 79 -28.15 -14.27 -86.26
CA PRO G 79 -28.34 -15.68 -86.58
C PRO G 79 -27.35 -16.60 -85.86
N GLN G 80 -27.70 -17.88 -85.80
CA GLN G 80 -26.85 -18.90 -85.21
C GLN G 80 -26.08 -19.52 -86.37
N ASN G 81 -24.82 -19.86 -86.15
CA ASN G 81 -24.02 -20.46 -87.23
C ASN G 81 -23.04 -21.52 -86.73
N ASP G 82 -23.33 -22.77 -87.05
CA ASP G 82 -22.50 -23.90 -86.63
C ASP G 82 -21.34 -24.17 -87.58
N GLY G 83 -20.94 -23.17 -88.35
CA GLY G 83 -19.84 -23.37 -89.28
C GLY G 83 -20.14 -24.22 -90.51
N PRO G 84 -19.11 -24.51 -91.31
CA PRO G 84 -19.20 -25.31 -92.54
C PRO G 84 -19.85 -26.67 -92.44
N SER G 85 -19.50 -27.44 -91.41
CA SER G 85 -20.07 -28.77 -91.24
C SER G 85 -20.72 -28.92 -89.88
N PRO G 86 -21.98 -28.50 -89.76
CA PRO G 86 -22.73 -28.60 -88.50
C PRO G 86 -22.99 -30.02 -87.99
N VAL G 87 -22.84 -30.19 -86.68
CA VAL G 87 -23.05 -31.48 -86.02
C VAL G 87 -24.31 -31.45 -85.15
N VAL G 88 -25.10 -32.52 -85.18
CA VAL G 88 -26.31 -32.61 -84.40
C VAL G 88 -27.11 -31.30 -84.54
N GLN G 89 -27.37 -30.94 -85.78
CA GLN G 89 -28.08 -29.71 -86.12
C GLN G 89 -29.59 -29.92 -86.10
N ILE G 90 -30.29 -29.06 -85.37
CA ILE G 90 -31.74 -29.15 -85.28
C ILE G 90 -32.35 -28.19 -86.31
N ILE G 91 -33.35 -28.66 -87.05
CA ILE G 91 -33.98 -27.80 -88.05
C ILE G 91 -35.07 -26.97 -87.38
N TYR G 92 -35.08 -25.66 -87.65
CA TYR G 92 -36.07 -24.78 -87.06
C TYR G 92 -37.01 -24.10 -88.04
N SER G 93 -38.25 -23.90 -87.60
CA SER G 93 -39.26 -23.25 -88.43
C SER G 93 -38.94 -21.77 -88.54
N GLU G 94 -39.66 -21.09 -89.43
CA GLU G 94 -39.47 -19.67 -89.63
C GLU G 94 -39.72 -18.93 -88.32
N LYS G 95 -40.86 -19.24 -87.68
CA LYS G 95 -41.22 -18.59 -86.42
C LYS G 95 -40.15 -18.78 -85.37
N PHE G 96 -39.74 -20.03 -85.18
CA PHE G 96 -38.74 -20.39 -84.19
C PHE G 96 -37.44 -19.61 -84.39
N ARG G 97 -36.84 -19.78 -85.57
CA ARG G 97 -35.61 -19.07 -85.88
C ARG G 97 -35.76 -17.56 -85.74
N ASP G 98 -36.95 -17.06 -86.03
CA ASP G 98 -37.22 -15.63 -85.94
C ASP G 98 -37.10 -15.16 -84.49
N VAL G 99 -37.85 -15.79 -83.60
CA VAL G 99 -37.82 -15.43 -82.18
C VAL G 99 -36.41 -15.46 -81.63
N TYR G 100 -35.68 -16.53 -81.92
CA TYR G 100 -34.32 -16.65 -81.41
C TYR G 100 -33.27 -15.78 -82.08
N ASP G 101 -33.49 -15.41 -83.34
CA ASP G 101 -32.52 -14.55 -84.00
C ASP G 101 -32.56 -13.19 -83.32
N TYR G 102 -33.74 -12.82 -82.82
CA TYR G 102 -33.89 -11.55 -82.14
C TYR G 102 -33.44 -11.68 -80.69
N PHE G 103 -33.64 -12.86 -80.10
CA PHE G 103 -33.20 -13.08 -78.73
C PHE G 103 -31.68 -12.90 -78.71
N ARG G 104 -30.98 -13.55 -79.65
CA ARG G 104 -29.53 -13.43 -79.71
C ARG G 104 -29.14 -11.97 -79.81
N ALA G 105 -29.86 -11.22 -80.62
CA ALA G 105 -29.58 -9.81 -80.81
C ALA G 105 -29.66 -9.04 -79.50
N VAL G 106 -30.82 -9.13 -78.84
CA VAL G 106 -31.03 -8.44 -77.57
C VAL G 106 -30.01 -8.90 -76.51
N LEU G 107 -29.81 -10.22 -76.43
CA LEU G 107 -28.89 -10.83 -75.48
C LEU G 107 -27.49 -10.28 -75.71
N GLN G 108 -27.04 -10.32 -76.95
CA GLN G 108 -25.73 -9.84 -77.30
C GLN G 108 -25.47 -8.39 -76.90
N ARG G 109 -26.54 -7.60 -76.83
CA ARG G 109 -26.41 -6.19 -76.48
C ARG G 109 -26.82 -5.94 -75.05
N ASP G 110 -27.08 -7.01 -74.32
CA ASP G 110 -27.49 -6.91 -72.93
C ASP G 110 -28.53 -5.80 -72.76
N GLU G 111 -29.49 -5.75 -73.68
CA GLU G 111 -30.55 -4.74 -73.64
C GLU G 111 -31.58 -5.01 -72.56
N ARG G 112 -31.53 -4.25 -71.47
CA ARG G 112 -32.47 -4.43 -70.36
C ARG G 112 -33.79 -3.72 -70.65
N SER G 113 -34.38 -4.00 -71.80
CA SER G 113 -35.63 -3.36 -72.17
C SER G 113 -36.88 -4.14 -71.80
N GLU G 114 -38.03 -3.47 -71.95
CA GLU G 114 -39.32 -4.08 -71.65
C GLU G 114 -39.70 -4.98 -72.81
N ARG G 115 -39.25 -4.64 -74.01
CA ARG G 115 -39.57 -5.46 -75.16
C ARG G 115 -38.79 -6.75 -75.09
N ALA G 116 -37.59 -6.69 -74.53
CA ALA G 116 -36.74 -7.86 -74.37
C ALA G 116 -37.44 -8.82 -73.42
N PHE G 117 -37.92 -8.28 -72.30
CA PHE G 117 -38.62 -9.08 -71.32
C PHE G 117 -39.74 -9.86 -71.96
N LYS G 118 -40.49 -9.19 -72.84
CA LYS G 118 -41.61 -9.84 -73.50
C LYS G 118 -41.11 -10.88 -74.49
N LEU G 119 -39.95 -10.62 -75.09
CA LEU G 119 -39.39 -11.56 -76.05
C LEU G 119 -39.04 -12.87 -75.37
N THR G 120 -38.55 -12.80 -74.13
CA THR G 120 -38.18 -14.03 -73.41
C THR G 120 -39.37 -14.95 -73.22
N ARG G 121 -40.56 -14.38 -73.04
CA ARG G 121 -41.73 -15.20 -72.85
C ARG G 121 -41.93 -16.11 -74.05
N ASP G 122 -41.63 -15.58 -75.24
CA ASP G 122 -41.79 -16.34 -76.48
C ASP G 122 -40.66 -17.36 -76.65
N ALA G 123 -39.45 -16.97 -76.29
CA ALA G 123 -38.30 -17.86 -76.38
C ALA G 123 -38.53 -19.04 -75.44
N ILE G 124 -39.09 -18.76 -74.27
CA ILE G 124 -39.37 -19.79 -73.28
C ILE G 124 -40.46 -20.71 -73.78
N GLU G 125 -41.46 -20.16 -74.47
CA GLU G 125 -42.52 -21.02 -74.97
C GLU G 125 -41.97 -21.95 -76.03
N LEU G 126 -41.04 -21.45 -76.84
CA LEU G 126 -40.43 -22.27 -77.88
C LEU G 126 -39.50 -23.34 -77.30
N ASN G 127 -38.85 -23.02 -76.19
CA ASN G 127 -37.93 -23.95 -75.55
C ASN G 127 -37.58 -23.58 -74.11
N ALA G 128 -38.37 -24.06 -73.17
CA ALA G 128 -38.15 -23.77 -71.76
C ALA G 128 -36.89 -24.40 -71.19
N ALA G 129 -36.16 -25.15 -71.99
CA ALA G 129 -34.96 -25.79 -71.49
C ALA G 129 -33.74 -24.93 -71.73
N ASN G 130 -33.93 -23.78 -72.38
CA ASN G 130 -32.80 -22.90 -72.64
C ASN G 130 -32.49 -22.10 -71.38
N TYR G 131 -31.53 -22.60 -70.61
CA TYR G 131 -31.14 -21.98 -69.35
C TYR G 131 -30.68 -20.53 -69.47
N THR G 132 -30.09 -20.16 -70.60
CA THR G 132 -29.62 -18.79 -70.78
C THR G 132 -30.81 -17.83 -70.84
N VAL G 133 -31.87 -18.24 -71.53
CA VAL G 133 -33.06 -17.40 -71.65
C VAL G 133 -33.59 -17.10 -70.25
N TRP G 134 -33.68 -18.12 -69.41
CA TRP G 134 -34.18 -17.93 -68.05
C TRP G 134 -33.30 -16.99 -67.23
N HIS G 135 -31.99 -17.12 -67.39
CA HIS G 135 -31.07 -16.26 -66.66
C HIS G 135 -31.32 -14.81 -67.04
N PHE G 136 -31.32 -14.54 -68.35
CA PHE G 136 -31.55 -13.20 -68.85
C PHE G 136 -32.89 -12.67 -68.37
N ARG G 137 -33.90 -13.54 -68.37
CA ARG G 137 -35.21 -13.12 -67.92
C ARG G 137 -35.11 -12.66 -66.47
N ARG G 138 -34.31 -13.38 -65.67
CA ARG G 138 -34.15 -13.01 -64.28
C ARG G 138 -33.42 -11.68 -64.19
N VAL G 139 -32.45 -11.47 -65.07
CA VAL G 139 -31.71 -10.21 -65.07
C VAL G 139 -32.72 -9.09 -65.30
N LEU G 140 -33.59 -9.29 -66.29
CA LEU G 140 -34.60 -8.31 -66.62
C LEU G 140 -35.58 -8.12 -65.48
N LEU G 141 -35.98 -9.23 -64.87
CA LEU G 141 -36.91 -9.15 -63.74
C LEU G 141 -36.43 -8.10 -62.74
N ARG G 142 -35.12 -8.10 -62.49
CA ARG G 142 -34.54 -7.15 -61.54
C ARG G 142 -34.43 -5.75 -62.14
N SER G 143 -33.74 -5.64 -63.27
CA SER G 143 -33.58 -4.36 -63.95
C SER G 143 -34.91 -3.61 -64.04
N LEU G 144 -35.91 -4.24 -64.64
CA LEU G 144 -37.20 -3.61 -64.81
C LEU G 144 -38.04 -3.64 -63.54
N GLN G 145 -37.47 -4.11 -62.44
CA GLN G 145 -38.19 -4.21 -61.18
C GLN G 145 -39.62 -4.72 -61.34
N LYS G 146 -39.75 -5.88 -62.00
CA LYS G 146 -41.05 -6.49 -62.26
C LYS G 146 -41.70 -7.03 -61.01
N ASP G 147 -43.02 -7.19 -61.05
CA ASP G 147 -43.75 -7.72 -59.92
C ASP G 147 -43.48 -9.21 -59.80
N LEU G 148 -42.71 -9.60 -58.78
CA LEU G 148 -42.35 -11.00 -58.58
C LEU G 148 -43.54 -11.90 -58.28
N GLN G 149 -44.55 -11.37 -57.61
CA GLN G 149 -45.71 -12.20 -57.29
C GLN G 149 -46.39 -12.60 -58.59
N GLU G 150 -46.22 -11.77 -59.61
CA GLU G 150 -46.78 -12.03 -60.93
C GLU G 150 -45.98 -13.15 -61.57
N GLU G 151 -44.65 -13.05 -61.50
CA GLU G 151 -43.76 -14.05 -62.05
C GLU G 151 -44.04 -15.41 -61.40
N MET G 152 -44.41 -15.40 -60.12
CA MET G 152 -44.73 -16.64 -59.42
C MET G 152 -45.87 -17.38 -60.10
N ASN G 153 -46.86 -16.63 -60.57
CA ASN G 153 -48.00 -17.23 -61.25
C ASN G 153 -47.51 -17.81 -62.57
N TYR G 154 -46.67 -17.05 -63.26
CA TYR G 154 -46.12 -17.48 -64.53
C TYR G 154 -45.41 -18.82 -64.41
N ILE G 155 -44.39 -18.87 -63.55
CA ILE G 155 -43.63 -20.09 -63.36
C ILE G 155 -44.52 -21.23 -62.87
N ILE G 156 -45.51 -20.93 -62.03
CA ILE G 156 -46.38 -21.99 -61.54
C ILE G 156 -47.07 -22.70 -62.72
N ALA G 157 -47.50 -21.95 -63.71
CA ALA G 157 -48.15 -22.53 -64.86
C ALA G 157 -47.15 -23.33 -65.67
N ILE G 158 -46.00 -22.72 -65.95
CA ILE G 158 -44.95 -23.37 -66.73
C ILE G 158 -44.55 -24.72 -66.16
N ILE G 159 -44.29 -24.76 -64.86
CA ILE G 159 -43.88 -25.99 -64.21
C ILE G 159 -44.95 -27.07 -64.34
N GLU G 160 -46.22 -26.69 -64.21
CA GLU G 160 -47.28 -27.67 -64.32
C GLU G 160 -47.24 -28.35 -65.68
N GLU G 161 -46.89 -27.59 -66.69
CA GLU G 161 -46.82 -28.09 -68.05
C GLU G 161 -45.55 -28.89 -68.30
N GLN G 162 -44.47 -28.52 -67.60
CA GLN G 162 -43.19 -29.20 -67.77
C GLN G 162 -42.55 -29.49 -66.42
N PRO G 163 -43.17 -30.38 -65.64
CA PRO G 163 -42.70 -30.77 -64.31
C PRO G 163 -41.36 -31.51 -64.21
N LYS G 164 -40.76 -31.87 -65.34
CA LYS G 164 -39.49 -32.58 -65.33
C LYS G 164 -38.38 -31.75 -65.93
N ASN G 165 -38.60 -30.45 -66.03
CA ASN G 165 -37.64 -29.50 -66.58
C ASN G 165 -36.80 -28.92 -65.44
N TYR G 166 -35.48 -29.05 -65.53
CA TYR G 166 -34.59 -28.53 -64.50
C TYR G 166 -34.62 -27.01 -64.35
N GLN G 167 -34.58 -26.29 -65.48
CA GLN G 167 -34.57 -24.83 -65.43
C GLN G 167 -35.76 -24.19 -64.76
N VAL G 168 -36.96 -24.74 -64.98
CA VAL G 168 -38.15 -24.15 -64.38
C VAL G 168 -38.18 -24.28 -62.86
N TRP G 169 -37.67 -25.38 -62.34
CA TRP G 169 -37.65 -25.56 -60.88
C TRP G 169 -36.60 -24.65 -60.29
N HIS G 170 -35.48 -24.49 -60.99
CA HIS G 170 -34.43 -23.62 -60.48
C HIS G 170 -34.98 -22.19 -60.43
N HIS G 171 -35.67 -21.80 -61.49
CA HIS G 171 -36.25 -20.45 -61.57
C HIS G 171 -37.18 -20.22 -60.39
N ARG G 172 -38.08 -21.15 -60.14
CA ARG G 172 -39.01 -20.97 -59.02
C ARG G 172 -38.29 -20.81 -57.70
N ARG G 173 -37.21 -21.58 -57.51
CA ARG G 173 -36.47 -21.51 -56.26
C ARG G 173 -35.81 -20.15 -56.07
N VAL G 174 -35.28 -19.58 -57.15
CA VAL G 174 -34.66 -18.27 -57.06
C VAL G 174 -35.70 -17.24 -56.66
N LEU G 175 -36.89 -17.34 -57.26
CA LEU G 175 -37.97 -16.41 -56.95
C LEU G 175 -38.36 -16.49 -55.47
N VAL G 176 -38.54 -17.70 -54.97
CA VAL G 176 -38.90 -17.86 -53.57
C VAL G 176 -37.82 -17.29 -52.65
N GLU G 177 -36.55 -17.43 -53.03
CA GLU G 177 -35.47 -16.87 -52.23
C GLU G 177 -35.61 -15.35 -52.22
N TRP G 178 -35.84 -14.78 -53.39
CA TRP G 178 -36.01 -13.33 -53.52
C TRP G 178 -37.15 -12.83 -52.64
N LEU G 179 -38.33 -13.43 -52.80
CA LEU G 179 -39.48 -13.02 -52.02
C LEU G 179 -39.41 -13.41 -50.56
N LYS G 180 -38.56 -14.39 -50.24
CA LYS G 180 -38.47 -14.88 -48.86
C LYS G 180 -39.88 -15.25 -48.43
N ASP G 181 -40.67 -15.72 -49.38
CA ASP G 181 -42.05 -16.10 -49.12
C ASP G 181 -42.32 -17.55 -49.53
N PRO G 182 -42.36 -18.47 -48.57
CA PRO G 182 -42.62 -19.85 -48.94
C PRO G 182 -44.08 -20.24 -48.78
N SER G 183 -44.90 -19.23 -48.49
CA SER G 183 -46.33 -19.45 -48.24
C SER G 183 -47.12 -20.35 -49.17
N GLN G 184 -46.81 -20.35 -50.46
CA GLN G 184 -47.56 -21.19 -51.38
C GLN G 184 -46.82 -22.41 -51.90
N GLU G 185 -45.61 -22.63 -51.39
CA GLU G 185 -44.79 -23.75 -51.84
C GLU G 185 -45.31 -25.14 -51.53
N LEU G 186 -45.56 -25.45 -50.26
CA LEU G 186 -46.02 -26.79 -49.90
C LEU G 186 -47.27 -27.26 -50.65
N GLU G 187 -48.20 -26.35 -50.88
CA GLU G 187 -49.43 -26.70 -51.57
C GLU G 187 -49.15 -26.93 -53.05
N PHE G 188 -48.32 -26.07 -53.64
CA PHE G 188 -47.97 -26.18 -55.04
C PHE G 188 -47.32 -27.53 -55.31
N ILE G 189 -46.33 -27.87 -54.49
CA ILE G 189 -45.61 -29.12 -54.63
C ILE G 189 -46.55 -30.29 -54.49
N ALA G 190 -47.47 -30.19 -53.55
CA ALA G 190 -48.44 -31.26 -53.34
C ALA G 190 -49.23 -31.51 -54.62
N ASP G 191 -49.55 -30.43 -55.34
CA ASP G 191 -50.29 -30.54 -56.58
C ASP G 191 -49.46 -31.24 -57.63
N ILE G 192 -48.21 -30.83 -57.77
CA ILE G 192 -47.34 -31.46 -58.75
C ILE G 192 -47.15 -32.93 -58.39
N LEU G 193 -47.00 -33.20 -57.10
CA LEU G 193 -46.82 -34.57 -56.65
C LEU G 193 -48.06 -35.38 -56.95
N ASN G 194 -49.12 -34.71 -57.40
CA ASN G 194 -50.33 -35.44 -57.70
C ASN G 194 -50.31 -36.04 -59.09
N GLN G 195 -49.58 -35.43 -60.01
CA GLN G 195 -49.52 -36.01 -61.33
C GLN G 195 -48.33 -36.97 -61.40
N ASP G 196 -47.54 -37.00 -60.32
CA ASP G 196 -46.38 -37.89 -60.22
C ASP G 196 -45.84 -37.84 -58.81
N ALA G 197 -46.29 -38.77 -57.96
CA ALA G 197 -45.85 -38.79 -56.57
C ALA G 197 -44.38 -39.10 -56.36
N LYS G 198 -43.64 -39.36 -57.43
CA LYS G 198 -42.22 -39.69 -57.31
C LYS G 198 -41.30 -38.73 -58.06
N ASN G 199 -41.87 -37.65 -58.57
CA ASN G 199 -41.13 -36.63 -59.31
C ASN G 199 -39.94 -36.14 -58.45
N TYR G 200 -38.73 -36.52 -58.84
CA TYR G 200 -37.56 -36.15 -58.07
C TYR G 200 -37.45 -34.64 -57.89
N HIS G 201 -37.75 -33.88 -58.94
CA HIS G 201 -37.66 -32.42 -58.88
C HIS G 201 -38.56 -31.85 -57.79
N ALA G 202 -39.78 -32.37 -57.71
CA ALA G 202 -40.75 -31.90 -56.72
C ALA G 202 -40.26 -32.15 -55.29
N TRP G 203 -39.83 -33.38 -55.01
CA TRP G 203 -39.34 -33.72 -53.68
C TRP G 203 -38.10 -32.91 -53.32
N GLN G 204 -37.26 -32.64 -54.31
CA GLN G 204 -36.06 -31.88 -54.07
C GLN G 204 -36.45 -30.48 -53.64
N HIS G 205 -37.34 -29.87 -54.41
CA HIS G 205 -37.79 -28.52 -54.11
C HIS G 205 -38.49 -28.49 -52.75
N ARG G 206 -39.27 -29.53 -52.46
CA ARG G 206 -39.98 -29.58 -51.19
C ARG G 206 -39.01 -29.59 -50.02
N GLN G 207 -37.98 -30.42 -50.09
CA GLN G 207 -37.02 -30.47 -48.99
C GLN G 207 -36.32 -29.14 -48.81
N TRP G 208 -36.01 -28.46 -49.92
CA TRP G 208 -35.35 -27.17 -49.83
C TRP G 208 -36.22 -26.17 -49.11
N VAL G 209 -37.50 -26.07 -49.50
CA VAL G 209 -38.39 -25.13 -48.86
C VAL G 209 -38.47 -25.42 -47.37
N ILE G 210 -38.86 -26.63 -47.03
CA ILE G 210 -39.00 -27.03 -45.63
C ILE G 210 -37.77 -26.71 -44.80
N GLN G 211 -36.60 -27.03 -45.33
CA GLN G 211 -35.36 -26.78 -44.61
C GLN G 211 -35.07 -25.30 -44.48
N GLU G 212 -35.08 -24.60 -45.60
CA GLU G 212 -34.79 -23.17 -45.67
C GLU G 212 -35.69 -22.26 -44.84
N PHE G 213 -36.97 -22.58 -44.74
CA PHE G 213 -37.90 -21.77 -43.97
C PHE G 213 -38.42 -22.48 -42.74
N ARG G 214 -37.75 -23.56 -42.36
CA ARG G 214 -38.11 -24.34 -41.19
C ARG G 214 -39.63 -24.62 -41.08
N LEU G 215 -40.15 -25.37 -42.06
CA LEU G 215 -41.57 -25.71 -42.09
C LEU G 215 -41.80 -27.19 -41.82
N TRP G 216 -41.32 -27.67 -40.68
CA TRP G 216 -41.46 -29.08 -40.35
C TRP G 216 -42.79 -29.46 -39.72
N ASP G 217 -43.42 -28.51 -39.04
CA ASP G 217 -44.69 -28.72 -38.34
C ASP G 217 -45.72 -29.68 -38.93
N ASN G 218 -45.91 -29.68 -40.25
CA ASN G 218 -46.92 -30.56 -40.81
C ASN G 218 -46.45 -31.62 -41.77
N GLU G 219 -45.14 -31.70 -42.00
CA GLU G 219 -44.64 -32.69 -42.94
C GLU G 219 -44.87 -34.13 -42.55
N LEU G 220 -44.56 -34.47 -41.30
CA LEU G 220 -44.76 -35.85 -40.86
C LEU G 220 -46.19 -36.32 -41.10
N GLN G 221 -47.14 -35.39 -41.01
CA GLN G 221 -48.53 -35.74 -41.22
C GLN G 221 -48.75 -35.96 -42.71
N TYR G 222 -48.17 -35.09 -43.53
CA TYR G 222 -48.28 -35.18 -44.98
C TYR G 222 -47.76 -36.53 -45.44
N VAL G 223 -46.64 -36.94 -44.84
CA VAL G 223 -46.00 -38.22 -45.13
C VAL G 223 -46.96 -39.35 -44.80
N ASP G 224 -47.52 -39.32 -43.59
CA ASP G 224 -48.48 -40.32 -43.13
C ASP G 224 -49.63 -40.50 -44.10
N GLN G 225 -50.10 -39.38 -44.63
CA GLN G 225 -51.20 -39.40 -45.58
C GLN G 225 -50.81 -40.02 -46.91
N LEU G 226 -49.65 -39.62 -47.44
CA LEU G 226 -49.20 -40.15 -48.71
C LEU G 226 -48.86 -41.63 -48.62
N LEU G 227 -48.31 -42.05 -47.48
CA LEU G 227 -47.98 -43.46 -47.33
C LEU G 227 -49.24 -44.31 -47.36
N LYS G 228 -50.38 -43.70 -47.02
CA LYS G 228 -51.64 -44.42 -47.03
C LYS G 228 -52.10 -44.57 -48.47
N GLU G 229 -51.80 -43.57 -49.29
CA GLU G 229 -52.18 -43.60 -50.70
C GLU G 229 -51.38 -44.63 -51.48
N ASP G 230 -50.16 -44.88 -51.04
CA ASP G 230 -49.27 -45.84 -51.69
C ASP G 230 -48.08 -46.13 -50.81
N VAL G 231 -48.20 -47.19 -50.00
CA VAL G 231 -47.15 -47.57 -49.08
C VAL G 231 -45.85 -47.97 -49.78
N ARG G 232 -45.90 -48.10 -51.09
CA ARG G 232 -44.70 -48.48 -51.83
C ARG G 232 -43.90 -47.31 -52.39
N ASN G 233 -44.37 -46.08 -52.18
CA ASN G 233 -43.66 -44.91 -52.70
C ASN G 233 -42.37 -44.64 -51.91
N ASN G 234 -41.25 -45.09 -52.48
CA ASN G 234 -39.94 -44.93 -51.85
C ASN G 234 -39.62 -43.47 -51.53
N SER G 235 -40.16 -42.54 -52.32
CA SER G 235 -39.92 -41.11 -52.09
C SER G 235 -40.50 -40.64 -50.77
N VAL G 236 -41.69 -41.14 -50.44
CA VAL G 236 -42.36 -40.77 -49.20
C VAL G 236 -41.65 -41.34 -47.97
N TRP G 237 -41.13 -42.57 -48.08
CA TRP G 237 -40.40 -43.16 -46.97
C TRP G 237 -39.16 -42.31 -46.71
N ASN G 238 -38.54 -41.84 -47.78
CA ASN G 238 -37.36 -41.03 -47.63
C ASN G 238 -37.74 -39.72 -46.96
N GLN G 239 -38.87 -39.15 -47.38
CA GLN G 239 -39.34 -37.91 -46.81
C GLN G 239 -39.58 -38.07 -45.32
N ARG G 240 -40.13 -39.23 -44.95
CA ARG G 240 -40.40 -39.49 -43.54
C ARG G 240 -39.10 -39.41 -42.74
N HIS G 241 -38.08 -40.10 -43.21
CA HIS G 241 -36.79 -40.09 -42.53
C HIS G 241 -36.21 -38.68 -42.48
N PHE G 242 -36.44 -37.93 -43.55
CA PHE G 242 -35.98 -36.54 -43.67
C PHE G 242 -36.58 -35.70 -42.55
N VAL G 243 -37.89 -35.78 -42.39
CA VAL G 243 -38.57 -35.01 -41.35
C VAL G 243 -38.07 -35.36 -39.96
N ILE G 244 -38.22 -36.63 -39.59
CA ILE G 244 -37.80 -37.07 -38.27
C ILE G 244 -36.34 -36.77 -37.92
N SER G 245 -35.40 -37.15 -38.79
CA SER G 245 -34.01 -36.89 -38.47
C SER G 245 -33.68 -35.42 -38.38
N ASN G 246 -34.54 -34.57 -38.90
CA ASN G 246 -34.30 -33.13 -38.84
C ASN G 246 -35.11 -32.46 -37.74
N THR G 247 -35.85 -33.23 -36.98
CA THR G 247 -36.62 -32.67 -35.89
C THR G 247 -36.23 -33.37 -34.58
N THR G 248 -36.99 -34.37 -34.19
CA THR G 248 -36.73 -35.10 -32.97
C THR G 248 -35.46 -35.96 -33.02
N GLY G 249 -35.16 -36.52 -34.19
CA GLY G 249 -34.00 -37.38 -34.30
C GLY G 249 -34.48 -38.76 -33.90
N TYR G 250 -33.63 -39.77 -34.00
CA TYR G 250 -34.05 -41.12 -33.62
C TYR G 250 -33.47 -41.59 -32.30
N SER G 251 -32.72 -40.71 -31.64
CA SER G 251 -32.11 -41.06 -30.36
C SER G 251 -33.13 -41.19 -29.25
N ASP G 252 -34.26 -40.52 -29.39
CA ASP G 252 -35.29 -40.62 -28.36
C ASP G 252 -35.91 -42.00 -28.49
N ARG G 253 -35.55 -42.90 -27.58
CA ARG G 253 -36.08 -44.27 -27.62
C ARG G 253 -37.58 -44.33 -27.79
N ALA G 254 -38.26 -43.27 -27.40
CA ALA G 254 -39.70 -43.21 -27.54
C ALA G 254 -40.05 -43.12 -29.01
N VAL G 255 -39.29 -42.30 -29.73
CA VAL G 255 -39.50 -42.08 -31.16
C VAL G 255 -39.07 -43.31 -31.96
N LEU G 256 -37.89 -43.84 -31.64
CA LEU G 256 -37.38 -45.02 -32.33
C LEU G 256 -38.41 -46.12 -32.27
N GLU G 257 -38.94 -46.35 -31.07
CA GLU G 257 -39.94 -47.39 -30.88
C GLU G 257 -41.17 -47.11 -31.72
N ARG G 258 -41.65 -45.86 -31.69
CA ARG G 258 -42.83 -45.50 -32.45
C ARG G 258 -42.62 -45.80 -33.93
N GLU G 259 -41.44 -45.46 -34.43
CA GLU G 259 -41.11 -45.67 -35.83
C GLU G 259 -40.95 -47.15 -36.19
N VAL G 260 -40.22 -47.91 -35.38
CA VAL G 260 -40.04 -49.33 -35.65
C VAL G 260 -41.41 -49.99 -35.67
N GLN G 261 -42.27 -49.58 -34.74
CA GLN G 261 -43.61 -50.13 -34.66
C GLN G 261 -44.42 -49.76 -35.89
N TYR G 262 -44.35 -48.49 -36.27
CA TYR G 262 -45.07 -47.97 -37.42
C TYR G 262 -44.72 -48.74 -38.67
N THR G 263 -43.43 -48.98 -38.86
CA THR G 263 -42.94 -49.69 -40.03
C THR G 263 -43.39 -51.14 -40.04
N LEU G 264 -43.24 -51.84 -38.90
CA LEU G 264 -43.66 -53.23 -38.82
C LEU G 264 -45.14 -53.33 -39.17
N GLU G 265 -45.88 -52.28 -38.84
CA GLU G 265 -47.30 -52.29 -39.14
C GLU G 265 -47.51 -52.20 -40.64
N MET G 266 -46.74 -51.35 -41.31
CA MET G 266 -46.84 -51.18 -42.75
C MET G 266 -46.39 -52.46 -43.44
N ILE G 267 -45.34 -53.07 -42.90
CA ILE G 267 -44.81 -54.30 -43.45
C ILE G 267 -45.87 -55.39 -43.41
N LYS G 268 -46.65 -55.44 -42.33
CA LYS G 268 -47.69 -56.44 -42.21
C LYS G 268 -48.79 -56.22 -43.26
N LEU G 269 -49.04 -54.97 -43.62
CA LEU G 269 -50.06 -54.67 -44.62
C LEU G 269 -49.61 -55.06 -46.02
N VAL G 270 -48.33 -54.86 -46.31
CA VAL G 270 -47.75 -55.20 -47.61
C VAL G 270 -46.35 -55.67 -47.34
N PRO G 271 -46.21 -56.95 -46.95
CA PRO G 271 -44.93 -57.60 -46.62
C PRO G 271 -43.83 -57.50 -47.67
N HIS G 272 -44.22 -57.40 -48.94
CA HIS G 272 -43.25 -57.31 -50.01
C HIS G 272 -43.08 -55.86 -50.45
N ASN G 273 -42.32 -55.10 -49.67
CA ASN G 273 -42.08 -53.69 -49.94
C ASN G 273 -40.68 -53.29 -49.50
N GLU G 274 -39.74 -53.29 -50.43
CA GLU G 274 -38.35 -52.97 -50.12
C GLU G 274 -38.23 -51.66 -49.34
N SER G 275 -38.99 -50.66 -49.74
CA SER G 275 -38.95 -49.37 -49.08
C SER G 275 -39.16 -49.45 -47.57
N ALA G 276 -40.23 -50.11 -47.16
CA ALA G 276 -40.52 -50.25 -45.74
C ALA G 276 -39.37 -50.96 -45.03
N TRP G 277 -38.90 -52.04 -45.63
CA TRP G 277 -37.80 -52.79 -45.01
C TRP G 277 -36.52 -51.97 -44.94
N ASN G 278 -36.26 -51.17 -45.97
CA ASN G 278 -35.06 -50.35 -45.98
C ASN G 278 -35.09 -49.30 -44.89
N TYR G 279 -36.28 -48.75 -44.64
CA TYR G 279 -36.45 -47.75 -43.59
C TYR G 279 -36.15 -48.43 -42.24
N LEU G 280 -36.83 -49.56 -41.98
CA LEU G 280 -36.63 -50.29 -40.74
C LEU G 280 -35.15 -50.57 -40.48
N LYS G 281 -34.47 -51.17 -41.45
CA LYS G 281 -33.05 -51.47 -41.29
C LYS G 281 -32.26 -50.17 -41.19
N GLY G 282 -32.69 -49.16 -41.95
CA GLY G 282 -31.99 -47.89 -41.94
C GLY G 282 -31.87 -47.25 -40.58
N ILE G 283 -32.99 -47.12 -39.88
CA ILE G 283 -33.00 -46.47 -38.58
C ILE G 283 -32.40 -47.30 -37.43
N LEU G 284 -32.04 -48.55 -37.72
CA LEU G 284 -31.47 -49.42 -36.70
C LEU G 284 -30.05 -49.91 -36.98
N GLN G 285 -29.68 -50.00 -38.25
CA GLN G 285 -28.37 -50.51 -38.64
C GLN G 285 -27.16 -49.88 -37.96
N ASP G 286 -27.23 -48.58 -37.66
CA ASP G 286 -26.10 -47.94 -37.03
C ASP G 286 -26.06 -48.09 -35.52
N ARG G 287 -27.19 -48.37 -34.90
CA ARG G 287 -27.20 -48.57 -33.46
C ARG G 287 -26.77 -50.02 -33.20
N GLY G 288 -26.94 -50.88 -34.20
CA GLY G 288 -26.56 -52.27 -34.08
C GLY G 288 -27.77 -53.18 -34.09
N LEU G 289 -28.06 -53.80 -35.23
CA LEU G 289 -29.21 -54.69 -35.35
C LEU G 289 -29.29 -55.79 -34.28
N SER G 290 -28.13 -56.29 -33.86
CA SER G 290 -28.10 -57.34 -32.86
C SER G 290 -28.47 -56.85 -31.45
N ARG G 291 -28.56 -55.52 -31.25
CA ARG G 291 -28.89 -54.96 -29.95
C ARG G 291 -30.39 -54.95 -29.65
N TYR G 292 -31.20 -55.50 -30.55
CA TYR G 292 -32.65 -55.52 -30.37
C TYR G 292 -33.21 -56.94 -30.36
N PRO G 293 -32.95 -57.69 -29.28
CA PRO G 293 -33.39 -59.07 -29.11
C PRO G 293 -34.84 -59.36 -29.46
N ASN G 294 -35.76 -58.51 -29.00
CA ASN G 294 -37.18 -58.73 -29.30
C ASN G 294 -37.50 -58.61 -30.76
N LEU G 295 -36.71 -57.82 -31.49
CA LEU G 295 -36.95 -57.66 -32.91
C LEU G 295 -36.67 -58.95 -33.66
N LEU G 296 -35.59 -59.63 -33.30
CA LEU G 296 -35.22 -60.87 -33.95
C LEU G 296 -36.35 -61.88 -33.84
N ASN G 297 -36.87 -62.03 -32.64
CA ASN G 297 -37.95 -62.97 -32.40
C ASN G 297 -39.18 -62.62 -33.19
N GLN G 298 -39.57 -61.35 -33.11
CA GLN G 298 -40.75 -60.91 -33.82
C GLN G 298 -40.68 -61.16 -35.31
N LEU G 299 -39.47 -61.05 -35.88
CA LEU G 299 -39.31 -61.28 -37.31
C LEU G 299 -39.39 -62.78 -37.60
N LEU G 300 -38.73 -63.58 -36.77
CA LEU G 300 -38.77 -65.03 -36.95
C LEU G 300 -40.21 -65.51 -36.94
N ASP G 301 -41.05 -64.85 -36.16
CA ASP G 301 -42.45 -65.22 -36.08
C ASP G 301 -43.23 -64.82 -37.33
N LEU G 302 -42.81 -63.75 -37.98
CA LEU G 302 -43.48 -63.30 -39.19
C LEU G 302 -43.16 -64.24 -40.35
N GLN G 303 -41.94 -64.77 -40.36
CA GLN G 303 -41.47 -65.66 -41.41
C GLN G 303 -42.56 -66.58 -41.99
N PRO G 304 -43.22 -67.38 -41.14
CA PRO G 304 -44.27 -68.27 -41.63
C PRO G 304 -45.28 -67.61 -42.56
N SER G 305 -45.95 -66.56 -42.10
CA SER G 305 -46.96 -65.88 -42.91
C SER G 305 -46.50 -64.71 -43.77
N HIS G 306 -45.72 -63.79 -43.21
CA HIS G 306 -45.27 -62.62 -43.96
C HIS G 306 -43.84 -62.71 -44.50
N SER G 307 -43.45 -63.87 -45.04
CA SER G 307 -42.09 -64.01 -45.58
C SER G 307 -41.93 -63.27 -46.90
N SER G 308 -40.67 -62.94 -47.20
CA SER G 308 -40.29 -62.23 -48.42
C SER G 308 -38.78 -62.21 -48.34
N PRO G 309 -38.11 -61.96 -49.46
CA PRO G 309 -36.64 -61.93 -49.44
C PRO G 309 -36.10 -60.83 -48.53
N TYR G 310 -36.89 -59.77 -48.38
CA TYR G 310 -36.52 -58.62 -47.56
C TYR G 310 -36.39 -59.02 -46.09
N LEU G 311 -37.29 -59.88 -45.64
CA LEU G 311 -37.27 -60.35 -44.26
C LEU G 311 -36.08 -61.28 -44.05
N ILE G 312 -35.89 -62.22 -44.98
CA ILE G 312 -34.79 -63.18 -44.89
C ILE G 312 -33.47 -62.42 -44.85
N ALA G 313 -33.40 -61.38 -45.68
CA ALA G 313 -32.20 -60.56 -45.77
C ALA G 313 -31.95 -59.83 -44.45
N PHE G 314 -33.03 -59.34 -43.85
CA PHE G 314 -32.91 -58.63 -42.58
C PHE G 314 -32.29 -59.56 -41.56
N LEU G 315 -32.79 -60.79 -41.50
CA LEU G 315 -32.29 -61.79 -40.58
C LEU G 315 -30.80 -62.03 -40.79
N VAL G 316 -30.40 -62.23 -42.05
CA VAL G 316 -28.98 -62.45 -42.34
C VAL G 316 -28.17 -61.30 -41.75
N ASP G 317 -28.67 -60.10 -41.98
CA ASP G 317 -28.00 -58.89 -41.48
C ASP G 317 -27.96 -58.84 -39.96
N ILE G 318 -29.00 -59.36 -39.32
CA ILE G 318 -29.01 -59.37 -37.85
C ILE G 318 -27.90 -60.34 -37.42
N TYR G 319 -27.95 -61.54 -37.97
CA TYR G 319 -26.96 -62.55 -37.64
C TYR G 319 -25.56 -62.03 -37.86
N GLU G 320 -25.36 -61.30 -38.94
CA GLU G 320 -24.03 -60.78 -39.21
C GLU G 320 -23.58 -59.81 -38.13
N ASP G 321 -24.49 -58.94 -37.69
CA ASP G 321 -24.13 -57.97 -36.66
C ASP G 321 -23.73 -58.71 -35.40
N MET G 322 -24.33 -59.88 -35.18
CA MET G 322 -24.00 -60.68 -34.01
C MET G 322 -22.57 -61.19 -34.14
N LEU G 323 -22.28 -61.88 -35.25
CA LEU G 323 -20.95 -62.40 -35.48
C LEU G 323 -19.95 -61.25 -35.35
N GLU G 324 -20.36 -60.07 -35.79
CA GLU G 324 -19.52 -58.88 -35.75
C GLU G 324 -19.19 -58.47 -34.32
N ASN G 325 -20.10 -58.79 -33.40
CA ASN G 325 -19.92 -58.46 -32.00
C ASN G 325 -19.65 -59.68 -31.14
N GLN G 326 -18.70 -60.51 -31.59
CA GLN G 326 -18.31 -61.72 -30.86
C GLN G 326 -19.43 -62.29 -29.99
N CYS G 327 -20.53 -62.70 -30.60
CA CYS G 327 -21.66 -63.24 -29.85
C CYS G 327 -21.41 -64.64 -29.33
N ASP G 328 -22.38 -65.19 -28.59
CA ASP G 328 -22.27 -66.53 -28.05
C ASP G 328 -22.77 -67.49 -29.13
N ASN G 329 -21.99 -68.54 -29.39
CA ASN G 329 -22.31 -69.56 -30.42
C ASN G 329 -21.90 -69.06 -31.79
N LYS G 330 -20.77 -68.36 -31.87
CA LYS G 330 -20.32 -67.83 -33.15
C LYS G 330 -20.56 -68.83 -34.26
N GLU G 331 -19.96 -70.02 -34.12
CA GLU G 331 -20.11 -71.07 -35.12
C GLU G 331 -21.57 -71.40 -35.42
N ASP G 332 -22.42 -71.40 -34.40
CA ASP G 332 -23.83 -71.72 -34.60
C ASP G 332 -24.59 -70.64 -35.38
N ILE G 333 -24.36 -69.39 -35.00
CA ILE G 333 -25.01 -68.25 -35.65
C ILE G 333 -24.64 -68.22 -37.12
N LEU G 334 -23.35 -68.31 -37.39
CA LEU G 334 -22.83 -68.30 -38.75
C LEU G 334 -23.61 -69.25 -39.64
N ASN G 335 -23.97 -70.41 -39.10
CA ASN G 335 -24.72 -71.37 -39.89
C ASN G 335 -26.14 -70.92 -40.15
N LYS G 336 -26.74 -70.26 -39.17
CA LYS G 336 -28.11 -69.78 -39.34
C LYS G 336 -28.08 -68.80 -40.51
N ALA G 337 -27.03 -67.99 -40.55
CA ALA G 337 -26.84 -67.00 -41.60
C ALA G 337 -26.73 -67.71 -42.95
N LEU G 338 -25.66 -68.49 -43.09
CA LEU G 338 -25.37 -69.25 -44.30
C LEU G 338 -26.62 -69.97 -44.77
N GLU G 339 -27.32 -70.62 -43.85
CA GLU G 339 -28.54 -71.34 -44.20
C GLU G 339 -29.49 -70.40 -44.95
N LEU G 340 -29.63 -69.18 -44.43
CA LEU G 340 -30.52 -68.19 -45.04
C LEU G 340 -30.00 -67.70 -46.38
N CYS G 341 -28.71 -67.40 -46.46
CA CYS G 341 -28.13 -66.97 -47.73
C CYS G 341 -28.51 -67.95 -48.84
N GLU G 342 -28.31 -69.24 -48.58
CA GLU G 342 -28.62 -70.25 -49.58
C GLU G 342 -30.11 -70.32 -49.89
N ILE G 343 -30.94 -70.07 -48.88
CA ILE G 343 -32.39 -70.09 -49.11
C ILE G 343 -32.69 -68.97 -50.08
N LEU G 344 -31.97 -67.86 -49.92
CA LEU G 344 -32.14 -66.70 -50.77
C LEU G 344 -31.70 -67.06 -52.17
N ALA G 345 -30.49 -67.62 -52.28
CA ALA G 345 -29.93 -68.02 -53.57
C ALA G 345 -30.77 -69.05 -54.30
N LYS G 346 -31.07 -70.15 -53.62
CA LYS G 346 -31.84 -71.25 -54.20
C LYS G 346 -33.33 -71.03 -54.49
N GLU G 347 -34.02 -70.24 -53.67
CA GLU G 347 -35.46 -70.09 -53.93
C GLU G 347 -36.15 -68.75 -53.67
N LYS G 348 -35.67 -67.96 -52.70
CA LYS G 348 -36.33 -66.69 -52.37
C LYS G 348 -35.95 -65.48 -53.22
N ASP G 349 -34.66 -65.28 -53.47
CA ASP G 349 -34.17 -64.15 -54.27
C ASP G 349 -33.18 -64.71 -55.31
N THR G 350 -33.67 -65.64 -56.12
CA THR G 350 -32.86 -66.30 -57.16
C THR G 350 -32.09 -65.39 -58.10
N ILE G 351 -32.73 -64.33 -58.60
CA ILE G 351 -32.06 -63.43 -59.53
C ILE G 351 -30.72 -62.91 -58.98
N ARG G 352 -30.54 -62.99 -57.68
CA ARG G 352 -29.31 -62.53 -57.06
C ARG G 352 -28.55 -63.71 -56.48
N LYS G 353 -28.87 -64.93 -56.94
CA LYS G 353 -28.22 -66.11 -56.40
C LYS G 353 -26.71 -66.05 -56.28
N GLU G 354 -26.01 -65.58 -57.31
CA GLU G 354 -24.56 -65.52 -57.22
C GLU G 354 -24.13 -64.48 -56.18
N TYR G 355 -24.94 -63.45 -55.98
CA TYR G 355 -24.63 -62.40 -55.00
C TYR G 355 -24.71 -62.97 -53.60
N TRP G 356 -25.81 -63.67 -53.32
CA TRP G 356 -26.02 -64.27 -52.02
C TRP G 356 -24.98 -65.33 -51.70
N ARG G 357 -24.65 -66.16 -52.69
CA ARG G 357 -23.64 -67.20 -52.51
C ARG G 357 -22.33 -66.51 -52.16
N TYR G 358 -22.12 -65.36 -52.79
CA TYR G 358 -20.92 -64.55 -52.57
C TYR G 358 -20.90 -64.01 -51.14
N ILE G 359 -22.06 -63.59 -50.65
CA ILE G 359 -22.14 -63.07 -49.30
C ILE G 359 -21.82 -64.21 -48.33
N GLY G 360 -22.47 -65.36 -48.57
CA GLY G 360 -22.22 -66.51 -47.73
C GLY G 360 -20.74 -66.81 -47.63
N ARG G 361 -20.10 -66.95 -48.79
CA ARG G 361 -18.67 -67.22 -48.83
C ARG G 361 -17.95 -66.21 -47.96
N SER G 362 -18.36 -64.95 -48.08
CA SER G 362 -17.75 -63.86 -47.32
C SER G 362 -17.88 -64.09 -45.82
N LEU G 363 -19.05 -64.51 -45.40
CA LEU G 363 -19.29 -64.76 -43.99
C LEU G 363 -18.44 -65.92 -43.47
N GLN G 364 -18.41 -67.02 -44.22
CA GLN G 364 -17.62 -68.19 -43.82
C GLN G 364 -16.15 -67.84 -43.61
N SER G 365 -15.56 -67.16 -44.57
CA SER G 365 -14.16 -66.80 -44.47
C SER G 365 -13.89 -65.67 -43.48
N LYS G 366 -14.94 -65.10 -42.91
CA LYS G 366 -14.74 -64.00 -41.97
C LYS G 366 -14.92 -64.46 -40.53
N HIS G 367 -15.72 -65.51 -40.33
CA HIS G 367 -15.98 -66.03 -39.00
C HIS G 367 -15.87 -67.56 -38.92
N SER G 368 -14.65 -68.09 -38.78
CA SER G 368 -14.44 -69.54 -38.69
C SER G 368 -13.12 -69.95 -38.05
N LEU H 18 -34.15 -62.63 -79.78
CA LEU H 18 -33.80 -61.32 -80.40
C LEU H 18 -32.32 -61.00 -80.18
N ASP H 19 -31.64 -60.56 -81.24
CA ASP H 19 -30.20 -60.26 -81.18
C ASP H 19 -29.83 -58.79 -81.34
N PHE H 20 -28.53 -58.52 -81.32
CA PHE H 20 -27.99 -57.17 -81.42
C PHE H 20 -27.73 -56.71 -82.85
N LEU H 21 -28.59 -55.83 -83.34
CA LEU H 21 -28.49 -55.28 -84.71
C LEU H 21 -27.42 -54.20 -84.80
N ARG H 22 -26.18 -54.58 -84.55
CA ARG H 22 -25.05 -53.66 -84.58
C ARG H 22 -25.04 -52.63 -85.70
N ASP H 23 -25.30 -53.07 -86.93
CA ASP H 23 -25.29 -52.14 -88.04
C ASP H 23 -26.34 -51.06 -87.92
N ARG H 24 -27.57 -51.47 -87.58
CA ARG H 24 -28.65 -50.50 -87.45
C ARG H 24 -28.31 -49.39 -86.46
N HIS H 25 -27.58 -49.75 -85.41
CA HIS H 25 -27.20 -48.76 -84.41
C HIS H 25 -26.13 -47.81 -84.91
N VAL H 26 -25.23 -48.31 -85.76
CA VAL H 26 -24.19 -47.44 -86.31
C VAL H 26 -24.88 -46.39 -87.16
N ARG H 27 -25.84 -46.82 -87.97
CA ARG H 27 -26.61 -45.91 -88.83
C ARG H 27 -27.30 -44.89 -87.95
N PHE H 28 -27.96 -45.39 -86.91
CA PHE H 28 -28.68 -44.54 -85.96
C PHE H 28 -27.79 -43.41 -85.45
N PHE H 29 -26.62 -43.75 -84.94
CA PHE H 29 -25.71 -42.73 -84.42
C PHE H 29 -25.27 -41.79 -85.51
N GLN H 30 -25.10 -42.29 -86.73
CA GLN H 30 -24.67 -41.43 -87.83
C GLN H 30 -25.70 -40.36 -88.10
N ARG H 31 -26.96 -40.77 -88.12
CA ARG H 31 -28.05 -39.85 -88.36
C ARG H 31 -28.08 -38.78 -87.29
N CYS H 32 -27.81 -39.15 -86.05
CA CYS H 32 -27.80 -38.19 -84.96
C CYS H 32 -26.77 -37.09 -85.22
N LEU H 33 -25.57 -37.47 -85.67
CA LEU H 33 -24.56 -36.46 -85.94
C LEU H 33 -24.93 -35.56 -87.11
N GLN H 34 -25.92 -35.98 -87.90
CA GLN H 34 -26.31 -35.20 -89.06
C GLN H 34 -27.35 -34.13 -88.82
N VAL H 35 -28.61 -34.51 -88.78
CA VAL H 35 -29.66 -33.55 -88.56
C VAL H 35 -30.73 -34.10 -87.62
N LEU H 36 -31.34 -33.21 -86.83
CA LEU H 36 -32.39 -33.58 -85.89
C LEU H 36 -33.65 -32.78 -86.17
N PRO H 37 -34.82 -33.39 -85.93
CA PRO H 37 -36.13 -32.77 -86.14
C PRO H 37 -36.36 -31.64 -85.15
N GLU H 38 -37.08 -30.59 -85.56
CA GLU H 38 -37.35 -29.48 -84.65
C GLU H 38 -37.96 -30.00 -83.36
N ARG H 39 -38.30 -31.28 -83.35
CA ARG H 39 -38.89 -31.92 -82.19
C ARG H 39 -37.86 -32.11 -81.09
N TYR H 40 -36.59 -31.85 -81.40
CA TYR H 40 -35.50 -32.01 -80.43
C TYR H 40 -34.85 -30.67 -80.11
N SER H 41 -35.62 -29.61 -80.31
CA SER H 41 -35.17 -28.26 -80.07
C SER H 41 -34.83 -28.03 -78.61
N SER H 42 -35.43 -28.79 -77.72
CA SER H 42 -35.16 -28.62 -76.29
C SER H 42 -33.78 -29.10 -75.90
N LEU H 43 -33.05 -29.68 -76.85
CA LEU H 43 -31.70 -30.17 -76.58
C LEU H 43 -30.65 -29.22 -77.13
N GLU H 44 -31.10 -28.15 -77.76
CA GLU H 44 -30.22 -27.15 -78.35
C GLU H 44 -28.99 -26.84 -77.49
N THR H 45 -29.22 -26.41 -76.25
CA THR H 45 -28.13 -26.05 -75.36
C THR H 45 -27.37 -27.22 -74.75
N SER H 46 -27.63 -28.42 -75.27
CA SER H 46 -26.95 -29.63 -74.79
C SER H 46 -26.55 -30.48 -75.98
N ARG H 47 -26.53 -29.87 -77.17
CA ARG H 47 -26.18 -30.59 -78.40
C ARG H 47 -24.85 -31.33 -78.30
N LEU H 48 -23.89 -30.76 -77.58
CA LEU H 48 -22.59 -31.39 -77.45
C LEU H 48 -22.69 -32.74 -76.73
N THR H 49 -23.64 -32.87 -75.80
CA THR H 49 -23.80 -34.14 -75.10
C THR H 49 -24.47 -35.15 -76.04
N ILE H 50 -25.25 -34.67 -77.00
CA ILE H 50 -25.88 -35.56 -77.96
C ILE H 50 -24.80 -36.06 -78.89
N ALA H 51 -23.87 -35.16 -79.22
CA ALA H 51 -22.74 -35.50 -80.08
C ALA H 51 -21.93 -36.58 -79.38
N PHE H 52 -21.71 -36.38 -78.08
CA PHE H 52 -20.97 -37.33 -77.25
C PHE H 52 -21.63 -38.72 -77.29
N PHE H 53 -22.95 -38.77 -77.09
CA PHE H 53 -23.65 -40.05 -77.12
C PHE H 53 -23.42 -40.77 -78.43
N ALA H 54 -23.46 -40.00 -79.52
CA ALA H 54 -23.30 -40.54 -80.87
C ALA H 54 -21.88 -40.97 -81.19
N LEU H 55 -20.91 -40.11 -80.90
CA LEU H 55 -19.52 -40.41 -81.15
C LEU H 55 -19.01 -41.56 -80.25
N SER H 56 -19.21 -41.41 -78.94
CA SER H 56 -18.79 -42.44 -77.98
C SER H 56 -19.53 -43.74 -78.28
N GLY H 57 -20.76 -43.61 -78.78
CA GLY H 57 -21.54 -44.77 -79.12
C GLY H 57 -20.93 -45.47 -80.32
N LEU H 58 -20.53 -44.68 -81.31
CA LEU H 58 -19.90 -45.24 -82.51
C LEU H 58 -18.55 -45.84 -82.10
N ASP H 59 -17.83 -45.13 -81.25
CA ASP H 59 -16.54 -45.59 -80.76
C ASP H 59 -16.72 -46.96 -80.10
N MET H 60 -17.77 -47.08 -79.29
CA MET H 60 -18.07 -48.32 -78.59
C MET H 60 -18.36 -49.45 -79.58
N LEU H 61 -18.90 -49.10 -80.74
CA LEU H 61 -19.19 -50.10 -81.76
C LEU H 61 -18.02 -50.18 -82.73
N ASP H 62 -16.99 -49.40 -82.45
CA ASP H 62 -15.80 -49.36 -83.29
C ASP H 62 -16.19 -49.05 -84.74
N SER H 63 -16.72 -47.84 -84.97
CA SER H 63 -17.15 -47.41 -86.28
C SER H 63 -16.94 -45.91 -86.42
N LEU H 64 -15.94 -45.38 -85.73
CA LEU H 64 -15.65 -43.95 -85.82
C LEU H 64 -15.22 -43.55 -87.23
N ASP H 65 -14.84 -44.52 -88.04
CA ASP H 65 -14.43 -44.25 -89.40
C ASP H 65 -15.54 -43.62 -90.22
N VAL H 66 -16.79 -43.99 -89.96
CA VAL H 66 -17.92 -43.46 -90.71
C VAL H 66 -18.19 -41.97 -90.53
N VAL H 67 -17.27 -41.26 -89.88
CA VAL H 67 -17.42 -39.82 -89.67
C VAL H 67 -16.11 -39.09 -89.93
N ASN H 68 -16.20 -37.81 -90.26
CA ASN H 68 -15.01 -37.03 -90.53
C ASN H 68 -14.50 -36.46 -89.22
N LYS H 69 -13.61 -37.20 -88.56
CA LYS H 69 -13.07 -36.76 -87.29
C LYS H 69 -12.59 -35.31 -87.31
N ASP H 70 -12.01 -34.88 -88.43
CA ASP H 70 -11.50 -33.51 -88.51
C ASP H 70 -12.57 -32.42 -88.49
N ASP H 71 -13.65 -32.64 -89.24
CA ASP H 71 -14.73 -31.65 -89.28
C ASP H 71 -15.34 -31.49 -87.89
N ILE H 72 -15.66 -32.62 -87.28
CA ILE H 72 -16.26 -32.62 -85.95
C ILE H 72 -15.34 -31.99 -84.91
N ILE H 73 -14.04 -32.26 -85.00
CA ILE H 73 -13.11 -31.67 -84.05
C ILE H 73 -13.10 -30.13 -84.14
N GLU H 74 -13.24 -29.61 -85.35
CA GLU H 74 -13.26 -28.16 -85.53
C GLU H 74 -14.55 -27.58 -84.94
N TRP H 75 -15.64 -28.31 -85.13
CA TRP H 75 -16.92 -27.90 -84.61
C TRP H 75 -16.84 -27.83 -83.09
N ILE H 76 -16.26 -28.88 -82.49
CA ILE H 76 -16.12 -28.92 -81.04
C ILE H 76 -15.32 -27.73 -80.54
N TYR H 77 -14.15 -27.51 -81.15
CA TYR H 77 -13.31 -26.40 -80.73
C TYR H 77 -13.97 -25.04 -80.90
N SER H 78 -14.95 -24.95 -81.80
CA SER H 78 -15.65 -23.69 -82.03
C SER H 78 -16.59 -23.43 -80.86
N LEU H 79 -16.73 -24.44 -79.98
CA LEU H 79 -17.60 -24.33 -78.82
C LEU H 79 -16.83 -23.95 -77.55
N GLN H 80 -15.50 -23.80 -77.66
CA GLN H 80 -14.71 -23.45 -76.48
C GLN H 80 -14.74 -21.97 -76.15
N VAL H 81 -15.05 -21.65 -74.91
CA VAL H 81 -15.08 -20.28 -74.45
C VAL H 81 -13.66 -19.97 -73.99
N LEU H 82 -12.90 -19.33 -74.86
CA LEU H 82 -11.51 -18.97 -74.56
C LEU H 82 -11.40 -17.66 -73.81
N PRO H 83 -10.34 -17.48 -73.03
CA PRO H 83 -10.18 -16.23 -72.30
C PRO H 83 -9.92 -15.08 -73.28
N THR H 84 -10.49 -13.92 -72.99
CA THR H 84 -10.31 -12.75 -73.85
C THR H 84 -8.93 -12.15 -73.63
N GLU H 85 -8.61 -11.11 -74.43
CA GLU H 85 -7.32 -10.44 -74.34
C GLU H 85 -6.96 -10.11 -72.89
N ASP H 86 -7.82 -9.34 -72.23
CA ASP H 86 -7.60 -8.95 -70.84
C ASP H 86 -7.73 -10.08 -69.82
N ARG H 87 -8.17 -11.25 -70.27
CA ARG H 87 -8.33 -12.42 -69.40
C ARG H 87 -9.22 -12.12 -68.21
N SER H 88 -10.22 -11.28 -68.42
CA SER H 88 -11.17 -10.90 -67.38
C SER H 88 -12.31 -11.90 -67.26
N ASN H 89 -12.35 -12.88 -68.17
CA ASN H 89 -13.42 -13.88 -68.17
C ASN H 89 -12.94 -15.29 -67.88
N LEU H 90 -11.84 -15.43 -67.13
CA LEU H 90 -11.34 -16.76 -66.81
C LEU H 90 -12.36 -17.62 -66.09
N ASP H 91 -13.06 -17.02 -65.14
CA ASP H 91 -14.08 -17.71 -64.35
C ASP H 91 -15.24 -18.23 -65.19
N ARG H 92 -15.22 -17.92 -66.49
CA ARG H 92 -16.32 -18.33 -67.36
C ARG H 92 -15.90 -19.23 -68.51
N CYS H 93 -14.64 -19.64 -68.53
CA CYS H 93 -14.16 -20.47 -69.61
C CYS H 93 -14.57 -21.94 -69.49
N GLY H 94 -14.54 -22.62 -70.62
CA GLY H 94 -14.93 -24.03 -70.70
C GLY H 94 -15.55 -24.21 -72.07
N PHE H 95 -16.59 -25.01 -72.19
CA PHE H 95 -17.24 -25.21 -73.48
C PHE H 95 -18.73 -24.92 -73.45
N ARG H 96 -19.27 -24.58 -74.62
CA ARG H 96 -20.68 -24.27 -74.78
C ARG H 96 -21.36 -25.53 -75.26
N GLY H 97 -22.67 -25.62 -75.04
CA GLY H 97 -23.42 -26.79 -75.48
C GLY H 97 -23.62 -26.76 -76.98
N SER H 98 -23.66 -25.54 -77.53
CA SER H 98 -23.83 -25.32 -78.96
C SER H 98 -23.55 -23.86 -79.26
N SER H 99 -23.87 -23.46 -80.47
CA SER H 99 -23.64 -22.09 -80.93
C SER H 99 -24.88 -21.20 -80.76
N TYR H 100 -25.83 -21.63 -79.95
CA TYR H 100 -27.06 -20.86 -79.75
C TYR H 100 -26.94 -19.38 -79.39
N LEU H 101 -25.78 -18.92 -78.90
CA LEU H 101 -25.66 -17.50 -78.56
C LEU H 101 -25.40 -16.62 -79.76
N GLY H 102 -25.00 -17.22 -80.87
CA GLY H 102 -24.74 -16.46 -82.06
C GLY H 102 -23.33 -15.95 -82.22
N ILE H 103 -22.39 -16.49 -81.46
CA ILE H 103 -21.02 -16.05 -81.58
C ILE H 103 -20.45 -16.60 -82.88
N PRO H 104 -19.75 -15.75 -83.65
CA PRO H 104 -19.15 -16.16 -84.92
C PRO H 104 -18.22 -17.36 -84.81
N PHE H 105 -18.45 -18.35 -85.67
CA PHE H 105 -17.66 -19.58 -85.71
C PHE H 105 -16.16 -19.34 -85.60
N ASN H 106 -15.52 -19.94 -84.60
CA ASN H 106 -14.09 -19.78 -84.41
C ASN H 106 -13.55 -21.01 -83.69
N PRO H 107 -12.97 -21.95 -84.47
CA PRO H 107 -12.41 -23.20 -83.93
C PRO H 107 -11.18 -22.99 -83.04
N SER H 108 -11.37 -22.24 -81.96
CA SER H 108 -10.29 -21.95 -81.02
C SER H 108 -9.03 -21.52 -81.77
N LYS H 109 -9.22 -20.66 -82.77
CA LYS H 109 -8.11 -20.15 -83.56
C LYS H 109 -7.68 -18.78 -83.06
N ASN H 110 -8.65 -17.86 -82.92
CA ASN H 110 -8.35 -16.51 -82.44
C ASN H 110 -8.71 -16.38 -80.96
N PRO H 111 -8.35 -15.24 -80.35
CA PRO H 111 -8.67 -15.03 -78.93
C PRO H 111 -10.18 -14.88 -78.70
N GLY H 112 -10.58 -15.00 -77.44
CA GLY H 112 -12.00 -14.90 -77.12
C GLY H 112 -12.64 -13.55 -77.37
N THR H 113 -13.84 -13.58 -77.96
CA THR H 113 -14.60 -12.37 -78.26
C THR H 113 -15.62 -12.14 -77.14
N ALA H 114 -15.43 -11.06 -76.38
CA ALA H 114 -16.29 -10.71 -75.27
C ALA H 114 -17.79 -10.81 -75.58
N HIS H 115 -18.57 -11.17 -74.57
CA HIS H 115 -20.01 -11.29 -74.71
C HIS H 115 -20.57 -11.37 -73.30
N PRO H 116 -21.53 -10.50 -72.97
CA PRO H 116 -22.14 -10.43 -71.65
C PRO H 116 -22.65 -11.75 -71.06
N TYR H 117 -23.10 -12.66 -71.92
CA TYR H 117 -23.66 -13.90 -71.44
C TYR H 117 -23.05 -15.19 -71.95
N ASP H 118 -21.86 -15.11 -72.54
CA ASP H 118 -21.22 -16.31 -73.05
C ASP H 118 -20.30 -16.93 -72.00
N SER H 119 -20.65 -18.14 -71.56
CA SER H 119 -19.88 -18.87 -70.55
C SER H 119 -19.96 -20.35 -70.84
N GLY H 120 -19.09 -21.12 -70.21
CA GLY H 120 -19.13 -22.56 -70.42
C GLY H 120 -20.17 -23.23 -69.54
N HIS H 121 -20.38 -24.52 -69.77
CA HIS H 121 -21.33 -25.30 -68.99
C HIS H 121 -20.57 -26.56 -68.60
N ILE H 122 -20.49 -26.80 -67.30
CA ILE H 122 -19.73 -27.94 -66.78
C ILE H 122 -19.95 -29.27 -67.51
N ALA H 123 -21.18 -29.58 -67.89
CA ALA H 123 -21.47 -30.83 -68.58
C ALA H 123 -20.98 -30.79 -70.03
N MET H 124 -20.88 -29.59 -70.58
CA MET H 124 -20.44 -29.43 -71.96
C MET H 124 -18.92 -29.46 -72.03
N THR H 125 -18.28 -28.93 -70.98
CA THR H 125 -16.82 -28.94 -70.93
C THR H 125 -16.42 -30.41 -70.81
N TYR H 126 -17.17 -31.15 -70.00
CA TYR H 126 -16.89 -32.57 -69.82
C TYR H 126 -17.08 -33.33 -71.14
N THR H 127 -18.29 -33.32 -71.68
CA THR H 127 -18.55 -34.03 -72.94
C THR H 127 -17.70 -33.52 -74.09
N GLY H 128 -17.35 -32.22 -74.04
CA GLY H 128 -16.51 -31.65 -75.07
C GLY H 128 -15.15 -32.31 -75.09
N LEU H 129 -14.46 -32.26 -73.95
CA LEU H 129 -13.14 -32.87 -73.82
C LEU H 129 -13.23 -34.34 -74.14
N SER H 130 -14.26 -34.98 -73.60
CA SER H 130 -14.47 -36.40 -73.84
C SER H 130 -14.54 -36.68 -75.34
N CYS H 131 -15.31 -35.87 -76.06
CA CYS H 131 -15.45 -36.05 -77.51
C CYS H 131 -14.11 -35.88 -78.23
N LEU H 132 -13.39 -34.83 -77.87
CA LEU H 132 -12.09 -34.57 -78.48
C LEU H 132 -11.16 -35.77 -78.34
N ILE H 133 -11.11 -36.35 -77.14
CA ILE H 133 -10.27 -37.51 -76.89
C ILE H 133 -10.70 -38.70 -77.75
N ILE H 134 -12.00 -38.93 -77.81
CA ILE H 134 -12.56 -40.02 -78.60
C ILE H 134 -12.22 -39.86 -80.08
N LEU H 135 -12.19 -38.61 -80.55
CA LEU H 135 -11.90 -38.34 -81.95
C LEU H 135 -10.40 -38.35 -82.27
N GLY H 136 -9.58 -38.55 -81.24
CA GLY H 136 -8.13 -38.61 -81.46
C GLY H 136 -7.38 -37.31 -81.27
N ASP H 137 -8.08 -36.21 -81.03
CA ASP H 137 -7.41 -34.94 -80.84
C ASP H 137 -6.50 -35.03 -79.61
N ASP H 138 -5.48 -34.20 -79.54
CA ASP H 138 -4.55 -34.24 -78.41
C ASP H 138 -4.77 -33.14 -77.37
N LEU H 139 -5.89 -32.43 -77.48
CA LEU H 139 -6.23 -31.37 -76.52
C LEU H 139 -5.25 -30.21 -76.47
N SER H 140 -4.39 -30.08 -77.47
CA SER H 140 -3.41 -29.00 -77.48
C SER H 140 -4.07 -27.62 -77.59
N ARG H 141 -5.24 -27.57 -78.24
CA ARG H 141 -5.95 -26.30 -78.41
C ARG H 141 -6.90 -25.97 -77.28
N VAL H 142 -6.88 -26.80 -76.24
CA VAL H 142 -7.71 -26.59 -75.06
C VAL H 142 -6.92 -25.74 -74.08
N ASP H 143 -7.50 -24.63 -73.63
CA ASP H 143 -6.81 -23.77 -72.67
C ASP H 143 -7.01 -24.42 -71.30
N LYS H 144 -6.29 -25.52 -71.07
CA LYS H 144 -6.39 -26.26 -69.83
C LYS H 144 -6.52 -25.40 -68.58
N GLU H 145 -5.66 -24.39 -68.44
CA GLU H 145 -5.73 -23.54 -67.25
C GLU H 145 -7.04 -22.76 -67.15
N ALA H 146 -7.49 -22.23 -68.28
CA ALA H 146 -8.72 -21.47 -68.31
C ALA H 146 -9.89 -22.37 -67.90
N CYS H 147 -9.92 -23.59 -68.42
CA CYS H 147 -10.98 -24.52 -68.08
C CYS H 147 -10.98 -24.81 -66.59
N LEU H 148 -9.81 -25.13 -66.05
CA LEU H 148 -9.68 -25.45 -64.64
C LEU H 148 -10.12 -24.24 -63.80
N ALA H 149 -9.79 -23.05 -64.27
CA ALA H 149 -10.18 -21.82 -63.57
C ALA H 149 -11.70 -21.74 -63.53
N GLY H 150 -12.33 -22.05 -64.66
CA GLY H 150 -13.77 -22.00 -64.74
C GLY H 150 -14.39 -23.05 -63.85
N LEU H 151 -13.79 -24.23 -63.83
CA LEU H 151 -14.29 -25.32 -63.00
C LEU H 151 -14.30 -24.90 -61.54
N ARG H 152 -13.17 -24.41 -61.04
CA ARG H 152 -13.08 -23.98 -59.65
C ARG H 152 -14.21 -23.02 -59.29
N ALA H 153 -14.47 -22.08 -60.19
CA ALA H 153 -15.50 -21.08 -59.98
C ALA H 153 -16.89 -21.67 -59.74
N LEU H 154 -17.11 -22.89 -60.24
CA LEU H 154 -18.41 -23.53 -60.11
C LEU H 154 -18.69 -24.27 -58.79
N GLN H 155 -17.64 -24.64 -58.06
CA GLN H 155 -17.83 -25.37 -56.81
C GLN H 155 -18.38 -24.49 -55.70
N LEU H 156 -19.34 -25.03 -54.95
CA LEU H 156 -19.97 -24.32 -53.85
C LEU H 156 -19.31 -24.65 -52.52
N GLU H 157 -19.73 -23.96 -51.47
CA GLU H 157 -19.16 -24.18 -50.15
C GLU H 157 -19.32 -25.63 -49.70
N ASP H 158 -20.46 -26.25 -50.01
CA ASP H 158 -20.71 -27.63 -49.60
C ASP H 158 -19.97 -28.68 -50.41
N GLY H 159 -19.17 -28.25 -51.38
CA GLY H 159 -18.41 -29.20 -52.17
C GLY H 159 -19.00 -29.55 -53.51
N SER H 160 -20.31 -29.36 -53.71
CA SER H 160 -20.93 -29.68 -55.00
C SER H 160 -20.62 -28.59 -56.04
N PHE H 161 -21.18 -28.75 -57.24
CA PHE H 161 -20.95 -27.78 -58.31
C PHE H 161 -22.23 -27.31 -58.99
N CYS H 162 -22.10 -26.18 -59.69
CA CYS H 162 -23.20 -25.62 -60.48
C CYS H 162 -22.76 -25.90 -61.91
N ALA H 163 -23.66 -25.75 -62.87
CA ALA H 163 -23.29 -26.02 -64.26
C ALA H 163 -22.69 -24.80 -64.94
N VAL H 164 -23.16 -23.61 -64.57
CA VAL H 164 -22.67 -22.37 -65.17
C VAL H 164 -22.40 -21.29 -64.14
N PRO H 165 -21.43 -20.41 -64.42
CA PRO H 165 -21.10 -19.32 -63.49
C PRO H 165 -22.26 -18.37 -63.19
N GLU H 166 -23.18 -18.20 -64.15
CA GLU H 166 -24.33 -17.32 -63.93
C GLU H 166 -25.27 -17.87 -62.86
N GLY H 167 -25.12 -19.16 -62.54
CA GLY H 167 -25.97 -19.78 -61.53
C GLY H 167 -26.86 -20.88 -62.09
N SER H 168 -27.17 -21.86 -61.24
CA SER H 168 -28.00 -22.98 -61.65
C SER H 168 -28.20 -23.85 -60.44
N GLU H 169 -28.94 -24.93 -60.60
CA GLU H 169 -29.14 -25.86 -59.50
C GLU H 169 -27.80 -26.56 -59.30
N ASN H 170 -27.62 -27.21 -58.15
CA ASN H 170 -26.37 -27.93 -57.89
C ASN H 170 -26.68 -29.31 -57.32
N ASP H 171 -25.94 -30.31 -57.79
CA ASP H 171 -26.14 -31.68 -57.33
C ASP H 171 -25.04 -32.62 -57.80
N MET H 172 -25.19 -33.90 -57.46
CA MET H 172 -24.20 -34.91 -57.80
C MET H 172 -23.85 -35.00 -59.28
N ARG H 173 -24.79 -34.67 -60.16
CA ARG H 173 -24.54 -34.74 -61.61
C ARG H 173 -23.29 -33.93 -61.96
N PHE H 174 -23.25 -32.70 -61.47
CA PHE H 174 -22.13 -31.82 -61.77
C PHE H 174 -20.84 -32.17 -61.02
N VAL H 175 -20.98 -32.90 -59.91
CA VAL H 175 -19.81 -33.33 -59.15
C VAL H 175 -19.06 -34.34 -60.05
N TYR H 176 -19.82 -35.19 -60.72
CA TYR H 176 -19.23 -36.18 -61.62
C TYR H 176 -18.58 -35.49 -62.80
N CYS H 177 -19.24 -34.46 -63.33
CA CYS H 177 -18.70 -33.70 -64.46
C CYS H 177 -17.36 -33.10 -64.08
N ALA H 178 -17.32 -32.48 -62.91
CA ALA H 178 -16.08 -31.86 -62.45
C ALA H 178 -14.98 -32.92 -62.35
N SER H 179 -15.32 -34.06 -61.78
CA SER H 179 -14.37 -35.15 -61.63
C SER H 179 -13.81 -35.57 -62.98
N CYS H 180 -14.69 -35.81 -63.95
CA CYS H 180 -14.25 -36.20 -65.29
C CYS H 180 -13.32 -35.18 -65.92
N ILE H 181 -13.66 -33.90 -65.75
CA ILE H 181 -12.84 -32.85 -66.30
C ILE H 181 -11.44 -32.90 -65.70
N CYS H 182 -11.37 -32.91 -64.38
CA CYS H 182 -10.08 -32.96 -63.69
C CYS H 182 -9.28 -34.17 -64.10
N TYR H 183 -9.94 -35.30 -64.21
CA TYR H 183 -9.30 -36.54 -64.59
C TYR H 183 -8.71 -36.49 -66.01
N MET H 184 -9.52 -36.03 -66.95
CA MET H 184 -9.08 -35.95 -68.34
C MET H 184 -7.96 -34.94 -68.54
N LEU H 185 -8.04 -33.80 -67.86
CA LEU H 185 -6.99 -32.80 -67.98
C LEU H 185 -5.86 -33.22 -67.06
N ASN H 186 -6.05 -34.35 -66.39
CA ASN H 186 -5.05 -34.91 -65.49
C ASN H 186 -4.51 -33.85 -64.53
N ASN H 187 -5.42 -33.07 -63.95
CA ASN H 187 -5.06 -32.02 -63.03
C ASN H 187 -6.23 -31.75 -62.10
N TRP H 188 -6.09 -32.06 -60.82
CA TRP H 188 -7.19 -31.86 -59.88
C TRP H 188 -7.22 -30.51 -59.21
N SER H 189 -6.55 -29.53 -59.79
CA SER H 189 -6.55 -28.20 -59.20
C SER H 189 -7.89 -27.55 -59.54
N GLY H 190 -8.65 -28.23 -60.39
CA GLY H 190 -9.94 -27.72 -60.80
C GLY H 190 -10.99 -27.79 -59.71
N MET H 191 -10.70 -28.49 -58.62
CA MET H 191 -11.67 -28.60 -57.54
C MET H 191 -11.00 -28.75 -56.19
N ASP H 192 -11.80 -28.55 -55.15
CA ASP H 192 -11.35 -28.72 -53.77
C ASP H 192 -11.84 -30.12 -53.44
N MET H 193 -11.02 -31.12 -53.78
CA MET H 193 -11.36 -32.52 -53.58
C MET H 193 -11.86 -32.89 -52.20
N LYS H 194 -11.34 -32.24 -51.16
CA LYS H 194 -11.78 -32.55 -49.82
C LYS H 194 -13.26 -32.23 -49.65
N LYS H 195 -13.67 -31.05 -50.12
CA LYS H 195 -15.08 -30.65 -50.02
C LYS H 195 -15.98 -31.48 -50.92
N ALA H 196 -15.48 -31.86 -52.09
CA ALA H 196 -16.26 -32.68 -53.00
C ALA H 196 -16.55 -34.01 -52.32
N ILE H 197 -15.51 -34.63 -51.76
CA ILE H 197 -15.64 -35.91 -51.09
C ILE H 197 -16.62 -35.80 -49.93
N SER H 198 -16.57 -34.66 -49.25
CA SER H 198 -17.49 -34.43 -48.14
C SER H 198 -18.92 -34.47 -48.65
N TYR H 199 -19.16 -33.80 -49.78
CA TYR H 199 -20.48 -33.74 -50.37
C TYR H 199 -20.95 -35.15 -50.73
N ILE H 200 -20.08 -35.92 -51.37
CA ILE H 200 -20.42 -37.27 -51.75
C ILE H 200 -20.79 -38.13 -50.54
N ARG H 201 -20.04 -38.04 -49.46
CA ARG H 201 -20.36 -38.82 -48.27
C ARG H 201 -21.73 -38.44 -47.74
N ARG H 202 -21.92 -37.14 -47.52
CA ARG H 202 -23.17 -36.63 -46.98
C ARG H 202 -24.40 -36.98 -47.78
N SER H 203 -24.20 -37.42 -49.02
CA SER H 203 -25.34 -37.75 -49.85
C SER H 203 -25.84 -39.19 -49.63
N MET H 204 -25.09 -39.96 -48.86
CA MET H 204 -25.48 -41.34 -48.61
C MET H 204 -26.75 -41.36 -47.77
N SER H 205 -27.74 -42.15 -48.20
CA SER H 205 -29.02 -42.26 -47.52
C SER H 205 -29.04 -43.32 -46.43
N TYR H 206 -30.13 -43.36 -45.67
CA TYR H 206 -30.29 -44.33 -44.60
C TYR H 206 -30.41 -45.73 -45.22
N ASP H 207 -30.85 -45.80 -46.48
CA ASP H 207 -30.99 -47.08 -47.16
C ASP H 207 -29.68 -47.46 -47.86
N ASN H 208 -28.67 -46.63 -47.65
CA ASN H 208 -27.32 -46.84 -48.17
C ASN H 208 -26.98 -46.52 -49.62
N GLY H 209 -27.96 -46.00 -50.36
CA GLY H 209 -27.68 -45.59 -51.74
C GLY H 209 -27.18 -44.16 -51.66
N LEU H 210 -26.80 -43.57 -52.79
CA LEU H 210 -26.35 -42.18 -52.79
C LEU H 210 -27.42 -41.33 -53.45
N ALA H 211 -27.74 -40.18 -52.86
CA ALA H 211 -28.76 -39.31 -53.44
C ALA H 211 -28.11 -38.14 -54.14
N GLN H 212 -28.94 -37.30 -54.77
CA GLN H 212 -28.43 -36.13 -55.48
C GLN H 212 -27.76 -35.17 -54.50
N GLY H 213 -28.18 -35.23 -53.24
CA GLY H 213 -27.64 -34.39 -52.21
C GLY H 213 -28.13 -34.92 -50.87
N ALA H 214 -27.56 -34.41 -49.78
CA ALA H 214 -27.94 -34.85 -48.45
C ALA H 214 -29.44 -34.81 -48.18
N GLY H 215 -29.95 -35.89 -47.57
CA GLY H 215 -31.37 -35.95 -47.25
C GLY H 215 -32.31 -36.38 -48.36
N LEU H 216 -31.87 -36.25 -49.61
CA LEU H 216 -32.71 -36.64 -50.72
C LEU H 216 -32.77 -38.15 -50.87
N GLU H 217 -33.73 -38.62 -51.68
CA GLU H 217 -33.91 -40.04 -51.93
C GLU H 217 -32.71 -40.58 -52.72
N SER H 218 -32.09 -41.65 -52.22
CA SER H 218 -30.94 -42.25 -52.92
C SER H 218 -31.43 -42.62 -54.31
N HIS H 219 -30.54 -42.56 -55.29
CA HIS H 219 -30.93 -42.81 -56.68
C HIS H 219 -29.79 -43.40 -57.52
N GLY H 220 -30.14 -44.29 -58.44
CA GLY H 220 -29.15 -44.93 -59.29
C GLY H 220 -28.22 -43.98 -60.02
N GLY H 221 -28.77 -42.86 -60.50
CA GLY H 221 -27.97 -41.89 -61.22
C GLY H 221 -26.94 -41.20 -60.34
N SER H 222 -27.39 -40.71 -59.18
CA SER H 222 -26.49 -40.04 -58.26
C SER H 222 -25.50 -41.02 -57.64
N THR H 223 -25.92 -42.27 -57.43
CA THR H 223 -25.02 -43.26 -56.87
C THR H 223 -23.87 -43.50 -57.85
N PHE H 224 -24.18 -43.60 -59.13
CA PHE H 224 -23.14 -43.79 -60.13
C PHE H 224 -22.23 -42.57 -60.08
N CYS H 225 -22.82 -41.38 -60.14
CA CYS H 225 -22.04 -40.16 -60.13
C CYS H 225 -21.10 -40.08 -58.94
N GLY H 226 -21.61 -40.41 -57.76
CA GLY H 226 -20.78 -40.38 -56.57
C GLY H 226 -19.67 -41.41 -56.57
N ILE H 227 -20.01 -42.68 -56.74
CA ILE H 227 -19.01 -43.73 -56.74
C ILE H 227 -17.98 -43.52 -57.85
N ALA H 228 -18.45 -43.25 -59.06
CA ALA H 228 -17.56 -43.04 -60.18
C ALA H 228 -16.61 -41.88 -59.91
N SER H 229 -17.10 -40.83 -59.27
CA SER H 229 -16.24 -39.68 -58.96
C SER H 229 -15.14 -40.10 -58.01
N LEU H 230 -15.49 -40.82 -56.96
CA LEU H 230 -14.50 -41.28 -56.00
C LEU H 230 -13.49 -42.17 -56.71
N CYS H 231 -13.95 -43.07 -57.57
CA CYS H 231 -13.04 -43.94 -58.31
C CYS H 231 -12.09 -43.12 -59.18
N LEU H 232 -12.61 -42.10 -59.84
CA LEU H 232 -11.79 -41.25 -60.69
C LEU H 232 -10.72 -40.54 -59.86
N MET H 233 -11.04 -40.24 -58.61
CA MET H 233 -10.09 -39.56 -57.71
C MET H 233 -9.20 -40.61 -57.05
N GLY H 234 -9.58 -41.88 -57.22
CA GLY H 234 -8.84 -42.97 -56.62
C GLY H 234 -8.92 -42.93 -55.11
N LYS H 235 -10.12 -42.68 -54.58
CA LYS H 235 -10.31 -42.59 -53.13
C LYS H 235 -11.50 -43.39 -52.64
N LEU H 236 -12.00 -44.32 -53.45
CA LEU H 236 -13.18 -45.10 -53.05
C LEU H 236 -12.98 -45.75 -51.68
N GLU H 237 -11.96 -46.61 -51.59
CA GLU H 237 -11.64 -47.34 -50.37
C GLU H 237 -11.31 -46.43 -49.20
N GLU H 238 -10.75 -45.27 -49.51
CA GLU H 238 -10.38 -44.31 -48.49
C GLU H 238 -11.57 -43.55 -47.93
N VAL H 239 -12.59 -43.34 -48.75
CA VAL H 239 -13.78 -42.59 -48.33
C VAL H 239 -14.84 -43.42 -47.64
N PHE H 240 -15.05 -44.65 -48.12
CA PHE H 240 -16.05 -45.53 -47.53
C PHE H 240 -15.42 -46.77 -46.89
N SER H 241 -15.90 -47.11 -45.69
CA SER H 241 -15.39 -48.27 -44.97
C SER H 241 -15.85 -49.52 -45.70
N GLU H 242 -15.30 -50.67 -45.32
CA GLU H 242 -15.69 -51.91 -45.94
C GLU H 242 -17.16 -52.17 -45.63
N LYS H 243 -17.56 -51.86 -44.40
CA LYS H 243 -18.95 -52.06 -43.99
C LYS H 243 -19.85 -51.20 -44.87
N GLU H 244 -19.43 -49.94 -45.05
CA GLU H 244 -20.18 -49.00 -45.86
C GLU H 244 -20.27 -49.47 -47.31
N LEU H 245 -19.13 -49.87 -47.88
CA LEU H 245 -19.12 -50.35 -49.25
C LEU H 245 -20.03 -51.57 -49.41
N ASN H 246 -20.11 -52.41 -48.37
CA ASN H 246 -20.97 -53.59 -48.46
C ASN H 246 -22.42 -53.16 -48.55
N ARG H 247 -22.78 -52.17 -47.76
CA ARG H 247 -24.15 -51.66 -47.75
C ARG H 247 -24.48 -51.04 -49.10
N ILE H 248 -23.55 -50.26 -49.63
CA ILE H 248 -23.75 -49.62 -50.92
C ILE H 248 -23.94 -50.69 -52.00
N LYS H 249 -23.07 -51.70 -51.99
CA LYS H 249 -23.17 -52.80 -52.95
C LYS H 249 -24.56 -53.43 -52.87
N ARG H 250 -25.02 -53.71 -51.65
CA ARG H 250 -26.33 -54.31 -51.45
C ARG H 250 -27.41 -53.46 -52.09
N TRP H 251 -27.37 -52.15 -51.86
CA TRP H 251 -28.39 -51.26 -52.41
C TRP H 251 -28.39 -51.29 -53.94
N CYS H 252 -27.21 -51.34 -54.54
CA CYS H 252 -27.08 -51.35 -55.98
C CYS H 252 -27.57 -52.67 -56.57
N ILE H 253 -27.03 -53.77 -56.08
CA ILE H 253 -27.40 -55.09 -56.58
C ILE H 253 -28.91 -55.32 -56.46
N MET H 254 -29.56 -54.61 -55.54
CA MET H 254 -31.00 -54.77 -55.35
C MET H 254 -31.79 -54.05 -56.43
N ARG H 255 -31.10 -53.30 -57.28
CA ARG H 255 -31.76 -52.56 -58.35
C ARG H 255 -32.14 -53.43 -59.53
N GLN H 256 -31.58 -54.65 -59.62
CA GLN H 256 -31.91 -55.50 -60.76
C GLN H 256 -33.22 -56.23 -60.58
N GLN H 257 -34.14 -55.99 -61.52
CA GLN H 257 -35.45 -56.63 -61.50
C GLN H 257 -35.41 -57.66 -62.60
N ASN H 258 -34.77 -57.26 -63.69
CA ASN H 258 -34.55 -58.05 -64.90
C ASN H 258 -33.57 -57.09 -65.56
N GLY H 259 -34.07 -55.89 -65.81
CA GLY H 259 -33.24 -54.82 -66.33
C GLY H 259 -32.99 -54.10 -65.01
N TYR H 260 -32.66 -52.81 -65.05
CA TYR H 260 -32.43 -52.10 -63.79
C TYR H 260 -33.29 -50.86 -63.65
N HIS H 261 -33.73 -50.57 -62.43
CA HIS H 261 -34.50 -49.35 -62.18
C HIS H 261 -33.58 -48.41 -61.39
N GLY H 262 -33.92 -47.13 -61.35
CA GLY H 262 -33.09 -46.17 -60.64
C GLY H 262 -33.39 -46.00 -59.15
N ARG H 263 -34.56 -46.47 -58.72
CA ARG H 263 -34.98 -46.37 -57.33
C ARG H 263 -35.89 -47.52 -56.97
N PRO H 264 -35.90 -47.93 -55.68
CA PRO H 264 -36.77 -49.02 -55.27
C PRO H 264 -38.21 -48.72 -55.69
N ASN H 265 -38.93 -49.77 -56.07
CA ASN H 265 -40.32 -49.63 -56.49
C ASN H 265 -40.59 -48.74 -57.71
N LYS H 266 -39.58 -48.59 -58.56
CA LYS H 266 -39.74 -47.81 -59.79
C LYS H 266 -39.52 -48.78 -60.95
N PRO H 267 -40.20 -48.56 -62.08
CA PRO H 267 -40.03 -49.45 -63.23
C PRO H 267 -38.61 -49.44 -63.81
N VAL H 268 -38.17 -50.54 -64.42
CA VAL H 268 -36.83 -50.57 -65.00
C VAL H 268 -36.75 -49.62 -66.19
N ASP H 269 -35.52 -49.20 -66.49
CA ASP H 269 -35.25 -48.27 -67.56
C ASP H 269 -33.87 -48.67 -68.13
N THR H 270 -33.82 -48.88 -69.44
CA THR H 270 -32.58 -49.28 -70.08
C THR H 270 -31.30 -48.57 -69.62
N CYS H 271 -31.33 -47.25 -69.55
CA CYS H 271 -30.12 -46.52 -69.17
C CYS H 271 -29.51 -46.92 -67.83
N TYR H 272 -30.33 -47.49 -66.94
CA TYR H 272 -29.82 -47.89 -65.63
C TYR H 272 -28.96 -49.14 -65.71
N SER H 273 -29.00 -49.82 -66.85
CA SER H 273 -28.16 -51.00 -67.04
C SER H 273 -26.73 -50.49 -67.06
N PHE H 274 -26.56 -49.19 -67.32
CA PHE H 274 -25.23 -48.62 -67.28
C PHE H 274 -25.04 -47.91 -65.96
N TRP H 275 -25.91 -46.96 -65.63
CA TRP H 275 -25.82 -46.22 -64.37
C TRP H 275 -25.53 -47.15 -63.18
N VAL H 276 -26.39 -48.14 -62.98
CA VAL H 276 -26.23 -49.08 -61.87
C VAL H 276 -25.18 -50.14 -62.23
N GLY H 277 -25.27 -50.69 -63.43
CA GLY H 277 -24.33 -51.71 -63.87
C GLY H 277 -22.88 -51.28 -63.72
N ALA H 278 -22.59 -50.07 -64.15
CA ALA H 278 -21.24 -49.53 -64.06
C ALA H 278 -20.82 -49.36 -62.60
N THR H 279 -21.77 -49.02 -61.74
CA THR H 279 -21.47 -48.84 -60.33
C THR H 279 -21.09 -50.20 -59.76
N LEU H 280 -21.90 -51.20 -60.10
CA LEU H 280 -21.66 -52.55 -59.65
C LEU H 280 -20.30 -53.03 -60.14
N LYS H 281 -19.96 -52.66 -61.37
CA LYS H 281 -18.68 -53.05 -61.93
C LYS H 281 -17.57 -52.38 -61.13
N LEU H 282 -17.70 -51.10 -60.85
CA LEU H 282 -16.68 -50.40 -60.08
C LEU H 282 -16.55 -51.01 -58.69
N LEU H 283 -17.64 -51.55 -58.17
CA LEU H 283 -17.64 -52.17 -56.85
C LEU H 283 -17.26 -53.65 -56.93
N LYS H 284 -16.78 -54.05 -58.11
CA LYS H 284 -16.34 -55.41 -58.37
C LYS H 284 -17.34 -56.53 -58.07
N ILE H 285 -18.63 -56.28 -58.24
CA ILE H 285 -19.62 -57.32 -58.01
C ILE H 285 -20.65 -57.42 -59.13
N PHE H 286 -20.41 -56.73 -60.24
CA PHE H 286 -21.34 -56.79 -61.36
C PHE H 286 -21.38 -58.24 -61.84
N GLN H 287 -20.26 -58.92 -61.64
CA GLN H 287 -20.10 -60.32 -62.03
C GLN H 287 -21.12 -61.24 -61.35
N TYR H 288 -21.68 -60.81 -60.23
CA TYR H 288 -22.64 -61.63 -59.51
C TYR H 288 -24.08 -61.33 -59.87
N THR H 289 -24.28 -60.44 -60.84
CA THR H 289 -25.64 -60.10 -61.27
C THR H 289 -26.08 -61.15 -62.27
N ASN H 290 -27.35 -61.11 -62.66
CA ASN H 290 -27.86 -62.05 -63.65
C ASN H 290 -27.70 -61.39 -65.01
N PHE H 291 -26.80 -61.92 -65.84
CA PHE H 291 -26.55 -61.34 -67.15
C PHE H 291 -27.69 -61.51 -68.16
N GLU H 292 -28.20 -62.73 -68.29
CA GLU H 292 -29.24 -63.01 -69.26
C GLU H 292 -30.49 -62.12 -69.18
N LYS H 293 -31.08 -62.00 -68.00
CA LYS H 293 -32.28 -61.19 -67.86
C LYS H 293 -32.00 -59.72 -68.18
N ASN H 294 -30.81 -59.26 -67.83
CA ASN H 294 -30.44 -57.87 -68.11
C ASN H 294 -30.33 -57.68 -69.62
N ARG H 295 -29.52 -58.54 -70.25
CA ARG H 295 -29.34 -58.47 -71.70
C ARG H 295 -30.68 -58.59 -72.42
N ASN H 296 -31.50 -59.53 -71.96
CA ASN H 296 -32.82 -59.74 -72.53
C ASN H 296 -33.64 -58.44 -72.47
N TYR H 297 -33.66 -57.78 -71.32
CA TYR H 297 -34.42 -56.54 -71.19
C TYR H 297 -33.87 -55.46 -72.12
N ILE H 298 -32.57 -55.24 -72.09
CA ILE H 298 -31.96 -54.22 -72.92
C ILE H 298 -32.36 -54.39 -74.38
N LEU H 299 -32.28 -55.62 -74.86
CA LEU H 299 -32.63 -55.89 -76.24
C LEU H 299 -34.11 -55.66 -76.51
N SER H 300 -34.96 -55.94 -75.53
CA SER H 300 -36.40 -55.77 -75.71
C SER H 300 -36.76 -54.30 -75.97
N THR H 301 -35.81 -53.40 -75.74
CA THR H 301 -36.04 -51.98 -75.96
C THR H 301 -35.33 -51.51 -77.22
N GLN H 302 -34.80 -52.45 -77.98
CA GLN H 302 -34.08 -52.15 -79.21
C GLN H 302 -35.08 -51.86 -80.33
N ASP H 303 -34.87 -50.77 -81.08
CA ASP H 303 -35.77 -50.49 -82.19
C ASP H 303 -35.18 -51.14 -83.42
N ARG H 304 -35.72 -52.31 -83.78
CA ARG H 304 -35.24 -53.09 -84.91
C ARG H 304 -35.42 -52.40 -86.27
N LEU H 305 -36.22 -51.35 -86.30
CA LEU H 305 -36.48 -50.64 -87.55
C LEU H 305 -35.52 -49.45 -87.75
N VAL H 306 -35.56 -48.48 -86.84
CA VAL H 306 -34.70 -47.29 -86.96
C VAL H 306 -33.36 -47.42 -86.22
N GLY H 307 -33.26 -48.37 -85.29
CA GLY H 307 -32.03 -48.54 -84.55
C GLY H 307 -32.08 -47.84 -83.20
N GLY H 308 -31.03 -47.98 -82.41
CA GLY H 308 -31.00 -47.35 -81.10
C GLY H 308 -31.87 -48.10 -80.10
N PHE H 309 -31.91 -47.61 -78.87
CA PHE H 309 -32.71 -48.21 -77.81
C PHE H 309 -33.58 -47.16 -77.12
N ALA H 310 -34.65 -47.61 -76.48
CA ALA H 310 -35.56 -46.71 -75.76
C ALA H 310 -35.47 -47.08 -74.29
N LYS H 311 -36.09 -46.30 -73.41
CA LYS H 311 -36.01 -46.63 -72.00
C LYS H 311 -36.86 -47.86 -71.71
N TRP H 312 -37.98 -47.98 -72.42
CA TRP H 312 -38.87 -49.13 -72.26
C TRP H 312 -39.15 -49.79 -73.60
N PRO H 313 -39.57 -51.06 -73.58
CA PRO H 313 -39.87 -51.74 -74.84
C PRO H 313 -41.08 -51.08 -75.49
N ASP H 314 -41.16 -51.14 -76.82
CA ASP H 314 -42.27 -50.53 -77.54
C ASP H 314 -42.34 -49.08 -77.11
N SER H 315 -41.26 -48.37 -77.36
CA SER H 315 -41.15 -46.97 -77.00
C SER H 315 -40.13 -46.36 -77.97
N HIS H 316 -40.22 -45.07 -78.26
CA HIS H 316 -39.29 -44.46 -79.20
C HIS H 316 -37.88 -44.33 -78.66
N PRO H 317 -36.88 -44.70 -79.48
CA PRO H 317 -35.48 -44.63 -79.10
C PRO H 317 -34.91 -43.22 -79.16
N ASP H 318 -33.77 -43.01 -78.50
CA ASP H 318 -33.10 -41.73 -78.51
C ASP H 318 -31.60 -41.95 -78.31
N ALA H 319 -30.82 -40.90 -78.52
CA ALA H 319 -29.38 -41.00 -78.40
C ALA H 319 -28.92 -41.49 -77.03
N LEU H 320 -29.53 -40.95 -75.97
CA LEU H 320 -29.15 -41.33 -74.62
C LEU H 320 -29.33 -42.82 -74.35
N HIS H 321 -30.52 -43.34 -74.59
CA HIS H 321 -30.75 -44.75 -74.33
C HIS H 321 -30.05 -45.64 -75.32
N ALA H 322 -29.80 -45.13 -76.52
CA ALA H 322 -29.10 -45.90 -77.52
C ALA H 322 -27.68 -46.09 -76.99
N TYR H 323 -27.08 -45.00 -76.53
CA TYR H 323 -25.73 -45.06 -76.01
C TYR H 323 -25.62 -45.90 -74.73
N PHE H 324 -26.46 -45.59 -73.74
CA PHE H 324 -26.39 -46.34 -72.49
C PHE H 324 -26.83 -47.79 -72.61
N GLY H 325 -27.72 -48.07 -73.55
CA GLY H 325 -28.14 -49.45 -73.72
C GLY H 325 -26.93 -50.23 -74.23
N ILE H 326 -26.19 -49.62 -75.15
CA ILE H 326 -25.02 -50.26 -75.72
C ILE H 326 -23.95 -50.42 -74.64
N CYS H 327 -23.74 -49.38 -73.84
CA CYS H 327 -22.75 -49.47 -72.77
C CYS H 327 -23.18 -50.55 -71.78
N GLY H 328 -24.48 -50.70 -71.59
CA GLY H 328 -24.99 -51.70 -70.68
C GLY H 328 -24.63 -53.08 -71.17
N LEU H 329 -24.79 -53.28 -72.47
CA LEU H 329 -24.46 -54.55 -73.12
C LEU H 329 -22.94 -54.77 -72.98
N SER H 330 -22.19 -53.68 -73.17
CA SER H 330 -20.74 -53.70 -73.06
C SER H 330 -20.25 -54.27 -71.73
N LEU H 331 -20.87 -53.88 -70.61
CA LEU H 331 -20.46 -54.37 -69.30
C LEU H 331 -20.48 -55.89 -69.19
N MET H 332 -21.38 -56.53 -69.94
CA MET H 332 -21.50 -57.99 -69.94
C MET H 332 -20.68 -58.62 -71.07
N GLU H 333 -20.11 -57.75 -71.90
CA GLU H 333 -19.30 -58.19 -73.03
C GLU H 333 -20.16 -58.85 -74.11
N GLU H 334 -20.84 -58.01 -74.88
CA GLU H 334 -21.68 -58.48 -75.96
C GLU H 334 -20.74 -58.49 -77.15
N SER H 335 -20.88 -59.48 -78.02
CA SER H 335 -20.02 -59.57 -79.19
C SER H 335 -20.22 -58.35 -80.08
N GLY H 336 -19.12 -57.72 -80.46
CA GLY H 336 -19.19 -56.57 -81.33
C GLY H 336 -19.14 -55.22 -80.65
N ILE H 337 -19.16 -55.22 -79.32
CA ILE H 337 -19.14 -53.98 -78.56
C ILE H 337 -17.90 -53.85 -77.69
N CYS H 338 -17.13 -52.80 -77.91
CA CYS H 338 -15.92 -52.57 -77.13
C CYS H 338 -16.22 -52.46 -75.65
N LYS H 339 -15.22 -52.77 -74.85
CA LYS H 339 -15.32 -52.73 -73.40
C LYS H 339 -15.30 -51.28 -72.93
N VAL H 340 -16.34 -50.86 -72.22
CA VAL H 340 -16.41 -49.49 -71.73
C VAL H 340 -15.72 -49.34 -70.39
N HIS H 341 -15.08 -48.19 -70.18
CA HIS H 341 -14.40 -47.89 -68.93
C HIS H 341 -15.51 -47.35 -68.02
N PRO H 342 -15.97 -48.14 -67.04
CA PRO H 342 -17.03 -47.83 -66.08
C PRO H 342 -17.01 -46.53 -65.29
N ALA H 343 -15.87 -45.88 -65.14
CA ALA H 343 -15.86 -44.66 -64.36
C ALA H 343 -15.62 -43.39 -65.18
N LEU H 344 -15.06 -43.55 -66.37
CA LEU H 344 -14.79 -42.39 -67.21
C LEU H 344 -15.87 -42.24 -68.27
N ASN H 345 -16.62 -43.33 -68.49
CA ASN H 345 -17.71 -43.33 -69.45
C ASN H 345 -17.21 -43.17 -70.89
N VAL H 346 -16.14 -43.89 -71.21
CA VAL H 346 -15.56 -43.87 -72.55
C VAL H 346 -15.06 -45.28 -72.82
N SER H 347 -14.91 -45.64 -74.08
CA SER H 347 -14.41 -46.96 -74.42
C SER H 347 -13.02 -47.08 -73.79
N THR H 348 -12.61 -48.31 -73.46
CA THR H 348 -11.30 -48.52 -72.86
C THR H 348 -10.22 -48.04 -73.84
N ARG H 349 -10.44 -48.31 -75.13
CA ARG H 349 -9.50 -47.86 -76.14
C ARG H 349 -9.22 -46.38 -75.95
N THR H 350 -10.29 -45.61 -75.84
CA THR H 350 -10.16 -44.16 -75.66
C THR H 350 -9.45 -43.81 -74.34
N SER H 351 -9.74 -44.55 -73.28
CA SER H 351 -9.11 -44.27 -71.99
C SER H 351 -7.62 -44.56 -72.11
N GLU H 352 -7.30 -45.56 -72.94
CA GLU H 352 -5.92 -45.96 -73.22
C GLU H 352 -5.17 -44.74 -73.72
N ARG H 353 -5.68 -44.18 -74.82
CA ARG H 353 -5.10 -43.01 -75.43
C ARG H 353 -4.90 -41.91 -74.40
N LEU H 354 -5.96 -41.62 -73.64
CA LEU H 354 -5.86 -40.58 -72.63
C LEU H 354 -4.63 -40.85 -71.76
N ARG H 355 -4.37 -42.13 -71.48
CA ARG H 355 -3.23 -42.52 -70.67
C ARG H 355 -1.95 -42.08 -71.36
N ASP H 356 -1.80 -42.50 -72.62
CA ASP H 356 -0.63 -42.14 -73.40
C ASP H 356 -0.52 -40.63 -73.42
N LEU H 357 -1.60 -40.00 -73.84
CA LEU H 357 -1.68 -38.56 -73.91
C LEU H 357 -1.13 -37.91 -72.63
N HIS H 358 -1.58 -38.41 -71.49
CA HIS H 358 -1.13 -37.89 -70.20
C HIS H 358 0.38 -38.01 -70.01
N GLN H 359 0.93 -39.19 -70.29
CA GLN H 359 2.37 -39.40 -70.16
C GLN H 359 3.15 -38.45 -71.07
N SER H 360 2.61 -38.18 -72.25
CA SER H 360 3.22 -37.29 -73.21
C SER H 360 3.48 -35.93 -72.61
N TRP H 361 2.52 -35.45 -71.81
CA TRP H 361 2.64 -34.16 -71.16
C TRP H 361 3.66 -34.18 -70.03
N LYS H 362 4.00 -35.37 -69.54
CA LYS H 362 4.95 -35.51 -68.44
C LYS H 362 6.41 -35.26 -68.85
N THR H 363 6.64 -35.06 -70.14
CA THR H 363 7.99 -34.82 -70.65
C THR H 363 8.38 -33.35 -70.53
N PHE I 55 30.25 23.75 5.16
CA PHE I 55 29.84 22.88 6.31
C PHE I 55 28.86 21.75 5.93
N LEU I 56 27.56 22.03 6.04
CA LEU I 56 26.53 21.03 5.74
C LEU I 56 26.39 20.70 4.25
N SER I 57 26.94 19.58 3.82
CA SER I 57 26.87 19.18 2.41
C SER I 57 25.46 19.00 1.87
N LEU I 58 25.30 19.23 0.56
CA LEU I 58 24.00 19.11 -0.08
C LEU I 58 23.49 17.67 -0.15
N ASP I 59 24.40 16.71 -0.03
CA ASP I 59 23.99 15.31 -0.06
C ASP I 59 24.07 14.67 1.32
N SER I 60 24.37 15.48 2.33
CA SER I 60 24.45 14.98 3.71
C SER I 60 23.10 14.42 4.16
N PRO I 61 23.12 13.38 5.00
CA PRO I 61 21.87 12.79 5.46
C PRO I 61 21.10 13.79 6.32
N THR I 62 21.84 14.68 6.98
CA THR I 62 21.23 15.69 7.84
C THR I 62 21.06 17.05 7.17
N TYR I 63 21.18 17.10 5.85
CA TYR I 63 21.00 18.37 5.15
C TYR I 63 19.59 18.91 5.40
N VAL I 64 19.46 20.22 5.51
CA VAL I 64 18.16 20.83 5.75
C VAL I 64 17.88 21.98 4.78
N LEU I 65 16.71 21.98 4.15
CA LEU I 65 16.36 23.05 3.22
C LEU I 65 16.58 24.39 3.89
N TYR I 66 16.93 25.40 3.12
CA TYR I 66 17.16 26.72 3.67
C TYR I 66 15.88 27.28 4.28
N ARG I 67 14.72 26.88 3.74
CA ARG I 67 13.48 27.38 4.28
C ARG I 67 13.17 26.84 5.67
N ASP I 68 13.86 25.78 6.05
CA ASP I 68 13.65 25.17 7.37
C ASP I 68 14.82 25.45 8.32
N ARG I 69 15.66 26.41 7.94
CA ARG I 69 16.82 26.73 8.77
C ARG I 69 16.53 27.97 9.61
N ALA I 70 16.72 27.84 10.92
CA ALA I 70 16.49 28.94 11.82
C ALA I 70 17.24 30.20 11.38
N GLU I 71 18.54 30.06 11.13
CA GLU I 71 19.39 31.20 10.74
C GLU I 71 18.85 31.97 9.54
N TRP I 72 17.99 31.35 8.74
CA TRP I 72 17.47 32.02 7.56
C TRP I 72 15.99 32.37 7.68
N ALA I 73 15.47 32.28 8.90
CA ALA I 73 14.05 32.56 9.16
C ALA I 73 13.63 33.98 8.83
N ASP I 74 14.55 34.93 8.98
CA ASP I 74 14.25 36.34 8.71
C ASP I 74 14.22 36.73 7.23
N ILE I 75 14.78 35.89 6.37
CA ILE I 75 14.81 36.18 4.94
C ILE I 75 13.64 35.57 4.17
N ASP I 76 13.05 36.38 3.30
CA ASP I 76 11.95 35.95 2.46
C ASP I 76 12.51 35.47 1.12
N PRO I 77 12.47 34.18 0.84
CA PRO I 77 13.01 33.71 -0.43
C PRO I 77 12.39 34.43 -1.64
N VAL I 78 13.20 34.64 -2.68
CA VAL I 78 12.76 35.29 -3.91
C VAL I 78 12.73 34.25 -5.01
N PRO I 79 11.57 34.03 -5.61
CA PRO I 79 11.42 33.04 -6.68
C PRO I 79 11.74 33.60 -8.05
N GLN I 80 11.97 32.71 -8.99
CA GLN I 80 12.26 33.06 -10.38
C GLN I 80 10.94 32.92 -11.11
N ASN I 81 10.64 33.81 -12.05
CA ASN I 81 9.40 33.70 -12.80
C ASN I 81 9.57 34.13 -14.24
N ASP I 82 9.39 33.19 -15.16
CA ASP I 82 9.51 33.46 -16.58
C ASP I 82 8.18 33.88 -17.19
N GLY I 83 7.29 34.37 -16.34
CA GLY I 83 5.99 34.81 -16.82
C GLY I 83 5.01 33.74 -17.24
N PRO I 84 4.00 34.11 -18.05
CA PRO I 84 2.95 33.23 -18.55
C PRO I 84 3.39 32.07 -19.44
N SER I 85 4.26 32.36 -20.40
CA SER I 85 4.73 31.32 -21.31
C SER I 85 6.25 31.21 -21.35
N PRO I 86 6.83 30.47 -20.41
CA PRO I 86 8.28 30.29 -20.33
C PRO I 86 8.90 29.53 -21.51
N VAL I 87 10.05 30.03 -21.97
CA VAL I 87 10.79 29.44 -23.08
C VAL I 87 12.07 28.81 -22.54
N VAL I 88 12.44 27.67 -23.10
CA VAL I 88 13.64 26.94 -22.69
C VAL I 88 13.76 26.90 -21.17
N GLN I 89 12.66 26.54 -20.53
CA GLN I 89 12.57 26.46 -19.07
C GLN I 89 13.19 25.17 -18.54
N ILE I 90 14.08 25.32 -17.58
CA ILE I 90 14.75 24.18 -16.97
C ILE I 90 14.00 23.81 -15.69
N ILE I 91 13.71 22.52 -15.51
CA ILE I 91 12.98 22.08 -14.30
C ILE I 91 13.97 21.85 -13.17
N TYR I 92 13.65 22.39 -12.00
CA TYR I 92 14.53 22.27 -10.85
C TYR I 92 13.95 21.49 -9.67
N SER I 93 14.81 20.74 -8.99
CA SER I 93 14.41 19.95 -7.83
C SER I 93 14.09 20.90 -6.68
N GLU I 94 13.52 20.34 -5.61
CA GLU I 94 13.18 21.13 -4.44
C GLU I 94 14.45 21.76 -3.86
N LYS I 95 15.49 20.93 -3.68
CA LYS I 95 16.75 21.41 -3.13
C LYS I 95 17.33 22.54 -3.96
N PHE I 96 17.44 22.32 -5.27
CA PHE I 96 18.00 23.31 -6.18
C PHE I 96 17.26 24.64 -6.07
N ARG I 97 15.97 24.60 -6.32
CA ARG I 97 15.12 25.78 -6.26
C ARG I 97 15.24 26.45 -4.89
N ASP I 98 15.40 25.65 -3.85
CA ASP I 98 15.51 26.20 -2.51
C ASP I 98 16.77 27.04 -2.36
N VAL I 99 17.92 26.45 -2.66
CA VAL I 99 19.19 27.17 -2.57
C VAL I 99 19.17 28.49 -3.35
N TYR I 100 18.67 28.44 -4.58
CA TYR I 100 18.64 29.64 -5.40
C TYR I 100 17.57 30.65 -5.04
N ASP I 101 16.48 30.21 -4.42
CA ASP I 101 15.44 31.17 -4.02
C ASP I 101 16.01 32.05 -2.92
N TYR I 102 16.90 31.48 -2.12
CA TYR I 102 17.52 32.24 -1.05
C TYR I 102 18.69 33.04 -1.60
N PHE I 103 19.38 32.51 -2.60
CA PHE I 103 20.48 33.25 -3.20
C PHE I 103 19.90 34.55 -3.75
N ARG I 104 18.83 34.45 -4.52
CA ARG I 104 18.18 35.63 -5.09
C ARG I 104 17.85 36.63 -4.01
N ALA I 105 17.36 36.13 -2.88
CA ALA I 105 17.00 36.97 -1.75
C ALA I 105 18.20 37.75 -1.24
N VAL I 106 19.25 37.03 -0.86
CA VAL I 106 20.47 37.66 -0.36
C VAL I 106 21.07 38.62 -1.38
N LEU I 107 21.12 38.17 -2.63
CA LEU I 107 21.68 38.93 -3.74
C LEU I 107 20.90 40.25 -3.91
N GLN I 108 19.59 40.14 -3.93
CA GLN I 108 18.72 41.30 -4.09
C GLN I 108 18.92 42.37 -3.02
N ARG I 109 19.34 41.92 -1.84
CA ARG I 109 19.56 42.83 -0.72
C ARG I 109 21.03 43.13 -0.52
N ASP I 110 21.86 42.68 -1.44
CA ASP I 110 23.29 42.91 -1.35
C ASP I 110 23.79 42.68 0.08
N GLU I 111 23.30 41.61 0.69
CA GLU I 111 23.70 41.28 2.06
C GLU I 111 25.12 40.72 2.13
N ARG I 112 26.06 41.52 2.62
CA ARG I 112 27.45 41.06 2.73
C ARG I 112 27.65 40.26 4.01
N SER I 113 26.82 39.24 4.22
CA SER I 113 26.92 38.42 5.42
C SER I 113 27.79 37.19 5.30
N GLU I 114 28.06 36.56 6.43
CA GLU I 114 28.87 35.35 6.46
C GLU I 114 28.00 34.19 6.04
N ARG I 115 26.70 34.29 6.29
CA ARG I 115 25.80 33.21 5.91
C ARG I 115 25.63 33.22 4.39
N ALA I 116 25.69 34.41 3.79
CA ALA I 116 25.57 34.55 2.35
C ALA I 116 26.78 33.87 1.72
N PHE I 117 27.96 34.16 2.25
CA PHE I 117 29.18 33.57 1.74
C PHE I 117 29.04 32.05 1.68
N LYS I 118 28.51 31.47 2.75
CA LYS I 118 28.34 30.02 2.80
C LYS I 118 27.29 29.56 1.80
N LEU I 119 26.29 30.39 1.58
CA LEU I 119 25.24 30.04 0.64
C LEU I 119 25.81 29.92 -0.78
N THR I 120 26.76 30.81 -1.12
CA THR I 120 27.36 30.77 -2.46
C THR I 120 28.03 29.43 -2.74
N ARG I 121 28.62 28.83 -1.70
CA ARG I 121 29.28 27.55 -1.89
C ARG I 121 28.29 26.52 -2.42
N ASP I 122 27.07 26.56 -1.90
CA ASP I 122 26.02 25.64 -2.33
C ASP I 122 25.50 25.97 -3.72
N ALA I 123 25.37 27.26 -4.01
CA ALA I 123 24.88 27.72 -5.31
C ALA I 123 25.89 27.29 -6.37
N ILE I 124 27.17 27.41 -6.03
CA ILE I 124 28.24 27.04 -6.94
C ILE I 124 28.26 25.53 -7.16
N GLU I 125 27.98 24.77 -6.11
CA GLU I 125 27.98 23.33 -6.27
C GLU I 125 26.84 22.91 -7.19
N LEU I 126 25.72 23.63 -7.10
CA LEU I 126 24.58 23.33 -7.95
C LEU I 126 24.79 23.77 -9.39
N ASN I 127 25.58 24.82 -9.60
CA ASN I 127 25.82 25.34 -10.94
C ASN I 127 26.98 26.31 -10.97
N ALA I 128 28.18 25.79 -11.20
CA ALA I 128 29.38 26.62 -11.23
C ALA I 128 29.47 27.53 -12.45
N ALA I 129 28.49 27.44 -13.34
CA ALA I 129 28.49 28.26 -14.54
C ALA I 129 27.74 29.56 -14.32
N ASN I 130 27.18 29.74 -13.13
CA ASN I 130 26.44 30.96 -12.84
C ASN I 130 27.44 32.06 -12.48
N TYR I 131 27.81 32.85 -13.48
CA TYR I 131 28.79 33.92 -13.29
C TYR I 131 28.43 34.95 -12.23
N THR I 132 27.14 35.19 -12.03
CA THR I 132 26.72 36.17 -11.02
C THR I 132 27.08 35.67 -9.63
N VAL I 133 26.84 34.38 -9.37
CA VAL I 133 27.17 33.81 -8.08
C VAL I 133 28.65 34.02 -7.76
N TRP I 134 29.52 33.75 -8.72
CA TRP I 134 30.95 33.94 -8.53
C TRP I 134 31.31 35.41 -8.24
N HIS I 135 30.65 36.33 -8.93
CA HIS I 135 30.93 37.75 -8.73
C HIS I 135 30.61 38.13 -7.28
N PHE I 136 29.40 37.79 -6.87
CA PHE I 136 28.94 38.08 -5.53
C PHE I 136 29.86 37.43 -4.51
N ARG I 137 30.29 36.21 -4.81
CA ARG I 137 31.19 35.52 -3.90
C ARG I 137 32.48 36.34 -3.74
N ARG I 138 32.93 36.95 -4.85
CA ARG I 138 34.14 37.76 -4.81
C ARG I 138 33.89 39.02 -4.00
N VAL I 139 32.69 39.59 -4.15
CA VAL I 139 32.32 40.79 -3.39
C VAL I 139 32.44 40.46 -1.90
N LEU I 140 31.86 39.33 -1.52
CA LEU I 140 31.90 38.86 -0.14
C LEU I 140 33.32 38.57 0.30
N LEU I 141 34.12 37.95 -0.57
CA LEU I 141 35.49 37.64 -0.22
C LEU I 141 36.18 38.91 0.31
N ARG I 142 35.92 40.03 -0.36
CA ARG I 142 36.51 41.29 0.07
C ARG I 142 35.84 41.82 1.34
N SER I 143 34.52 42.05 1.26
CA SER I 143 33.78 42.54 2.42
C SER I 143 34.15 41.82 3.71
N LEU I 144 34.02 40.50 3.71
CA LEU I 144 34.33 39.71 4.88
C LEU I 144 35.82 39.47 5.06
N GLN I 145 36.64 40.11 4.22
CA GLN I 145 38.09 39.94 4.31
C GLN I 145 38.49 38.49 4.56
N LYS I 146 38.01 37.58 3.72
CA LYS I 146 38.30 36.15 3.85
C LYS I 146 39.75 35.84 3.48
N ASP I 147 40.22 34.69 3.94
CA ASP I 147 41.59 34.25 3.67
C ASP I 147 41.68 33.81 2.23
N LEU I 148 42.33 34.60 1.38
CA LEU I 148 42.45 34.27 -0.03
C LEU I 148 43.24 33.00 -0.30
N GLN I 149 44.23 32.69 0.55
CA GLN I 149 45.01 31.48 0.33
C GLN I 149 44.08 30.29 0.47
N GLU I 150 43.03 30.45 1.25
CA GLU I 150 42.07 29.39 1.46
C GLU I 150 41.22 29.25 0.20
N GLU I 151 40.77 30.39 -0.32
CA GLU I 151 39.96 30.41 -1.54
C GLU I 151 40.74 29.76 -2.69
N MET I 152 42.07 29.93 -2.70
CA MET I 152 42.89 29.34 -3.74
C MET I 152 42.74 27.82 -3.73
N ASN I 153 42.65 27.24 -2.54
CA ASN I 153 42.51 25.79 -2.43
C ASN I 153 41.14 25.41 -2.98
N TYR I 154 40.14 26.18 -2.60
CA TYR I 154 38.78 25.95 -3.05
C TYR I 154 38.70 25.92 -4.56
N ILE I 155 39.11 27.00 -5.21
CA ILE I 155 39.05 27.08 -6.66
C ILE I 155 39.91 26.01 -7.31
N ILE I 156 41.03 25.67 -6.70
CA ILE I 156 41.88 24.65 -7.28
C ILE I 156 41.10 23.35 -7.44
N ALA I 157 40.30 23.00 -6.43
CA ALA I 157 39.52 21.78 -6.46
C ALA I 157 38.43 21.87 -7.52
N ILE I 158 37.69 22.98 -7.50
CA ILE I 158 36.61 23.23 -8.43
C ILE I 158 37.07 23.10 -9.87
N ILE I 159 38.17 23.76 -10.21
CA ILE I 159 38.68 23.72 -11.57
C ILE I 159 39.03 22.30 -12.00
N GLU I 160 39.59 21.51 -11.09
CA GLU I 160 39.96 20.14 -11.43
C GLU I 160 38.73 19.35 -11.84
N GLU I 161 37.61 19.63 -11.18
CA GLU I 161 36.36 18.96 -11.48
C GLU I 161 35.71 19.49 -12.74
N GLN I 162 35.92 20.78 -13.01
CA GLN I 162 35.32 21.43 -14.18
C GLN I 162 36.34 22.26 -14.93
N PRO I 163 37.35 21.61 -15.50
CA PRO I 163 38.41 22.28 -16.26
C PRO I 163 38.02 23.02 -17.54
N LYS I 164 36.79 22.88 -17.99
CA LYS I 164 36.37 23.55 -19.21
C LYS I 164 35.31 24.64 -18.93
N ASN I 165 35.24 25.05 -17.68
CA ASN I 165 34.30 26.08 -17.22
C ASN I 165 34.98 27.47 -17.26
N TYR I 166 34.39 28.41 -17.99
CA TYR I 166 34.95 29.74 -18.10
C TYR I 166 35.01 30.52 -16.79
N GLN I 167 33.93 30.48 -16.02
CA GLN I 167 33.88 31.22 -14.76
C GLN I 167 34.94 30.83 -13.74
N VAL I 168 35.24 29.54 -13.62
CA VAL I 168 36.22 29.12 -12.63
C VAL I 168 37.63 29.59 -12.95
N TRP I 169 37.96 29.64 -14.23
CA TRP I 169 39.31 30.10 -14.61
C TRP I 169 39.40 31.60 -14.39
N HIS I 170 38.32 32.30 -14.66
CA HIS I 170 38.33 33.74 -14.46
C HIS I 170 38.51 34.02 -12.98
N HIS I 171 37.76 33.30 -12.15
CA HIS I 171 37.85 33.47 -10.71
C HIS I 171 39.29 33.29 -10.24
N ARG I 172 39.92 32.19 -10.64
CA ARG I 172 41.30 31.93 -10.24
C ARG I 172 42.23 33.05 -10.65
N ARG I 173 42.02 33.59 -11.83
CA ARG I 173 42.88 34.67 -12.30
C ARG I 173 42.73 35.93 -11.44
N VAL I 174 41.51 36.23 -11.03
CA VAL I 174 41.28 37.40 -10.18
C VAL I 174 42.02 37.20 -8.85
N LEU I 175 41.91 36.01 -8.27
CA LEU I 175 42.57 35.71 -7.01
C LEU I 175 44.07 35.89 -7.11
N VAL I 176 44.68 35.34 -8.16
CA VAL I 176 46.11 35.48 -8.33
C VAL I 176 46.49 36.94 -8.45
N GLU I 177 45.66 37.74 -9.11
CA GLU I 177 45.96 39.17 -9.26
C GLU I 177 45.92 39.82 -7.88
N TRP I 178 44.92 39.47 -7.09
CA TRP I 178 44.78 40.00 -5.75
C TRP I 178 46.01 39.66 -4.91
N LEU I 179 46.34 38.38 -4.84
CA LEU I 179 47.49 37.95 -4.06
C LEU I 179 48.84 38.36 -4.65
N LYS I 180 48.86 38.69 -5.94
CA LYS I 180 50.13 39.04 -6.58
C LYS I 180 51.08 37.85 -6.31
N ASP I 181 50.51 36.65 -6.23
CA ASP I 181 51.28 35.45 -5.95
C ASP I 181 51.09 34.39 -7.05
N PRO I 182 52.06 34.27 -7.95
CA PRO I 182 51.92 33.26 -9.02
C PRO I 182 52.67 31.97 -8.69
N SER I 183 53.21 31.90 -7.47
CA SER I 183 53.99 30.75 -7.03
C SER I 183 53.46 29.34 -7.32
N GLN I 184 52.15 29.13 -7.24
CA GLN I 184 51.62 27.80 -7.49
C GLN I 184 50.95 27.59 -8.84
N GLU I 185 50.95 28.62 -9.69
CA GLU I 185 50.30 28.55 -10.98
C GLU I 185 50.86 27.57 -12.02
N LEU I 186 52.15 27.68 -12.34
CA LEU I 186 52.73 26.79 -13.35
C LEU I 186 52.57 25.30 -13.05
N GLU I 187 52.62 24.93 -11.79
CA GLU I 187 52.49 23.54 -11.40
C GLU I 187 51.04 23.11 -11.54
N PHE I 188 50.14 23.97 -11.07
CA PHE I 188 48.71 23.69 -11.16
C PHE I 188 48.30 23.45 -12.59
N ILE I 189 48.66 24.40 -13.46
CA ILE I 189 48.32 24.30 -14.87
C ILE I 189 48.88 23.02 -15.46
N ALA I 190 50.10 22.68 -15.08
CA ALA I 190 50.73 21.46 -15.60
C ALA I 190 49.88 20.25 -15.24
N ASP I 191 49.27 20.27 -14.06
CA ASP I 191 48.42 19.17 -13.64
C ASP I 191 47.17 19.10 -14.49
N ILE I 192 46.53 20.25 -14.69
CA ILE I 192 45.32 20.29 -15.50
C ILE I 192 45.65 19.85 -16.92
N LEU I 193 46.81 20.29 -17.42
CA LEU I 193 47.24 19.93 -18.77
C LEU I 193 47.52 18.44 -18.86
N ASN I 194 47.49 17.76 -17.71
CA ASN I 194 47.70 16.32 -17.70
C ASN I 194 46.45 15.56 -18.07
N GLN I 195 45.28 16.10 -17.74
CA GLN I 195 44.06 15.40 -18.09
C GLN I 195 43.59 15.87 -19.47
N ASP I 196 44.29 16.86 -20.03
CA ASP I 196 44.00 17.39 -21.35
C ASP I 196 45.07 18.37 -21.76
N ALA I 197 46.09 17.88 -22.47
CA ALA I 197 47.19 18.71 -22.91
C ALA I 197 46.81 19.80 -23.90
N LYS I 198 45.55 19.86 -24.31
CA LYS I 198 45.14 20.87 -25.29
C LYS I 198 44.06 21.80 -24.77
N ASN I 199 43.76 21.69 -23.48
CA ASN I 199 42.75 22.51 -22.82
C ASN I 199 43.04 23.98 -23.10
N TYR I 200 42.22 24.62 -23.94
CA TYR I 200 42.46 26.02 -24.27
C TYR I 200 42.50 26.93 -23.05
N HIS I 201 41.60 26.68 -22.09
CA HIS I 201 41.53 27.49 -20.87
C HIS I 201 42.85 27.45 -20.12
N ALA I 202 43.43 26.25 -20.00
CA ALA I 202 44.68 26.06 -19.29
C ALA I 202 45.83 26.82 -19.94
N TRP I 203 45.97 26.69 -21.26
CA TRP I 203 47.04 27.38 -21.95
C TRP I 203 46.87 28.87 -21.86
N GLN I 204 45.61 29.32 -21.92
CA GLN I 204 45.34 30.75 -21.84
C GLN I 204 45.79 31.29 -20.48
N HIS I 205 45.42 30.57 -19.43
CA HIS I 205 45.79 30.97 -18.09
C HIS I 205 47.31 30.94 -17.94
N ARG I 206 47.93 29.92 -18.52
CA ARG I 206 49.38 29.78 -18.42
C ARG I 206 50.10 30.96 -19.05
N GLN I 207 49.68 31.37 -20.23
CA GLN I 207 50.32 32.50 -20.89
C GLN I 207 50.12 33.77 -20.08
N TRP I 208 48.93 33.93 -19.48
CA TRP I 208 48.67 35.11 -18.68
C TRP I 208 49.64 35.19 -17.50
N VAL I 209 49.76 34.09 -16.75
CA VAL I 209 50.66 34.08 -15.60
C VAL I 209 52.08 34.41 -16.04
N ILE I 210 52.62 33.62 -16.96
CA ILE I 210 53.97 33.82 -17.44
C ILE I 210 54.24 35.26 -17.88
N GLN I 211 53.30 35.85 -18.60
CA GLN I 211 53.49 37.21 -19.07
C GLN I 211 53.42 38.22 -17.94
N GLU I 212 52.34 38.14 -17.17
CA GLU I 212 52.10 39.05 -16.05
C GLU I 212 53.18 39.07 -14.97
N PHE I 213 53.76 37.92 -14.65
CA PHE I 213 54.78 37.87 -13.62
C PHE I 213 56.17 37.54 -14.17
N ARG I 214 56.32 37.71 -15.47
CA ARG I 214 57.57 37.44 -16.16
C ARG I 214 58.25 36.13 -15.70
N LEU I 215 57.60 35.00 -15.96
CA LEU I 215 58.13 33.70 -15.57
C LEU I 215 58.56 32.91 -16.79
N TRP I 216 59.47 33.48 -17.59
CA TRP I 216 59.90 32.80 -18.81
C TRP I 216 61.02 31.78 -18.63
N ASP I 217 61.80 31.97 -17.58
CA ASP I 217 62.94 31.12 -17.29
C ASP I 217 62.87 29.64 -17.57
N ASN I 218 61.74 29.00 -17.30
CA ASN I 218 61.65 27.56 -17.51
C ASN I 218 60.63 27.07 -18.51
N GLU I 219 59.93 27.98 -19.16
CA GLU I 219 58.91 27.55 -20.10
C GLU I 219 59.46 26.83 -21.33
N LEU I 220 60.53 27.36 -21.93
CA LEU I 220 61.08 26.70 -23.11
C LEU I 220 61.44 25.24 -22.83
N GLN I 221 61.83 24.97 -21.59
CA GLN I 221 62.19 23.62 -21.20
C GLN I 221 60.91 22.79 -21.08
N TYR I 222 59.89 23.38 -20.46
CA TYR I 222 58.60 22.72 -20.30
C TYR I 222 58.08 22.31 -21.67
N VAL I 223 58.20 23.23 -22.62
CA VAL I 223 57.78 23.01 -24.00
C VAL I 223 58.51 21.82 -24.59
N ASP I 224 59.84 21.82 -24.48
CA ASP I 224 60.64 20.73 -24.99
C ASP I 224 60.20 19.39 -24.44
N GLN I 225 59.85 19.38 -23.17
CA GLN I 225 59.41 18.16 -22.52
C GLN I 225 58.06 17.67 -23.04
N LEU I 226 57.10 18.58 -23.16
CA LEU I 226 55.79 18.21 -23.67
C LEU I 226 55.83 17.80 -25.13
N LEU I 227 56.69 18.43 -25.93
CA LEU I 227 56.78 18.07 -27.33
C LEU I 227 57.30 16.65 -27.48
N LYS I 228 58.00 16.16 -26.46
CA LYS I 228 58.52 14.82 -26.49
C LYS I 228 57.38 13.85 -26.19
N GLU I 229 56.44 14.27 -25.34
CA GLU I 229 55.30 13.44 -24.99
C GLU I 229 54.32 13.29 -26.16
N ASP I 230 54.27 14.31 -27.00
CA ASP I 230 53.36 14.31 -28.16
C ASP I 230 53.76 15.44 -29.10
N VAL I 231 54.61 15.12 -30.07
CA VAL I 231 55.08 16.11 -31.03
C VAL I 231 53.95 16.68 -31.91
N ARG I 232 52.75 16.11 -31.81
CA ARG I 232 51.64 16.61 -32.60
C ARG I 232 50.75 17.62 -31.88
N ASN I 233 51.08 17.91 -30.62
CA ASN I 233 50.27 18.86 -29.85
C ASN I 233 50.48 20.31 -30.32
N ASN I 234 49.56 20.78 -31.15
CA ASN I 234 49.62 22.12 -31.72
C ASN I 234 49.70 23.21 -30.65
N SER I 235 49.12 22.95 -29.47
CA SER I 235 49.14 23.92 -28.38
C SER I 235 50.56 24.16 -27.88
N VAL I 236 51.35 23.08 -27.83
CA VAL I 236 52.72 23.18 -27.35
C VAL I 236 53.60 23.90 -28.36
N TRP I 237 53.37 23.67 -29.65
CA TRP I 237 54.16 24.38 -30.65
C TRP I 237 53.86 25.87 -30.53
N ASN I 238 52.61 26.21 -30.27
CA ASN I 238 52.24 27.60 -30.14
C ASN I 238 52.97 28.17 -28.92
N GLN I 239 52.98 27.40 -27.84
CA GLN I 239 53.63 27.83 -26.61
C GLN I 239 55.10 28.07 -26.86
N ARG I 240 55.70 27.24 -27.69
CA ARG I 240 57.12 27.39 -27.98
C ARG I 240 57.37 28.74 -28.62
N HIS I 241 56.57 29.07 -29.63
CA HIS I 241 56.71 30.35 -30.31
C HIS I 241 56.45 31.50 -29.36
N PHE I 242 55.50 31.30 -28.46
CA PHE I 242 55.13 32.31 -27.46
C PHE I 242 56.36 32.64 -26.61
N VAL I 243 56.99 31.62 -26.06
CA VAL I 243 58.18 31.83 -25.22
C VAL I 243 59.29 32.56 -25.96
N ILE I 244 59.77 31.97 -27.05
CA ILE I 244 60.84 32.56 -27.81
C ILE I 244 60.59 33.98 -28.28
N SER I 245 59.47 34.23 -28.94
CA SER I 245 59.22 35.59 -29.42
C SER I 245 59.11 36.61 -28.30
N ASN I 246 58.89 36.14 -27.09
CA ASN I 246 58.77 37.03 -25.94
C ASN I 246 60.04 37.12 -25.13
N THR I 247 61.08 36.42 -25.57
CA THR I 247 62.34 36.47 -24.86
C THR I 247 63.46 36.91 -25.82
N THR I 248 64.15 35.95 -26.42
CA THR I 248 65.22 36.26 -27.36
C THR I 248 64.73 36.80 -28.69
N GLY I 249 63.56 36.35 -29.14
CA GLY I 249 63.06 36.79 -30.43
C GLY I 249 63.71 35.91 -31.48
N TYR I 250 63.33 36.06 -32.73
CA TYR I 250 63.90 35.24 -33.77
C TYR I 250 64.92 35.96 -34.65
N SER I 251 65.20 37.22 -34.32
CA SER I 251 66.15 38.02 -35.09
C SER I 251 67.58 37.56 -34.91
N ASP I 252 67.87 36.94 -33.77
CA ASP I 252 69.21 36.44 -33.53
C ASP I 252 69.39 35.22 -34.44
N ARG I 253 70.14 35.38 -35.52
CA ARG I 253 70.37 34.30 -36.47
C ARG I 253 70.79 33.00 -35.79
N ALA I 254 71.37 33.10 -34.60
CA ALA I 254 71.79 31.92 -33.87
C ALA I 254 70.54 31.17 -33.41
N VAL I 255 69.57 31.92 -32.90
CA VAL I 255 68.30 31.35 -32.43
C VAL I 255 67.48 30.80 -33.60
N LEU I 256 67.33 31.60 -34.65
CA LEU I 256 66.57 31.19 -35.82
C LEU I 256 67.09 29.86 -36.32
N GLU I 257 68.40 29.75 -36.45
CA GLU I 257 69.01 28.52 -36.92
C GLU I 257 68.72 27.37 -35.96
N ARG I 258 68.87 27.61 -34.67
CA ARG I 258 68.60 26.56 -33.68
C ARG I 258 67.17 26.05 -33.83
N GLU I 259 66.24 26.97 -34.02
CA GLU I 259 64.84 26.64 -34.16
C GLU I 259 64.53 25.91 -35.45
N VAL I 260 65.02 26.43 -36.57
CA VAL I 260 64.79 25.76 -37.85
C VAL I 260 65.36 24.35 -37.79
N GLN I 261 66.51 24.21 -37.15
CA GLN I 261 67.14 22.92 -37.01
C GLN I 261 66.28 22.01 -36.16
N TYR I 262 65.85 22.53 -35.01
CA TYR I 262 65.01 21.78 -34.07
C TYR I 262 63.77 21.23 -34.72
N THR I 263 63.12 22.07 -35.52
CA THR I 263 61.90 21.70 -36.21
C THR I 263 62.14 20.63 -37.26
N LEU I 264 63.17 20.82 -38.09
CA LEU I 264 63.48 19.83 -39.12
C LEU I 264 63.74 18.49 -38.46
N GLU I 265 64.31 18.51 -37.25
CA GLU I 265 64.56 17.27 -36.55
C GLU I 265 63.23 16.59 -36.15
N MET I 266 62.28 17.39 -35.67
CA MET I 266 60.98 16.87 -35.28
C MET I 266 60.22 16.39 -36.50
N ILE I 267 60.36 17.12 -37.60
CA ILE I 267 59.70 16.72 -38.83
C ILE I 267 60.23 15.36 -39.30
N LYS I 268 61.52 15.11 -39.12
CA LYS I 268 62.09 13.84 -39.53
C LYS I 268 61.52 12.70 -38.68
N LEU I 269 61.23 12.96 -37.41
CA LEU I 269 60.68 11.93 -36.54
C LEU I 269 59.23 11.61 -36.88
N VAL I 270 58.47 12.62 -37.27
CA VAL I 270 57.07 12.45 -37.63
C VAL I 270 56.79 13.43 -38.75
N PRO I 271 57.16 13.06 -39.99
CA PRO I 271 57.00 13.86 -41.20
C PRO I 271 55.60 14.41 -41.47
N HIS I 272 54.59 13.69 -41.00
CA HIS I 272 53.22 14.13 -41.23
C HIS I 272 52.68 14.81 -39.98
N ASN I 273 53.06 16.06 -39.78
CA ASN I 273 52.64 16.83 -38.62
C ASN I 273 52.48 18.30 -39.01
N GLU I 274 51.26 18.71 -39.31
CA GLU I 274 51.00 20.08 -39.72
C GLU I 274 51.59 21.11 -38.75
N SER I 275 51.50 20.83 -37.46
CA SER I 275 52.01 21.75 -36.44
C SER I 275 53.48 22.09 -36.63
N ALA I 276 54.32 21.08 -36.77
CA ALA I 276 55.75 21.30 -36.97
C ALA I 276 55.97 22.12 -38.23
N TRP I 277 55.32 21.74 -39.32
CA TRP I 277 55.48 22.46 -40.56
C TRP I 277 55.01 23.92 -40.45
N ASN I 278 53.90 24.14 -39.74
CA ASN I 278 53.38 25.49 -39.58
C ASN I 278 54.36 26.37 -38.81
N TYR I 279 55.04 25.78 -37.83
CA TYR I 279 56.01 26.51 -37.02
C TYR I 279 57.18 26.89 -37.93
N LEU I 280 57.71 25.91 -38.65
CA LEU I 280 58.82 26.16 -39.56
C LEU I 280 58.48 27.31 -40.52
N LYS I 281 57.39 27.19 -41.25
CA LYS I 281 57.02 28.25 -42.17
C LYS I 281 56.73 29.55 -41.43
N GLY I 282 56.16 29.41 -40.23
CA GLY I 282 55.82 30.58 -39.45
C GLY I 282 56.98 31.49 -39.13
N ILE I 283 58.05 30.91 -38.60
CA ILE I 283 59.22 31.70 -38.23
C ILE I 283 60.08 32.18 -39.39
N LEU I 284 59.73 31.76 -40.62
CA LEU I 284 60.49 32.16 -41.79
C LEU I 284 59.71 32.93 -42.84
N GLN I 285 58.41 32.72 -42.89
CA GLN I 285 57.59 33.38 -43.92
C GLN I 285 57.72 34.89 -44.02
N ASP I 286 57.94 35.57 -42.90
CA ASP I 286 58.06 37.01 -42.96
C ASP I 286 59.42 37.52 -43.37
N ARG I 287 60.46 36.73 -43.14
CA ARG I 287 61.79 37.15 -43.53
C ARG I 287 61.92 36.87 -45.02
N GLY I 288 61.11 35.95 -45.53
CA GLY I 288 61.16 35.61 -46.94
C GLY I 288 61.66 34.19 -47.16
N LEU I 289 60.75 33.27 -47.46
CA LEU I 289 61.13 31.87 -47.67
C LEU I 289 62.17 31.66 -48.74
N SER I 290 62.16 32.49 -49.78
CA SER I 290 63.12 32.36 -50.87
C SER I 290 64.53 32.83 -50.47
N ARG I 291 64.65 33.58 -49.39
CA ARG I 291 65.94 34.05 -48.94
C ARG I 291 66.72 32.96 -48.24
N TYR I 292 66.24 31.72 -48.32
CA TYR I 292 66.92 30.59 -47.68
C TYR I 292 67.16 29.43 -48.63
N PRO I 293 68.09 29.62 -49.60
CA PRO I 293 68.47 28.64 -50.62
C PRO I 293 68.76 27.23 -50.11
N ASN I 294 69.45 27.10 -48.98
CA ASN I 294 69.75 25.78 -48.44
C ASN I 294 68.54 25.02 -47.95
N LEU I 295 67.49 25.75 -47.57
CA LEU I 295 66.28 25.10 -47.09
C LEU I 295 65.58 24.41 -48.27
N LEU I 296 65.44 25.14 -49.37
CA LEU I 296 64.79 24.58 -50.55
C LEU I 296 65.41 23.27 -50.97
N ASN I 297 66.74 23.21 -50.98
CA ASN I 297 67.42 21.98 -51.36
C ASN I 297 67.23 20.92 -50.30
N GLN I 298 67.45 21.27 -49.04
CA GLN I 298 67.29 20.31 -47.96
C GLN I 298 65.89 19.70 -47.94
N LEU I 299 64.89 20.45 -48.42
CA LEU I 299 63.52 19.94 -48.47
C LEU I 299 63.33 19.04 -49.67
N LEU I 300 63.81 19.48 -50.83
CA LEU I 300 63.71 18.70 -52.05
C LEU I 300 64.36 17.33 -51.85
N ASP I 301 65.35 17.25 -50.97
CA ASP I 301 66.02 15.98 -50.70
C ASP I 301 65.17 15.09 -49.80
N LEU I 302 64.37 15.71 -48.93
CA LEU I 302 63.51 14.95 -48.04
C LEU I 302 62.35 14.34 -48.81
N GLN I 303 61.89 15.05 -49.84
CA GLN I 303 60.77 14.62 -50.67
C GLN I 303 60.67 13.11 -50.89
N PRO I 304 61.76 12.46 -51.35
CA PRO I 304 61.73 11.02 -51.57
C PRO I 304 61.20 10.22 -50.39
N SER I 305 61.88 10.31 -49.24
CA SER I 305 61.51 9.56 -48.04
C SER I 305 60.45 10.20 -47.13
N HIS I 306 60.66 11.45 -46.71
CA HIS I 306 59.72 12.12 -45.81
C HIS I 306 58.69 13.00 -46.50
N SER I 307 58.09 12.53 -47.59
CA SER I 307 57.08 13.35 -48.28
C SER I 307 55.78 13.43 -47.48
N SER I 308 55.02 14.49 -47.73
CA SER I 308 53.74 14.73 -47.09
C SER I 308 53.18 15.96 -47.77
N PRO I 309 51.84 16.10 -47.77
CA PRO I 309 51.28 17.28 -48.44
C PRO I 309 51.79 18.61 -47.87
N TYR I 310 52.27 18.56 -46.63
CA TYR I 310 52.79 19.73 -45.95
C TYR I 310 54.09 20.17 -46.60
N LEU I 311 54.94 19.18 -46.92
CA LEU I 311 56.22 19.46 -47.56
C LEU I 311 55.99 20.04 -48.96
N ILE I 312 55.15 19.38 -49.75
CA ILE I 312 54.86 19.84 -51.10
C ILE I 312 54.36 21.29 -51.08
N ALA I 313 53.45 21.57 -50.15
CA ALA I 313 52.88 22.89 -50.00
C ALA I 313 53.97 23.90 -49.64
N PHE I 314 54.89 23.50 -48.76
CA PHE I 314 55.96 24.39 -48.36
C PHE I 314 56.75 24.78 -49.61
N LEU I 315 57.03 23.79 -50.47
CA LEU I 315 57.75 24.04 -51.71
C LEU I 315 56.98 25.02 -52.58
N VAL I 316 55.68 24.80 -52.73
CA VAL I 316 54.87 25.70 -53.53
C VAL I 316 54.99 27.14 -53.00
N ASP I 317 54.99 27.27 -51.69
CA ASP I 317 55.11 28.58 -51.06
C ASP I 317 56.49 29.19 -51.28
N ILE I 318 57.52 28.36 -51.28
CA ILE I 318 58.88 28.84 -51.52
C ILE I 318 58.90 29.40 -52.95
N TYR I 319 58.44 28.60 -53.91
CA TYR I 319 58.41 29.00 -55.30
C TYR I 319 57.64 30.28 -55.51
N GLU I 320 56.54 30.45 -54.78
CA GLU I 320 55.77 31.66 -54.97
C GLU I 320 56.51 32.86 -54.43
N ASP I 321 57.28 32.68 -53.36
CA ASP I 321 58.00 33.79 -52.78
C ASP I 321 59.04 34.25 -53.81
N MET I 322 59.57 33.29 -54.57
CA MET I 322 60.55 33.61 -55.59
C MET I 322 59.86 34.44 -56.66
N LEU I 323 58.76 33.93 -57.21
CA LEU I 323 58.04 34.67 -58.24
C LEU I 323 57.74 36.08 -57.76
N GLU I 324 57.52 36.20 -56.45
CA GLU I 324 57.20 37.47 -55.82
C GLU I 324 58.39 38.43 -55.83
N ASN I 325 59.60 37.87 -55.82
CA ASN I 325 60.82 38.67 -55.81
C ASN I 325 61.56 38.63 -57.15
N GLN I 326 60.80 38.72 -58.23
CA GLN I 326 61.35 38.69 -59.58
C GLN I 326 62.65 37.89 -59.63
N CYS I 327 62.56 36.58 -59.46
CA CYS I 327 63.74 35.73 -59.48
C CYS I 327 64.11 35.43 -60.93
N ASP I 328 65.19 34.68 -61.11
CA ASP I 328 65.63 34.31 -62.45
C ASP I 328 64.89 33.04 -62.89
N ASN I 329 64.46 33.02 -64.15
CA ASN I 329 63.69 31.89 -64.70
C ASN I 329 62.27 31.97 -64.23
N LYS I 330 61.72 33.18 -64.25
CA LYS I 330 60.36 33.40 -63.81
C LYS I 330 59.42 32.33 -64.36
N GLU I 331 59.43 32.14 -65.67
CA GLU I 331 58.57 31.15 -66.30
C GLU I 331 58.90 29.72 -65.89
N ASP I 332 60.17 29.44 -65.62
CA ASP I 332 60.59 28.10 -65.21
C ASP I 332 60.09 27.77 -63.81
N ILE I 333 60.24 28.73 -62.88
CA ILE I 333 59.82 28.56 -61.48
C ILE I 333 58.31 28.34 -61.42
N LEU I 334 57.55 29.22 -62.07
CA LEU I 334 56.10 29.12 -62.11
C LEU I 334 55.63 27.72 -62.44
N ASN I 335 56.31 27.06 -63.38
CA ASN I 335 55.94 25.71 -63.75
C ASN I 335 56.28 24.70 -62.67
N LYS I 336 57.39 24.92 -61.95
CA LYS I 336 57.76 24.00 -60.89
C LYS I 336 56.62 24.06 -59.87
N ALA I 337 56.15 25.27 -59.62
CA ALA I 337 55.05 25.50 -58.68
C ALA I 337 53.80 24.80 -59.19
N LEU I 338 53.34 25.22 -60.37
CA LEU I 338 52.15 24.65 -60.99
C LEU I 338 52.20 23.13 -61.03
N GLU I 339 53.38 22.58 -61.23
CA GLU I 339 53.54 21.12 -61.28
C GLU I 339 53.25 20.51 -59.92
N LEU I 340 53.66 21.18 -58.86
CA LEU I 340 53.41 20.69 -57.51
C LEU I 340 51.94 20.86 -57.16
N CYS I 341 51.37 22.01 -57.50
CA CYS I 341 49.96 22.27 -57.24
C CYS I 341 49.15 21.08 -57.75
N GLU I 342 49.41 20.69 -58.98
CA GLU I 342 48.70 19.58 -59.59
C GLU I 342 48.99 18.28 -58.87
N ILE I 343 50.22 18.09 -58.40
CA ILE I 343 50.55 16.87 -57.68
C ILE I 343 49.70 16.79 -56.43
N LEU I 344 49.44 17.94 -55.82
CA LEU I 344 48.61 18.01 -54.61
C LEU I 344 47.17 17.65 -54.96
N ALA I 345 46.60 18.37 -55.92
CA ALA I 345 45.22 18.17 -56.34
C ALA I 345 44.94 16.75 -56.83
N LYS I 346 45.86 16.18 -57.60
CA LYS I 346 45.66 14.85 -58.14
C LYS I 346 46.05 13.68 -57.24
N GLU I 347 47.03 13.82 -56.37
CA GLU I 347 47.40 12.67 -55.56
C GLU I 347 47.84 12.88 -54.10
N LYS I 348 48.42 14.03 -53.79
CA LYS I 348 48.90 14.28 -52.42
C LYS I 348 47.95 14.91 -51.41
N ASP I 349 47.07 15.79 -51.87
CA ASP I 349 46.13 16.46 -50.97
C ASP I 349 44.79 16.56 -51.70
N THR I 350 44.33 15.41 -52.17
CA THR I 350 43.09 15.30 -52.92
C THR I 350 41.88 16.00 -52.33
N ILE I 351 41.73 15.96 -51.01
CA ILE I 351 40.57 16.59 -50.39
C ILE I 351 40.54 18.09 -50.64
N ARG I 352 41.67 18.65 -51.04
CA ARG I 352 41.74 20.09 -51.33
C ARG I 352 41.99 20.33 -52.81
N LYS I 353 41.74 19.30 -53.61
CA LYS I 353 41.89 19.34 -55.06
C LYS I 353 41.44 20.66 -55.69
N GLU I 354 40.18 21.04 -55.51
CA GLU I 354 39.68 22.27 -56.08
C GLU I 354 40.44 23.48 -55.57
N TYR I 355 40.86 23.45 -54.32
CA TYR I 355 41.60 24.57 -53.73
C TYR I 355 42.94 24.77 -54.43
N TRP I 356 43.72 23.69 -54.51
CA TRP I 356 45.03 23.73 -55.15
C TRP I 356 44.96 24.14 -56.62
N ARG I 357 43.97 23.61 -57.35
CA ARG I 357 43.81 23.99 -58.74
C ARG I 357 43.51 25.49 -58.82
N TYR I 358 42.82 25.99 -57.80
CA TYR I 358 42.49 27.40 -57.70
C TYR I 358 43.78 28.19 -57.45
N ILE I 359 44.68 27.62 -56.65
CA ILE I 359 45.94 28.28 -56.34
C ILE I 359 46.78 28.31 -57.60
N GLY I 360 46.85 27.15 -58.27
CA GLY I 360 47.61 27.05 -59.50
C GLY I 360 47.14 28.12 -60.47
N ARG I 361 45.84 28.14 -60.74
CA ARG I 361 45.27 29.13 -61.64
C ARG I 361 45.69 30.54 -61.25
N SER I 362 45.70 30.81 -59.95
CA SER I 362 46.07 32.13 -59.46
C SER I 362 47.52 32.49 -59.75
N LEU I 363 48.42 31.51 -59.61
CA LEU I 363 49.83 31.75 -59.88
C LEU I 363 50.04 32.00 -61.38
N GLN I 364 49.35 31.24 -62.21
CA GLN I 364 49.46 31.36 -63.67
C GLN I 364 49.06 32.76 -64.13
N SER I 365 47.91 33.24 -63.67
CA SER I 365 47.43 34.56 -64.08
C SER I 365 48.12 35.71 -63.34
N LYS I 366 49.11 35.39 -62.52
CA LYS I 366 49.83 36.42 -61.78
C LYS I 366 51.27 36.53 -62.24
N HIS I 367 51.79 35.46 -62.85
CA HIS I 367 53.17 35.50 -63.33
C HIS I 367 53.34 34.88 -64.73
N SER I 368 52.86 35.58 -65.76
CA SER I 368 52.98 35.08 -67.13
C SER I 368 53.05 36.21 -68.16
N LEU J 18 24.12 9.48 -46.06
CA LEU J 18 22.70 9.33 -45.67
C LEU J 18 21.83 10.52 -46.04
N ASP J 19 20.65 10.59 -45.44
CA ASP J 19 19.70 11.66 -45.73
C ASP J 19 19.44 12.58 -44.54
N PHE J 20 18.94 13.76 -44.82
CA PHE J 20 18.65 14.77 -43.82
C PHE J 20 17.24 14.65 -43.25
N LEU J 21 17.11 14.12 -42.04
CA LEU J 21 15.81 13.95 -41.39
C LEU J 21 15.23 15.27 -40.89
N ARG J 22 14.91 16.16 -41.82
CA ARG J 22 14.36 17.48 -41.50
C ARG J 22 13.26 17.58 -40.44
N ASP J 23 12.16 16.86 -40.60
CA ASP J 23 11.07 16.93 -39.63
C ASP J 23 11.54 16.56 -38.23
N ARG J 24 12.36 15.52 -38.17
CA ARG J 24 12.92 15.06 -36.90
C ARG J 24 13.62 16.24 -36.19
N HIS J 25 14.41 17.00 -36.94
CA HIS J 25 15.11 18.15 -36.38
C HIS J 25 14.16 19.26 -35.98
N VAL J 26 13.02 19.33 -36.67
CA VAL J 26 12.05 20.36 -36.34
C VAL J 26 11.47 19.99 -34.98
N ARG J 27 11.21 18.71 -34.78
CA ARG J 27 10.68 18.23 -33.51
C ARG J 27 11.71 18.51 -32.41
N PHE J 28 12.98 18.25 -32.73
CA PHE J 28 14.07 18.46 -31.78
C PHE J 28 14.10 19.91 -31.28
N PHE J 29 14.20 20.86 -32.20
CA PHE J 29 14.23 22.27 -31.81
C PHE J 29 13.00 22.67 -31.01
N GLN J 30 11.86 22.12 -31.38
CA GLN J 30 10.59 22.40 -30.71
C GLN J 30 10.69 21.99 -29.24
N ARG J 31 11.30 20.82 -29.02
CA ARG J 31 11.50 20.26 -27.69
C ARG J 31 12.37 21.19 -26.86
N CYS J 32 13.41 21.72 -27.49
CA CYS J 32 14.34 22.62 -26.83
C CYS J 32 13.65 23.87 -26.29
N LEU J 33 12.65 24.36 -27.01
CA LEU J 33 11.96 25.57 -26.56
C LEU J 33 11.03 25.31 -25.38
N GLN J 34 10.61 24.06 -25.22
CA GLN J 34 9.68 23.70 -24.15
C GLN J 34 10.28 23.57 -22.78
N VAL J 35 10.69 22.34 -22.43
CA VAL J 35 11.25 22.10 -21.13
C VAL J 35 12.53 21.28 -21.19
N LEU J 36 13.44 21.55 -20.26
CA LEU J 36 14.71 20.83 -20.19
C LEU J 36 14.85 20.19 -18.81
N PRO J 37 15.53 19.03 -18.74
CA PRO J 37 15.74 18.31 -17.47
C PRO J 37 16.75 19.07 -16.60
N GLU J 38 16.73 18.83 -15.29
CA GLU J 38 17.64 19.53 -14.41
C GLU J 38 19.10 19.35 -14.82
N ARG J 39 19.37 18.36 -15.66
CA ARG J 39 20.72 18.09 -16.13
C ARG J 39 21.32 19.32 -16.81
N TYR J 40 20.46 20.13 -17.43
CA TYR J 40 20.93 21.29 -18.16
C TYR J 40 20.98 22.57 -17.36
N SER J 41 20.95 22.43 -16.04
CA SER J 41 20.97 23.57 -15.14
C SER J 41 22.10 24.57 -15.41
N SER J 42 23.23 24.08 -15.90
CA SER J 42 24.37 24.95 -16.17
C SER J 42 24.16 25.89 -17.34
N LEU J 43 23.00 25.78 -17.99
CA LEU J 43 22.67 26.63 -19.11
C LEU J 43 21.70 27.73 -18.70
N GLU J 44 21.29 27.71 -17.44
CA GLU J 44 20.34 28.69 -16.93
C GLU J 44 20.69 30.11 -17.36
N THR J 45 21.86 30.60 -16.99
CA THR J 45 22.24 31.96 -17.34
C THR J 45 22.57 32.16 -18.81
N SER J 46 22.28 31.15 -19.64
CA SER J 46 22.55 31.24 -21.08
C SER J 46 21.35 30.74 -21.86
N ARG J 47 20.21 30.67 -21.21
CA ARG J 47 19.01 30.17 -21.86
C ARG J 47 18.63 30.89 -23.13
N LEU J 48 18.89 32.19 -23.18
CA LEU J 48 18.56 32.96 -24.37
C LEU J 48 19.35 32.49 -25.60
N THR J 49 20.57 32.01 -25.39
CA THR J 49 21.35 31.53 -26.52
C THR J 49 20.81 30.17 -26.97
N ILE J 50 20.21 29.42 -26.04
CA ILE J 50 19.64 28.12 -26.38
C ILE J 50 18.38 28.42 -27.20
N ALA J 51 17.66 29.45 -26.79
CA ALA J 51 16.44 29.87 -27.49
C ALA J 51 16.86 30.22 -28.91
N PHE J 52 17.98 30.93 -29.03
CA PHE J 52 18.49 31.34 -30.33
C PHE J 52 18.79 30.13 -31.21
N PHE J 53 19.48 29.13 -30.67
CA PHE J 53 19.80 27.95 -31.46
C PHE J 53 18.53 27.29 -31.99
N ALA J 54 17.53 27.20 -31.13
CA ALA J 54 16.27 26.57 -31.50
C ALA J 54 15.46 27.39 -32.50
N LEU J 55 15.30 28.68 -32.22
CA LEU J 55 14.55 29.58 -33.10
C LEU J 55 15.21 29.80 -34.45
N SER J 56 16.50 30.13 -34.43
CA SER J 56 17.24 30.33 -35.67
C SER J 56 17.29 29.00 -36.38
N GLY J 57 17.38 27.93 -35.60
CA GLY J 57 17.42 26.59 -36.16
C GLY J 57 16.14 26.32 -36.91
N LEU J 58 15.01 26.63 -36.28
CA LEU J 58 13.70 26.44 -36.92
C LEU J 58 13.61 27.34 -38.14
N ASP J 59 13.97 28.61 -37.97
CA ASP J 59 13.96 29.58 -39.05
C ASP J 59 14.74 29.05 -40.25
N MET J 60 15.86 28.41 -39.97
CA MET J 60 16.72 27.86 -41.02
C MET J 60 16.05 26.68 -41.72
N LEU J 61 15.14 26.01 -41.02
CA LEU J 61 14.42 24.87 -41.58
C LEU J 61 13.07 25.34 -42.07
N ASP J 62 12.82 26.63 -41.90
CA ASP J 62 11.57 27.24 -42.31
C ASP J 62 10.41 26.51 -41.62
N SER J 63 10.37 26.64 -40.30
CA SER J 63 9.31 26.00 -39.50
C SER J 63 8.98 26.85 -38.29
N LEU J 64 9.19 28.15 -38.40
CA LEU J 64 8.89 29.06 -37.30
C LEU J 64 7.43 29.04 -36.90
N ASP J 65 6.57 28.63 -37.82
CA ASP J 65 5.14 28.59 -37.55
C ASP J 65 4.78 27.69 -36.38
N VAL J 66 5.59 26.65 -36.15
CA VAL J 66 5.33 25.70 -35.07
C VAL J 66 5.47 26.27 -33.66
N VAL J 67 5.68 27.58 -33.56
CA VAL J 67 5.81 28.24 -32.26
C VAL J 67 5.01 29.55 -32.22
N ASN J 68 4.65 29.96 -31.00
CA ASN J 68 3.90 31.18 -30.78
C ASN J 68 4.87 32.38 -30.77
N LYS J 69 5.09 32.99 -31.93
CA LYS J 69 6.00 34.11 -32.02
C LYS J 69 5.74 35.20 -31.00
N ASP J 70 4.48 35.53 -30.78
CA ASP J 70 4.13 36.58 -29.82
C ASP J 70 4.54 36.28 -28.39
N ASP J 71 4.28 35.06 -27.94
CA ASP J 71 4.63 34.67 -26.58
C ASP J 71 6.12 34.76 -26.37
N ILE J 72 6.89 34.19 -27.31
CA ILE J 72 8.34 34.20 -27.22
C ILE J 72 8.89 35.64 -27.23
N ILE J 73 8.32 36.49 -28.06
CA ILE J 73 8.79 37.87 -28.12
C ILE J 73 8.60 38.58 -26.78
N GLU J 74 7.52 38.28 -26.08
CA GLU J 74 7.28 38.90 -24.79
C GLU J 74 8.30 38.39 -23.77
N TRP J 75 8.60 37.11 -23.87
CA TRP J 75 9.55 36.49 -22.96
C TRP J 75 10.91 37.16 -23.15
N ILE J 76 11.30 37.32 -24.42
CA ILE J 76 12.58 37.95 -24.73
C ILE J 76 12.64 39.35 -24.14
N TYR J 77 11.61 40.15 -24.40
CA TYR J 77 11.59 41.51 -23.89
C TYR J 77 11.60 41.58 -22.37
N SER J 78 11.17 40.50 -21.71
CA SER J 78 11.16 40.49 -20.26
C SER J 78 12.59 40.32 -19.76
N LEU J 79 13.51 40.06 -20.69
CA LEU J 79 14.91 39.86 -20.36
C LEU J 79 15.75 41.12 -20.56
N GLN J 80 15.13 42.20 -21.05
CA GLN J 80 15.88 43.43 -21.29
C GLN J 80 16.10 44.24 -20.02
N VAL J 81 17.35 44.61 -19.76
CA VAL J 81 17.68 45.42 -18.60
C VAL J 81 17.52 46.86 -19.08
N LEU J 82 16.38 47.47 -18.75
CA LEU J 82 16.09 48.84 -19.15
C LEU J 82 16.65 49.85 -18.16
N PRO J 83 16.94 51.07 -18.64
CA PRO J 83 17.47 52.08 -17.71
C PRO J 83 16.40 52.49 -16.70
N THR J 84 16.82 52.70 -15.46
CA THR J 84 15.90 53.10 -14.42
C THR J 84 15.50 54.56 -14.56
N GLU J 85 14.60 55.00 -13.69
CA GLU J 85 14.12 56.39 -13.71
C GLU J 85 15.28 57.38 -13.79
N ASP J 86 16.19 57.31 -12.83
CA ASP J 86 17.35 58.20 -12.78
C ASP J 86 18.40 57.92 -13.86
N ARG J 87 18.22 56.84 -14.63
CA ARG J 87 19.17 56.49 -15.68
C ARG J 87 20.61 56.35 -15.16
N SER J 88 20.75 55.89 -13.93
CA SER J 88 22.06 55.72 -13.32
C SER J 88 22.66 54.36 -13.67
N ASN J 89 21.92 53.53 -14.38
CA ASN J 89 22.38 52.20 -14.74
C ASN J 89 22.58 52.00 -16.24
N LEU J 90 22.83 53.09 -16.97
CA LEU J 90 23.01 52.95 -18.42
C LEU J 90 24.13 52.00 -18.81
N ASP J 91 25.24 52.08 -18.08
CA ASP J 91 26.40 51.23 -18.34
C ASP J 91 26.11 49.75 -18.12
N ARG J 92 24.90 49.41 -17.67
CA ARG J 92 24.57 48.03 -17.40
C ARG J 92 23.37 47.51 -18.19
N CYS J 93 22.92 48.28 -19.17
CA CYS J 93 21.78 47.86 -19.95
C CYS J 93 22.13 46.88 -21.06
N GLY J 94 21.13 46.13 -21.49
CA GLY J 94 21.30 45.13 -22.52
C GLY J 94 20.29 44.03 -22.20
N PHE J 95 20.64 42.77 -22.41
CA PHE J 95 19.71 41.68 -22.09
C PHE J 95 20.31 40.65 -21.15
N ARG J 96 19.43 39.97 -20.42
CA ARG J 96 19.82 38.93 -19.47
C ARG J 96 19.72 37.59 -20.17
N GLY J 97 20.45 36.60 -19.68
CA GLY J 97 20.41 35.27 -20.29
C GLY J 97 19.11 34.58 -19.93
N SER J 98 18.56 34.95 -18.78
CA SER J 98 17.31 34.39 -18.29
C SER J 98 16.84 35.21 -17.09
N SER J 99 15.80 34.71 -16.44
CA SER J 99 15.21 35.37 -15.29
C SER J 99 15.80 34.90 -13.95
N TYR J 100 16.95 34.26 -14.01
CA TYR J 100 17.57 33.72 -12.81
C TYR J 100 17.76 34.68 -11.61
N LEU J 101 17.73 35.99 -11.82
CA LEU J 101 17.92 36.89 -10.68
C LEU J 101 16.67 37.08 -9.85
N GLY J 102 15.54 36.72 -10.41
CA GLY J 102 14.29 36.85 -9.69
C GLY J 102 13.57 38.17 -9.87
N ILE J 103 13.90 38.91 -10.91
CA ILE J 103 13.22 40.17 -11.14
C ILE J 103 11.85 39.86 -11.71
N PRO J 104 10.81 40.53 -11.20
CA PRO J 104 9.43 40.33 -11.65
C PRO J 104 9.24 40.52 -13.15
N PHE J 105 8.59 39.54 -13.77
CA PHE J 105 8.33 39.55 -15.21
C PHE J 105 7.82 40.89 -15.72
N ASN J 106 8.54 41.47 -16.67
CA ASN J 106 8.13 42.75 -17.25
C ASN J 106 8.64 42.85 -18.68
N PRO J 107 7.77 42.57 -19.66
CA PRO J 107 8.10 42.61 -21.08
C PRO J 107 8.43 44.00 -21.60
N SER J 108 9.44 44.63 -21.01
CA SER J 108 9.87 45.97 -21.41
C SER J 108 8.66 46.90 -21.51
N LYS J 109 7.76 46.80 -20.53
CA LYS J 109 6.56 47.62 -20.49
C LYS J 109 6.77 48.82 -19.56
N ASN J 110 7.21 48.55 -18.33
CA ASN J 110 7.45 49.61 -17.35
C ASN J 110 8.95 49.94 -17.30
N PRO J 111 9.31 51.00 -16.55
CA PRO J 111 10.73 51.39 -16.44
C PRO J 111 11.52 50.36 -15.63
N GLY J 112 12.84 50.43 -15.72
CA GLY J 112 13.68 49.49 -15.01
C GLY J 112 13.61 49.54 -13.50
N THR J 113 13.56 48.36 -12.87
CA THR J 113 13.52 48.26 -11.42
C THR J 113 14.94 47.98 -10.90
N ALA J 114 15.49 48.95 -10.17
CA ALA J 114 16.83 48.83 -9.62
C ALA J 114 17.13 47.49 -8.97
N HIS J 115 18.40 47.06 -9.07
CA HIS J 115 18.85 45.81 -8.48
C HIS J 115 20.37 45.86 -8.48
N PRO J 116 20.99 45.67 -7.32
CA PRO J 116 22.46 45.69 -7.16
C PRO J 116 23.28 44.88 -8.15
N TYR J 117 22.73 43.77 -8.63
CA TYR J 117 23.47 42.90 -9.52
C TYR J 117 22.84 42.57 -10.85
N ASP J 118 21.82 43.31 -11.24
CA ASP J 118 21.15 43.05 -12.50
C ASP J 118 21.80 43.84 -13.63
N SER J 119 22.39 43.13 -14.60
CA SER J 119 23.04 43.77 -15.73
C SER J 119 22.89 42.87 -16.94
N GLY J 120 23.20 43.41 -18.11
CA GLY J 120 23.10 42.62 -19.33
C GLY J 120 24.36 41.79 -19.54
N HIS J 121 24.31 40.91 -20.54
CA HIS J 121 25.45 40.07 -20.87
C HIS J 121 25.60 40.20 -22.38
N ILE J 122 26.77 40.64 -22.82
CA ILE J 122 27.01 40.87 -24.23
C ILE J 122 26.50 39.78 -25.18
N ALA J 123 26.66 38.52 -24.81
CA ALA J 123 26.22 37.42 -25.68
C ALA J 123 24.69 37.29 -25.68
N MET J 124 24.07 37.74 -24.58
CA MET J 124 22.63 37.67 -24.46
C MET J 124 21.97 38.83 -25.20
N THR J 125 22.62 39.99 -25.18
CA THR J 125 22.11 41.14 -25.88
C THR J 125 22.15 40.79 -27.36
N TYR J 126 23.22 40.13 -27.79
CA TYR J 126 23.37 39.73 -29.17
C TYR J 126 22.31 38.72 -29.57
N THR J 127 22.26 37.57 -28.89
CA THR J 127 21.27 36.56 -29.22
C THR J 127 19.84 37.07 -29.00
N GLY J 128 19.66 37.98 -28.04
CA GLY J 128 18.35 38.52 -27.79
C GLY J 128 17.83 39.28 -29.01
N LEU J 129 18.59 40.28 -29.45
CA LEU J 129 18.24 41.08 -30.61
C LEU J 129 18.07 40.15 -31.81
N SER J 130 19.02 39.24 -31.98
CA SER J 130 18.98 38.30 -33.08
C SER J 130 17.65 37.54 -33.08
N CYS J 131 17.23 37.05 -31.91
CA CYS J 131 15.97 36.32 -31.79
C CYS J 131 14.77 37.19 -32.17
N LEU J 132 14.75 38.41 -31.63
CA LEU J 132 13.66 39.34 -31.91
C LEU J 132 13.49 39.55 -33.43
N ILE J 133 14.60 39.76 -34.12
CA ILE J 133 14.56 39.95 -35.57
C ILE J 133 14.01 38.72 -36.27
N ILE J 134 14.50 37.55 -35.86
CA ILE J 134 14.07 36.28 -36.43
C ILE J 134 12.57 36.08 -36.24
N LEU J 135 12.06 36.52 -35.09
CA LEU J 135 10.64 36.37 -34.79
C LEU J 135 9.76 37.43 -35.46
N GLY J 136 10.38 38.36 -36.18
CA GLY J 136 9.63 39.40 -36.87
C GLY J 136 9.42 40.70 -36.13
N ASP J 137 9.83 40.77 -34.86
CA ASP J 137 9.67 42.00 -34.09
C ASP J 137 10.46 43.12 -34.78
N ASP J 138 10.07 44.36 -34.56
CA ASP J 138 10.73 45.51 -35.18
C ASP J 138 11.71 46.25 -34.27
N LEU J 139 12.01 45.68 -33.11
CA LEU J 139 12.96 46.26 -32.16
C LEU J 139 12.55 47.62 -31.60
N SER J 140 11.29 47.99 -31.78
CA SER J 140 10.82 49.28 -31.28
C SER J 140 10.90 49.37 -29.76
N ARG J 141 10.77 48.23 -29.07
CA ARG J 141 10.80 48.23 -27.61
C ARG J 141 12.21 48.08 -27.04
N VAL J 142 13.19 48.08 -27.93
CA VAL J 142 14.59 47.96 -27.52
C VAL J 142 15.13 49.38 -27.29
N ASP J 143 15.70 49.61 -26.10
CA ASP J 143 16.25 50.93 -25.82
C ASP J 143 17.62 50.98 -26.48
N LYS J 144 17.62 51.09 -27.81
CA LYS J 144 18.85 51.11 -28.58
C LYS J 144 19.99 51.89 -27.96
N GLU J 145 19.73 53.10 -27.48
CA GLU J 145 20.80 53.90 -26.90
C GLU J 145 21.34 53.29 -25.61
N ALA J 146 20.46 52.75 -24.78
CA ALA J 146 20.87 52.14 -23.52
C ALA J 146 21.77 50.95 -23.82
N CYS J 147 21.38 50.14 -24.81
CA CYS J 147 22.14 48.97 -25.19
C CYS J 147 23.54 49.39 -25.67
N LEU J 148 23.58 50.37 -26.57
CA LEU J 148 24.86 50.85 -27.09
C LEU J 148 25.72 51.40 -25.97
N ALA J 149 25.09 52.04 -24.99
CA ALA J 149 25.80 52.60 -23.86
C ALA J 149 26.45 51.45 -23.08
N GLY J 150 25.66 50.40 -22.86
CA GLY J 150 26.16 49.24 -22.15
C GLY J 150 27.29 48.58 -22.90
N LEU J 151 27.16 48.48 -24.22
CA LEU J 151 28.18 47.86 -25.06
C LEU J 151 29.51 48.59 -24.90
N ARG J 152 29.49 49.91 -25.07
CA ARG J 152 30.70 50.70 -24.94
C ARG J 152 31.41 50.43 -23.62
N ALA J 153 30.63 50.35 -22.56
CA ALA J 153 31.18 50.11 -21.23
C ALA J 153 31.96 48.80 -21.12
N LEU J 154 31.68 47.85 -22.00
CA LEU J 154 32.34 46.55 -21.97
C LEU J 154 33.70 46.46 -22.67
N GLN J 155 33.97 47.37 -23.61
CA GLN J 155 35.23 47.34 -24.33
C GLN J 155 36.44 47.74 -23.47
N LEU J 156 37.53 47.00 -23.63
CA LEU J 156 38.76 47.23 -22.87
C LEU J 156 39.75 48.09 -23.66
N GLU J 157 40.83 48.49 -22.99
CA GLU J 157 41.83 49.32 -23.63
C GLU J 157 42.38 48.66 -24.88
N ASP J 158 42.56 47.35 -24.84
CA ASP J 158 43.10 46.62 -25.97
C ASP J 158 42.13 46.40 -27.13
N GLY J 159 40.91 46.89 -27.00
CA GLY J 159 39.96 46.72 -28.09
C GLY J 159 38.97 45.59 -27.92
N SER J 160 39.30 44.57 -27.13
CA SER J 160 38.38 43.45 -26.93
C SER J 160 37.26 43.84 -25.95
N PHE J 161 36.38 42.88 -25.65
CA PHE J 161 35.26 43.12 -24.76
C PHE J 161 35.11 42.09 -23.63
N CYS J 162 34.35 42.48 -22.62
CA CYS J 162 34.01 41.60 -21.51
C CYS J 162 32.54 41.27 -21.75
N ALA J 163 32.00 40.29 -21.05
CA ALA J 163 30.60 39.94 -21.25
C ALA J 163 29.67 40.76 -20.38
N VAL J 164 30.12 41.09 -19.17
CA VAL J 164 29.31 41.86 -18.23
C VAL J 164 30.08 42.98 -17.56
N PRO J 165 29.38 44.07 -17.23
CA PRO J 165 30.05 45.20 -16.58
C PRO J 165 30.73 44.85 -15.25
N GLU J 166 30.19 43.86 -14.53
CA GLU J 166 30.78 43.46 -13.26
C GLU J 166 32.17 42.86 -13.46
N GLY J 167 32.48 42.47 -14.69
CA GLY J 167 33.78 41.88 -14.98
C GLY J 167 33.69 40.43 -15.43
N SER J 168 34.63 40.02 -16.27
CA SER J 168 34.67 38.65 -16.78
C SER J 168 35.92 38.53 -17.61
N GLU J 169 36.13 37.36 -18.19
CA GLU J 169 37.28 37.15 -19.06
C GLU J 169 36.97 37.94 -20.33
N ASN J 170 37.99 38.20 -21.15
CA ASN J 170 37.77 38.93 -22.38
C ASN J 170 38.49 38.24 -23.53
N ASP J 171 37.83 38.15 -24.68
CA ASP J 171 38.43 37.51 -25.86
C ASP J 171 37.62 37.75 -27.13
N MET J 172 38.08 37.13 -28.22
CA MET J 172 37.44 37.30 -29.51
C MET J 172 35.94 36.98 -29.54
N ARG J 173 35.49 36.07 -28.68
CA ARG J 173 34.07 35.70 -28.65
C ARG J 173 33.21 36.94 -28.49
N PHE J 174 33.55 37.76 -27.51
CA PHE J 174 32.79 38.97 -27.22
C PHE J 174 32.99 40.08 -28.25
N VAL J 175 34.10 40.04 -28.98
CA VAL J 175 34.34 41.04 -29.99
C VAL J 175 33.30 40.81 -31.09
N TYR J 176 33.03 39.54 -31.38
CA TYR J 176 32.04 39.19 -32.40
C TYR J 176 30.65 39.60 -31.93
N CYS J 177 30.37 39.38 -30.65
CA CYS J 177 29.07 39.73 -30.10
C CYS J 177 28.83 41.23 -30.26
N ALA J 178 29.85 42.02 -29.90
CA ALA J 178 29.76 43.48 -30.01
C ALA J 178 29.48 43.86 -31.45
N SER J 179 30.23 43.26 -32.37
CA SER J 179 30.05 43.54 -33.79
C SER J 179 28.62 43.27 -34.23
N CYS J 180 28.09 42.11 -33.88
CA CYS J 180 26.72 41.75 -34.24
C CYS J 180 25.71 42.75 -33.68
N ILE J 181 25.91 43.17 -32.44
CA ILE J 181 25.00 44.12 -31.82
C ILE J 181 25.01 45.44 -32.60
N CYS J 182 26.20 45.98 -32.83
CA CYS J 182 26.33 47.22 -33.58
C CYS J 182 25.70 47.10 -34.96
N TYR J 183 25.97 46.00 -35.62
CA TYR J 183 25.44 45.77 -36.95
C TYR J 183 23.92 45.73 -36.97
N MET J 184 23.33 44.96 -36.06
CA MET J 184 21.88 44.83 -36.00
C MET J 184 21.20 46.14 -35.61
N LEU J 185 21.77 46.87 -34.67
CA LEU J 185 21.18 48.15 -34.28
C LEU J 185 21.59 49.18 -35.32
N ASN J 186 22.35 48.73 -36.30
CA ASN J 186 22.84 49.58 -37.38
C ASN J 186 23.43 50.88 -36.85
N ASN J 187 24.28 50.77 -35.84
CA ASN J 187 24.91 51.92 -35.23
C ASN J 187 26.21 51.45 -34.57
N TRP J 188 27.35 51.88 -35.10
CA TRP J 188 28.62 51.46 -34.53
C TRP J 188 29.17 52.34 -33.43
N SER J 189 28.30 53.14 -32.82
CA SER J 189 28.76 54.00 -31.74
C SER J 189 28.96 53.13 -30.50
N GLY J 190 28.53 51.87 -30.63
CA GLY J 190 28.63 50.93 -29.53
C GLY J 190 30.04 50.48 -29.23
N MET J 191 30.98 50.77 -30.13
CA MET J 191 32.36 50.34 -29.94
C MET J 191 33.34 51.30 -30.58
N ASP J 192 34.61 51.17 -30.17
CA ASP J 192 35.70 51.95 -30.73
C ASP J 192 36.27 50.99 -31.75
N MET J 193 35.69 51.03 -32.95
CA MET J 193 36.08 50.16 -34.04
C MET J 193 37.58 50.10 -34.33
N LYS J 194 38.27 51.23 -34.14
CA LYS J 194 39.70 51.26 -34.39
C LYS J 194 40.42 50.31 -33.45
N LYS J 195 40.08 50.36 -32.16
CA LYS J 195 40.69 49.49 -31.17
C LYS J 195 40.30 48.02 -31.37
N ALA J 196 39.05 47.80 -31.76
CA ALA J 196 38.56 46.45 -31.99
C ALA J 196 39.37 45.80 -33.12
N ILE J 197 39.49 46.53 -34.23
CA ILE J 197 40.26 46.05 -35.38
C ILE J 197 41.69 45.78 -34.97
N SER J 198 42.23 46.60 -34.08
CA SER J 198 43.59 46.41 -33.62
C SER J 198 43.68 45.08 -32.93
N TYR J 199 42.71 44.81 -32.07
CA TYR J 199 42.69 43.57 -31.32
C TYR J 199 42.63 42.37 -32.27
N ILE J 200 41.75 42.47 -33.26
CA ILE J 200 41.62 41.38 -34.21
C ILE J 200 42.93 41.09 -34.97
N ARG J 201 43.63 42.14 -35.39
CA ARG J 201 44.89 41.97 -36.09
C ARG J 201 45.90 41.29 -35.19
N ARG J 202 46.07 41.83 -33.99
CA ARG J 202 47.05 41.30 -33.05
C ARG J 202 46.82 39.86 -32.65
N SER J 203 45.64 39.33 -32.95
CA SER J 203 45.35 37.96 -32.59
C SER J 203 45.85 36.96 -33.63
N MET J 204 46.28 37.46 -34.79
CA MET J 204 46.77 36.57 -35.83
C MET J 204 48.04 35.87 -35.39
N SER J 205 48.07 34.55 -35.55
CA SER J 205 49.20 33.74 -35.14
C SER J 205 50.27 33.60 -36.22
N TYR J 206 51.40 33.02 -35.85
CA TYR J 206 52.49 32.81 -36.79
C TYR J 206 52.06 31.79 -37.84
N ASP J 207 51.08 30.94 -37.50
CA ASP J 207 50.58 29.97 -38.45
C ASP J 207 49.45 30.56 -39.30
N ASN J 208 49.19 31.84 -39.09
CA ASN J 208 48.21 32.61 -39.85
C ASN J 208 46.73 32.50 -39.51
N GLY J 209 46.39 31.71 -38.50
CA GLY J 209 45.01 31.61 -38.08
C GLY J 209 44.79 32.73 -37.07
N LEU J 210 43.58 32.89 -36.56
CA LEU J 210 43.32 33.93 -35.57
C LEU J 210 43.08 33.25 -34.23
N ALA J 211 43.66 33.76 -33.16
CA ALA J 211 43.48 33.16 -31.84
C ALA J 211 42.49 33.97 -31.01
N GLN J 212 42.22 33.51 -29.80
CA GLN J 212 41.29 34.22 -28.93
C GLN J 212 41.87 35.57 -28.52
N GLY J 213 43.20 35.67 -28.59
CA GLY J 213 43.90 36.89 -28.25
C GLY J 213 45.35 36.75 -28.67
N ALA J 214 46.08 37.85 -28.69
CA ALA J 214 47.47 37.83 -29.09
C ALA J 214 48.30 36.76 -28.38
N GLY J 215 49.15 36.08 -29.14
CA GLY J 215 50.01 35.06 -28.56
C GLY J 215 49.39 33.69 -28.34
N LEU J 216 48.07 33.63 -28.25
CA LEU J 216 47.40 32.36 -28.04
C LEU J 216 47.36 31.51 -29.32
N GLU J 217 47.03 30.24 -29.17
CA GLU J 217 46.95 29.31 -30.27
C GLU J 217 45.78 29.70 -31.20
N SER J 218 46.06 29.85 -32.49
CA SER J 218 45.01 30.22 -33.45
C SER J 218 43.94 29.12 -33.35
N HIS J 219 42.68 29.50 -33.57
CA HIS J 219 41.60 28.55 -33.42
C HIS J 219 40.43 28.86 -34.35
N GLY J 220 39.76 27.81 -34.83
CA GLY J 220 38.64 27.98 -35.73
C GLY J 220 37.53 28.91 -35.22
N GLY J 221 37.25 28.83 -33.93
CA GLY J 221 36.20 29.67 -33.37
C GLY J 221 36.57 31.14 -33.37
N SER J 222 37.78 31.44 -32.88
CA SER J 222 38.21 32.82 -32.84
C SER J 222 38.46 33.37 -34.25
N THR J 223 38.88 32.50 -35.18
CA THR J 223 39.11 32.93 -36.55
C THR J 223 37.77 33.37 -37.15
N PHE J 224 36.73 32.58 -36.90
CA PHE J 224 35.42 32.96 -37.41
C PHE J 224 35.03 34.29 -36.79
N CYS J 225 35.09 34.37 -35.47
CA CYS J 225 34.72 35.59 -34.79
C CYS J 225 35.46 36.80 -35.33
N GLY J 226 36.77 36.66 -35.54
CA GLY J 226 37.55 37.77 -36.06
C GLY J 226 37.17 38.18 -37.47
N ILE J 227 37.25 37.23 -38.41
CA ILE J 227 36.91 37.50 -39.79
C ILE J 227 35.47 38.02 -39.92
N ALA J 228 34.52 37.31 -39.32
CA ALA J 228 33.12 37.72 -39.38
C ALA J 228 32.93 39.13 -38.86
N SER J 229 33.65 39.49 -37.80
CA SER J 229 33.52 40.83 -37.24
C SER J 229 33.97 41.84 -38.26
N LEU J 230 35.12 41.60 -38.88
CA LEU J 230 35.65 42.52 -39.87
C LEU J 230 34.65 42.64 -41.03
N CYS J 231 34.09 41.52 -41.46
CA CYS J 231 33.12 41.54 -42.55
C CYS J 231 31.89 42.37 -42.14
N LEU J 232 31.44 42.21 -40.90
CA LEU J 232 30.28 42.95 -40.43
C LEU J 232 30.57 44.46 -40.43
N MET J 233 31.83 44.83 -40.19
CA MET J 233 32.23 46.24 -40.18
C MET J 233 32.55 46.67 -41.62
N GLY J 234 32.63 45.69 -42.51
CA GLY J 234 32.94 45.97 -43.90
C GLY J 234 34.36 46.48 -44.04
N LYS J 235 35.31 45.83 -43.36
CA LYS J 235 36.70 46.27 -43.43
C LYS J 235 37.69 45.13 -43.60
N LEU J 236 37.20 43.98 -44.05
CA LEU J 236 38.07 42.82 -44.23
C LEU J 236 39.27 43.18 -45.09
N GLU J 237 38.99 43.59 -46.33
CA GLU J 237 40.03 43.95 -47.28
C GLU J 237 40.93 45.09 -46.82
N GLU J 238 40.36 46.00 -46.04
CA GLU J 238 41.09 47.14 -45.53
C GLU J 238 42.04 46.78 -44.39
N VAL J 239 41.68 45.76 -43.61
CA VAL J 239 42.49 45.35 -42.46
C VAL J 239 43.58 44.36 -42.79
N PHE J 240 43.31 43.43 -43.69
CA PHE J 240 44.30 42.42 -44.07
C PHE J 240 44.72 42.56 -45.53
N SER J 241 46.02 42.45 -45.79
CA SER J 241 46.55 42.55 -47.13
C SER J 241 46.12 41.32 -47.90
N GLU J 242 46.33 41.34 -49.21
CA GLU J 242 45.98 40.19 -50.02
C GLU J 242 46.86 39.01 -49.60
N LYS J 243 48.13 39.29 -49.34
CA LYS J 243 49.05 38.24 -48.93
C LYS J 243 48.56 37.65 -47.62
N GLU J 244 48.14 38.53 -46.71
CA GLU J 244 47.64 38.08 -45.41
C GLU J 244 46.39 37.24 -45.58
N LEU J 245 45.42 37.73 -46.35
CA LEU J 245 44.20 36.99 -46.57
C LEU J 245 44.48 35.62 -47.19
N ASN J 246 45.50 35.53 -48.03
CA ASN J 246 45.84 34.25 -48.66
C ASN J 246 46.32 33.28 -47.60
N ARG J 247 47.12 33.78 -46.67
CA ARG J 247 47.64 32.94 -45.60
C ARG J 247 46.50 32.47 -44.69
N ILE J 248 45.60 33.39 -44.38
CA ILE J 248 44.45 33.07 -43.54
C ILE J 248 43.62 31.99 -44.24
N LYS J 249 43.35 32.18 -45.52
CA LYS J 249 42.58 31.22 -46.30
C LYS J 249 43.23 29.85 -46.23
N ARG J 250 44.55 29.82 -46.41
CA ARG J 250 45.27 28.57 -46.35
C ARG J 250 45.05 27.86 -45.01
N TRP J 251 45.17 28.62 -43.92
CA TRP J 251 45.01 28.07 -42.58
C TRP J 251 43.61 27.47 -42.38
N CYS J 252 42.61 28.18 -42.89
CA CYS J 252 41.24 27.72 -42.77
C CYS J 252 40.96 26.48 -43.59
N ILE J 253 41.26 26.54 -44.89
CA ILE J 253 41.03 25.42 -45.79
C ILE J 253 41.77 24.16 -45.31
N MET J 254 42.83 24.33 -44.52
CA MET J 254 43.57 23.19 -44.01
C MET J 254 42.86 22.50 -42.85
N ARG J 255 41.77 23.09 -42.38
CA ARG J 255 41.01 22.54 -41.27
C ARG J 255 40.13 21.36 -41.68
N GLN J 256 39.86 21.22 -42.98
CA GLN J 256 39.02 20.11 -43.42
C GLN J 256 39.75 18.78 -43.47
N GLN J 257 39.22 17.81 -42.72
CA GLN J 257 39.80 16.48 -42.68
C GLN J 257 38.82 15.59 -43.44
N ASN J 258 37.55 15.89 -43.23
CA ASN J 258 36.40 15.25 -43.85
C ASN J 258 35.35 16.23 -43.38
N GLY J 259 35.26 16.35 -42.07
CA GLY J 259 34.38 17.32 -41.47
C GLY J 259 35.44 18.36 -41.13
N TYR J 260 35.21 19.23 -40.15
CA TYR J 260 36.24 20.21 -39.80
C TYR J 260 36.62 20.20 -38.33
N HIS J 261 37.90 20.41 -38.04
CA HIS J 261 38.36 20.49 -36.66
C HIS J 261 38.66 21.97 -36.37
N GLY J 262 38.76 22.35 -35.10
CA GLY J 262 39.02 23.74 -34.76
C GLY J 262 40.48 24.14 -34.68
N ARG J 263 41.38 23.15 -34.62
CA ARG J 263 42.81 23.40 -34.52
C ARG J 263 43.58 22.25 -35.14
N PRO J 264 44.78 22.53 -35.66
CA PRO J 264 45.56 21.45 -36.27
C PRO J 264 45.73 20.31 -35.27
N ASN J 265 45.72 19.07 -35.79
CA ASN J 265 45.88 17.87 -34.98
C ASN J 265 44.82 17.65 -33.90
N LYS J 266 43.62 18.19 -34.11
CA LYS J 266 42.52 17.99 -33.17
C LYS J 266 41.43 17.29 -33.97
N PRO J 267 40.65 16.42 -33.32
CA PRO J 267 39.57 15.70 -34.00
C PRO J 267 38.48 16.61 -34.55
N VAL J 268 37.82 16.20 -35.64
CA VAL J 268 36.76 17.02 -36.22
C VAL J 268 35.57 17.10 -35.27
N ASP J 269 34.79 18.17 -35.43
CA ASP J 269 33.65 18.44 -34.58
C ASP J 269 32.61 19.11 -35.49
N THR J 270 31.40 18.58 -35.52
CA THR J 270 30.35 19.13 -36.37
C THR J 270 30.21 20.65 -36.40
N CYS J 271 30.22 21.30 -35.25
CA CYS J 271 30.03 22.74 -35.25
C CYS J 271 31.06 23.53 -36.06
N TYR J 272 32.22 22.94 -36.30
CA TYR J 272 33.24 23.64 -37.08
C TYR J 272 32.92 23.69 -38.56
N SER J 273 31.94 22.90 -38.98
CA SER J 273 31.51 22.92 -40.37
C SER J 273 30.89 24.29 -40.58
N PHE J 274 30.51 24.96 -39.49
CA PHE J 274 30.00 26.30 -39.62
C PHE J 274 31.08 27.29 -39.29
N TRP J 275 31.68 27.16 -38.11
CA TRP J 275 32.73 28.08 -37.68
C TRP J 275 33.77 28.30 -38.81
N VAL J 276 34.36 27.22 -39.28
CA VAL J 276 35.36 27.30 -40.34
C VAL J 276 34.70 27.49 -41.70
N GLY J 277 33.65 26.70 -41.95
CA GLY J 277 32.94 26.79 -43.22
C GLY J 277 32.48 28.19 -43.54
N ALA J 278 31.88 28.85 -42.55
CA ALA J 278 31.40 30.21 -42.75
C ALA J 278 32.55 31.17 -43.00
N THR J 279 33.71 30.90 -42.40
CA THR J 279 34.86 31.76 -42.59
C THR J 279 35.31 31.59 -44.03
N LEU J 280 35.41 30.34 -44.48
CA LEU J 280 35.82 30.05 -45.85
C LEU J 280 34.84 30.72 -46.81
N LYS J 281 33.56 30.70 -46.47
CA LYS J 281 32.54 31.32 -47.31
C LYS J 281 32.81 32.82 -47.37
N LEU J 282 33.04 33.45 -46.23
CA LEU J 282 33.32 34.88 -46.21
C LEU J 282 34.59 35.20 -47.01
N LEU J 283 35.53 34.27 -47.03
CA LEU J 283 36.77 34.46 -47.77
C LEU J 283 36.62 34.01 -49.23
N LYS J 284 35.38 33.75 -49.62
CA LYS J 284 35.04 33.35 -50.97
C LYS J 284 35.80 32.13 -51.52
N ILE J 285 36.11 31.16 -50.67
CA ILE J 285 36.78 29.98 -51.18
C ILE J 285 36.18 28.69 -50.62
N PHE J 286 35.01 28.80 -49.97
CA PHE J 286 34.37 27.61 -49.43
C PHE J 286 34.04 26.69 -50.61
N GLN J 287 33.81 27.32 -51.76
CA GLN J 287 33.48 26.63 -52.99
C GLN J 287 34.55 25.62 -53.40
N TYR J 288 35.78 25.83 -52.94
CA TYR J 288 36.87 24.92 -53.30
C TYR J 288 37.09 23.79 -52.32
N THR J 289 36.23 23.70 -51.32
CA THR J 289 36.35 22.63 -50.32
C THR J 289 35.65 21.39 -50.87
N ASN J 290 35.81 20.26 -50.19
CA ASN J 290 35.17 19.02 -50.60
C ASN J 290 33.80 18.96 -49.92
N PHE J 291 32.72 19.12 -50.67
CA PHE J 291 31.38 19.11 -50.09
C PHE J 291 30.90 17.77 -49.57
N GLU J 292 31.06 16.73 -50.38
CA GLU J 292 30.62 15.40 -50.00
C GLU J 292 31.13 14.89 -48.66
N LYS J 293 32.44 14.91 -48.47
CA LYS J 293 33.01 14.43 -47.21
C LYS J 293 32.49 15.22 -46.01
N ASN J 294 32.33 16.53 -46.19
CA ASN J 294 31.83 17.39 -45.12
C ASN J 294 30.39 17.00 -44.80
N ARG J 295 29.55 16.98 -45.84
CA ARG J 295 28.15 16.60 -45.67
C ARG J 295 28.02 15.22 -45.05
N ASN J 296 28.84 14.29 -45.53
CA ASN J 296 28.83 12.93 -45.00
C ASN J 296 29.14 12.92 -43.50
N TYR J 297 30.15 13.68 -43.10
CA TYR J 297 30.50 13.72 -41.68
C TYR J 297 29.37 14.33 -40.84
N ILE J 298 28.89 15.50 -41.26
CA ILE J 298 27.81 16.15 -40.52
C ILE J 298 26.63 15.20 -40.30
N LEU J 299 26.25 14.48 -41.35
CA LEU J 299 25.14 13.56 -41.22
C LEU J 299 25.47 12.39 -40.30
N SER J 300 26.72 11.97 -40.29
CA SER J 300 27.11 10.85 -39.43
C SER J 300 26.91 11.19 -37.94
N THR J 301 26.68 12.47 -37.64
CA THR J 301 26.49 12.90 -36.27
C THR J 301 25.03 13.23 -36.01
N GLN J 302 24.18 12.88 -36.96
CA GLN J 302 22.74 13.14 -36.86
C GLN J 302 22.09 12.07 -35.98
N ASP J 303 21.26 12.48 -35.03
CA ASP J 303 20.58 11.52 -34.18
C ASP J 303 19.25 11.19 -34.85
N ARG J 304 19.21 10.06 -35.54
CA ARG J 304 18.03 9.64 -36.28
C ARG J 304 16.82 9.33 -35.40
N LEU J 305 17.04 9.21 -34.10
CA LEU J 305 15.96 8.90 -33.18
C LEU J 305 15.34 10.15 -32.55
N VAL J 306 16.16 10.92 -31.84
CA VAL J 306 15.66 12.12 -31.18
C VAL J 306 15.80 13.40 -32.03
N GLY J 307 16.62 13.34 -33.08
CA GLY J 307 16.82 14.52 -33.91
C GLY J 307 18.03 15.31 -33.45
N GLY J 308 18.34 16.37 -34.18
CA GLY J 308 19.50 17.19 -33.84
C GLY J 308 20.81 16.51 -34.23
N PHE J 309 21.93 17.18 -33.96
CA PHE J 309 23.24 16.64 -34.27
C PHE J 309 24.14 16.73 -33.05
N ALA J 310 25.19 15.91 -33.02
CA ALA J 310 26.16 15.88 -31.93
C ALA J 310 27.49 16.32 -32.49
N LYS J 311 28.49 16.54 -31.64
CA LYS J 311 29.77 16.97 -32.17
C LYS J 311 30.44 15.82 -32.89
N TRP J 312 30.22 14.61 -32.38
CA TRP J 312 30.80 13.41 -32.99
C TRP J 312 29.74 12.37 -33.23
N PRO J 313 30.00 11.42 -34.15
CA PRO J 313 29.01 10.39 -34.42
C PRO J 313 28.84 9.52 -33.18
N ASP J 314 27.65 8.92 -33.02
CA ASP J 314 27.38 8.07 -31.86
C ASP J 314 27.72 8.88 -30.62
N SER J 315 27.03 10.00 -30.46
CA SER J 315 27.24 10.90 -29.36
C SER J 315 25.92 11.65 -29.16
N HIS J 316 25.61 12.09 -27.95
CA HIS J 316 24.34 12.78 -27.71
C HIS J 316 24.26 14.16 -28.36
N PRO J 317 23.13 14.45 -29.01
CA PRO J 317 22.92 15.74 -29.67
C PRO J 317 22.56 16.84 -28.70
N ASP J 318 22.72 18.09 -29.14
CA ASP J 318 22.37 19.25 -28.33
C ASP J 318 21.98 20.39 -29.26
N ALA J 319 21.39 21.43 -28.67
CA ALA J 319 20.95 22.58 -29.46
C ALA J 319 22.06 23.21 -30.28
N LEU J 320 23.23 23.39 -29.68
CA LEU J 320 24.35 24.01 -30.38
C LEU J 320 24.76 23.24 -31.64
N HIS J 321 25.06 21.96 -31.49
CA HIS J 321 25.46 21.19 -32.66
C HIS J 321 24.31 20.93 -33.63
N ALA J 322 23.09 20.93 -33.12
CA ALA J 322 21.94 20.73 -33.98
C ALA J 322 21.89 21.96 -34.89
N TYR J 323 22.00 23.14 -34.28
CA TYR J 323 21.95 24.38 -35.04
C TYR J 323 23.13 24.53 -35.99
N PHE J 324 24.35 24.39 -35.48
CA PHE J 324 25.52 24.56 -36.34
C PHE J 324 25.67 23.45 -37.37
N GLY J 325 25.17 22.27 -37.07
CA GLY J 325 25.26 21.20 -38.06
C GLY J 325 24.37 21.57 -39.25
N ILE J 326 23.19 22.11 -38.93
CA ILE J 326 22.26 22.51 -39.96
C ILE J 326 22.83 23.69 -40.76
N CYS J 327 23.40 24.68 -40.08
CA CYS J 327 23.99 25.81 -40.79
C CYS J 327 25.16 25.33 -41.65
N GLY J 328 25.87 24.30 -41.20
CA GLY J 328 26.98 23.76 -41.97
C GLY J 328 26.46 23.17 -43.25
N LEU J 329 25.32 22.48 -43.15
CA LEU J 329 24.68 21.87 -44.30
C LEU J 329 24.21 23.00 -45.23
N SER J 330 23.67 24.05 -44.63
CA SER J 330 23.19 25.20 -45.35
C SER J 330 24.24 25.81 -46.27
N LEU J 331 25.48 25.85 -45.78
CA LEU J 331 26.58 26.41 -46.56
C LEU J 331 26.82 25.69 -47.88
N MET J 332 26.46 24.42 -47.95
CA MET J 332 26.66 23.67 -49.19
C MET J 332 25.32 23.58 -49.90
N GLU J 333 24.42 24.46 -49.51
CA GLU J 333 23.06 24.50 -50.06
C GLU J 333 22.40 23.12 -50.04
N GLU J 334 22.09 22.66 -48.82
CA GLU J 334 21.45 21.37 -48.62
C GLU J 334 20.00 21.57 -48.98
N SER J 335 19.46 20.63 -49.74
CA SER J 335 18.08 20.73 -50.15
C SER J 335 17.17 20.72 -48.91
N GLY J 336 16.34 21.76 -48.78
CA GLY J 336 15.43 21.83 -47.65
C GLY J 336 15.86 22.77 -46.55
N ILE J 337 17.06 23.34 -46.66
CA ILE J 337 17.57 24.27 -45.65
C ILE J 337 17.84 25.64 -46.24
N CYS J 338 17.30 26.68 -45.62
CA CYS J 338 17.50 28.05 -46.09
C CYS J 338 18.98 28.42 -46.11
N LYS J 339 19.32 29.42 -46.91
CA LYS J 339 20.68 29.89 -47.03
C LYS J 339 20.98 30.75 -45.80
N VAL J 340 22.13 30.55 -45.19
CA VAL J 340 22.46 31.33 -43.99
C VAL J 340 23.46 32.43 -44.30
N HIS J 341 23.30 33.54 -43.59
CA HIS J 341 24.19 34.69 -43.72
C HIS J 341 25.47 34.35 -42.92
N PRO J 342 26.53 33.92 -43.59
CA PRO J 342 27.80 33.54 -42.95
C PRO J 342 28.42 34.49 -41.93
N ALA J 343 28.10 35.77 -41.98
CA ALA J 343 28.69 36.68 -41.02
C ALA J 343 27.77 37.05 -39.88
N LEU J 344 26.48 37.19 -40.18
CA LEU J 344 25.51 37.57 -39.16
C LEU J 344 24.94 36.37 -38.40
N ASN J 345 25.11 35.18 -38.97
CA ASN J 345 24.63 33.94 -38.35
C ASN J 345 23.12 33.92 -38.16
N VAL J 346 22.41 34.23 -39.24
CA VAL J 346 20.96 34.21 -39.27
C VAL J 346 20.63 33.84 -40.70
N SER J 347 19.38 33.42 -40.95
CA SER J 347 18.96 33.05 -42.30
C SER J 347 18.97 34.30 -43.17
N THR J 348 19.35 34.16 -44.44
CA THR J 348 19.39 35.31 -45.35
C THR J 348 18.02 35.97 -45.34
N ARG J 349 16.99 35.13 -45.18
CA ARG J 349 15.63 35.63 -45.10
C ARG J 349 15.56 36.68 -44.00
N THR J 350 16.06 36.30 -42.82
CA THR J 350 16.07 37.19 -41.66
C THR J 350 17.03 38.38 -41.87
N SER J 351 18.17 38.12 -42.50
CA SER J 351 19.15 39.18 -42.73
C SER J 351 18.52 40.29 -43.56
N GLU J 352 17.74 39.89 -44.55
CA GLU J 352 17.06 40.83 -45.43
C GLU J 352 15.91 41.51 -44.69
N ARG J 353 15.16 40.72 -43.93
CA ARG J 353 14.07 41.27 -43.16
C ARG J 353 14.67 42.37 -42.27
N LEU J 354 15.96 42.24 -41.97
CA LEU J 354 16.68 43.21 -41.15
C LEU J 354 17.00 44.48 -41.92
N ARG J 355 17.44 44.31 -43.17
CA ARG J 355 17.76 45.44 -44.03
C ARG J 355 16.56 46.39 -44.11
N ASP J 356 15.37 45.81 -44.29
CA ASP J 356 14.15 46.61 -44.36
C ASP J 356 13.97 47.34 -43.05
N LEU J 357 14.02 46.60 -41.96
CA LEU J 357 13.87 47.17 -40.65
C LEU J 357 14.80 48.39 -40.53
N HIS J 358 15.94 48.32 -41.22
CA HIS J 358 16.93 49.40 -41.20
C HIS J 358 16.50 50.57 -42.08
N GLN J 359 15.87 50.25 -43.21
CA GLN J 359 15.38 51.27 -44.14
C GLN J 359 14.27 52.04 -43.45
N SER J 360 13.32 51.28 -42.91
CA SER J 360 12.19 51.86 -42.20
C SER J 360 12.70 52.77 -41.09
N TRP J 361 14.01 52.76 -40.90
CA TRP J 361 14.64 53.60 -39.89
C TRP J 361 15.26 54.84 -40.54
N LYS J 362 15.80 54.66 -41.74
CA LYS J 362 16.43 55.74 -42.50
C LYS J 362 15.46 56.86 -42.81
N THR J 363 14.19 56.66 -42.46
CA THR J 363 13.15 57.66 -42.69
C THR J 363 12.41 58.00 -41.40
N PHE K 55 -72.69 -30.69 36.97
CA PHE K 55 -73.96 -30.05 37.45
C PHE K 55 -73.80 -29.07 38.63
N LEU K 56 -73.81 -29.60 39.86
CA LEU K 56 -73.71 -28.81 41.08
C LEU K 56 -72.32 -28.23 41.37
N SER K 57 -72.17 -26.93 41.07
CA SER K 57 -70.90 -26.25 41.25
C SER K 57 -70.37 -26.25 42.68
N LEU K 58 -69.05 -26.38 42.80
CA LEU K 58 -68.40 -26.39 44.10
C LEU K 58 -68.63 -25.04 44.81
N ASP K 59 -68.82 -23.98 44.03
CA ASP K 59 -69.04 -22.65 44.59
C ASP K 59 -70.51 -22.28 44.68
N SER K 60 -71.38 -23.21 44.29
CA SER K 60 -72.82 -22.98 44.33
C SER K 60 -73.36 -22.72 45.75
N PRO K 61 -74.36 -21.83 45.87
CA PRO K 61 -74.93 -21.52 47.19
C PRO K 61 -75.58 -22.74 47.78
N THR K 62 -76.07 -23.62 46.93
CA THR K 62 -76.73 -24.83 47.39
C THR K 62 -75.84 -26.06 47.32
N TYR K 63 -74.53 -25.86 47.17
CA TYR K 63 -73.64 -27.02 47.09
C TYR K 63 -73.83 -27.88 48.32
N VAL K 64 -73.65 -29.19 48.17
CA VAL K 64 -73.82 -30.11 49.29
C VAL K 64 -72.67 -31.11 49.31
N LEU K 65 -72.09 -31.30 50.50
CA LEU K 65 -70.99 -32.25 50.63
C LEU K 65 -71.45 -33.59 50.13
N TYR K 66 -70.52 -34.39 49.62
CA TYR K 66 -70.85 -35.72 49.12
C TYR K 66 -71.32 -36.62 50.26
N ARG K 67 -70.81 -36.38 51.46
CA ARG K 67 -71.21 -37.19 52.61
C ARG K 67 -72.69 -36.97 52.94
N ASP K 68 -73.26 -35.86 52.48
CA ASP K 68 -74.66 -35.55 52.75
C ASP K 68 -75.55 -35.69 51.52
N ARG K 69 -75.07 -36.39 50.50
CA ARG K 69 -75.87 -36.58 49.30
C ARG K 69 -76.46 -37.97 49.34
N ALA K 70 -77.74 -38.06 49.07
CA ALA K 70 -78.44 -39.34 49.10
C ALA K 70 -77.90 -40.35 48.08
N GLU K 71 -77.61 -39.89 46.86
CA GLU K 71 -77.10 -40.78 45.81
C GLU K 71 -75.78 -41.44 46.18
N TRP K 72 -75.09 -40.88 47.18
CA TRP K 72 -73.81 -41.44 47.60
C TRP K 72 -73.88 -42.15 48.95
N ALA K 73 -75.07 -42.14 49.55
CA ALA K 73 -75.27 -42.77 50.85
C ALA K 73 -74.72 -44.19 50.99
N ASP K 74 -74.69 -44.94 49.90
CA ASP K 74 -74.24 -46.32 49.94
C ASP K 74 -72.73 -46.52 49.88
N ILE K 75 -72.00 -45.47 49.57
CA ILE K 75 -70.55 -45.55 49.49
C ILE K 75 -69.84 -45.03 50.74
N ASP K 76 -68.88 -45.79 51.22
CA ASP K 76 -68.12 -45.37 52.40
C ASP K 76 -66.87 -44.60 51.96
N PRO K 77 -66.78 -43.31 52.30
CA PRO K 77 -65.60 -42.55 51.89
C PRO K 77 -64.31 -43.16 52.43
N VAL K 78 -63.27 -43.12 51.59
CA VAL K 78 -61.96 -43.65 51.96
C VAL K 78 -61.05 -42.45 52.23
N PRO K 79 -60.53 -42.34 53.47
CA PRO K 79 -59.66 -41.23 53.82
C PRO K 79 -58.22 -41.52 53.46
N GLN K 80 -57.41 -40.47 53.52
CA GLN K 80 -56.00 -40.57 53.22
C GLN K 80 -55.24 -40.52 54.54
N ASN K 81 -54.22 -41.35 54.71
CA ASN K 81 -53.45 -41.32 55.94
C ASN K 81 -51.94 -41.46 55.73
N ASP K 82 -51.22 -40.43 56.16
CA ASP K 82 -49.77 -40.37 56.04
C ASP K 82 -49.09 -40.98 57.26
N GLY K 83 -49.82 -41.78 58.04
CA GLY K 83 -49.21 -42.36 59.21
C GLY K 83 -48.96 -41.38 60.35
N PRO K 84 -48.32 -41.85 61.44
CA PRO K 84 -47.98 -41.10 62.63
C PRO K 84 -47.30 -39.76 62.46
N SER K 85 -46.29 -39.69 61.59
CA SER K 85 -45.55 -38.43 61.39
C SER K 85 -45.52 -38.03 59.92
N PRO K 86 -46.60 -37.39 59.43
CA PRO K 86 -46.66 -36.97 58.02
C PRO K 86 -45.60 -35.95 57.60
N VAL K 87 -45.08 -36.13 56.38
CA VAL K 87 -44.06 -35.25 55.80
C VAL K 87 -44.68 -34.44 54.65
N VAL K 88 -44.26 -33.19 54.52
CA VAL K 88 -44.76 -32.30 53.46
C VAL K 88 -46.27 -32.44 53.31
N GLN K 89 -46.94 -32.42 54.45
CA GLN K 89 -48.39 -32.56 54.48
C GLN K 89 -49.14 -31.30 54.10
N ILE K 90 -50.01 -31.46 53.12
CA ILE K 90 -50.82 -30.35 52.64
C ILE K 90 -52.14 -30.35 53.41
N ILE K 91 -52.51 -29.20 53.94
CA ILE K 91 -53.77 -29.10 54.69
C ILE K 91 -54.93 -28.84 53.72
N TYR K 92 -55.99 -29.61 53.87
CA TYR K 92 -57.14 -29.49 52.99
C TYR K 92 -58.42 -29.04 53.67
N SER K 93 -59.21 -28.25 52.94
CA SER K 93 -60.48 -27.74 53.45
C SER K 93 -61.48 -28.89 53.53
N GLU K 94 -62.62 -28.61 54.15
CA GLU K 94 -63.66 -29.61 54.28
C GLU K 94 -64.14 -30.07 52.92
N LYS K 95 -64.44 -29.10 52.05
CA LYS K 95 -64.90 -29.40 50.70
C LYS K 95 -63.88 -30.24 49.92
N PHE K 96 -62.63 -29.81 49.93
CA PHE K 96 -61.57 -30.52 49.21
C PHE K 96 -61.48 -31.98 49.68
N ARG K 97 -61.27 -32.15 50.99
CA ARG K 97 -61.14 -33.47 51.57
C ARG K 97 -62.35 -34.32 51.28
N ASP K 98 -63.52 -33.70 51.25
CA ASP K 98 -64.77 -34.42 50.98
C ASP K 98 -64.78 -35.01 49.58
N VAL K 99 -64.56 -34.17 48.56
CA VAL K 99 -64.52 -34.62 47.19
C VAL K 99 -63.53 -35.78 47.02
N TYR K 100 -62.32 -35.61 47.55
CA TYR K 100 -61.33 -36.65 47.39
C TYR K 100 -61.54 -37.91 48.21
N ASP K 101 -62.22 -37.78 49.35
CA ASP K 101 -62.46 -38.96 50.17
C ASP K 101 -63.40 -39.88 49.41
N TYR K 102 -64.28 -39.27 48.62
CA TYR K 102 -65.21 -40.06 47.81
C TYR K 102 -64.53 -40.54 46.53
N PHE K 103 -63.63 -39.73 46.00
CA PHE K 103 -62.90 -40.13 44.81
C PHE K 103 -62.16 -41.43 45.14
N ARG K 104 -61.43 -41.44 46.26
CA ARG K 104 -60.69 -42.63 46.68
C ARG K 104 -61.62 -43.82 46.75
N ALA K 105 -62.80 -43.59 47.31
CA ALA K 105 -63.80 -44.65 47.47
C ALA K 105 -64.17 -45.26 46.11
N VAL K 106 -64.64 -44.42 45.21
CA VAL K 106 -65.03 -44.85 43.86
C VAL K 106 -63.84 -45.50 43.12
N LEU K 107 -62.68 -44.86 43.22
CA LEU K 107 -61.47 -45.34 42.56
C LEU K 107 -61.10 -46.72 43.08
N GLN K 108 -61.12 -46.88 44.40
CA GLN K 108 -60.77 -48.15 45.02
C GLN K 108 -61.67 -49.30 44.58
N ARG K 109 -62.91 -48.98 44.24
CA ARG K 109 -63.85 -50.01 43.81
C ARG K 109 -63.98 -50.06 42.29
N ASP K 110 -63.14 -49.30 41.60
CA ASP K 110 -63.18 -49.26 40.14
C ASP K 110 -64.62 -49.16 39.65
N GLU K 111 -65.42 -48.31 40.29
CA GLU K 111 -66.81 -48.14 39.92
C GLU K 111 -66.98 -47.33 38.64
N ARG K 112 -67.31 -48.00 37.55
CA ARG K 112 -67.50 -47.31 36.26
C ARG K 112 -68.90 -46.69 36.17
N SER K 113 -69.27 -45.87 37.15
CA SER K 113 -70.59 -45.25 37.16
C SER K 113 -70.62 -43.86 36.56
N GLU K 114 -71.84 -43.37 36.35
CA GLU K 114 -72.05 -42.04 35.81
C GLU K 114 -71.82 -41.01 36.91
N ARG K 115 -72.05 -41.40 38.15
CA ARG K 115 -71.85 -40.48 39.25
C ARG K 115 -70.36 -40.29 39.47
N ALA K 116 -69.59 -41.35 39.17
CA ALA K 116 -68.14 -41.31 39.32
C ALA K 116 -67.61 -40.30 38.29
N PHE K 117 -68.09 -40.44 37.06
CA PHE K 117 -67.67 -39.54 36.00
C PHE K 117 -67.86 -38.09 36.42
N LYS K 118 -69.02 -37.80 37.01
CA LYS K 118 -69.31 -36.43 37.47
C LYS K 118 -68.39 -36.03 38.61
N LEU K 119 -68.05 -36.98 39.46
CA LEU K 119 -67.16 -36.72 40.58
C LEU K 119 -65.78 -36.28 40.09
N THR K 120 -65.29 -36.90 39.02
CA THR K 120 -63.97 -36.54 38.51
C THR K 120 -63.91 -35.07 38.11
N ARG K 121 -65.03 -34.54 37.60
CA ARG K 121 -65.05 -33.14 37.19
C ARG K 121 -64.70 -32.25 38.39
N ASP K 122 -65.20 -32.62 39.56
CA ASP K 122 -64.93 -31.87 40.78
C ASP K 122 -63.51 -32.07 41.27
N ALA K 123 -63.04 -33.31 41.19
CA ALA K 123 -61.67 -33.62 41.60
C ALA K 123 -60.70 -32.84 40.73
N ILE K 124 -60.99 -32.77 39.44
CA ILE K 124 -60.14 -32.06 38.50
C ILE K 124 -60.17 -30.57 38.78
N GLU K 125 -61.33 -30.04 39.16
CA GLU K 125 -61.42 -28.62 39.45
C GLU K 125 -60.58 -28.28 40.68
N LEU K 126 -60.55 -29.18 41.64
CA LEU K 126 -59.75 -28.98 42.86
C LEU K 126 -58.26 -29.17 42.61
N ASN K 127 -57.91 -30.04 41.66
CA ASN K 127 -56.50 -30.30 41.37
C ASN K 127 -56.29 -31.01 40.02
N ALA K 128 -56.16 -30.23 38.95
CA ALA K 128 -55.97 -30.81 37.62
C ALA K 128 -54.61 -31.47 37.42
N ALA K 129 -53.77 -31.45 38.44
CA ALA K 129 -52.45 -32.05 38.33
C ALA K 129 -52.45 -33.49 38.81
N ASN K 130 -53.60 -33.95 39.29
CA ASN K 130 -53.71 -35.32 39.76
C ASN K 130 -53.89 -36.24 38.55
N TYR K 131 -52.77 -36.78 38.07
CA TYR K 131 -52.77 -37.65 36.91
C TYR K 131 -53.64 -38.89 37.02
N THR K 132 -53.84 -39.40 38.24
CA THR K 132 -54.67 -40.58 38.43
C THR K 132 -56.13 -40.26 38.13
N VAL K 133 -56.58 -39.09 38.58
CA VAL K 133 -57.95 -38.67 38.32
C VAL K 133 -58.20 -38.65 36.81
N TRP K 134 -57.28 -38.08 36.04
CA TRP K 134 -57.45 -38.02 34.60
C TRP K 134 -57.49 -39.41 33.95
N HIS K 135 -56.67 -40.32 34.45
CA HIS K 135 -56.66 -41.67 33.92
C HIS K 135 -58.02 -42.31 34.12
N PHE K 136 -58.50 -42.27 35.35
CA PHE K 136 -59.78 -42.84 35.71
C PHE K 136 -60.88 -42.21 34.86
N ARG K 137 -60.79 -40.89 34.68
CA ARG K 137 -61.78 -40.20 33.89
C ARG K 137 -61.77 -40.76 32.47
N ARG K 138 -60.57 -41.09 31.95
CA ARG K 138 -60.48 -41.64 30.61
C ARG K 138 -61.09 -43.04 30.59
N VAL K 139 -60.86 -43.81 31.65
CA VAL K 139 -61.43 -45.14 31.75
C VAL K 139 -62.95 -45.02 31.63
N LEU K 140 -63.52 -44.10 32.42
CA LEU K 140 -64.95 -43.86 32.41
C LEU K 140 -65.42 -43.37 31.05
N LEU K 141 -64.64 -42.48 30.43
CA LEU K 141 -65.02 -41.97 29.12
C LEU K 141 -65.35 -43.14 28.18
N ARG K 142 -64.52 -44.18 28.25
CA ARG K 142 -64.71 -45.35 27.41
C ARG K 142 -65.89 -46.20 27.93
N SER K 143 -65.82 -46.65 29.18
CA SER K 143 -66.90 -47.45 29.77
C SER K 143 -68.27 -46.87 29.50
N LEU K 144 -68.48 -45.62 29.89
CA LEU K 144 -69.76 -44.97 29.68
C LEU K 144 -69.97 -44.49 28.25
N GLN K 145 -69.03 -44.80 27.37
CA GLN K 145 -69.12 -44.38 25.97
C GLN K 145 -69.60 -42.95 25.83
N LYS K 146 -68.91 -42.03 26.50
CA LYS K 146 -69.25 -40.60 26.49
C LYS K 146 -68.92 -39.94 25.16
N ASP K 147 -69.59 -38.82 24.88
CA ASP K 147 -69.35 -38.11 23.63
C ASP K 147 -68.00 -37.42 23.70
N LEU K 148 -67.03 -37.94 22.94
CA LEU K 148 -65.69 -37.38 22.95
C LEU K 148 -65.61 -35.96 22.42
N GLN K 149 -66.48 -35.60 21.48
CA GLN K 149 -66.44 -34.25 20.95
C GLN K 149 -66.78 -33.28 22.07
N GLU K 150 -67.55 -33.77 23.03
CA GLU K 150 -67.94 -32.97 24.18
C GLU K 150 -66.73 -32.80 25.09
N GLU K 151 -66.02 -33.90 25.32
CA GLU K 151 -64.83 -33.89 26.16
C GLU K 151 -63.79 -32.94 25.57
N MET K 152 -63.72 -32.85 24.24
CA MET K 152 -62.79 -31.94 23.59
C MET K 152 -63.06 -30.51 24.01
N ASN K 153 -64.32 -30.14 24.15
CA ASN K 153 -64.64 -28.79 24.57
C ASN K 153 -64.15 -28.61 25.99
N TYR K 154 -64.45 -29.60 26.82
CA TYR K 154 -64.04 -29.57 28.21
C TYR K 154 -62.55 -29.33 28.36
N ILE K 155 -61.74 -30.20 27.78
CA ILE K 155 -60.30 -30.08 27.88
C ILE K 155 -59.81 -28.78 27.28
N ILE K 156 -60.46 -28.30 26.22
CA ILE K 156 -60.05 -27.05 25.60
C ILE K 156 -60.12 -25.91 26.61
N ALA K 157 -61.17 -25.90 27.41
CA ALA K 157 -61.35 -24.86 28.42
C ALA K 157 -60.31 -25.00 29.52
N ILE K 158 -60.16 -26.22 30.02
CA ILE K 158 -59.19 -26.52 31.07
C ILE K 158 -57.77 -26.09 30.70
N ILE K 159 -57.31 -26.48 29.52
CA ILE K 159 -55.98 -26.13 29.08
C ILE K 159 -55.78 -24.62 29.01
N GLU K 160 -56.80 -23.89 28.58
CA GLU K 160 -56.68 -22.44 28.49
C GLU K 160 -56.43 -21.82 29.84
N GLU K 161 -57.02 -22.43 30.88
CA GLU K 161 -56.83 -21.95 32.23
C GLU K 161 -55.51 -22.41 32.82
N GLN K 162 -55.04 -23.57 32.37
CA GLN K 162 -53.79 -24.13 32.88
C GLN K 162 -52.91 -24.65 31.75
N PRO K 163 -52.42 -23.74 30.91
CA PRO K 163 -51.56 -24.07 29.77
C PRO K 163 -50.19 -24.66 30.06
N LYS K 164 -49.79 -24.70 31.33
CA LYS K 164 -48.47 -25.25 31.67
C LYS K 164 -48.59 -26.53 32.49
N ASN K 165 -49.77 -27.15 32.43
CA ASN K 165 -50.07 -28.39 33.16
C ASN K 165 -49.81 -29.59 32.23
N TYR K 166 -48.95 -30.51 32.65
CA TYR K 166 -48.62 -31.69 31.85
C TYR K 166 -49.80 -32.62 31.60
N GLN K 167 -50.57 -32.90 32.64
CA GLN K 167 -51.70 -33.81 32.52
C GLN K 167 -52.77 -33.40 31.51
N VAL K 168 -53.09 -32.11 31.45
CA VAL K 168 -54.11 -31.65 30.51
C VAL K 168 -53.70 -31.78 29.04
N TRP K 169 -52.41 -31.59 28.74
CA TRP K 169 -51.97 -31.72 27.37
C TRP K 169 -51.97 -33.18 26.98
N HIS K 170 -51.60 -34.03 27.92
CA HIS K 170 -51.57 -35.45 27.64
C HIS K 170 -52.99 -35.93 27.35
N HIS K 171 -53.94 -35.49 28.18
CA HIS K 171 -55.34 -35.86 28.01
C HIS K 171 -55.83 -35.49 26.62
N ARG K 172 -55.57 -34.24 26.20
CA ARG K 172 -56.01 -33.78 24.89
C ARG K 172 -55.41 -34.62 23.77
N ARG K 173 -54.16 -35.02 23.94
CA ARG K 173 -53.50 -35.83 22.91
C ARG K 173 -54.14 -37.21 22.79
N VAL K 174 -54.52 -37.81 23.92
CA VAL K 174 -55.17 -39.10 23.88
C VAL K 174 -56.50 -38.97 23.15
N LEU K 175 -57.26 -37.91 23.47
CA LEU K 175 -58.54 -37.69 22.83
C LEU K 175 -58.40 -37.56 21.33
N VAL K 176 -57.43 -36.77 20.88
CA VAL K 176 -57.23 -36.59 19.45
C VAL K 176 -56.87 -37.92 18.80
N GLU K 177 -56.09 -38.76 19.48
CA GLU K 177 -55.74 -40.06 18.91
C GLU K 177 -57.02 -40.89 18.76
N TRP K 178 -57.85 -40.86 19.80
CA TRP K 178 -59.11 -41.60 19.78
C TRP K 178 -59.98 -41.17 18.62
N LEU K 179 -60.20 -39.87 18.49
CA LEU K 179 -61.04 -39.36 17.44
C LEU K 179 -60.40 -39.41 16.08
N LYS K 180 -59.06 -39.51 16.04
CA LYS K 180 -58.34 -39.49 14.78
C LYS K 180 -58.81 -38.23 14.04
N ASP K 181 -59.09 -37.17 14.80
CA ASP K 181 -59.57 -35.92 14.25
C ASP K 181 -58.65 -34.75 14.67
N PRO K 182 -57.79 -34.29 13.77
CA PRO K 182 -56.90 -33.19 14.15
C PRO K 182 -57.42 -31.84 13.66
N SER K 183 -58.63 -31.85 13.12
CA SER K 183 -59.23 -30.65 12.54
C SER K 183 -59.18 -29.36 13.33
N GLN K 184 -59.28 -29.43 14.65
CA GLN K 184 -59.26 -28.19 15.42
C GLN K 184 -57.95 -27.93 16.19
N GLU K 185 -56.97 -28.80 16.00
CA GLU K 185 -55.71 -28.67 16.70
C GLU K 185 -54.84 -27.46 16.37
N LEU K 186 -54.49 -27.27 15.10
CA LEU K 186 -53.63 -26.13 14.75
C LEU K 186 -54.17 -24.78 15.20
N GLU K 187 -55.48 -24.60 15.15
CA GLU K 187 -56.06 -23.34 15.55
C GLU K 187 -56.03 -23.17 17.06
N PHE K 188 -56.34 -24.25 17.77
CA PHE K 188 -56.33 -24.23 19.22
C PHE K 188 -54.94 -23.86 19.72
N ILE K 189 -53.93 -24.56 19.21
CA ILE K 189 -52.55 -24.32 19.61
C ILE K 189 -52.16 -22.88 19.32
N ALA K 190 -52.58 -22.37 18.17
CA ALA K 190 -52.26 -21.00 17.81
C ALA K 190 -52.81 -20.05 18.88
N ASP K 191 -53.98 -20.35 19.41
CA ASP K 191 -54.56 -19.50 20.44
C ASP K 191 -53.74 -19.57 21.71
N ILE K 192 -53.38 -20.77 22.14
CA ILE K 192 -52.58 -20.93 23.34
C ILE K 192 -51.25 -20.21 23.14
N LEU K 193 -50.68 -20.35 21.94
CA LEU K 193 -49.40 -19.71 21.64
C LEU K 193 -49.54 -18.20 21.65
N ASN K 194 -50.77 -17.71 21.79
CA ASN K 194 -50.99 -16.28 21.84
C ASN K 194 -50.77 -15.74 23.22
N GLN K 195 -51.02 -16.55 24.25
CA GLN K 195 -50.78 -16.05 25.59
C GLN K 195 -49.35 -16.37 26.01
N ASP K 196 -48.65 -17.13 25.18
CA ASP K 196 -47.26 -17.48 25.42
C ASP K 196 -46.68 -18.15 24.19
N ALA K 197 -46.07 -17.36 23.32
CA ALA K 197 -45.48 -17.88 22.09
C ALA K 197 -44.33 -18.86 22.28
N LYS K 198 -43.94 -19.14 23.52
CA LYS K 198 -42.83 -20.07 23.75
C LYS K 198 -43.20 -21.26 24.63
N ASN K 199 -44.48 -21.38 24.94
CA ASN K 199 -45.00 -22.47 25.75
C ASN K 199 -44.50 -23.81 25.19
N TYR K 200 -43.59 -24.45 25.89
CA TYR K 200 -43.04 -25.71 25.39
C TYR K 200 -44.12 -26.76 25.15
N HIS K 201 -45.11 -26.85 26.05
CA HIS K 201 -46.20 -27.82 25.91
C HIS K 201 -46.94 -27.64 24.59
N ALA K 202 -47.24 -26.38 24.26
CA ALA K 202 -47.96 -26.06 23.02
C ALA K 202 -47.16 -26.47 21.78
N TRP K 203 -45.89 -26.12 21.72
CA TRP K 203 -45.09 -26.49 20.57
C TRP K 203 -44.93 -27.99 20.47
N GLN K 204 -44.86 -28.66 21.61
CA GLN K 204 -44.69 -30.10 21.61
C GLN K 204 -45.93 -30.73 20.99
N HIS K 205 -47.09 -30.28 21.44
CA HIS K 205 -48.34 -30.80 20.96
C HIS K 205 -48.49 -30.49 19.47
N ARG K 206 -48.06 -29.29 19.08
CA ARG K 206 -48.18 -28.90 17.68
C ARG K 206 -47.35 -29.80 16.76
N GLN K 207 -46.13 -30.11 17.16
CA GLN K 207 -45.30 -30.98 16.34
C GLN K 207 -45.92 -32.37 16.27
N TRP K 208 -46.48 -32.85 17.37
CA TRP K 208 -47.11 -34.17 17.37
C TRP K 208 -48.24 -34.23 16.37
N VAL K 209 -49.15 -33.26 16.44
CA VAL K 209 -50.28 -33.24 15.52
C VAL K 209 -49.79 -33.22 14.09
N ILE K 210 -48.96 -32.22 13.77
CA ILE K 210 -48.45 -32.09 12.41
C ILE K 210 -47.81 -33.37 11.89
N GLN K 211 -47.00 -34.02 12.71
CA GLN K 211 -46.34 -35.23 12.29
C GLN K 211 -47.31 -36.39 12.12
N GLU K 212 -48.11 -36.62 13.15
CA GLU K 212 -49.08 -37.70 13.19
C GLU K 212 -50.13 -37.69 12.06
N PHE K 213 -50.62 -36.51 11.71
CA PHE K 213 -51.62 -36.41 10.67
C PHE K 213 -51.11 -35.77 9.39
N ARG K 214 -49.79 -35.67 9.28
CA ARG K 214 -49.15 -35.09 8.11
C ARG K 214 -49.78 -33.76 7.66
N LEU K 215 -49.72 -32.76 8.52
CA LEU K 215 -50.29 -31.45 8.24
C LEU K 215 -49.20 -30.40 8.02
N TRP K 216 -48.29 -30.65 7.08
CA TRP K 216 -47.20 -29.72 6.83
C TRP K 216 -47.56 -28.57 5.91
N ASP K 217 -48.54 -28.77 5.03
CA ASP K 217 -48.95 -27.77 4.06
C ASP K 217 -48.92 -26.30 4.43
N ASN K 218 -49.29 -25.94 5.65
CA ASN K 218 -49.31 -24.52 6.01
C ASN K 218 -48.40 -24.10 7.14
N GLU K 219 -47.61 -25.02 7.68
CA GLU K 219 -46.76 -24.65 8.79
C GLU K 219 -45.66 -23.66 8.44
N LEU K 220 -44.99 -23.86 7.31
CA LEU K 220 -43.92 -22.94 6.95
C LEU K 220 -44.43 -21.51 6.86
N GLN K 221 -45.69 -21.35 6.50
CA GLN K 221 -46.28 -20.02 6.40
C GLN K 221 -46.56 -19.49 7.80
N TYR K 222 -47.06 -20.35 8.67
CA TYR K 222 -47.36 -19.98 10.05
C TYR K 222 -46.07 -19.50 10.71
N VAL K 223 -44.98 -20.21 10.42
CA VAL K 223 -43.67 -19.88 10.94
C VAL K 223 -43.27 -18.51 10.46
N ASP K 224 -43.38 -18.27 9.15
CA ASP K 224 -43.03 -16.96 8.59
C ASP K 224 -43.77 -15.83 9.24
N GLN K 225 -45.03 -16.08 9.57
CA GLN K 225 -45.86 -15.07 10.21
C GLN K 225 -45.43 -14.80 11.64
N LEU K 226 -45.17 -15.85 12.42
CA LEU K 226 -44.74 -15.68 13.80
C LEU K 226 -43.37 -15.05 13.90
N LEU K 227 -42.48 -15.38 12.96
CA LEU K 227 -41.15 -14.79 12.98
C LEU K 227 -41.22 -13.29 12.75
N LYS K 228 -42.28 -12.83 12.10
CA LYS K 228 -42.45 -11.41 11.85
C LYS K 228 -42.89 -10.75 13.14
N GLU K 229 -43.69 -11.45 13.93
CA GLU K 229 -44.18 -10.93 15.20
C GLU K 229 -43.05 -10.78 16.22
N ASP K 230 -42.06 -11.66 16.12
CA ASP K 230 -40.93 -11.64 17.03
C ASP K 230 -39.83 -12.52 16.47
N VAL K 231 -38.89 -11.91 15.79
CA VAL K 231 -37.79 -12.64 15.17
C VAL K 231 -36.84 -13.28 16.20
N ARG K 232 -37.06 -13.00 17.47
CA ARG K 232 -36.21 -13.58 18.50
C ARG K 232 -36.79 -14.82 19.16
N ASN K 233 -37.97 -15.25 18.74
CA ASN K 233 -38.60 -16.43 19.32
C ASN K 233 -37.90 -17.71 18.86
N ASN K 234 -37.02 -18.23 19.71
CA ASN K 234 -36.26 -19.43 19.41
C ASN K 234 -37.14 -20.61 19.06
N SER K 235 -38.35 -20.67 19.64
CA SER K 235 -39.28 -21.76 19.39
C SER K 235 -39.71 -21.79 17.93
N VAL K 236 -39.92 -20.61 17.36
CA VAL K 236 -40.35 -20.51 15.97
C VAL K 236 -39.24 -20.90 15.00
N TRP K 237 -38.01 -20.52 15.31
CA TRP K 237 -36.90 -20.91 14.44
C TRP K 237 -36.79 -22.43 14.47
N ASN K 238 -37.00 -23.03 15.64
CA ASN K 238 -36.92 -24.48 15.72
C ASN K 238 -38.04 -25.06 14.87
N GLN K 239 -39.23 -24.49 14.99
CA GLN K 239 -40.36 -24.97 14.20
C GLN K 239 -40.06 -24.90 12.72
N ARG K 240 -39.39 -23.83 12.32
CA ARG K 240 -39.07 -23.68 10.91
C ARG K 240 -38.22 -24.85 10.44
N HIS K 241 -37.17 -25.17 11.20
CA HIS K 241 -36.28 -26.26 10.84
C HIS K 241 -37.04 -27.58 10.84
N PHE K 242 -37.97 -27.70 11.79
CA PHE K 242 -38.81 -28.88 11.93
C PHE K 242 -39.59 -29.11 10.63
N VAL K 243 -40.27 -28.08 10.14
CA VAL K 243 -41.06 -28.19 8.91
C VAL K 243 -40.21 -28.55 7.71
N ILE K 244 -39.20 -27.74 7.44
CA ILE K 244 -38.34 -27.99 6.29
C ILE K 244 -37.66 -29.33 6.28
N SER K 245 -37.01 -29.69 7.37
CA SER K 245 -36.31 -30.99 7.39
C SER K 245 -37.26 -32.17 7.28
N ASN K 246 -38.54 -31.94 7.51
CA ASN K 246 -39.52 -33.00 7.41
C ASN K 246 -40.29 -32.97 6.11
N THR K 247 -39.96 -32.04 5.22
CA THR K 247 -40.65 -31.96 3.95
C THR K 247 -39.61 -32.01 2.83
N THR K 248 -39.17 -30.87 2.35
CA THR K 248 -38.19 -30.82 1.27
C THR K 248 -36.79 -31.26 1.71
N GLY K 249 -36.43 -30.95 2.95
CA GLY K 249 -35.10 -31.29 3.42
C GLY K 249 -34.20 -30.15 3.00
N TYR K 250 -32.92 -30.17 3.39
CA TYR K 250 -32.03 -29.08 3.02
C TYR K 250 -31.06 -29.44 1.90
N SER K 251 -31.16 -30.67 1.38
CA SER K 251 -30.27 -31.12 0.33
C SER K 251 -30.53 -30.43 -0.99
N ASP K 252 -31.75 -29.95 -1.20
CA ASP K 252 -32.06 -29.25 -2.44
C ASP K 252 -31.35 -27.90 -2.36
N ARG K 253 -30.25 -27.75 -3.09
CA ARG K 253 -29.48 -26.50 -3.08
C ARG K 253 -30.35 -25.26 -3.27
N ALA K 254 -31.50 -25.44 -3.90
CA ALA K 254 -32.40 -24.32 -4.11
C ALA K 254 -32.99 -23.93 -2.76
N VAL K 255 -33.36 -24.92 -1.97
CA VAL K 255 -33.92 -24.69 -0.66
C VAL K 255 -32.87 -24.13 0.29
N LEU K 256 -31.72 -24.78 0.33
CA LEU K 256 -30.63 -24.33 1.19
C LEU K 256 -30.36 -22.86 0.96
N GLU K 257 -30.24 -22.48 -0.31
CA GLU K 257 -29.97 -21.10 -0.64
C GLU K 257 -31.09 -20.18 -0.17
N ARG K 258 -32.33 -20.59 -0.41
CA ARG K 258 -33.47 -19.78 0.01
C ARG K 258 -33.41 -19.53 1.51
N GLU K 259 -33.10 -20.59 2.27
CA GLU K 259 -33.01 -20.51 3.71
C GLU K 259 -31.84 -19.67 4.20
N VAL K 260 -30.65 -19.92 3.65
CA VAL K 260 -29.50 -19.12 4.06
C VAL K 260 -29.78 -17.64 3.78
N GLN K 261 -30.42 -17.38 2.65
CA GLN K 261 -30.74 -16.02 2.28
C GLN K 261 -31.74 -15.42 3.25
N TYR K 262 -32.80 -16.19 3.53
CA TYR K 262 -33.85 -15.77 4.45
C TYR K 262 -33.29 -15.38 5.81
N THR K 263 -32.38 -16.21 6.31
CA THR K 263 -31.77 -15.97 7.60
C THR K 263 -30.89 -14.73 7.61
N LEU K 264 -30.02 -14.61 6.61
CA LEU K 264 -29.16 -13.42 6.52
C LEU K 264 -30.02 -12.16 6.50
N GLU K 265 -31.20 -12.26 5.92
CA GLU K 265 -32.11 -11.13 5.87
C GLU K 265 -32.60 -10.79 7.26
N MET K 266 -32.96 -11.82 8.03
CA MET K 266 -33.45 -11.62 9.39
C MET K 266 -32.33 -11.10 10.26
N ILE K 267 -31.12 -11.60 10.05
CA ILE K 267 -29.96 -11.16 10.81
C ILE K 267 -29.72 -9.67 10.57
N LYS K 268 -29.90 -9.21 9.34
CA LYS K 268 -29.70 -7.79 9.06
C LYS K 268 -30.73 -6.95 9.79
N LEU K 269 -31.94 -7.47 9.97
CA LEU K 269 -32.97 -6.71 10.66
C LEU K 269 -32.69 -6.60 12.14
N VAL K 270 -32.18 -7.69 12.72
CA VAL K 270 -31.85 -7.72 14.14
C VAL K 270 -30.58 -8.56 14.26
N PRO K 271 -29.43 -7.95 14.01
CA PRO K 271 -28.11 -8.60 14.05
C PRO K 271 -27.76 -9.34 15.35
N HIS K 272 -28.32 -8.89 16.47
CA HIS K 272 -28.05 -9.54 17.74
C HIS K 272 -29.18 -10.51 18.11
N ASN K 273 -29.17 -11.68 17.48
CA ASN K 273 -30.21 -12.68 17.70
C ASN K 273 -29.62 -14.08 17.58
N GLU K 274 -29.25 -14.65 18.72
CA GLU K 274 -28.64 -15.97 18.74
C GLU K 274 -29.42 -16.99 17.92
N SER K 275 -30.75 -16.95 18.02
CA SER K 275 -31.61 -17.90 17.31
C SER K 275 -31.34 -17.92 15.81
N ALA K 276 -31.40 -16.75 15.18
CA ALA K 276 -31.15 -16.64 13.76
C ALA K 276 -29.76 -17.21 13.41
N TRP K 277 -28.75 -16.81 14.17
CA TRP K 277 -27.41 -17.29 13.91
C TRP K 277 -27.30 -18.80 14.09
N ASN K 278 -27.98 -19.33 15.10
CA ASN K 278 -27.93 -20.76 15.35
C ASN K 278 -28.53 -21.56 14.21
N TYR K 279 -29.59 -21.02 13.63
CA TYR K 279 -30.27 -21.66 12.50
C TYR K 279 -29.31 -21.66 11.32
N LEU K 280 -28.74 -20.49 11.01
CA LEU K 280 -27.80 -20.38 9.91
C LEU K 280 -26.68 -21.40 10.05
N LYS K 281 -26.01 -21.43 11.19
CA LYS K 281 -24.93 -22.38 11.37
C LYS K 281 -25.44 -23.81 11.40
N GLY K 282 -26.64 -23.97 11.95
CA GLY K 282 -27.22 -25.30 12.04
C GLY K 282 -27.41 -26.01 10.71
N ILE K 283 -27.98 -25.30 9.74
CA ILE K 283 -28.25 -25.89 8.42
C ILE K 283 -27.01 -26.00 7.52
N LEU K 284 -25.87 -25.48 7.98
CA LEU K 284 -24.65 -25.55 7.20
C LEU K 284 -23.50 -26.29 7.86
N GLN K 285 -23.49 -26.32 9.20
CA GLN K 285 -22.39 -26.95 9.92
C GLN K 285 -22.03 -28.37 9.51
N ASP K 286 -23.02 -29.15 9.13
CA ASP K 286 -22.73 -30.52 8.75
C ASP K 286 -22.29 -30.71 7.32
N ARG K 287 -22.59 -29.74 6.47
CA ARG K 287 -22.16 -29.80 5.08
C ARG K 287 -20.72 -29.30 5.04
N GLY K 288 -20.35 -28.49 6.03
CA GLY K 288 -19.00 -27.95 6.08
C GLY K 288 -18.98 -26.45 5.88
N LEU K 289 -18.89 -25.70 6.96
CA LEU K 289 -18.89 -24.24 6.86
C LEU K 289 -17.85 -23.69 5.89
N SER K 290 -16.71 -24.35 5.79
CA SER K 290 -15.66 -23.88 4.90
C SER K 290 -15.96 -24.12 3.42
N ARG K 291 -16.96 -24.94 3.12
CA ARG K 291 -17.32 -25.23 1.73
C ARG K 291 -18.15 -24.15 1.07
N TYR K 292 -18.38 -23.05 1.77
CA TYR K 292 -19.19 -21.95 1.24
C TYR K 292 -18.44 -20.63 1.25
N PRO K 293 -17.47 -20.47 0.33
CA PRO K 293 -16.63 -19.29 0.18
C PRO K 293 -17.34 -17.94 0.20
N ASN K 294 -18.45 -17.83 -0.50
CA ASN K 294 -19.17 -16.57 -0.52
C ASN K 294 -19.72 -16.17 0.84
N LEU K 295 -20.04 -17.15 1.68
CA LEU K 295 -20.59 -16.86 3.00
C LEU K 295 -19.55 -16.18 3.87
N LEU K 296 -18.33 -16.72 3.86
CA LEU K 296 -17.24 -16.14 4.65
C LEU K 296 -17.09 -14.68 4.31
N ASN K 297 -17.02 -14.37 3.03
CA ASN K 297 -16.87 -12.98 2.61
C ASN K 297 -18.09 -12.12 2.90
N GLN K 298 -19.28 -12.66 2.68
CA GLN K 298 -20.47 -11.88 2.97
C GLN K 298 -20.50 -11.51 4.44
N LEU K 299 -20.09 -12.44 5.30
CA LEU K 299 -20.08 -12.20 6.74
C LEU K 299 -19.03 -11.17 7.10
N LEU K 300 -17.82 -11.29 6.54
CA LEU K 300 -16.76 -10.33 6.83
C LEU K 300 -17.21 -8.91 6.48
N ASP K 301 -18.10 -8.78 5.51
CA ASP K 301 -18.60 -7.46 5.12
C ASP K 301 -19.58 -6.93 6.14
N LEU K 302 -20.43 -7.81 6.69
CA LEU K 302 -21.40 -7.39 7.68
C LEU K 302 -20.70 -6.90 8.94
N GLN K 303 -19.55 -7.50 9.25
CA GLN K 303 -18.78 -7.18 10.44
C GLN K 303 -18.76 -5.70 10.84
N PRO K 304 -18.39 -4.80 9.92
CA PRO K 304 -18.38 -3.39 10.29
C PRO K 304 -19.71 -2.86 10.85
N SER K 305 -20.80 -3.04 10.12
CA SER K 305 -22.12 -2.56 10.55
C SER K 305 -23.00 -3.49 11.39
N HIS K 306 -23.06 -4.77 11.03
CA HIS K 306 -23.90 -5.71 11.78
C HIS K 306 -23.10 -6.69 12.65
N SER K 307 -22.09 -6.18 13.36
CA SER K 307 -21.30 -7.06 14.22
C SER K 307 -22.01 -7.47 15.49
N SER K 308 -21.60 -8.60 16.05
CA SER K 308 -22.15 -9.14 17.28
C SER K 308 -21.26 -10.31 17.61
N PRO K 309 -21.28 -10.78 18.86
CA PRO K 309 -20.43 -11.91 19.21
C PRO K 309 -20.80 -13.16 18.39
N TYR K 310 -22.07 -13.24 18.00
CA TYR K 310 -22.59 -14.34 17.21
C TYR K 310 -21.90 -14.41 15.85
N LEU K 311 -21.71 -13.25 15.23
CA LEU K 311 -21.05 -13.18 13.94
C LEU K 311 -19.58 -13.60 14.09
N ILE K 312 -18.88 -13.02 15.06
CA ILE K 312 -17.48 -13.35 15.29
C ILE K 312 -17.30 -14.85 15.52
N ALA K 313 -18.17 -15.45 16.33
CA ALA K 313 -18.09 -16.88 16.63
C ALA K 313 -18.29 -17.69 15.36
N PHE K 314 -19.18 -17.22 14.48
CA PHE K 314 -19.45 -17.93 13.25
C PHE K 314 -18.15 -17.96 12.44
N LEU K 315 -17.44 -16.83 12.40
CA LEU K 315 -16.18 -16.76 11.67
C LEU K 315 -15.18 -17.75 12.26
N VAL K 316 -15.06 -17.76 13.58
CA VAL K 316 -14.14 -18.68 14.24
C VAL K 316 -14.44 -20.11 13.78
N ASP K 317 -15.72 -20.46 13.77
CA ASP K 317 -16.16 -21.80 13.38
C ASP K 317 -15.84 -22.09 11.90
N ILE K 318 -15.98 -21.06 11.05
CA ILE K 318 -15.66 -21.24 9.64
C ILE K 318 -14.15 -21.54 9.56
N TYR K 319 -13.34 -20.67 10.17
CA TYR K 319 -11.90 -20.89 10.15
C TYR K 319 -11.54 -22.27 10.70
N GLU K 320 -12.19 -22.67 11.78
CA GLU K 320 -11.86 -23.97 12.32
C GLU K 320 -12.21 -25.08 11.35
N ASP K 321 -13.29 -24.92 10.59
CA ASP K 321 -13.66 -25.97 9.65
C ASP K 321 -12.58 -26.03 8.58
N MET K 322 -12.01 -24.89 8.24
CA MET K 322 -10.95 -24.83 7.25
C MET K 322 -9.74 -25.59 7.75
N LEU K 323 -9.30 -25.29 8.96
CA LEU K 323 -8.15 -25.98 9.54
C LEU K 323 -8.42 -27.48 9.53
N GLU K 324 -9.68 -27.82 9.82
CA GLU K 324 -10.14 -29.20 9.87
C GLU K 324 -9.93 -29.92 8.54
N ASN K 325 -10.09 -29.17 7.45
CA ASN K 325 -9.95 -29.72 6.11
C ASN K 325 -8.64 -29.37 5.42
N GLN K 326 -7.55 -29.38 6.19
CA GLN K 326 -6.21 -29.07 5.69
C GLN K 326 -6.21 -28.00 4.60
N CYS K 327 -6.70 -26.83 4.94
CA CYS K 327 -6.75 -25.74 3.98
C CYS K 327 -5.36 -25.20 3.68
N ASP K 328 -5.30 -24.20 2.81
CA ASP K 328 -4.05 -23.57 2.43
C ASP K 328 -3.76 -22.44 3.42
N ASN K 329 -2.51 -22.37 3.89
CA ASN K 329 -2.07 -21.36 4.85
C ASN K 329 -2.56 -21.73 6.23
N LYS K 330 -2.42 -23.00 6.58
CA LYS K 330 -2.86 -23.48 7.87
C LYS K 330 -2.49 -22.49 8.96
N GLU K 331 -1.22 -22.13 9.04
CA GLU K 331 -0.78 -21.21 10.09
C GLU K 331 -1.43 -19.83 10.00
N ASP K 332 -1.73 -19.37 8.80
CA ASP K 332 -2.35 -18.07 8.62
C ASP K 332 -3.81 -18.07 9.10
N ILE K 333 -4.56 -19.09 8.71
CA ILE K 333 -5.95 -19.21 9.12
C ILE K 333 -6.08 -19.34 10.64
N LEU K 334 -5.20 -20.16 11.22
CA LEU K 334 -5.20 -20.35 12.67
C LEU K 334 -5.04 -19.01 13.38
N ASN K 335 -4.18 -18.15 12.85
CA ASN K 335 -4.00 -16.86 13.48
C ASN K 335 -5.26 -16.02 13.39
N LYS K 336 -5.96 -16.10 12.26
CA LYS K 336 -7.20 -15.36 12.08
C LYS K 336 -8.20 -15.84 13.12
N ALA K 337 -8.16 -17.13 13.39
CA ALA K 337 -9.05 -17.72 14.37
C ALA K 337 -8.68 -17.17 15.75
N LEU K 338 -7.42 -17.40 16.13
CA LEU K 338 -6.91 -16.97 17.41
C LEU K 338 -7.15 -15.49 17.64
N GLU K 339 -7.00 -14.68 16.60
CA GLU K 339 -7.22 -13.25 16.70
C GLU K 339 -8.64 -12.96 17.13
N LEU K 340 -9.59 -13.74 16.59
CA LEU K 340 -11.00 -13.56 16.90
C LEU K 340 -11.33 -14.07 18.29
N CYS K 341 -10.71 -15.17 18.68
CA CYS K 341 -10.94 -15.70 20.01
C CYS K 341 -10.59 -14.63 21.04
N GLU K 342 -9.41 -14.04 20.87
CA GLU K 342 -8.94 -12.99 21.75
C GLU K 342 -9.86 -11.76 21.72
N ILE K 343 -10.42 -11.42 20.56
CA ILE K 343 -11.34 -10.28 20.46
C ILE K 343 -12.61 -10.56 21.27
N LEU K 344 -13.09 -11.81 21.18
CA LEU K 344 -14.28 -12.22 21.89
C LEU K 344 -14.03 -12.17 23.40
N ALA K 345 -12.93 -12.77 23.82
CA ALA K 345 -12.57 -12.82 25.22
C ALA K 345 -12.31 -11.46 25.85
N LYS K 346 -11.60 -10.61 25.11
CA LYS K 346 -11.25 -9.29 25.58
C LYS K 346 -12.31 -8.20 25.41
N GLU K 347 -13.11 -8.27 24.35
CA GLU K 347 -14.10 -7.21 24.12
C GLU K 347 -15.53 -7.59 23.75
N LYS K 348 -15.68 -8.53 22.83
CA LYS K 348 -17.01 -8.87 22.34
C LYS K 348 -17.94 -9.82 23.08
N ASP K 349 -17.39 -10.78 23.80
CA ASP K 349 -18.20 -11.74 24.54
C ASP K 349 -17.49 -11.98 25.86
N THR K 350 -17.21 -10.89 26.57
CA THR K 350 -16.48 -10.95 27.84
C THR K 350 -16.96 -11.93 28.89
N ILE K 351 -18.26 -12.12 29.02
CA ILE K 351 -18.76 -13.05 30.01
C ILE K 351 -18.22 -14.46 29.75
N ARG K 352 -17.92 -14.76 28.50
CA ARG K 352 -17.38 -16.09 28.14
C ARG K 352 -15.87 -16.06 27.91
N LYS K 353 -15.23 -15.01 28.43
CA LYS K 353 -13.81 -14.76 28.33
C LYS K 353 -12.96 -16.02 28.52
N GLU K 354 -13.05 -16.62 29.68
CA GLU K 354 -12.28 -17.83 29.95
C GLU K 354 -12.57 -18.91 28.93
N TYR K 355 -13.82 -18.99 28.45
CA TYR K 355 -14.21 -20.01 27.49
C TYR K 355 -13.51 -19.78 26.15
N TRP K 356 -13.61 -18.56 25.64
CA TRP K 356 -12.99 -18.26 24.37
C TRP K 356 -11.48 -18.43 24.42
N ARG K 357 -10.88 -18.16 25.58
CA ARG K 357 -9.44 -18.32 25.77
C ARG K 357 -9.11 -19.80 25.71
N TYR K 358 -10.03 -20.60 26.24
CA TYR K 358 -9.91 -22.05 26.23
C TYR K 358 -10.02 -22.58 24.78
N ILE K 359 -10.96 -22.04 24.02
CA ILE K 359 -11.11 -22.46 22.63
C ILE K 359 -9.83 -22.11 21.87
N GLY K 360 -9.34 -20.89 22.07
CA GLY K 360 -8.12 -20.46 21.42
C GLY K 360 -7.00 -21.44 21.69
N ARG K 361 -6.75 -21.72 22.97
CA ARG K 361 -5.71 -22.66 23.36
C ARG K 361 -5.90 -24.01 22.72
N SER K 362 -7.15 -24.39 22.51
CA SER K 362 -7.48 -25.67 21.89
C SER K 362 -7.12 -25.68 20.41
N LEU K 363 -7.36 -24.57 19.73
CA LEU K 363 -7.04 -24.50 18.32
C LEU K 363 -5.53 -24.52 18.12
N GLN K 364 -4.81 -23.87 19.02
CA GLN K 364 -3.35 -23.83 18.90
C GLN K 364 -2.75 -25.22 19.03
N SER K 365 -3.06 -25.90 20.12
CA SER K 365 -2.49 -27.21 20.33
C SER K 365 -3.03 -28.24 19.36
N LYS K 366 -3.93 -27.83 18.48
CA LYS K 366 -4.51 -28.77 17.53
C LYS K 366 -3.98 -28.56 16.13
N HIS K 367 -3.53 -27.33 15.82
CA HIS K 367 -3.02 -27.04 14.49
C HIS K 367 -1.74 -26.18 14.49
N SER K 368 -0.60 -26.79 14.81
CA SER K 368 0.66 -26.05 14.83
C SER K 368 1.90 -26.90 14.55
N LEU L 18 -24.54 -10.07 47.25
CA LEU L 18 -24.71 -10.08 48.73
C LEU L 18 -24.17 -11.33 49.41
N ASP L 19 -24.72 -11.64 50.59
CA ASP L 19 -24.31 -12.80 51.35
C ASP L 19 -25.35 -13.91 51.34
N PHE L 20 -24.89 -15.10 51.68
CA PHE L 20 -25.73 -16.29 51.68
C PHE L 20 -26.35 -16.47 53.05
N LEU L 21 -27.67 -16.32 53.14
CA LEU L 21 -28.38 -16.48 54.41
C LEU L 21 -28.63 -17.93 54.78
N ARG L 22 -27.55 -18.68 54.95
CA ARG L 22 -27.64 -20.09 55.30
C ARG L 22 -28.64 -20.48 56.40
N ASP L 23 -28.60 -19.82 57.54
CA ASP L 23 -29.53 -20.18 58.61
C ASP L 23 -30.99 -20.06 58.18
N ARG L 24 -31.31 -18.98 57.48
CA ARG L 24 -32.68 -18.77 57.03
C ARG L 24 -33.12 -19.84 56.03
N HIS L 25 -32.20 -20.35 55.23
CA HIS L 25 -32.55 -21.38 54.27
C HIS L 25 -32.78 -22.68 55.00
N VAL L 26 -32.13 -22.84 56.14
CA VAL L 26 -32.34 -24.07 56.89
C VAL L 26 -33.78 -24.03 57.40
N ARG L 27 -34.18 -22.88 57.95
CA ARG L 27 -35.53 -22.70 58.47
C ARG L 27 -36.55 -22.90 57.35
N PHE L 28 -36.22 -22.38 56.18
CA PHE L 28 -37.09 -22.49 55.02
C PHE L 28 -37.34 -23.97 54.70
N PHE L 29 -36.27 -24.74 54.51
CA PHE L 29 -36.42 -26.17 54.21
C PHE L 29 -37.16 -26.92 55.30
N GLN L 30 -36.88 -26.56 56.55
CA GLN L 30 -37.53 -27.19 57.70
C GLN L 30 -39.03 -26.97 57.61
N ARG L 31 -39.39 -25.78 57.17
CA ARG L 31 -40.77 -25.38 57.02
C ARG L 31 -41.49 -26.21 55.93
N CYS L 32 -40.78 -26.47 54.83
CA CYS L 32 -41.31 -27.26 53.73
C CYS L 32 -41.70 -28.68 54.15
N LEU L 33 -40.88 -29.29 55.01
CA LEU L 33 -41.16 -30.66 55.46
C LEU L 33 -42.36 -30.74 56.36
N GLN L 34 -42.76 -29.61 56.93
CA GLN L 34 -43.86 -29.59 57.86
C GLN L 34 -45.23 -29.52 57.23
N VAL L 35 -45.82 -28.34 57.18
CA VAL L 35 -47.14 -28.24 56.59
C VAL L 35 -47.24 -27.16 55.54
N LEU L 36 -48.06 -27.43 54.51
CA LEU L 36 -48.23 -26.47 53.44
C LEU L 36 -49.70 -26.07 53.36
N PRO L 37 -49.98 -24.80 53.02
CA PRO L 37 -51.33 -24.27 52.89
C PRO L 37 -52.03 -24.98 51.73
N GLU L 38 -53.36 -24.97 51.71
CA GLU L 38 -54.09 -25.63 50.64
C GLU L 38 -53.77 -25.11 49.25
N ARG L 39 -53.10 -23.97 49.15
CA ARG L 39 -52.79 -23.47 47.83
C ARG L 39 -51.72 -24.28 47.11
N TYR L 40 -51.06 -25.20 47.83
CA TYR L 40 -50.04 -26.03 47.20
C TYR L 40 -50.60 -27.40 46.90
N SER L 41 -51.92 -27.50 46.89
CA SER L 41 -52.62 -28.75 46.63
C SER L 41 -52.24 -29.45 45.33
N SER L 42 -51.78 -28.70 44.34
CA SER L 42 -51.43 -29.30 43.06
C SER L 42 -50.11 -30.06 43.15
N LEU L 43 -49.52 -30.06 44.34
CA LEU L 43 -48.26 -30.76 44.56
C LEU L 43 -48.50 -32.10 45.23
N GLU L 44 -49.74 -32.32 45.68
CA GLU L 44 -50.12 -33.54 46.36
C GLU L 44 -49.45 -34.79 45.79
N THR L 45 -49.69 -35.09 44.52
CA THR L 45 -49.12 -36.29 43.92
C THR L 45 -47.62 -36.21 43.66
N SER L 46 -46.98 -35.14 44.11
CA SER L 46 -45.54 -34.98 43.89
C SER L 46 -44.87 -34.56 45.19
N ARG L 47 -45.51 -34.89 46.30
CA ARG L 47 -44.97 -34.50 47.60
C ARG L 47 -43.60 -35.07 47.88
N LEU L 48 -43.34 -36.28 47.42
CA LEU L 48 -42.05 -36.92 47.65
C LEU L 48 -40.90 -36.12 46.99
N THR L 49 -41.17 -35.46 45.86
CA THR L 49 -40.11 -34.67 45.23
C THR L 49 -39.90 -33.38 46.02
N ILE L 50 -40.95 -32.92 46.70
CA ILE L 50 -40.82 -31.72 47.52
C ILE L 50 -39.97 -32.10 48.73
N ALA L 51 -40.22 -33.31 49.26
CA ALA L 51 -39.47 -33.81 50.40
C ALA L 51 -38.01 -33.87 50.00
N PHE L 52 -37.76 -34.34 48.77
CA PHE L 52 -36.41 -34.42 48.25
C PHE L 52 -35.73 -33.04 48.20
N PHE L 53 -36.41 -32.04 47.64
CA PHE L 53 -35.83 -30.71 47.58
C PHE L 53 -35.46 -30.22 48.97
N ALA L 54 -36.33 -30.45 49.93
CA ALA L 54 -36.06 -30.01 51.29
C ALA L 54 -34.97 -30.82 51.99
N LEU L 55 -35.04 -32.15 51.90
CA LEU L 55 -34.06 -33.01 52.55
C LEU L 55 -32.67 -32.94 51.90
N SER L 56 -32.62 -32.97 50.57
CA SER L 56 -31.35 -32.88 49.87
C SER L 56 -30.83 -31.46 50.11
N GLY L 57 -31.75 -30.53 50.25
CA GLY L 57 -31.39 -29.14 50.49
C GLY L 57 -30.74 -29.00 51.85
N LEU L 58 -31.34 -29.62 52.87
CA LEU L 58 -30.81 -29.58 54.22
C LEU L 58 -29.46 -30.28 54.22
N ASP L 59 -29.41 -31.43 53.57
CA ASP L 59 -28.18 -32.22 53.45
C ASP L 59 -27.06 -31.34 52.88
N MET L 60 -27.38 -30.64 51.80
CA MET L 60 -26.43 -29.77 51.13
C MET L 60 -25.94 -28.67 52.07
N LEU L 61 -26.80 -28.25 53.01
CA LEU L 61 -26.43 -27.21 53.98
C LEU L 61 -25.95 -27.87 55.26
N ASP L 62 -25.82 -29.19 55.20
CA ASP L 62 -25.35 -29.96 56.34
C ASP L 62 -26.14 -29.63 57.61
N SER L 63 -27.45 -29.88 57.56
CA SER L 63 -28.34 -29.63 58.68
C SER L 63 -29.44 -30.66 58.76
N LEU L 64 -29.15 -31.90 58.35
CA LEU L 64 -30.15 -32.96 58.42
C LEU L 64 -30.50 -33.27 59.86
N ASP L 65 -29.72 -32.72 60.78
CA ASP L 65 -29.95 -32.96 62.20
C ASP L 65 -31.25 -32.32 62.67
N VAL L 66 -31.69 -31.26 62.03
CA VAL L 66 -32.92 -30.60 62.46
C VAL L 66 -34.21 -31.38 62.17
N VAL L 67 -34.09 -32.59 61.63
CA VAL L 67 -35.27 -33.41 61.33
C VAL L 67 -35.13 -34.81 61.91
N ASN L 68 -36.25 -35.51 62.05
CA ASN L 68 -36.23 -36.85 62.58
C ASN L 68 -36.06 -37.83 61.43
N LYS L 69 -34.81 -38.20 61.14
CA LYS L 69 -34.55 -39.11 60.03
C LYS L 69 -35.40 -40.38 60.05
N ASP L 70 -35.46 -41.04 61.20
CA ASP L 70 -36.21 -42.27 61.32
C ASP L 70 -37.66 -42.13 60.93
N ASP L 71 -38.30 -41.05 61.39
CA ASP L 71 -39.70 -40.81 61.07
C ASP L 71 -39.89 -40.66 59.58
N ILE L 72 -39.05 -39.82 58.97
CA ILE L 72 -39.14 -39.58 57.54
C ILE L 72 -38.89 -40.85 56.75
N ILE L 73 -37.95 -41.68 57.19
CA ILE L 73 -37.66 -42.93 56.50
C ILE L 73 -38.89 -43.84 56.47
N GLU L 74 -39.63 -43.87 57.58
CA GLU L 74 -40.81 -44.71 57.65
C GLU L 74 -41.88 -44.19 56.71
N TRP L 75 -42.00 -42.86 56.65
CA TRP L 75 -42.97 -42.21 55.78
C TRP L 75 -42.65 -42.56 54.32
N ILE L 76 -41.37 -42.47 53.96
CA ILE L 76 -40.96 -42.79 52.61
C ILE L 76 -41.30 -44.24 52.28
N TYR L 77 -40.95 -45.17 53.16
CA TYR L 77 -41.23 -46.58 52.90
C TYR L 77 -42.72 -46.88 52.81
N SER L 78 -43.54 -46.02 53.40
CA SER L 78 -44.98 -46.23 53.34
C SER L 78 -45.48 -45.86 51.97
N LEU L 79 -44.60 -45.29 51.15
CA LEU L 79 -44.96 -44.89 49.79
C LEU L 79 -44.52 -45.91 48.75
N GLN L 80 -43.89 -47.01 49.18
CA GLN L 80 -43.45 -48.03 48.24
C GLN L 80 -44.56 -48.98 47.82
N VAL L 81 -44.75 -49.13 46.52
CA VAL L 81 -45.75 -50.05 46.00
C VAL L 81 -45.07 -51.40 45.91
N LEU L 82 -45.33 -52.25 46.91
CA LEU L 82 -44.74 -53.57 46.96
C LEU L 82 -45.55 -54.61 46.19
N PRO L 83 -44.88 -55.65 45.72
CA PRO L 83 -45.61 -56.68 44.98
C PRO L 83 -46.57 -57.42 45.91
N THR L 84 -47.75 -57.75 45.39
CA THR L 84 -48.75 -58.45 46.18
C THR L 84 -48.38 -59.94 46.32
N GLU L 85 -49.17 -60.67 47.11
CA GLU L 85 -48.93 -62.10 47.33
C GLU L 85 -48.68 -62.84 46.03
N ASP L 86 -49.63 -62.73 45.10
CA ASP L 86 -49.53 -63.40 43.80
C ASP L 86 -48.50 -62.78 42.85
N ARG L 87 -47.92 -61.65 43.24
CA ARG L 87 -46.92 -60.95 42.43
C ARG L 87 -47.44 -60.62 41.02
N SER L 88 -48.73 -60.35 40.93
CA SER L 88 -49.36 -60.04 39.66
C SER L 88 -49.22 -58.55 39.31
N ASN L 89 -48.65 -57.77 40.23
CA ASN L 89 -48.50 -56.35 40.02
C ASN L 89 -47.05 -55.89 39.93
N LEU L 90 -46.15 -56.78 39.54
CA LEU L 90 -44.75 -56.40 39.43
C LEU L 90 -44.51 -55.21 38.51
N ASP L 91 -45.19 -55.18 37.37
CA ASP L 91 -45.05 -54.09 36.40
C ASP L 91 -45.52 -52.74 36.93
N ARG L 92 -46.04 -52.72 38.15
CA ARG L 92 -46.54 -51.49 38.73
C ARG L 92 -45.84 -51.07 40.02
N CYS L 93 -44.77 -51.77 40.38
CA CYS L 93 -44.04 -51.45 41.59
C CYS L 93 -43.09 -50.26 41.47
N GLY L 94 -42.79 -49.65 42.60
CA GLY L 94 -41.93 -48.48 42.64
C GLY L 94 -42.46 -47.66 43.81
N PHE L 95 -42.39 -46.34 43.72
CA PHE L 95 -42.89 -45.49 44.80
C PHE L 95 -43.99 -44.52 44.37
N ARG L 96 -44.84 -44.14 45.33
CA ARG L 96 -45.93 -43.21 45.09
C ARG L 96 -45.45 -41.83 45.46
N GLY L 97 -46.09 -40.81 44.91
CA GLY L 97 -45.70 -39.44 45.23
C GLY L 97 -46.18 -39.07 46.62
N SER L 98 -47.27 -39.71 47.04
CA SER L 98 -47.85 -39.47 48.35
C SER L 98 -48.90 -40.53 48.64
N SER L 99 -49.64 -40.34 49.72
CA SER L 99 -50.67 -41.28 50.13
C SER L 99 -52.04 -40.90 49.59
N TYR L 100 -52.09 -40.07 48.57
CA TYR L 100 -53.37 -39.62 48.02
C TYR L 100 -54.37 -40.68 47.60
N LEU L 101 -53.96 -41.92 47.40
CA LEU L 101 -54.94 -42.94 47.02
C LEU L 101 -55.74 -43.50 48.18
N GLY L 102 -55.27 -43.28 49.39
CA GLY L 102 -56.01 -43.77 50.53
C GLY L 102 -55.60 -45.13 51.03
N ILE L 103 -54.46 -45.63 50.58
CA ILE L 103 -54.01 -46.92 51.04
C ILE L 103 -53.51 -46.81 52.48
N PRO L 104 -53.93 -47.72 53.34
CA PRO L 104 -53.52 -47.72 54.75
C PRO L 104 -52.01 -47.69 54.96
N PHE L 105 -51.55 -46.77 55.82
CA PHE L 105 -50.13 -46.61 56.12
C PHE L 105 -49.43 -47.93 56.41
N ASN L 106 -48.38 -48.23 55.64
CA ASN L 106 -47.63 -49.46 55.81
C ASN L 106 -46.19 -49.26 55.34
N PRO L 107 -45.29 -48.96 56.28
CA PRO L 107 -43.86 -48.72 56.01
C PRO L 107 -43.13 -49.93 55.45
N SER L 108 -43.60 -50.44 54.32
CA SER L 108 -43.00 -51.60 53.67
C SER L 108 -42.78 -52.72 54.68
N LYS L 109 -43.76 -52.93 55.56
CA LYS L 109 -43.67 -53.96 56.58
C LYS L 109 -44.41 -55.22 56.13
N ASN L 110 -45.65 -55.07 55.67
CA ASN L 110 -46.44 -56.21 55.22
C ASN L 110 -46.44 -56.26 53.69
N PRO L 111 -47.00 -57.33 53.12
CA PRO L 111 -47.05 -57.45 51.65
C PRO L 111 -48.00 -56.44 51.04
N GLY L 112 -47.89 -56.25 49.73
CA GLY L 112 -48.73 -55.28 49.05
C GLY L 112 -50.22 -55.58 49.06
N THR L 113 -51.02 -54.55 49.30
CA THR L 113 -52.47 -54.69 49.29
C THR L 113 -53.01 -54.22 47.94
N ALA L 114 -53.59 -55.15 47.18
CA ALA L 114 -54.14 -54.88 45.87
C ALA L 114 -55.00 -53.63 45.79
N HIS L 115 -54.94 -52.97 44.63
CA HIS L 115 -55.72 -51.77 44.38
C HIS L 115 -55.69 -51.54 42.88
N PRO L 116 -56.86 -51.43 42.26
CA PRO L 116 -56.99 -51.23 40.82
C PRO L 116 -56.13 -50.10 40.22
N TYR L 117 -55.86 -49.04 40.97
CA TYR L 117 -55.11 -47.93 40.42
C TYR L 117 -53.85 -47.50 41.16
N ASP L 118 -53.35 -48.36 42.05
CA ASP L 118 -52.15 -48.05 42.81
C ASP L 118 -50.91 -48.53 42.08
N SER L 119 -50.07 -47.59 41.64
CA SER L 119 -48.83 -47.90 40.92
C SER L 119 -47.78 -46.88 41.27
N GLY L 120 -46.54 -47.16 40.90
CA GLY L 120 -45.47 -46.22 41.18
C GLY L 120 -45.38 -45.14 40.13
N HIS L 121 -44.54 -44.14 40.38
CA HIS L 121 -44.33 -43.05 39.44
C HIS L 121 -42.81 -42.93 39.32
N ILE L 122 -42.31 -43.07 38.11
CA ILE L 122 -40.88 -43.03 37.88
C ILE L 122 -40.10 -41.92 38.61
N ALA L 123 -40.66 -40.73 38.67
CA ALA L 123 -39.98 -39.62 39.34
C ALA L 123 -40.03 -39.77 40.86
N MET L 124 -41.04 -40.46 41.35
CA MET L 124 -41.18 -40.69 42.78
C MET L 124 -40.28 -41.84 43.23
N THR L 125 -40.10 -42.84 42.38
CA THR L 125 -39.23 -43.96 42.70
C THR L 125 -37.82 -43.38 42.79
N TYR L 126 -37.51 -42.49 41.85
CA TYR L 126 -36.20 -41.85 41.83
C TYR L 126 -35.98 -41.01 43.08
N THR L 127 -36.83 -40.01 43.31
CA THR L 127 -36.67 -39.15 44.48
C THR L 127 -36.82 -39.94 45.78
N GLY L 128 -37.61 -41.01 45.74
CA GLY L 128 -37.80 -41.83 46.93
C GLY L 128 -36.48 -42.48 47.34
N LEU L 129 -35.88 -43.23 46.42
CA LEU L 129 -34.60 -43.90 46.67
C LEU L 129 -33.56 -42.84 47.07
N SER L 130 -33.54 -41.75 46.30
CA SER L 130 -32.61 -40.69 46.56
C SER L 130 -32.75 -40.21 48.01
N CYS L 131 -33.97 -39.97 48.45
CA CYS L 131 -34.21 -39.51 49.82
C CYS L 131 -33.71 -40.52 50.84
N LEU L 132 -34.05 -41.79 50.64
CA LEU L 132 -33.62 -42.85 51.54
C LEU L 132 -32.11 -42.86 51.71
N ILE L 133 -31.37 -42.75 50.62
CA ILE L 133 -29.92 -42.74 50.69
C ILE L 133 -29.44 -41.53 51.49
N ILE L 134 -30.02 -40.37 51.20
CA ILE L 134 -29.67 -39.12 51.88
C ILE L 134 -29.89 -39.23 53.38
N LEU L 135 -30.95 -39.93 53.76
CA LEU L 135 -31.28 -40.10 55.18
C LEU L 135 -30.48 -41.19 55.88
N GLY L 136 -29.59 -41.86 55.13
CA GLY L 136 -28.77 -42.90 55.73
C GLY L 136 -29.32 -44.31 55.67
N ASP L 137 -30.53 -44.50 55.19
CA ASP L 137 -31.09 -45.84 55.09
C ASP L 137 -30.23 -46.68 54.13
N ASP L 138 -30.28 -48.01 54.29
CA ASP L 138 -29.47 -48.89 53.44
C ASP L 138 -30.25 -49.56 52.30
N LEU L 139 -31.49 -49.12 52.08
CA LEU L 139 -32.32 -49.66 51.01
C LEU L 139 -32.66 -51.14 51.14
N SER L 140 -32.45 -51.71 52.32
CA SER L 140 -32.75 -53.12 52.53
C SER L 140 -34.23 -53.43 52.37
N ARG L 141 -35.09 -52.47 52.70
CA ARG L 141 -36.53 -52.66 52.58
C ARG L 141 -37.09 -52.34 51.19
N VAL L 142 -36.21 -52.02 50.26
CA VAL L 142 -36.61 -51.73 48.90
C VAL L 142 -36.64 -53.04 48.11
N ASP L 143 -37.75 -53.35 47.46
CA ASP L 143 -37.81 -54.57 46.68
C ASP L 143 -37.13 -54.24 45.35
N LYS L 144 -35.81 -54.18 45.38
CA LYS L 144 -35.03 -53.85 44.19
C LYS L 144 -35.52 -54.49 42.90
N GLU L 145 -35.79 -55.78 42.91
CA GLU L 145 -36.25 -56.43 41.70
C GLU L 145 -37.61 -55.93 41.23
N ALA L 146 -38.51 -55.71 42.17
CA ALA L 146 -39.85 -55.23 41.82
C ALA L 146 -39.72 -53.86 41.16
N CYS L 147 -38.88 -53.00 41.73
CA CYS L 147 -38.69 -51.66 41.20
C CYS L 147 -38.16 -51.74 39.77
N LEU L 148 -37.09 -52.52 39.59
CA LEU L 148 -36.50 -52.69 38.26
C LEU L 148 -37.52 -53.25 37.27
N ALA L 149 -38.38 -54.13 37.75
CA ALA L 149 -39.42 -54.72 36.90
C ALA L 149 -40.35 -53.58 36.47
N GLY L 150 -40.71 -52.73 37.43
CA GLY L 150 -41.60 -51.62 37.14
C GLY L 150 -40.96 -50.66 36.16
N LEU L 151 -39.67 -50.39 36.36
CA LEU L 151 -38.96 -49.48 35.48
C LEU L 151 -39.00 -49.96 34.04
N ARG L 152 -38.61 -51.22 33.82
CA ARG L 152 -38.61 -51.80 32.49
C ARG L 152 -39.95 -51.58 31.78
N ALA L 153 -41.03 -51.82 32.53
CA ALA L 153 -42.38 -51.68 32.01
C ALA L 153 -42.69 -50.28 31.48
N LEU L 154 -41.94 -49.28 31.94
CA LEU L 154 -42.17 -47.90 31.52
C LEU L 154 -41.47 -47.45 30.23
N GLN L 155 -40.43 -48.17 29.81
CA GLN L 155 -39.72 -47.77 28.61
C GLN L 155 -40.49 -48.05 27.32
N LEU L 156 -40.45 -47.11 26.38
CA LEU L 156 -41.15 -47.26 25.12
C LEU L 156 -40.25 -47.77 24.02
N GLU L 157 -40.83 -48.05 22.86
CA GLU L 157 -40.06 -48.58 21.74
C GLU L 157 -38.92 -47.63 21.36
N ASP L 158 -39.16 -46.33 21.46
CA ASP L 158 -38.15 -45.35 21.06
C ASP L 158 -37.04 -45.16 22.09
N GLY L 159 -37.11 -45.87 23.21
CA GLY L 159 -36.08 -45.73 24.22
C GLY L 159 -36.41 -44.83 25.40
N SER L 160 -37.36 -43.92 25.23
CA SER L 160 -37.74 -43.04 26.33
C SER L 160 -38.64 -43.77 27.33
N PHE L 161 -39.10 -43.04 28.35
CA PHE L 161 -39.95 -43.63 29.38
C PHE L 161 -41.20 -42.82 29.69
N CYS L 162 -42.17 -43.49 30.31
CA CYS L 162 -43.41 -42.86 30.76
C CYS L 162 -43.21 -42.78 32.26
N ALA L 163 -44.08 -42.04 32.94
CA ALA L 163 -43.92 -41.93 34.39
C ALA L 163 -44.67 -43.03 35.12
N VAL L 164 -45.80 -43.46 34.56
CA VAL L 164 -46.63 -44.48 35.20
C VAL L 164 -47.11 -45.55 34.21
N PRO L 165 -47.27 -46.80 34.69
CA PRO L 165 -47.72 -47.86 33.79
C PRO L 165 -49.08 -47.58 33.16
N GLU L 166 -49.95 -46.83 33.83
CA GLU L 166 -51.27 -46.52 33.28
C GLU L 166 -51.15 -45.66 32.04
N GLY L 167 -49.99 -45.04 31.86
CA GLY L 167 -49.77 -44.18 30.71
C GLY L 167 -49.57 -42.73 31.08
N SER L 168 -48.81 -42.00 30.25
CA SER L 168 -48.52 -40.60 30.49
C SER L 168 -47.70 -40.11 29.31
N GLU L 169 -47.32 -38.85 29.35
CA GLU L 169 -46.49 -38.31 28.28
C GLU L 169 -45.12 -38.96 28.48
N ASN L 170 -44.25 -38.88 27.47
CA ASN L 170 -42.91 -39.45 27.58
C ASN L 170 -41.89 -38.46 27.03
N ASP L 171 -40.77 -38.32 27.74
CA ASP L 171 -39.72 -37.40 27.32
C ASP L 171 -38.43 -37.59 28.11
N MET L 172 -37.44 -36.75 27.82
CA MET L 172 -36.14 -36.83 28.47
C MET L 172 -36.17 -36.78 30.00
N ARG L 173 -37.17 -36.13 30.58
CA ARG L 173 -37.27 -36.04 32.04
C ARG L 173 -37.23 -37.44 32.65
N PHE L 174 -38.08 -38.31 32.14
CA PHE L 174 -38.18 -39.65 32.65
C PHE L 174 -37.00 -40.55 32.29
N VAL L 175 -36.28 -40.18 31.23
CA VAL L 175 -35.10 -40.94 30.84
C VAL L 175 -34.06 -40.76 31.95
N TYR L 176 -33.98 -39.54 32.46
CA TYR L 176 -33.04 -39.22 33.52
C TYR L 176 -33.44 -39.95 34.80
N CYS L 177 -34.74 -39.98 35.08
CA CYS L 177 -35.25 -40.66 36.27
C CYS L 177 -34.87 -42.14 36.22
N ALA L 178 -35.07 -42.75 35.06
CA ALA L 178 -34.74 -44.18 34.89
C ALA L 178 -33.26 -44.38 35.16
N SER L 179 -32.44 -43.51 34.58
CA SER L 179 -30.99 -43.60 34.75
C SER L 179 -30.61 -43.55 36.22
N CYS L 180 -31.14 -42.57 36.94
CA CYS L 180 -30.86 -42.42 38.36
C CYS L 180 -31.26 -43.67 39.14
N ILE L 181 -32.43 -44.22 38.84
CA ILE L 181 -32.88 -45.41 39.54
C ILE L 181 -31.91 -46.55 39.31
N CYS L 182 -31.57 -46.81 38.05
CA CYS L 182 -30.64 -47.87 37.73
C CYS L 182 -29.31 -47.68 38.43
N TYR L 183 -28.83 -46.46 38.39
CA TYR L 183 -27.55 -46.15 39.00
C TYR L 183 -27.57 -46.39 40.50
N MET L 184 -28.60 -45.88 41.17
CA MET L 184 -28.70 -46.03 42.62
C MET L 184 -28.87 -47.49 43.04
N LEU L 185 -29.68 -48.24 42.32
CA LEU L 185 -29.87 -49.64 42.66
C LEU L 185 -28.67 -50.42 42.11
N ASN L 186 -27.77 -49.69 41.45
CA ASN L 186 -26.56 -50.26 40.87
C ASN L 186 -26.89 -51.50 40.03
N ASN L 187 -27.88 -51.38 39.16
CA ASN L 187 -28.32 -52.47 38.31
C ASN L 187 -29.02 -51.88 37.09
N TRP L 188 -28.42 -52.01 35.92
CA TRP L 188 -29.03 -51.44 34.73
C TRP L 188 -29.98 -52.35 33.98
N SER L 189 -30.46 -53.39 34.66
CA SER L 189 -31.39 -54.31 34.01
C SER L 189 -32.75 -53.61 33.96
N GLY L 190 -32.82 -52.46 34.61
CA GLY L 190 -34.06 -51.70 34.65
C GLY L 190 -34.40 -51.04 33.33
N MET L 191 -33.47 -51.02 32.39
CA MET L 191 -33.71 -50.38 31.10
C MET L 191 -32.94 -51.03 29.98
N ASP L 192 -33.36 -50.73 28.75
CA ASP L 192 -32.68 -51.19 27.55
C ASP L 192 -31.80 -50.00 27.19
N MET L 193 -30.62 -49.96 27.81
CA MET L 193 -29.68 -48.87 27.61
C MET L 193 -29.39 -48.48 26.17
N LYS L 194 -29.36 -49.47 25.27
CA LYS L 194 -29.09 -49.19 23.88
C LYS L 194 -30.18 -48.28 23.32
N LYS L 195 -31.45 -48.61 23.59
CA LYS L 195 -32.56 -47.80 23.11
C LYS L 195 -32.61 -46.43 23.77
N ALA L 196 -32.26 -46.38 25.05
CA ALA L 196 -32.26 -45.12 25.78
C ALA L 196 -31.23 -44.18 25.14
N ILE L 197 -30.03 -44.71 24.91
CA ILE L 197 -28.96 -43.93 24.29
C ILE L 197 -29.40 -43.44 22.93
N SER L 198 -30.12 -44.28 22.21
CA SER L 198 -30.60 -43.91 20.90
C SER L 198 -31.52 -42.69 21.02
N TYR L 199 -32.42 -42.75 21.99
CA TYR L 199 -33.35 -41.65 22.20
C TYR L 199 -32.60 -40.36 22.52
N ILE L 200 -31.60 -40.47 23.39
CA ILE L 200 -30.82 -39.29 23.77
C ILE L 200 -30.12 -38.68 22.57
N ARG L 201 -29.53 -39.51 21.71
CA ARG L 201 -28.86 -38.96 20.53
C ARG L 201 -29.85 -38.24 19.63
N ARG L 202 -30.93 -38.92 19.30
CA ARG L 202 -31.95 -38.37 18.42
C ARG L 202 -32.59 -37.09 18.89
N SER L 203 -32.37 -36.75 20.16
CA SER L 203 -32.96 -35.52 20.69
C SER L 203 -32.07 -34.30 20.42
N MET L 204 -30.85 -34.53 19.93
CA MET L 204 -29.96 -33.42 19.67
C MET L 204 -30.51 -32.57 18.53
N SER L 205 -30.54 -31.26 18.75
CA SER L 205 -31.06 -30.32 17.76
C SER L 205 -30.00 -29.83 16.78
N TYR L 206 -30.45 -29.09 15.77
CA TYR L 206 -29.56 -28.54 14.77
C TYR L 206 -28.68 -27.48 15.42
N ASP L 207 -29.15 -26.89 16.52
CA ASP L 207 -28.37 -25.88 17.23
C ASP L 207 -27.44 -26.55 18.25
N ASN L 208 -27.49 -27.87 18.28
CA ASN L 208 -26.62 -28.69 19.12
C ASN L 208 -26.96 -28.91 20.58
N GLY L 209 -28.09 -28.36 21.02
CA GLY L 209 -28.52 -28.58 22.38
C GLY L 209 -29.35 -29.87 22.36
N LEU L 210 -29.82 -30.34 23.50
CA LEU L 210 -30.64 -31.54 23.52
C LEU L 210 -32.07 -31.12 23.84
N ALA L 211 -33.04 -31.68 23.12
CA ALA L 211 -34.44 -31.34 23.35
C ALA L 211 -35.14 -32.44 24.14
N GLN L 212 -36.41 -32.22 24.48
CA GLN L 212 -37.17 -33.21 25.22
C GLN L 212 -37.36 -34.48 24.40
N GLY L 213 -37.28 -34.32 23.08
CA GLY L 213 -37.42 -35.44 22.15
C GLY L 213 -37.01 -34.97 20.78
N ALA L 214 -36.85 -35.89 19.84
CA ALA L 214 -36.43 -35.54 18.49
C ALA L 214 -37.28 -34.46 17.86
N GLY L 215 -36.61 -33.51 17.19
CA GLY L 215 -37.32 -32.44 16.50
C GLY L 215 -37.76 -31.26 17.35
N LEU L 216 -37.88 -31.46 18.66
CA LEU L 216 -38.29 -30.40 19.55
C LEU L 216 -37.16 -29.39 19.77
N GLU L 217 -37.51 -28.25 20.32
CA GLU L 217 -36.56 -27.18 20.62
C GLU L 217 -35.61 -27.62 21.72
N SER L 218 -34.30 -27.53 21.47
CA SER L 218 -33.30 -27.92 22.47
C SER L 218 -33.57 -27.08 23.71
N HIS L 219 -33.31 -27.66 24.88
CA HIS L 219 -33.62 -26.97 26.13
C HIS L 219 -32.66 -27.35 27.26
N GLY L 220 -32.37 -26.38 28.12
CA GLY L 220 -31.46 -26.63 29.22
C GLY L 220 -31.81 -27.80 30.11
N GLY L 221 -33.11 -27.97 30.37
CA GLY L 221 -33.56 -29.05 31.22
C GLY L 221 -33.31 -30.41 30.58
N SER L 222 -33.73 -30.57 29.33
CA SER L 222 -33.55 -31.83 28.63
C SER L 222 -32.07 -32.10 28.35
N THR L 223 -31.29 -31.04 28.12
CA THR L 223 -29.87 -31.22 27.87
C THR L 223 -29.22 -31.79 29.13
N PHE L 224 -29.58 -31.25 30.30
CA PHE L 224 -29.04 -31.77 31.54
C PHE L 224 -29.44 -33.24 31.65
N CYS L 225 -30.74 -33.50 31.52
CA CYS L 225 -31.22 -34.87 31.63
C CYS L 225 -30.49 -35.83 30.70
N GLY L 226 -30.28 -35.40 29.46
CA GLY L 226 -29.60 -36.25 28.50
C GLY L 226 -28.15 -36.51 28.85
N ILE L 227 -27.38 -35.43 29.01
CA ILE L 227 -25.98 -35.54 29.35
C ILE L 227 -25.77 -36.30 30.67
N ALA L 228 -26.49 -35.87 31.70
CA ALA L 228 -26.38 -36.52 33.00
C ALA L 228 -26.68 -38.01 32.91
N SER L 229 -27.66 -38.38 32.09
CA SER L 229 -27.99 -39.80 31.95
C SER L 229 -26.82 -40.56 31.36
N LEU L 230 -26.24 -40.03 30.29
CA LEU L 230 -25.11 -40.68 29.66
C LEU L 230 -23.96 -40.79 30.66
N CYS L 231 -23.72 -39.74 31.42
CA CYS L 231 -22.66 -39.76 32.41
C CYS L 231 -22.92 -40.84 33.46
N LEU L 232 -24.17 -40.97 33.89
CA LEU L 232 -24.53 -41.98 34.87
C LEU L 232 -24.29 -43.38 34.31
N MET L 233 -24.46 -43.54 33.00
CA MET L 233 -24.25 -44.84 32.34
C MET L 233 -22.76 -44.98 32.03
N GLY L 234 -22.04 -43.87 32.14
CA GLY L 234 -20.63 -43.86 31.83
C GLY L 234 -20.38 -44.07 30.34
N LYS L 235 -21.17 -43.40 29.51
CA LYS L 235 -21.01 -43.55 28.07
C LYS L 235 -21.00 -42.23 27.31
N LEU L 236 -20.76 -41.13 28.01
CA LEU L 236 -20.75 -39.82 27.37
C LEU L 236 -19.83 -39.82 26.15
N GLU L 237 -18.55 -40.09 26.39
CA GLU L 237 -17.52 -40.09 25.35
C GLU L 237 -17.79 -41.10 24.25
N GLU L 238 -18.45 -42.19 24.62
CA GLU L 238 -18.75 -43.24 23.67
C GLU L 238 -19.93 -42.90 22.77
N VAL L 239 -20.86 -42.10 23.29
CA VAL L 239 -22.04 -41.73 22.52
C VAL L 239 -21.88 -40.51 21.62
N PHE L 240 -21.14 -39.51 22.09
CA PHE L 240 -20.93 -38.29 21.33
C PHE L 240 -19.47 -38.12 20.95
N SER L 241 -19.22 -37.74 19.70
CA SER L 241 -17.87 -37.54 19.21
C SER L 241 -17.28 -36.30 19.88
N GLU L 242 -15.97 -36.10 19.72
CA GLU L 242 -15.34 -34.92 20.29
C GLU L 242 -15.96 -33.69 19.63
N LYS L 243 -16.18 -33.77 18.32
CA LYS L 243 -16.76 -32.65 17.59
C LYS L 243 -18.15 -32.35 18.13
N GLU L 244 -18.91 -33.41 18.33
CA GLU L 244 -20.26 -33.28 18.87
C GLU L 244 -20.24 -32.68 20.27
N LEU L 245 -19.37 -33.20 21.13
CA LEU L 245 -19.27 -32.67 22.48
C LEU L 245 -18.87 -31.19 22.47
N ASN L 246 -18.05 -30.79 21.51
CA ASN L 246 -17.65 -29.38 21.44
C ASN L 246 -18.85 -28.52 21.14
N ARG L 247 -19.66 -28.99 20.21
CA ARG L 247 -20.85 -28.25 19.82
C ARG L 247 -21.83 -28.15 20.99
N ILE L 248 -22.02 -29.25 21.71
CA ILE L 248 -22.92 -29.26 22.86
C ILE L 248 -22.41 -28.28 23.90
N LYS L 249 -21.10 -28.31 24.17
CA LYS L 249 -20.49 -27.40 25.15
C LYS L 249 -20.78 -25.97 24.76
N ARG L 250 -20.58 -25.66 23.48
CA ARG L 250 -20.82 -24.33 22.97
C ARG L 250 -22.27 -23.90 23.26
N TRP L 251 -23.22 -24.77 22.94
CA TRP L 251 -24.63 -24.45 23.18
C TRP L 251 -24.92 -24.15 24.64
N CYS L 252 -24.31 -24.95 25.53
CA CYS L 252 -24.52 -24.78 26.96
C CYS L 252 -23.90 -23.50 27.48
N ILE L 253 -22.61 -23.31 27.20
CA ILE L 253 -21.91 -22.13 27.68
C ILE L 253 -22.57 -20.84 27.18
N MET L 254 -23.32 -20.93 26.08
CA MET L 254 -24.00 -19.76 25.54
C MET L 254 -25.26 -19.41 26.33
N ARG L 255 -25.63 -20.28 27.27
CA ARG L 255 -26.82 -20.04 28.09
C ARG L 255 -26.58 -19.01 29.18
N GLN L 256 -25.33 -18.70 29.49
CA GLN L 256 -25.08 -17.72 30.54
C GLN L 256 -25.23 -16.28 30.06
N GLN L 257 -26.12 -15.55 30.73
CA GLN L 257 -26.38 -14.16 30.41
C GLN L 257 -25.76 -13.38 31.57
N ASN L 258 -25.93 -13.94 32.75
CA ASN L 258 -25.41 -13.43 34.01
C ASN L 258 -25.74 -14.65 34.85
N GLY L 259 -27.01 -14.98 34.89
CA GLY L 259 -27.48 -16.17 35.55
C GLY L 259 -27.65 -17.05 34.31
N TYR L 260 -28.50 -18.07 34.34
CA TYR L 260 -28.65 -18.89 33.15
C TYR L 260 -30.10 -19.02 32.72
N HIS L 261 -30.35 -19.06 31.41
CA HIS L 261 -31.70 -19.24 30.90
C HIS L 261 -31.76 -20.68 30.33
N GLY L 262 -32.97 -21.21 30.12
CA GLY L 262 -33.08 -22.55 29.60
C GLY L 262 -33.09 -22.69 28.07
N ARG L 263 -33.29 -21.57 27.38
CA ARG L 263 -33.33 -21.56 25.91
C ARG L 263 -32.89 -20.20 25.38
N PRO L 264 -32.31 -20.18 24.17
CA PRO L 264 -31.88 -18.90 23.62
C PRO L 264 -33.03 -17.89 23.65
N ASN L 265 -32.71 -16.63 23.90
CA ASN L 265 -33.70 -15.55 23.94
C ASN L 265 -34.80 -15.69 24.98
N LYS L 266 -34.53 -16.44 26.05
CA LYS L 266 -35.48 -16.58 27.15
C LYS L 266 -34.83 -15.96 28.37
N PRO L 267 -35.62 -15.38 29.27
CA PRO L 267 -35.06 -14.77 30.49
C PRO L 267 -34.38 -15.80 31.41
N VAL L 268 -33.38 -15.34 32.18
CA VAL L 268 -32.69 -16.26 33.08
C VAL L 268 -33.63 -16.69 34.20
N ASP L 269 -33.31 -17.84 34.78
CA ASP L 269 -34.10 -18.46 35.82
C ASP L 269 -33.10 -19.16 36.75
N THR L 270 -33.17 -18.85 38.04
CA THR L 270 -32.25 -19.44 39.00
C THR L 270 -31.99 -20.96 38.85
N CYS L 271 -33.04 -21.75 38.68
CA CYS L 271 -32.82 -23.20 38.61
C CYS L 271 -31.88 -23.63 37.50
N TYR L 272 -31.73 -22.82 36.46
CA TYR L 272 -30.84 -23.19 35.36
C TYR L 272 -29.38 -23.07 35.73
N SER L 273 -29.10 -22.42 36.86
CA SER L 273 -27.73 -22.31 37.34
C SER L 273 -27.30 -23.72 37.68
N PHE L 274 -28.28 -24.60 37.90
CA PHE L 274 -27.93 -25.98 38.17
C PHE L 274 -28.11 -26.80 36.91
N TRP L 275 -29.29 -26.74 36.30
CA TRP L 275 -29.55 -27.51 35.08
C TRP L 275 -28.41 -27.36 34.07
N VAL L 276 -28.10 -26.11 33.70
CA VAL L 276 -27.04 -25.87 32.74
C VAL L 276 -25.66 -25.94 33.41
N GLY L 277 -25.53 -25.32 34.58
CA GLY L 277 -24.26 -25.34 35.29
C GLY L 277 -23.74 -26.75 35.49
N ALA L 278 -24.61 -27.64 35.95
CA ALA L 278 -24.23 -29.04 36.18
C ALA L 278 -23.83 -29.73 34.86
N THR L 279 -24.44 -29.34 33.75
CA THR L 279 -24.12 -29.94 32.48
C THR L 279 -22.73 -29.46 32.11
N LEU L 280 -22.49 -28.18 32.30
CA LEU L 280 -21.19 -27.61 31.98
C LEU L 280 -20.13 -28.30 32.84
N LYS L 281 -20.47 -28.58 34.10
CA LYS L 281 -19.54 -29.24 35.00
C LYS L 281 -19.24 -30.65 34.48
N LEU L 282 -20.27 -31.37 34.07
CA LEU L 282 -20.07 -32.71 33.54
C LEU L 282 -19.22 -32.67 32.28
N LEU L 283 -19.31 -31.58 31.53
CA LEU L 283 -18.55 -31.45 30.31
C LEU L 283 -17.18 -30.82 30.59
N LYS L 284 -16.82 -30.72 31.86
CA LYS L 284 -15.55 -30.16 32.29
C LYS L 284 -15.22 -28.75 31.83
N ILE L 285 -16.22 -27.90 31.66
CA ILE L 285 -15.91 -26.53 31.24
C ILE L 285 -16.67 -25.50 32.06
N PHE L 286 -17.30 -25.91 33.15
CA PHE L 286 -18.02 -24.95 33.98
C PHE L 286 -17.00 -23.95 34.53
N GLN L 287 -15.76 -24.42 34.65
CA GLN L 287 -14.63 -23.62 35.14
C GLN L 287 -14.38 -22.39 34.29
N TYR L 288 -14.84 -22.42 33.04
CA TYR L 288 -14.61 -21.30 32.13
C TYR L 288 -15.76 -20.32 32.10
N THR L 289 -16.77 -20.54 32.94
CA THR L 289 -17.91 -19.64 33.00
C THR L 289 -17.56 -18.47 33.91
N ASN L 290 -18.42 -17.45 33.94
CA ASN L 290 -18.19 -16.31 34.81
C ASN L 290 -18.89 -16.60 36.12
N PHE L 291 -18.12 -16.83 37.19
CA PHE L 291 -18.70 -17.15 38.49
C PHE L 291 -19.44 -16.00 39.18
N GLU L 292 -18.80 -14.84 39.21
CA GLU L 292 -19.37 -13.70 39.89
C GLU L 292 -20.76 -13.32 39.44
N LYS L 293 -20.96 -13.13 38.14
CA LYS L 293 -22.27 -12.74 37.67
C LYS L 293 -23.34 -13.80 37.96
N ASN L 294 -22.96 -15.07 37.88
CA ASN L 294 -23.89 -16.16 38.16
C ASN L 294 -24.27 -16.08 39.64
N ARG L 295 -23.25 -16.07 40.50
CA ARG L 295 -23.49 -15.99 41.94
C ARG L 295 -24.33 -14.77 42.29
N ASN L 296 -24.01 -13.64 41.68
CA ASN L 296 -24.75 -12.41 41.96
C ASN L 296 -26.22 -12.57 41.60
N TYR L 297 -26.49 -13.18 40.45
CA TYR L 297 -27.88 -13.37 40.04
C TYR L 297 -28.61 -14.28 41.01
N ILE L 298 -28.02 -15.45 41.29
CA ILE L 298 -28.63 -16.41 42.20
C ILE L 298 -29.03 -15.73 43.51
N LEU L 299 -28.11 -14.95 44.06
CA LEU L 299 -28.39 -14.27 45.32
C LEU L 299 -29.46 -13.21 45.19
N SER L 300 -29.56 -12.58 44.02
CA SER L 300 -30.58 -11.57 43.81
C SER L 300 -31.98 -12.16 43.89
N THR L 301 -32.10 -13.48 43.84
CA THR L 301 -33.39 -14.14 43.92
C THR L 301 -33.60 -14.77 45.28
N GLN L 302 -32.71 -14.47 46.22
CA GLN L 302 -32.79 -15.00 47.57
C GLN L 302 -33.83 -14.22 48.37
N ASP L 303 -34.72 -14.91 49.08
CA ASP L 303 -35.72 -14.21 49.88
C ASP L 303 -35.12 -14.04 51.27
N ARG L 304 -34.63 -12.83 51.53
CA ARG L 304 -33.98 -12.50 52.80
C ARG L 304 -34.91 -12.53 54.01
N LEU L 305 -36.22 -12.62 53.76
CA LEU L 305 -37.18 -12.66 54.84
C LEU L 305 -37.60 -14.09 55.20
N VAL L 306 -38.17 -14.81 54.23
CA VAL L 306 -38.62 -16.19 54.48
C VAL L 306 -37.61 -17.26 54.13
N GLY L 307 -36.57 -16.90 53.38
CA GLY L 307 -35.56 -17.87 53.02
C GLY L 307 -35.88 -18.51 51.69
N GLY L 308 -34.97 -19.35 51.20
CA GLY L 308 -35.16 -20.00 49.91
C GLY L 308 -34.85 -19.04 48.77
N PHE L 309 -35.03 -19.50 47.53
CA PHE L 309 -34.80 -18.69 46.35
C PHE L 309 -35.99 -18.79 45.38
N ALA L 310 -36.14 -17.79 44.52
CA ALA L 310 -37.20 -17.76 43.54
C ALA L 310 -36.56 -17.87 42.17
N LYS L 311 -37.35 -18.03 41.12
CA LYS L 311 -36.75 -18.13 39.80
C LYS L 311 -36.21 -16.76 39.37
N TRP L 312 -36.90 -15.70 39.79
CA TRP L 312 -36.49 -14.34 39.45
C TRP L 312 -36.44 -13.49 40.71
N PRO L 313 -35.67 -12.39 40.67
CA PRO L 313 -35.59 -11.51 41.84
C PRO L 313 -36.95 -10.89 42.12
N ASP L 314 -37.22 -10.59 43.39
CA ASP L 314 -38.51 -9.99 43.77
C ASP L 314 -39.60 -10.90 43.24
N SER L 315 -39.57 -12.13 43.70
CA SER L 315 -40.52 -13.14 43.29
C SER L 315 -40.61 -14.13 44.44
N HIS L 316 -41.74 -14.80 44.61
CA HIS L 316 -41.87 -15.73 45.73
C HIS L 316 -41.03 -16.98 45.58
N PRO L 317 -40.35 -17.38 46.67
CA PRO L 317 -39.49 -18.57 46.68
C PRO L 317 -40.27 -19.86 46.78
N ASP L 318 -39.63 -20.96 46.43
CA ASP L 318 -40.25 -22.29 46.51
C ASP L 318 -39.16 -23.32 46.73
N ALA L 319 -39.56 -24.55 47.08
CA ALA L 319 -38.62 -25.62 47.34
C ALA L 319 -37.70 -25.90 46.18
N LEU L 320 -38.26 -25.95 44.96
CA LEU L 320 -37.46 -26.24 43.78
C LEU L 320 -36.34 -25.22 43.57
N HIS L 321 -36.68 -23.94 43.53
CA HIS L 321 -35.65 -22.94 43.30
C HIS L 321 -34.74 -22.77 44.49
N ALA L 322 -35.25 -23.06 45.69
CA ALA L 322 -34.43 -22.96 46.89
C ALA L 322 -33.34 -24.02 46.75
N TYR L 323 -33.76 -25.23 46.41
CA TYR L 323 -32.81 -26.32 46.25
C TYR L 323 -31.84 -26.12 45.10
N PHE L 324 -32.35 -25.82 43.91
CA PHE L 324 -31.48 -25.64 42.75
C PHE L 324 -30.63 -24.38 42.85
N GLY L 325 -31.10 -23.36 43.54
CA GLY L 325 -30.30 -22.16 43.68
C GLY L 325 -29.09 -22.51 44.53
N ILE L 326 -29.33 -23.28 45.57
CA ILE L 326 -28.26 -23.70 46.47
C ILE L 326 -27.29 -24.62 45.73
N CYS L 327 -27.82 -25.56 44.95
CA CYS L 327 -26.93 -26.44 44.19
C CYS L 327 -26.13 -25.62 43.17
N GLY L 328 -26.74 -24.56 42.65
CA GLY L 328 -26.05 -23.73 41.68
C GLY L 328 -24.86 -23.07 42.35
N LEU L 329 -25.07 -22.59 43.58
CA LEU L 329 -24.03 -21.96 44.37
C LEU L 329 -22.95 -23.01 44.67
N SER L 330 -23.38 -24.22 44.97
CA SER L 330 -22.48 -25.32 45.28
C SER L 330 -21.49 -25.57 44.15
N LEU L 331 -21.99 -25.57 42.92
CA LEU L 331 -21.17 -25.80 41.74
C LEU L 331 -19.94 -24.88 41.70
N MET L 332 -20.07 -23.70 42.30
CA MET L 332 -18.97 -22.73 42.32
C MET L 332 -18.23 -22.77 43.65
N GLU L 333 -18.56 -23.74 44.49
CA GLU L 333 -17.93 -23.89 45.79
C GLU L 333 -18.17 -22.75 46.75
N GLU L 334 -19.44 -22.50 47.04
CA GLU L 334 -19.84 -21.48 47.97
C GLU L 334 -19.48 -22.09 49.31
N SER L 335 -18.94 -21.30 50.22
CA SER L 335 -18.57 -21.85 51.51
C SER L 335 -19.82 -22.04 52.37
N GLY L 336 -19.87 -23.17 53.06
CA GLY L 336 -21.01 -23.48 53.91
C GLY L 336 -21.98 -24.41 53.21
N ILE L 337 -21.73 -24.64 51.92
CA ILE L 337 -22.57 -25.52 51.12
C ILE L 337 -21.72 -26.70 50.64
N CYS L 338 -22.21 -27.91 50.83
CA CYS L 338 -21.47 -29.09 50.43
C CYS L 338 -21.34 -29.17 48.93
N LYS L 339 -20.34 -29.91 48.47
CA LYS L 339 -20.07 -30.10 47.06
C LYS L 339 -21.15 -31.05 46.53
N VAL L 340 -21.76 -30.69 45.42
CA VAL L 340 -22.81 -31.53 44.86
C VAL L 340 -22.27 -32.44 43.77
N HIS L 341 -22.93 -33.58 43.61
CA HIS L 341 -22.58 -34.55 42.59
C HIS L 341 -23.47 -34.16 41.41
N PRO L 342 -22.90 -33.50 40.40
CA PRO L 342 -23.64 -33.04 39.21
C PRO L 342 -24.53 -33.99 38.43
N ALA L 343 -24.15 -35.26 38.30
CA ALA L 343 -24.98 -36.16 37.52
C ALA L 343 -26.06 -36.85 38.33
N LEU L 344 -25.78 -37.13 39.58
CA LEU L 344 -26.74 -37.82 40.43
C LEU L 344 -27.66 -36.87 41.21
N ASN L 345 -27.28 -35.61 41.28
CA ASN L 345 -28.08 -34.60 41.97
C ASN L 345 -28.29 -34.85 43.48
N VAL L 346 -27.20 -35.18 44.16
CA VAL L 346 -27.17 -35.40 45.62
C VAL L 346 -25.81 -34.89 46.09
N SER L 347 -25.67 -34.61 47.38
CA SER L 347 -24.39 -34.12 47.89
C SER L 347 -23.37 -35.23 47.68
N THR L 348 -22.11 -34.88 47.48
CA THR L 348 -21.09 -35.91 47.28
C THR L 348 -20.98 -36.77 48.55
N ARG L 349 -21.34 -36.20 49.69
CA ARG L 349 -21.35 -36.95 50.93
C ARG L 349 -22.28 -38.15 50.72
N THR L 350 -23.51 -37.87 50.30
CA THR L 350 -24.51 -38.90 50.03
C THR L 350 -24.00 -39.77 48.87
N SER L 351 -23.41 -39.11 47.89
CA SER L 351 -22.84 -39.75 46.72
C SER L 351 -21.96 -40.92 47.13
N GLU L 352 -21.07 -40.63 48.08
CA GLU L 352 -20.12 -41.60 48.62
C GLU L 352 -20.79 -42.64 49.51
N ARG L 353 -21.73 -42.19 50.33
CA ARG L 353 -22.45 -43.11 51.19
C ARG L 353 -23.06 -44.20 50.31
N LEU L 354 -23.51 -43.83 49.12
CA LEU L 354 -24.11 -44.80 48.19
C LEU L 354 -23.03 -45.71 47.62
N ARG L 355 -21.84 -45.16 47.42
CA ARG L 355 -20.70 -45.92 46.89
C ARG L 355 -20.46 -47.06 47.87
N ASP L 356 -20.53 -46.74 49.16
CA ASP L 356 -20.32 -47.73 50.20
C ASP L 356 -21.43 -48.78 50.15
N LEU L 357 -22.67 -48.32 50.16
CA LEU L 357 -23.81 -49.22 50.09
C LEU L 357 -23.62 -50.24 48.97
N HIS L 358 -23.20 -49.77 47.80
CA HIS L 358 -23.00 -50.64 46.66
C HIS L 358 -21.91 -51.66 46.91
N GLN L 359 -20.74 -51.19 47.35
CA GLN L 359 -19.60 -52.06 47.61
C GLN L 359 -19.98 -53.14 48.63
N SER L 360 -20.85 -52.80 49.56
CA SER L 360 -21.26 -53.76 50.57
C SER L 360 -22.13 -54.85 49.95
N TRP L 361 -23.04 -54.47 49.04
CA TRP L 361 -23.89 -55.47 48.40
C TRP L 361 -23.03 -56.41 47.57
N LYS L 362 -21.91 -55.90 47.08
CA LYS L 362 -20.97 -56.70 46.28
C LYS L 362 -20.22 -57.62 47.25
N THR L 363 -21.00 -58.31 48.09
CA THR L 363 -20.47 -59.24 49.08
C THR L 363 -21.41 -60.43 49.22
N LYS M 6 -12.64 2.82 -23.36
CA LYS M 6 -12.18 1.47 -23.83
C LYS M 6 -12.59 1.18 -25.29
N CYS M 7 -11.73 0.45 -26.01
CA CYS M 7 -11.99 0.09 -27.40
C CYS M 7 -11.79 -1.40 -27.60
N VAL M 8 -12.88 -2.17 -27.50
CA VAL M 8 -12.81 -3.61 -27.67
C VAL M 8 -12.79 -3.95 -29.15
N ILE M 9 -11.67 -4.48 -29.62
CA ILE M 9 -11.52 -4.82 -31.03
C ILE M 9 -11.52 -6.31 -31.30
N PHE M 10 -11.90 -7.11 -30.31
CA PHE M 10 -11.98 -8.57 -30.45
C PHE M 10 -13.11 -9.16 -29.62
N LYS N 6 16.87 -14.28 39.54
CA LYS N 6 16.61 -13.44 40.75
C LYS N 6 16.64 -11.93 40.43
N CYS N 7 15.75 -11.18 41.07
CA CYS N 7 15.66 -9.73 40.87
C CYS N 7 15.77 -8.98 42.20
N VAL N 8 16.97 -8.55 42.53
CA VAL N 8 17.22 -7.83 43.77
C VAL N 8 16.87 -6.37 43.57
N ILE N 9 15.82 -5.92 44.26
CA ILE N 9 15.39 -4.54 44.13
C ILE N 9 15.73 -3.66 45.33
N PHE N 10 16.52 -4.19 46.26
CA PHE N 10 16.93 -3.44 47.45
C PHE N 10 18.36 -3.76 47.86
N LYS O 6 38.10 51.96 51.91
CA LYS O 6 36.83 51.45 51.29
C LYS O 6 36.42 50.04 51.79
N CYS O 7 35.11 49.81 51.90
CA CYS O 7 34.58 48.51 52.35
C CYS O 7 33.57 48.00 51.35
N VAL O 8 34.00 47.09 50.48
CA VAL O 8 33.11 46.53 49.48
C VAL O 8 32.35 45.34 50.05
N ILE O 9 31.04 45.49 50.21
CA ILE O 9 30.23 44.43 50.77
C ILE O 9 29.35 43.69 49.77
N PHE O 10 29.58 43.93 48.48
CA PHE O 10 28.81 43.28 47.40
C PHE O 10 29.68 43.09 46.15
N LYS P 6 -38.79 -40.95 -72.02
CA LYS P 6 -37.69 -39.92 -72.10
C LYS P 6 -37.00 -39.67 -70.74
N CYS P 7 -35.70 -39.39 -70.77
CA CYS P 7 -34.93 -39.13 -69.55
C CYS P 7 -34.16 -37.82 -69.66
N VAL P 8 -34.76 -36.74 -69.21
CA VAL P 8 -34.12 -35.43 -69.27
C VAL P 8 -33.11 -35.32 -68.14
N ILE P 9 -31.83 -35.24 -68.50
CA ILE P 9 -30.79 -35.13 -67.49
C ILE P 9 -30.12 -33.74 -67.43
N PHE P 10 -30.73 -32.76 -68.09
CA PHE P 10 -30.21 -31.39 -68.08
C PHE P 10 -31.36 -30.38 -68.15
N LYS Q 6 30.46 17.52 -26.03
CA LYS Q 6 29.89 18.84 -25.59
C LYS Q 6 30.86 20.02 -25.87
N CYS Q 7 30.32 21.17 -26.23
CA CYS Q 7 31.11 22.38 -26.50
C CYS Q 7 30.59 23.56 -25.70
N VAL Q 8 31.18 23.80 -24.54
CA VAL Q 8 30.76 24.91 -23.69
C VAL Q 8 31.40 26.20 -24.18
N ILE Q 9 30.58 27.10 -24.70
CA ILE Q 9 31.12 28.36 -25.22
C ILE Q 9 30.84 29.57 -24.33
N PHE Q 10 30.36 29.32 -23.11
CA PHE Q 10 30.07 30.39 -22.16
C PHE Q 10 30.38 29.95 -20.74
N LYS R 6 -42.70 -19.44 38.89
CA LYS R 6 -42.94 -20.90 39.16
C LYS R 6 -42.49 -21.81 38.00
N CYS R 7 -41.97 -22.99 38.32
CA CYS R 7 -41.50 -23.96 37.33
C CYS R 7 -42.12 -25.32 37.59
N VAL R 8 -43.23 -25.62 36.93
CA VAL R 8 -43.90 -26.89 37.10
C VAL R 8 -43.19 -27.94 36.23
N ILE R 9 -42.58 -28.93 36.89
CA ILE R 9 -41.84 -29.96 36.17
C ILE R 9 -42.54 -31.32 36.16
N PHE R 10 -43.78 -31.37 36.66
CA PHE R 10 -44.57 -32.60 36.69
C PHE R 10 -46.02 -32.33 36.39
#